data_6KZ3
#
_entry.id   6KZ3
#
_cell.length_a   1.00
_cell.length_b   1.00
_cell.length_c   1.00
_cell.angle_alpha   90.00
_cell.angle_beta   90.00
_cell.angle_gamma   90.00
#
_symmetry.space_group_name_H-M   'P 1'
#
_entity_poly.entity_id   1
_entity_poly.type   'polypeptide(L)'
_entity_poly.pdbx_seq_one_letter_code
;GNTVTIDFMSADGIVPGRTPVRYQGVEVGTVQDISLSDDLRKIEVKVSIKSDMKDALREETQFWLVTPKASLAGVSGLDA
LVGGNYIGMMPGKGKEQDHFVALDTQPKYRLDNGDLMIHLQAPDLGSLNSGSLVYFRKIPVGKVYDYAINPNKQGVVIDV
LIERRFTDLVKKGSRFWNVSGVDANVSISGAKVKLESLAALVNGAIAFDSPEESKPAEAEDTFGLYEDLAHSQRGVIIKL
ELPSGAGLTADSTPLMYQGLEVGQLTKLDLNPGGKVTGEMTVDPSVVTLLRENTRIELRNPKLSLSDANLSALLTGKTFE
LVPGDGEPRKEFVVVPGEKALLHEPDVLTLTLTAPESYGIDAGQPLILHGVQVGQVIDRKLTSKGVTFTVAIEPQHRELV
KGDSKFVVNSRVDVKVGLDGVEFLGASASEWINGGIRILPGDKGEMKASYPLYANLEKALENSL
;
_entity_poly.pdbx_strand_id   A,B,C,D,E,F
#
# COMPACT_ATOMS: atom_id res chain seq x y z
N GLY A 1 40.25 -34.16 -37.11
CA GLY A 1 39.48 -34.76 -36.04
C GLY A 1 38.47 -35.78 -36.53
N ASN A 2 37.69 -36.32 -35.60
CA ASN A 2 36.69 -37.32 -35.94
C ASN A 2 35.43 -36.65 -36.48
N THR A 3 34.38 -37.45 -36.66
CA THR A 3 33.11 -36.96 -37.17
C THR A 3 32.02 -37.94 -36.76
N VAL A 4 30.89 -37.42 -36.30
CA VAL A 4 29.81 -38.23 -35.76
C VAL A 4 28.48 -37.58 -36.12
N THR A 5 27.43 -38.40 -36.16
CA THR A 5 26.09 -37.96 -36.52
C THR A 5 25.16 -38.18 -35.34
N ILE A 6 24.60 -37.10 -34.82
CA ILE A 6 23.63 -37.16 -33.73
C ILE A 6 22.24 -36.94 -34.32
N ASP A 7 21.24 -37.58 -33.70
CA ASP A 7 19.86 -37.49 -34.14
C ASP A 7 19.08 -36.65 -33.14
N PHE A 8 18.75 -35.44 -33.53
CA PHE A 8 17.94 -34.53 -32.73
C PHE A 8 16.51 -34.48 -33.27
N MET A 9 15.58 -34.16 -32.37
CA MET A 9 14.19 -33.99 -32.75
C MET A 9 13.86 -32.60 -33.22
N SER A 10 14.71 -31.61 -32.94
CA SER A 10 14.47 -30.23 -33.35
C SER A 10 15.79 -29.49 -33.32
N ALA A 11 16.22 -28.99 -34.48
CA ALA A 11 17.48 -28.26 -34.57
C ALA A 11 17.30 -26.77 -34.31
N ASP A 12 16.70 -26.44 -33.17
CA ASP A 12 16.48 -25.06 -32.78
C ASP A 12 17.53 -24.65 -31.76
N GLY A 13 18.27 -23.60 -32.07
CA GLY A 13 19.37 -23.16 -31.26
C GLY A 13 20.73 -23.65 -31.73
N ILE A 14 20.77 -24.68 -32.54
CA ILE A 14 22.02 -25.23 -33.05
C ILE A 14 22.36 -24.51 -34.36
N VAL A 15 23.54 -23.91 -34.40
CA VAL A 15 24.01 -23.25 -35.61
C VAL A 15 25.36 -23.85 -36.00
N PRO A 16 25.60 -24.11 -37.29
CA PRO A 16 26.84 -24.78 -37.68
C PRO A 16 28.05 -23.90 -37.46
N GLY A 17 29.18 -24.55 -37.18
CA GLY A 17 30.44 -23.84 -37.03
C GLY A 17 30.61 -23.15 -35.69
N ARG A 18 29.51 -22.75 -35.06
CA ARG A 18 29.58 -21.99 -33.82
C ARG A 18 29.28 -22.83 -32.58
N THR A 19 28.22 -23.60 -32.59
CA THR A 19 27.80 -24.33 -31.42
C THR A 19 28.83 -25.38 -31.02
N PRO A 20 29.40 -25.31 -29.82
CA PRO A 20 30.40 -26.29 -29.41
C PRO A 20 29.78 -27.50 -28.74
N VAL A 21 30.60 -28.54 -28.61
CA VAL A 21 30.21 -29.78 -27.96
C VAL A 21 31.23 -30.00 -26.85
N ARG A 22 30.89 -29.59 -25.64
CA ARG A 22 31.84 -29.56 -24.55
C ARG A 22 31.51 -30.63 -23.52
N TYR A 23 32.57 -31.16 -22.91
CA TYR A 23 32.47 -32.13 -21.82
C TYR A 23 32.98 -31.45 -20.56
N GLN A 24 32.10 -31.33 -19.56
CA GLN A 24 32.39 -30.67 -18.28
C GLN A 24 33.25 -29.42 -18.48
N GLY A 25 32.72 -28.51 -19.28
CA GLY A 25 33.37 -27.23 -19.51
C GLY A 25 34.24 -27.10 -20.72
N VAL A 26 35.20 -28.02 -20.88
CA VAL A 26 36.16 -27.90 -21.98
C VAL A 26 35.48 -28.22 -23.30
N GLU A 27 35.60 -27.31 -24.26
CA GLU A 27 35.06 -27.56 -25.59
C GLU A 27 35.81 -28.71 -26.24
N VAL A 28 35.07 -29.61 -26.88
CA VAL A 28 35.68 -30.78 -27.49
C VAL A 28 35.38 -30.80 -28.98
N GLY A 29 34.10 -30.91 -29.34
CA GLY A 29 33.68 -30.94 -30.71
C GLY A 29 33.05 -29.64 -31.16
N THR A 30 32.71 -29.61 -32.44
CA THR A 30 32.06 -28.44 -33.01
C THR A 30 31.03 -28.91 -34.03
N VAL A 31 29.85 -28.28 -34.00
CA VAL A 31 28.80 -28.62 -34.94
C VAL A 31 29.25 -28.26 -36.34
N GLN A 32 29.36 -29.26 -37.21
CA GLN A 32 29.77 -29.02 -38.58
C GLN A 32 28.60 -28.51 -39.41
N ASP A 33 27.52 -29.28 -39.49
CA ASP A 33 26.34 -28.82 -40.21
C ASP A 33 25.12 -29.63 -39.77
N ILE A 34 23.97 -29.01 -39.91
CA ILE A 34 22.68 -29.65 -39.65
C ILE A 34 22.07 -30.05 -40.98
N SER A 35 21.41 -31.20 -41.02
CA SER A 35 20.77 -31.65 -42.25
C SER A 35 19.57 -32.50 -41.91
N LEU A 36 18.51 -32.36 -42.69
CA LEU A 36 17.35 -33.22 -42.47
C LEU A 36 17.63 -34.63 -42.97
N SER A 37 16.90 -35.58 -42.41
CA SER A 37 16.98 -36.95 -42.87
C SER A 37 16.39 -37.07 -44.28
N ASP A 38 16.46 -38.28 -44.84
CA ASP A 38 15.87 -38.50 -46.16
C ASP A 38 14.37 -38.28 -46.14
N ASP A 39 13.68 -38.83 -45.13
CA ASP A 39 12.26 -38.67 -44.99
C ASP A 39 11.87 -37.33 -44.36
N LEU A 40 12.84 -36.46 -44.08
CA LEU A 40 12.58 -35.17 -43.46
C LEU A 40 11.80 -35.32 -42.16
N ARG A 41 12.17 -36.31 -41.36
CA ARG A 41 11.48 -36.60 -40.12
C ARG A 41 12.35 -36.48 -38.88
N LYS A 42 13.67 -36.60 -39.01
CA LYS A 42 14.59 -36.44 -37.89
C LYS A 42 15.78 -35.62 -38.34
N ILE A 43 16.39 -34.91 -37.40
CA ILE A 43 17.48 -34.00 -37.69
C ILE A 43 18.81 -34.69 -37.45
N GLU A 44 19.69 -34.67 -38.45
CA GLU A 44 21.02 -35.24 -38.33
C GLU A 44 22.02 -34.10 -38.21
N VAL A 45 22.69 -34.02 -37.07
CA VAL A 45 23.70 -33.01 -36.80
C VAL A 45 25.06 -33.67 -36.90
N LYS A 46 25.98 -33.03 -37.61
CA LYS A 46 27.33 -33.56 -37.79
C LYS A 46 28.28 -32.82 -36.87
N VAL A 47 29.01 -33.58 -36.05
CA VAL A 47 29.91 -33.03 -35.04
C VAL A 47 31.32 -33.50 -35.37
N SER A 48 32.30 -32.63 -35.11
CA SER A 48 33.71 -32.92 -35.35
C SER A 48 34.41 -32.99 -33.99
N ILE A 49 34.46 -34.19 -33.41
CA ILE A 49 35.14 -34.38 -32.16
C ILE A 49 36.65 -34.26 -32.37
N LYS A 50 37.35 -33.87 -31.30
CA LYS A 50 38.81 -33.78 -31.36
C LYS A 50 39.41 -35.12 -31.74
N SER A 51 40.57 -35.07 -32.40
CA SER A 51 41.24 -36.29 -32.85
C SER A 51 41.86 -37.07 -31.69
N ASP A 52 41.88 -36.52 -30.48
CA ASP A 52 42.39 -37.23 -29.33
C ASP A 52 41.32 -37.92 -28.51
N MET A 53 40.08 -37.40 -28.54
CA MET A 53 38.98 -38.00 -27.78
C MET A 53 38.21 -38.98 -28.66
N LYS A 54 38.94 -39.92 -29.24
CA LYS A 54 38.34 -40.96 -30.08
C LYS A 54 37.87 -42.16 -29.28
N ASP A 55 38.22 -42.24 -27.99
CA ASP A 55 37.79 -43.32 -27.13
C ASP A 55 36.64 -42.90 -26.22
N ALA A 56 36.08 -41.72 -26.42
CA ALA A 56 34.96 -41.27 -25.61
C ALA A 56 33.61 -41.57 -26.26
N LEU A 57 33.57 -41.62 -27.59
CA LEU A 57 32.34 -41.88 -28.33
C LEU A 57 32.17 -43.37 -28.61
N ARG A 58 32.22 -44.16 -27.54
CA ARG A 58 32.35 -45.61 -27.72
C ARG A 58 31.01 -46.27 -28.03
N GLU A 59 30.14 -46.41 -27.02
CA GLU A 59 28.78 -46.89 -27.29
C GLU A 59 27.72 -46.14 -26.52
N GLU A 60 28.00 -45.86 -25.25
CA GLU A 60 27.04 -45.28 -24.34
C GLU A 60 27.21 -43.79 -24.18
N THR A 61 28.11 -43.20 -24.96
CA THR A 61 28.27 -41.75 -24.95
C THR A 61 26.94 -41.09 -25.26
N GLN A 62 26.46 -40.29 -24.34
CA GLN A 62 25.18 -39.62 -24.46
C GLN A 62 25.39 -38.17 -24.84
N PHE A 63 24.61 -37.70 -25.81
CA PHE A 63 24.64 -36.30 -26.24
C PHE A 63 23.29 -35.67 -25.97
N TRP A 64 23.32 -34.45 -25.45
CA TRP A 64 22.07 -33.73 -25.25
C TRP A 64 22.31 -32.24 -25.48
N LEU A 65 21.23 -31.50 -25.64
CA LEU A 65 21.29 -30.07 -25.89
C LEU A 65 20.97 -29.32 -24.61
N VAL A 66 21.75 -28.29 -24.32
CA VAL A 66 21.57 -27.50 -23.11
C VAL A 66 21.06 -26.11 -23.48
N THR A 67 20.71 -25.34 -22.47
CA THR A 67 20.10 -24.03 -22.63
C THR A 67 20.67 -23.10 -21.58
N PRO A 68 20.56 -21.79 -21.77
CA PRO A 68 21.19 -20.85 -20.84
C PRO A 68 20.40 -20.59 -19.57
N LYS A 69 19.45 -21.47 -19.25
CA LYS A 69 18.66 -21.54 -18.02
C LYS A 69 17.55 -20.50 -17.95
N ALA A 70 17.46 -19.56 -18.89
CA ALA A 70 16.33 -18.64 -19.02
C ALA A 70 16.03 -17.93 -17.68
N SER A 71 16.98 -17.11 -17.28
CA SER A 71 16.92 -16.41 -15.99
C SER A 71 16.68 -14.92 -16.24
N LEU A 72 15.41 -14.56 -16.42
CA LEU A 72 14.94 -13.17 -16.46
C LEU A 72 15.46 -12.43 -17.69
N ALA A 73 16.34 -13.07 -18.46
CA ALA A 73 16.82 -12.49 -19.70
C ALA A 73 16.36 -13.27 -20.92
N GLY A 74 15.94 -14.51 -20.75
CA GLY A 74 15.34 -15.27 -21.82
C GLY A 74 13.83 -15.13 -21.79
N VAL A 75 13.28 -14.90 -20.61
CA VAL A 75 11.83 -14.73 -20.50
C VAL A 75 11.41 -13.34 -20.95
N SER A 76 12.26 -12.33 -20.74
CA SER A 76 11.96 -10.96 -21.16
C SER A 76 12.60 -10.67 -22.51
N GLY A 77 12.26 -11.50 -23.49
CA GLY A 77 12.86 -11.34 -24.81
C GLY A 77 14.36 -11.54 -24.72
N LEU A 78 15.11 -10.55 -25.21
CA LEU A 78 16.57 -10.53 -25.14
C LEU A 78 17.17 -11.86 -25.56
N ASP A 79 16.78 -12.32 -26.75
CA ASP A 79 17.23 -13.63 -27.22
C ASP A 79 18.72 -13.63 -27.50
N ALA A 80 19.18 -12.73 -28.37
CA ALA A 80 20.58 -12.70 -28.75
C ALA A 80 21.42 -11.93 -27.73
N LEU A 81 21.28 -12.30 -26.46
CA LEU A 81 22.08 -11.68 -25.41
C LEU A 81 22.56 -12.67 -24.36
N VAL A 82 22.19 -13.95 -24.45
CA VAL A 82 22.54 -14.95 -23.45
C VAL A 82 22.81 -16.28 -24.12
N GLY A 83 23.79 -17.01 -23.58
CA GLY A 83 23.98 -18.42 -23.89
C GLY A 83 24.36 -18.77 -25.31
N GLY A 84 24.71 -20.04 -25.53
CA GLY A 84 25.06 -20.51 -26.85
C GLY A 84 24.49 -21.87 -27.19
N ASN A 85 23.84 -22.52 -26.22
CA ASN A 85 23.21 -23.82 -26.41
C ASN A 85 24.21 -24.86 -26.92
N TYR A 86 25.21 -25.15 -26.10
CA TYR A 86 26.18 -26.14 -26.49
C TYR A 86 25.57 -27.53 -26.41
N ILE A 87 26.35 -28.54 -26.81
CA ILE A 87 25.92 -29.93 -26.82
C ILE A 87 26.72 -30.66 -25.75
N GLY A 88 26.06 -30.99 -24.64
CA GLY A 88 26.72 -31.75 -23.61
C GLY A 88 26.92 -33.20 -24.01
N MET A 89 28.05 -33.75 -23.59
CA MET A 89 28.47 -35.10 -23.96
C MET A 89 28.96 -35.83 -22.72
N MET A 90 28.62 -37.12 -22.63
CA MET A 90 29.07 -37.96 -21.53
C MET A 90 29.63 -39.26 -22.11
N PRO A 91 30.90 -39.57 -21.88
CA PRO A 91 31.51 -40.73 -22.55
C PRO A 91 30.86 -42.05 -22.14
N GLY A 92 30.98 -43.03 -23.03
CA GLY A 92 30.37 -44.32 -22.85
C GLY A 92 31.37 -45.43 -22.55
N LYS A 93 30.85 -46.67 -22.53
CA LYS A 93 31.65 -47.80 -22.08
C LYS A 93 32.54 -48.35 -23.19
N GLY A 94 31.95 -48.94 -24.23
CA GLY A 94 32.77 -49.40 -25.33
C GLY A 94 32.07 -49.86 -26.59
N LYS A 95 32.44 -49.25 -27.72
CA LYS A 95 32.15 -49.72 -29.07
C LYS A 95 32.85 -48.80 -30.06
N GLU A 96 32.59 -48.99 -31.35
CA GLU A 96 33.04 -48.09 -32.40
C GLU A 96 31.88 -47.29 -32.97
N GLN A 97 30.94 -46.88 -32.12
CA GLN A 97 29.73 -46.22 -32.57
C GLN A 97 30.05 -44.83 -33.11
N ASP A 98 29.36 -44.45 -34.19
CA ASP A 98 29.53 -43.13 -34.79
C ASP A 98 28.20 -42.52 -35.20
N HIS A 99 27.08 -42.98 -34.64
CA HIS A 99 25.77 -42.44 -34.96
C HIS A 99 24.92 -42.55 -33.70
N PHE A 100 24.60 -41.41 -33.10
CA PHE A 100 23.96 -41.37 -31.79
C PHE A 100 22.54 -40.82 -31.90
N VAL A 101 21.82 -40.93 -30.79
CA VAL A 101 20.50 -40.35 -30.64
C VAL A 101 20.56 -39.37 -29.48
N ALA A 102 20.21 -38.12 -29.74
CA ALA A 102 20.31 -37.10 -28.72
C ALA A 102 19.33 -37.39 -27.59
N LEU A 103 19.82 -37.29 -26.36
CA LEU A 103 18.92 -37.37 -25.21
C LEU A 103 18.11 -36.09 -25.09
N ASP A 104 16.88 -36.24 -24.60
CA ASP A 104 15.99 -35.11 -24.41
C ASP A 104 16.25 -34.37 -23.10
N THR A 105 17.03 -34.96 -22.20
CA THR A 105 17.42 -34.29 -20.97
C THR A 105 18.78 -34.82 -20.55
N GLN A 106 19.47 -34.05 -19.71
CA GLN A 106 20.78 -34.47 -19.25
C GLN A 106 20.66 -35.71 -18.38
N PRO A 107 21.63 -36.61 -18.46
CA PRO A 107 21.54 -37.86 -17.70
C PRO A 107 21.75 -37.63 -16.21
N LYS A 108 21.78 -38.72 -15.45
CA LYS A 108 22.03 -38.63 -14.02
C LYS A 108 23.43 -38.10 -13.75
N TYR A 109 23.73 -37.87 -12.48
CA TYR A 109 25.03 -37.37 -12.06
C TYR A 109 25.93 -38.56 -11.80
N ARG A 110 26.81 -38.86 -12.75
CA ARG A 110 27.73 -39.98 -12.64
C ARG A 110 29.12 -39.57 -12.17
N LEU A 111 29.39 -38.28 -12.06
CA LEU A 111 30.72 -37.82 -11.68
C LEU A 111 31.05 -38.23 -10.25
N ASP A 112 32.29 -37.98 -9.86
CA ASP A 112 32.73 -38.23 -8.48
C ASP A 112 33.87 -37.28 -8.18
N ASN A 113 33.55 -36.17 -7.52
CA ASN A 113 34.55 -35.18 -7.13
C ASN A 113 34.57 -34.97 -5.63
N GLY A 114 34.02 -35.91 -4.87
CA GLY A 114 33.90 -35.74 -3.44
C GLY A 114 32.80 -34.80 -3.00
N ASP A 115 32.05 -34.23 -3.94
CA ASP A 115 30.95 -33.33 -3.61
C ASP A 115 29.65 -34.12 -3.55
N LEU A 116 28.74 -33.67 -2.69
CA LEU A 116 27.53 -34.43 -2.42
C LEU A 116 26.46 -34.17 -3.47
N MET A 117 25.69 -35.21 -3.77
CA MET A 117 24.42 -35.05 -4.45
C MET A 117 23.34 -35.64 -3.58
N ILE A 118 22.40 -34.81 -3.17
CA ILE A 118 21.29 -35.23 -2.33
C ILE A 118 20.00 -34.96 -3.08
N HIS A 119 18.94 -35.63 -2.64
CA HIS A 119 17.64 -35.50 -3.27
C HIS A 119 16.68 -34.85 -2.30
N LEU A 120 15.78 -34.02 -2.83
CA LEU A 120 14.78 -33.33 -2.03
C LEU A 120 13.41 -33.66 -2.59
N GLN A 121 12.57 -34.31 -1.80
CA GLN A 121 11.19 -34.48 -2.18
C GLN A 121 10.45 -33.15 -2.03
N ALA A 122 9.46 -32.94 -2.88
CA ALA A 122 8.68 -31.72 -2.77
C ALA A 122 7.29 -31.98 -3.33
N PRO A 123 6.28 -31.23 -2.88
CA PRO A 123 4.97 -31.34 -3.51
C PRO A 123 4.97 -30.76 -4.92
N ASP A 124 5.76 -29.72 -5.16
CA ASP A 124 5.92 -29.15 -6.47
C ASP A 124 7.26 -28.45 -6.53
N LEU A 125 7.66 -28.05 -7.73
CA LEU A 125 8.97 -27.45 -7.91
C LEU A 125 9.12 -26.13 -7.19
N GLY A 126 8.03 -25.42 -6.93
CA GLY A 126 8.21 -24.07 -6.45
C GLY A 126 8.84 -23.24 -7.56
N SER A 127 9.38 -22.10 -7.17
CA SER A 127 10.07 -21.25 -8.13
C SER A 127 11.55 -21.55 -8.19
N LEU A 128 11.88 -22.82 -8.37
CA LEU A 128 13.25 -23.27 -8.52
C LEU A 128 13.50 -23.68 -9.96
N ASN A 129 14.78 -23.81 -10.29
CA ASN A 129 15.20 -24.21 -11.63
C ASN A 129 16.69 -24.51 -11.57
N SER A 130 17.19 -25.17 -12.61
CA SER A 130 18.60 -25.52 -12.66
C SER A 130 19.45 -24.26 -12.54
N GLY A 131 20.18 -24.14 -11.44
CA GLY A 131 20.96 -22.95 -11.16
C GLY A 131 20.55 -22.21 -9.91
N SER A 132 19.41 -22.54 -9.31
CA SER A 132 19.05 -21.95 -8.04
C SER A 132 20.07 -22.35 -6.99
N LEU A 133 20.42 -21.41 -6.12
CA LEU A 133 21.50 -21.64 -5.17
C LEU A 133 20.98 -22.27 -3.89
N VAL A 134 21.83 -23.06 -3.26
CA VAL A 134 21.59 -23.63 -1.95
C VAL A 134 22.45 -22.87 -0.95
N TYR A 135 21.86 -22.45 0.14
CA TYR A 135 22.51 -21.57 1.10
C TYR A 135 22.67 -22.25 2.44
N PHE A 136 23.79 -21.96 3.09
CA PHE A 136 23.99 -22.21 4.51
C PHE A 136 24.44 -20.89 5.11
N ARG A 137 23.64 -20.35 6.03
CA ARG A 137 23.91 -19.04 6.60
C ARG A 137 23.98 -17.97 5.52
N LYS A 138 23.13 -18.13 4.51
CA LYS A 138 23.09 -17.26 3.33
C LYS A 138 24.43 -17.23 2.59
N ILE A 139 25.25 -18.25 2.78
CA ILE A 139 26.47 -18.47 2.01
C ILE A 139 26.19 -19.55 0.98
N PRO A 140 26.37 -19.31 -0.31
CA PRO A 140 26.05 -20.33 -1.32
C PRO A 140 27.04 -21.49 -1.25
N VAL A 141 26.52 -22.69 -0.99
CA VAL A 141 27.32 -23.88 -0.85
C VAL A 141 26.93 -24.97 -1.84
N GLY A 142 26.04 -24.66 -2.77
CA GLY A 142 25.63 -25.67 -3.72
C GLY A 142 24.72 -25.08 -4.76
N LYS A 143 24.01 -25.96 -5.46
CA LYS A 143 23.12 -25.52 -6.52
C LYS A 143 22.17 -26.66 -6.87
N VAL A 144 21.01 -26.30 -7.38
CA VAL A 144 20.05 -27.27 -7.88
C VAL A 144 20.58 -27.85 -9.18
N TYR A 145 20.81 -29.15 -9.21
CA TYR A 145 21.35 -29.77 -10.41
C TYR A 145 20.26 -29.96 -11.46
N ASP A 146 19.24 -30.74 -11.15
CA ASP A 146 18.10 -30.89 -12.05
C ASP A 146 16.95 -31.49 -11.27
N TYR A 147 15.76 -31.36 -11.84
CA TYR A 147 14.54 -31.81 -11.20
C TYR A 147 13.82 -32.81 -12.07
N ALA A 148 13.11 -33.72 -11.43
CA ALA A 148 12.32 -34.72 -12.14
C ALA A 148 10.98 -34.85 -11.45
N ILE A 149 10.04 -35.48 -12.15
CA ILE A 149 8.72 -35.74 -11.58
C ILE A 149 8.75 -37.12 -10.93
N ASN A 150 8.24 -37.20 -9.71
CA ASN A 150 8.22 -38.45 -8.99
C ASN A 150 7.45 -39.49 -9.80
N PRO A 151 7.96 -40.72 -9.91
CA PRO A 151 7.25 -41.75 -10.70
C PRO A 151 5.76 -41.84 -10.43
N ASN A 152 5.34 -41.72 -9.17
CA ASN A 152 3.93 -41.80 -8.83
C ASN A 152 3.18 -40.50 -9.11
N LYS A 153 3.83 -39.54 -9.76
CA LYS A 153 3.24 -38.24 -10.13
C LYS A 153 2.74 -37.45 -8.93
N GLN A 154 3.04 -37.88 -7.72
CA GLN A 154 2.52 -37.21 -6.53
C GLN A 154 3.39 -36.06 -6.08
N GLY A 155 4.65 -36.01 -6.50
CA GLY A 155 5.51 -34.91 -6.15
C GLY A 155 6.63 -34.73 -7.16
N VAL A 156 7.65 -33.96 -6.79
CA VAL A 156 8.84 -33.81 -7.62
C VAL A 156 10.05 -34.12 -6.76
N VAL A 157 11.15 -34.44 -7.45
CA VAL A 157 12.43 -34.74 -6.80
C VAL A 157 13.46 -33.77 -7.37
N ILE A 158 14.04 -32.97 -6.51
CA ILE A 158 15.09 -32.03 -6.89
C ILE A 158 16.43 -32.65 -6.52
N ASP A 159 17.45 -32.40 -7.32
CA ASP A 159 18.78 -32.93 -7.08
C ASP A 159 19.70 -31.78 -6.74
N VAL A 160 20.13 -31.72 -5.49
CA VAL A 160 20.98 -30.64 -5.01
C VAL A 160 22.42 -31.14 -5.00
N LEU A 161 23.34 -30.31 -5.47
CA LEU A 161 24.75 -30.65 -5.57
C LEU A 161 25.53 -29.76 -4.62
N ILE A 162 25.85 -30.27 -3.45
CA ILE A 162 26.64 -29.53 -2.47
C ILE A 162 28.11 -29.65 -2.83
N GLU A 163 28.80 -28.52 -2.94
CA GLU A 163 30.18 -28.49 -3.37
C GLU A 163 31.08 -29.22 -2.39
N ARG A 164 32.30 -29.49 -2.83
CA ARG A 164 33.17 -30.44 -2.12
C ARG A 164 33.57 -29.94 -0.75
N ARG A 165 33.99 -28.69 -0.67
CA ARG A 165 34.51 -28.22 0.62
C ARG A 165 33.43 -27.91 1.63
N PHE A 166 32.17 -28.22 1.35
CA PHE A 166 31.07 -27.94 2.25
C PHE A 166 30.28 -29.17 2.65
N THR A 167 30.73 -30.37 2.28
CA THR A 167 29.96 -31.57 2.52
C THR A 167 29.83 -31.90 4.00
N ASP A 168 30.59 -31.24 4.88
CA ASP A 168 30.39 -31.47 6.29
C ASP A 168 29.13 -30.79 6.82
N LEU A 169 28.55 -29.90 6.04
CA LEU A 169 27.38 -29.16 6.52
C LEU A 169 26.13 -30.01 6.47
N VAL A 170 25.98 -30.85 5.45
CA VAL A 170 24.76 -31.63 5.26
C VAL A 170 24.82 -32.81 6.22
N LYS A 171 24.20 -32.66 7.38
CA LYS A 171 24.08 -33.75 8.32
C LYS A 171 22.83 -34.56 8.01
N LYS A 172 22.81 -35.80 8.50
CA LYS A 172 21.65 -36.65 8.28
C LYS A 172 20.38 -36.10 8.91
N GLY A 173 20.51 -35.13 9.82
CA GLY A 173 19.34 -34.52 10.43
C GLY A 173 19.13 -33.08 10.00
N SER A 174 19.67 -32.73 8.83
CA SER A 174 19.47 -31.38 8.33
C SER A 174 18.05 -31.20 7.82
N ARG A 175 17.70 -29.95 7.54
CA ARG A 175 16.35 -29.62 7.08
C ARG A 175 16.47 -28.53 6.02
N PHE A 176 15.93 -28.79 4.84
CA PHE A 176 15.99 -27.86 3.73
C PHE A 176 14.65 -27.15 3.61
N TRP A 177 14.69 -25.83 3.46
CA TRP A 177 13.47 -25.06 3.29
C TRP A 177 13.61 -24.12 2.09
N ASN A 178 12.51 -23.93 1.39
CA ASN A 178 12.50 -23.09 0.21
C ASN A 178 12.54 -21.62 0.61
N VAL A 179 13.45 -20.86 0.01
CA VAL A 179 13.51 -19.42 0.16
C VAL A 179 13.40 -18.86 -1.25
N SER A 180 12.24 -18.33 -1.59
CA SER A 180 11.98 -17.95 -2.97
C SER A 180 10.97 -16.81 -3.01
N GLY A 181 11.07 -16.00 -4.06
CA GLY A 181 10.16 -14.90 -4.25
C GLY A 181 10.23 -13.89 -3.12
N VAL A 182 9.16 -13.11 -3.00
CA VAL A 182 9.06 -12.08 -1.97
C VAL A 182 7.94 -12.46 -1.01
N ASP A 183 8.09 -12.06 0.24
CA ASP A 183 7.16 -12.40 1.32
C ASP A 183 6.57 -11.14 1.93
N ALA A 184 6.14 -10.21 1.09
CA ALA A 184 5.67 -8.90 1.56
C ALA A 184 4.48 -9.06 2.49
N ASN A 185 4.70 -8.77 3.76
CA ASN A 185 3.68 -8.84 4.79
C ASN A 185 3.19 -7.43 5.13
N VAL A 186 1.92 -7.35 5.53
CA VAL A 186 1.30 -6.08 5.89
C VAL A 186 0.38 -6.30 7.09
N SER A 187 0.55 -5.47 8.12
CA SER A 187 -0.32 -5.45 9.28
C SER A 187 -0.63 -4.01 9.65
N ILE A 188 -1.21 -3.78 10.82
CA ILE A 188 -1.43 -2.44 11.33
C ILE A 188 -0.35 -2.16 12.37
N SER A 189 0.45 -1.12 12.14
CA SER A 189 1.60 -0.80 12.99
C SER A 189 2.56 -2.00 13.06
N GLY A 190 3.19 -2.26 11.92
CA GLY A 190 3.89 -3.51 11.74
C GLY A 190 3.87 -4.04 10.33
N ALA A 191 3.27 -3.28 9.40
CA ALA A 191 3.30 -3.64 7.98
C ALA A 191 4.72 -3.40 7.47
N LYS A 192 5.61 -4.30 7.84
CA LYS A 192 7.03 -4.18 7.55
C LYS A 192 7.41 -5.23 6.52
N VAL A 193 8.00 -4.80 5.41
CA VAL A 193 8.50 -5.69 4.38
C VAL A 193 10.00 -5.48 4.25
N LYS A 194 10.76 -6.55 4.42
CA LYS A 194 12.21 -6.53 4.28
C LYS A 194 12.61 -7.53 3.21
N LEU A 195 13.48 -7.09 2.29
CA LEU A 195 14.01 -7.97 1.26
C LEU A 195 15.52 -7.83 1.23
N GLU A 196 16.22 -8.96 1.29
CA GLU A 196 17.67 -8.96 1.26
C GLU A 196 18.23 -9.78 0.11
N SER A 197 17.76 -11.01 -0.09
CA SER A 197 18.29 -11.88 -1.12
C SER A 197 17.67 -11.52 -2.47
N LEU A 198 18.51 -11.13 -3.42
CA LEU A 198 18.06 -10.78 -4.75
C LEU A 198 17.94 -11.97 -5.68
N ALA A 199 18.94 -12.86 -5.69
CA ALA A 199 18.87 -14.04 -6.54
C ALA A 199 17.71 -14.93 -6.14
N ALA A 200 17.45 -15.05 -4.84
CA ALA A 200 16.29 -15.80 -4.39
C ALA A 200 14.99 -15.18 -4.89
N LEU A 201 14.98 -13.85 -5.06
CA LEU A 201 13.79 -13.20 -5.57
C LEU A 201 13.62 -13.46 -7.07
N VAL A 202 14.70 -13.68 -7.80
CA VAL A 202 14.62 -13.84 -9.24
C VAL A 202 14.37 -15.30 -9.60
N ASN A 203 15.32 -16.18 -9.25
CA ASN A 203 15.23 -17.57 -9.66
C ASN A 203 15.22 -18.52 -8.46
N GLY A 204 14.75 -18.05 -7.31
CA GLY A 204 14.53 -18.92 -6.17
C GLY A 204 15.78 -19.46 -5.53
N ALA A 205 15.64 -20.08 -4.36
CA ALA A 205 16.78 -20.62 -3.65
C ALA A 205 16.31 -21.61 -2.60
N ILE A 206 17.25 -22.43 -2.14
CA ILE A 206 17.01 -23.35 -1.04
C ILE A 206 17.96 -22.96 0.08
N ALA A 207 17.58 -23.22 1.31
CA ALA A 207 18.47 -23.00 2.43
C ALA A 207 18.43 -24.23 3.33
N PHE A 208 19.50 -24.44 4.09
CA PHE A 208 19.48 -25.56 5.02
C PHE A 208 20.28 -25.22 6.26
N ASP A 209 20.15 -26.08 7.26
CA ASP A 209 20.80 -25.91 8.55
C ASP A 209 21.54 -27.20 8.90
N SER A 210 22.22 -27.17 10.04
CA SER A 210 23.07 -28.29 10.39
C SER A 210 23.10 -28.53 11.89
N PRO A 211 22.41 -29.55 12.39
CA PRO A 211 22.55 -29.92 13.80
C PRO A 211 23.98 -30.35 14.11
N GLU A 212 24.31 -30.34 15.39
CA GLU A 212 25.68 -30.59 15.84
C GLU A 212 25.84 -31.94 16.52
N GLU A 213 24.90 -32.87 16.31
CA GLU A 213 24.99 -34.17 16.97
C GLU A 213 24.60 -35.32 16.05
N SER A 214 24.42 -35.08 14.76
CA SER A 214 24.01 -36.11 13.83
C SER A 214 25.11 -36.39 12.83
N LYS A 215 25.09 -37.59 12.26
CA LYS A 215 26.13 -38.02 11.36
C LYS A 215 26.06 -37.26 10.03
N PRO A 216 27.16 -37.16 9.31
CA PRO A 216 27.13 -36.51 8.00
C PRO A 216 26.37 -37.35 6.99
N ALA A 217 25.69 -36.66 6.08
CA ALA A 217 24.86 -37.34 5.09
C ALA A 217 25.73 -37.98 4.02
N GLU A 218 25.31 -39.16 3.56
CA GLU A 218 25.98 -39.84 2.48
C GLU A 218 25.38 -39.43 1.14
N ALA A 219 26.01 -39.89 0.07
CA ALA A 219 25.55 -39.54 -1.27
C ALA A 219 24.16 -40.12 -1.53
N GLU A 220 23.40 -39.44 -2.39
CA GLU A 220 22.08 -39.88 -2.80
C GLU A 220 21.12 -40.03 -1.62
N ASP A 221 21.34 -39.25 -0.56
CA ASP A 221 20.45 -39.27 0.58
C ASP A 221 19.26 -38.35 0.32
N THR A 222 18.11 -38.71 0.87
CA THR A 222 16.86 -38.05 0.57
C THR A 222 16.39 -37.24 1.77
N PHE A 223 16.01 -35.99 1.52
CA PHE A 223 15.43 -35.10 2.51
C PHE A 223 14.09 -34.59 1.98
N GLY A 224 13.41 -33.80 2.79
CA GLY A 224 12.16 -33.21 2.37
C GLY A 224 12.23 -31.70 2.35
N LEU A 225 11.82 -31.10 1.25
CA LEU A 225 11.86 -29.65 1.12
C LEU A 225 10.65 -29.03 1.78
N TYR A 226 10.87 -28.23 2.82
CA TYR A 226 9.77 -27.58 3.50
C TYR A 226 9.36 -26.32 2.74
N GLU A 227 8.17 -25.82 3.06
CA GLU A 227 7.62 -24.70 2.31
C GLU A 227 8.37 -23.41 2.61
N ASP A 228 8.75 -23.20 3.86
CA ASP A 228 9.42 -21.96 4.23
C ASP A 228 10.22 -22.23 5.51
N LEU A 229 10.84 -21.18 6.03
CA LEU A 229 11.63 -21.33 7.24
C LEU A 229 10.76 -21.74 8.42
N ALA A 230 9.53 -21.24 8.47
CA ALA A 230 8.65 -21.53 9.60
C ALA A 230 8.24 -22.99 9.62
N HIS A 231 7.83 -23.53 8.47
CA HIS A 231 7.40 -24.91 8.41
C HIS A 231 8.51 -25.88 8.78
N SER A 232 9.76 -25.45 8.71
CA SER A 232 10.89 -26.32 9.00
C SER A 232 11.24 -26.37 10.48
N GLN A 233 10.64 -25.51 11.30
CA GLN A 233 11.02 -25.41 12.70
C GLN A 233 10.79 -26.73 13.42
N ARG A 234 11.78 -27.13 14.22
CA ARG A 234 11.66 -28.34 14.99
C ARG A 234 10.78 -28.10 16.21
N GLY A 235 10.31 -29.18 16.79
CA GLY A 235 9.40 -29.13 17.92
C GLY A 235 8.48 -30.33 17.88
N VAL A 236 7.93 -30.64 19.04
CA VAL A 236 7.12 -31.85 19.17
C VAL A 236 5.74 -31.60 18.60
N ILE A 237 5.21 -32.58 17.88
CA ILE A 237 3.89 -32.46 17.26
C ILE A 237 2.89 -33.14 18.18
N ILE A 238 2.00 -32.35 18.75
CA ILE A 238 0.93 -32.86 19.61
C ILE A 238 -0.38 -32.78 18.84
N LYS A 239 -1.34 -33.60 19.26
CA LYS A 239 -2.62 -33.70 18.60
C LYS A 239 -3.72 -33.16 19.50
N LEU A 240 -4.62 -32.39 18.92
CA LEU A 240 -5.73 -31.79 19.66
C LEU A 240 -7.04 -32.25 19.05
N GLU A 241 -8.03 -32.42 19.90
CA GLU A 241 -9.41 -32.65 19.47
C GLU A 241 -10.16 -31.37 19.84
N LEU A 242 -10.13 -30.47 19.00
CA LEU A 242 -10.68 -29.19 19.39
C LEU A 242 -12.16 -29.12 19.00
N PRO A 243 -12.95 -28.28 19.68
CA PRO A 243 -14.41 -28.37 19.51
C PRO A 243 -14.87 -28.06 18.10
N SER A 244 -14.52 -26.89 17.58
CA SER A 244 -14.89 -26.51 16.22
C SER A 244 -13.96 -25.37 15.81
N GLY A 245 -13.17 -25.60 14.77
CA GLY A 245 -12.21 -24.57 14.41
C GLY A 245 -12.91 -23.43 13.73
N ALA A 246 -13.10 -22.33 14.45
CA ALA A 246 -13.82 -21.17 13.94
C ALA A 246 -12.92 -19.98 13.70
N GLY A 247 -12.20 -19.55 14.72
CA GLY A 247 -11.19 -18.53 14.53
C GLY A 247 -9.81 -19.09 14.28
N LEU A 248 -9.69 -20.40 14.15
CA LEU A 248 -8.40 -21.06 14.01
C LEU A 248 -8.02 -21.16 12.54
N THR A 249 -6.74 -20.97 12.26
CA THR A 249 -6.18 -21.12 10.93
C THR A 249 -5.07 -22.15 10.96
N ALA A 250 -4.88 -22.83 9.82
CA ALA A 250 -3.94 -23.94 9.75
C ALA A 250 -2.57 -23.56 10.27
N ASP A 251 -2.19 -22.29 10.15
CA ASP A 251 -1.02 -21.74 10.79
C ASP A 251 -1.40 -20.41 11.42
N SER A 252 -0.42 -19.73 12.00
CA SER A 252 -0.61 -18.39 12.55
C SER A 252 -1.65 -18.36 13.67
N THR A 253 -1.88 -19.49 14.32
CA THR A 253 -2.70 -19.54 15.53
C THR A 253 -1.80 -20.00 16.66
N PRO A 254 -1.35 -19.11 17.54
CA PRO A 254 -0.28 -19.45 18.47
C PRO A 254 -0.79 -20.24 19.67
N LEU A 255 0.16 -20.82 20.38
CA LEU A 255 -0.07 -21.44 21.67
C LEU A 255 0.66 -20.59 22.69
N MET A 256 -0.04 -19.66 23.31
CA MET A 256 0.60 -18.74 24.24
C MET A 256 0.82 -19.41 25.59
N TYR A 257 1.94 -19.09 26.21
CA TYR A 257 2.23 -19.52 27.57
C TYR A 257 2.81 -18.32 28.31
N GLN A 258 1.99 -17.67 29.12
CA GLN A 258 2.36 -16.42 29.78
C GLN A 258 2.74 -15.36 28.76
N GLY A 259 1.89 -15.19 27.75
CA GLY A 259 2.07 -14.16 26.76
C GLY A 259 3.16 -14.44 25.74
N LEU A 260 3.98 -15.46 25.94
CA LEU A 260 5.01 -15.82 24.99
C LEU A 260 4.53 -16.98 24.13
N GLU A 261 4.65 -16.83 22.82
CA GLU A 261 4.22 -17.88 21.90
C GLU A 261 5.21 -19.03 21.94
N VAL A 262 4.72 -20.23 22.24
CA VAL A 262 5.59 -21.38 22.37
C VAL A 262 5.12 -22.50 21.46
N GLY A 263 4.30 -22.17 20.48
CA GLY A 263 3.83 -23.17 19.53
C GLY A 263 2.85 -22.56 18.57
N GLN A 264 2.42 -23.38 17.62
CA GLN A 264 1.45 -22.95 16.63
C GLN A 264 0.61 -24.13 16.18
N LEU A 265 -0.59 -23.82 15.71
CA LEU A 265 -1.35 -24.79 14.94
C LEU A 265 -0.64 -25.05 13.61
N THR A 266 -0.54 -26.31 13.24
CA THR A 266 0.02 -26.67 11.95
C THR A 266 -0.93 -27.46 11.08
N LYS A 267 -1.88 -28.18 11.66
CA LYS A 267 -2.85 -28.93 10.88
C LYS A 267 -4.23 -28.70 11.46
N LEU A 268 -5.23 -28.55 10.59
CA LEU A 268 -6.61 -28.31 11.01
C LEU A 268 -7.51 -29.06 10.03
N ASP A 269 -7.93 -30.26 10.43
CA ASP A 269 -8.66 -31.15 9.55
C ASP A 269 -10.12 -31.23 9.96
N LEU A 270 -10.87 -32.06 9.22
CA LEU A 270 -12.28 -32.33 9.52
C LEU A 270 -12.48 -33.82 9.36
N ASN A 271 -12.61 -34.53 10.48
CA ASN A 271 -12.77 -35.97 10.44
C ASN A 271 -14.16 -36.33 9.96
N PRO A 272 -14.36 -37.57 9.48
CA PRO A 272 -15.68 -37.95 8.95
C PRO A 272 -16.81 -37.81 9.95
N GLY A 273 -16.59 -38.18 11.20
CA GLY A 273 -17.65 -38.13 12.18
C GLY A 273 -18.04 -36.73 12.60
N GLY A 274 -17.60 -35.73 11.84
CA GLY A 274 -17.87 -34.35 12.18
C GLY A 274 -16.92 -33.76 13.21
N LYS A 275 -16.01 -34.54 13.77
CA LYS A 275 -15.09 -34.03 14.76
C LYS A 275 -13.96 -33.28 14.07
N VAL A 276 -13.63 -32.10 14.60
CA VAL A 276 -12.57 -31.27 14.05
C VAL A 276 -11.31 -31.53 14.87
N THR A 277 -10.35 -32.23 14.28
CA THR A 277 -9.09 -32.48 14.94
C THR A 277 -8.02 -31.55 14.40
N GLY A 278 -6.91 -31.48 15.12
CA GLY A 278 -5.82 -30.62 14.71
C GLY A 278 -4.47 -31.08 15.22
N GLU A 279 -3.41 -30.48 14.71
CA GLU A 279 -2.06 -30.85 15.14
C GLU A 279 -1.27 -29.56 15.35
N MET A 280 -0.53 -29.50 16.44
CA MET A 280 0.17 -28.30 16.86
C MET A 280 1.63 -28.62 17.15
N THR A 281 2.53 -27.82 16.62
CA THR A 281 3.96 -27.98 16.85
C THR A 281 4.38 -27.09 18.01
N VAL A 282 5.00 -27.71 19.01
CA VAL A 282 5.35 -27.05 20.26
C VAL A 282 6.86 -26.93 20.36
N ASP A 283 7.31 -25.74 20.76
CA ASP A 283 8.72 -25.47 21.00
C ASP A 283 9.29 -26.54 21.95
N PRO A 284 10.42 -27.14 21.62
CA PRO A 284 11.02 -28.16 22.50
C PRO A 284 11.40 -27.65 23.88
N SER A 285 11.23 -26.36 24.16
CA SER A 285 11.58 -25.85 25.48
C SER A 285 10.48 -26.07 26.51
N VAL A 286 9.25 -26.32 26.08
CA VAL A 286 8.13 -26.49 27.00
C VAL A 286 7.50 -27.87 26.87
N VAL A 287 8.23 -28.84 26.33
CA VAL A 287 7.70 -30.20 26.27
C VAL A 287 7.55 -30.79 27.67
N THR A 288 8.41 -30.38 28.60
CA THR A 288 8.31 -30.85 29.97
C THR A 288 7.04 -30.37 30.66
N LEU A 289 6.35 -29.38 30.09
CA LEU A 289 5.10 -28.89 30.64
C LEU A 289 3.89 -29.56 30.03
N LEU A 290 4.08 -30.54 29.16
CA LEU A 290 2.98 -31.28 28.54
C LEU A 290 2.83 -32.59 29.30
N ARG A 291 2.08 -32.53 30.40
CA ARG A 291 1.86 -33.66 31.28
C ARG A 291 0.38 -34.02 31.29
N GLU A 292 0.02 -34.96 32.17
CA GLU A 292 -1.34 -35.49 32.15
C GLU A 292 -2.37 -34.42 32.50
N ASN A 293 -2.08 -33.59 33.49
CA ASN A 293 -3.04 -32.62 34.01
C ASN A 293 -2.80 -31.22 33.47
N THR A 294 -2.36 -31.09 32.22
CA THR A 294 -2.12 -29.79 31.60
C THR A 294 -3.20 -29.54 30.58
N ARG A 295 -3.95 -28.47 30.77
CA ARG A 295 -5.03 -28.13 29.85
C ARG A 295 -4.52 -27.22 28.74
N ILE A 296 -5.23 -27.23 27.63
CA ILE A 296 -4.99 -26.32 26.52
C ILE A 296 -6.31 -25.68 26.17
N GLU A 297 -6.43 -24.38 26.42
CA GLU A 297 -7.72 -23.71 26.39
C GLU A 297 -7.79 -22.72 25.23
N LEU A 298 -8.88 -22.78 24.47
CA LEU A 298 -9.17 -21.70 23.54
C LEU A 298 -9.49 -20.43 24.30
N ARG A 299 -9.00 -19.30 23.80
CA ARG A 299 -9.24 -18.02 24.44
C ARG A 299 -9.47 -16.96 23.39
N ASN A 300 -10.49 -16.20 23.59
CA ASN A 300 -10.94 -15.09 22.79
C ASN A 300 -10.42 -13.78 23.37
N PRO A 301 -10.15 -12.79 22.53
CA PRO A 301 -9.66 -11.51 23.05
C PRO A 301 -10.83 -10.62 23.45
N LYS A 302 -10.80 -10.16 24.70
CA LYS A 302 -11.85 -9.29 25.20
C LYS A 302 -11.58 -7.85 24.77
N LEU A 303 -12.62 -7.01 24.84
CA LEU A 303 -12.44 -5.59 24.62
C LEU A 303 -11.45 -5.01 25.63
N SER A 304 -11.80 -5.08 26.91
CA SER A 304 -10.96 -4.58 28.00
C SER A 304 -10.58 -3.12 27.74
N LEU A 305 -11.62 -2.28 27.77
CA LEU A 305 -11.48 -0.86 27.43
C LEU A 305 -10.34 -0.18 28.19
N SER A 306 -9.90 -0.75 29.31
CA SER A 306 -8.75 -0.21 30.02
C SER A 306 -7.51 -0.20 29.13
N ASP A 307 -7.10 -1.36 28.64
CA ASP A 307 -5.94 -1.51 27.77
C ASP A 307 -6.29 -1.73 26.32
N ALA A 308 -7.35 -2.48 26.03
CA ALA A 308 -7.96 -2.61 24.71
C ALA A 308 -7.15 -3.43 23.73
N ASN A 309 -5.91 -3.78 24.10
CA ASN A 309 -5.06 -4.73 23.36
C ASN A 309 -5.26 -4.68 21.86
N LEU A 310 -5.03 -3.53 21.23
CA LEU A 310 -5.31 -3.41 19.80
C LEU A 310 -4.50 -4.42 18.99
N SER A 311 -3.37 -4.88 19.52
CA SER A 311 -2.61 -5.92 18.82
C SER A 311 -3.23 -7.30 19.02
N ALA A 312 -3.64 -7.62 20.26
CA ALA A 312 -4.20 -8.93 20.52
C ALA A 312 -5.55 -9.12 19.86
N LEU A 313 -6.31 -8.04 19.68
CA LEU A 313 -7.61 -8.15 19.05
C LEU A 313 -7.49 -8.50 17.57
N LEU A 314 -6.33 -8.27 16.97
CA LEU A 314 -6.11 -8.70 15.59
C LEU A 314 -5.68 -10.16 15.49
N THR A 315 -5.12 -10.72 16.56
CA THR A 315 -4.72 -12.13 16.51
C THR A 315 -5.93 -13.05 16.41
N GLY A 316 -7.08 -12.60 16.89
CA GLY A 316 -8.32 -13.32 16.66
C GLY A 316 -8.72 -14.30 17.73
N LYS A 317 -7.90 -15.34 17.92
CA LYS A 317 -8.21 -16.38 18.88
C LYS A 317 -6.95 -17.20 19.13
N THR A 318 -6.65 -17.50 20.39
CA THR A 318 -5.38 -18.14 20.71
C THR A 318 -5.62 -19.37 21.56
N PHE A 319 -4.57 -20.15 21.73
CA PHE A 319 -4.56 -21.21 22.71
C PHE A 319 -3.78 -20.74 23.93
N GLU A 320 -4.05 -21.38 25.07
CA GLU A 320 -3.35 -21.06 26.29
C GLU A 320 -2.97 -22.36 26.98
N LEU A 321 -1.70 -22.50 27.31
CA LEU A 321 -1.20 -23.72 27.93
C LEU A 321 -1.21 -23.55 29.44
N VAL A 322 -2.04 -24.34 30.11
CA VAL A 322 -2.09 -24.33 31.57
C VAL A 322 -1.40 -25.61 32.04
N PRO A 323 -0.16 -25.53 32.50
CA PRO A 323 0.60 -26.75 32.81
C PRO A 323 0.09 -27.43 34.07
N GLY A 324 0.67 -28.59 34.34
CA GLY A 324 0.24 -29.38 35.48
C GLY A 324 1.19 -30.52 35.74
N ASP A 325 0.71 -31.49 36.52
CA ASP A 325 1.51 -32.60 36.99
C ASP A 325 1.06 -33.91 36.36
N GLY A 326 1.96 -34.87 36.34
CA GLY A 326 1.64 -36.22 35.94
C GLY A 326 2.55 -36.70 34.84
N GLU A 327 2.15 -37.83 34.25
CA GLU A 327 2.90 -38.44 33.17
C GLU A 327 2.88 -37.55 31.93
N PRO A 328 3.95 -37.56 31.12
CA PRO A 328 3.95 -36.75 29.91
C PRO A 328 2.85 -37.17 28.95
N ARG A 329 2.32 -36.19 28.23
CA ARG A 329 1.19 -36.38 27.34
C ARG A 329 1.55 -35.88 25.96
N LYS A 330 0.83 -36.37 24.95
CA LYS A 330 1.05 -35.96 23.58
C LYS A 330 -0.23 -35.67 22.81
N GLU A 331 -1.39 -36.02 23.33
CA GLU A 331 -2.66 -35.68 22.71
C GLU A 331 -3.57 -35.08 23.76
N PHE A 332 -4.26 -34.01 23.39
CA PHE A 332 -5.10 -33.28 24.33
C PHE A 332 -6.49 -33.09 23.74
N VAL A 333 -7.39 -32.59 24.57
CA VAL A 333 -8.74 -32.23 24.16
C VAL A 333 -8.94 -30.79 24.53
N VAL A 334 -8.94 -29.91 23.53
CA VAL A 334 -9.05 -28.48 23.80
C VAL A 334 -10.44 -28.19 24.36
N VAL A 335 -10.47 -27.48 25.47
CA VAL A 335 -11.72 -27.14 26.15
C VAL A 335 -12.39 -26.01 25.39
N PRO A 336 -13.72 -25.96 25.36
CA PRO A 336 -14.41 -24.88 24.62
C PRO A 336 -14.18 -23.49 25.19
N GLY A 337 -13.37 -23.34 26.21
CA GLY A 337 -13.04 -22.02 26.75
C GLY A 337 -13.89 -21.58 27.92
N GLU A 338 -15.21 -21.57 27.75
CA GLU A 338 -16.10 -21.31 28.86
C GLU A 338 -16.46 -22.56 29.63
N LYS A 339 -16.57 -23.71 28.97
CA LYS A 339 -16.69 -24.96 29.69
C LYS A 339 -15.41 -25.32 30.44
N ALA A 340 -14.36 -24.51 30.32
CA ALA A 340 -13.22 -24.64 31.19
C ALA A 340 -13.64 -24.36 32.63
N LEU A 341 -12.71 -24.60 33.56
CA LEU A 341 -12.95 -24.59 34.99
C LEU A 341 -13.83 -25.75 35.42
N LEU A 342 -14.36 -26.51 34.47
CA LEU A 342 -14.95 -27.81 34.74
C LEU A 342 -13.93 -28.93 34.58
N HIS A 343 -12.92 -28.71 33.74
CA HIS A 343 -11.87 -29.69 33.51
C HIS A 343 -10.62 -29.41 34.32
N GLU A 344 -10.69 -28.46 35.26
CA GLU A 344 -9.58 -28.24 36.17
C GLU A 344 -9.34 -29.50 37.00
N PRO A 345 -8.13 -29.67 37.55
CA PRO A 345 -7.82 -30.90 38.29
C PRO A 345 -8.78 -31.17 39.43
N ASP A 346 -8.89 -30.22 40.35
CA ASP A 346 -9.83 -30.30 41.46
C ASP A 346 -10.89 -29.23 41.28
N VAL A 347 -12.15 -29.65 41.30
CA VAL A 347 -13.27 -28.72 41.13
C VAL A 347 -14.51 -29.43 41.62
N LEU A 348 -15.37 -28.68 42.31
CA LEU A 348 -16.64 -29.24 42.78
C LEU A 348 -17.68 -29.10 41.69
N THR A 349 -18.22 -30.21 41.23
CA THR A 349 -19.30 -30.22 40.25
C THR A 349 -20.59 -30.57 40.98
N LEU A 350 -21.39 -29.56 41.26
CA LEU A 350 -22.67 -29.71 41.94
C LEU A 350 -23.81 -29.62 40.94
N THR A 351 -24.94 -30.20 41.33
CA THR A 351 -26.15 -30.17 40.51
C THR A 351 -27.26 -29.54 41.33
N LEU A 352 -27.84 -28.46 40.84
CA LEU A 352 -28.91 -27.76 41.52
C LEU A 352 -30.21 -27.98 40.78
N THR A 353 -31.30 -28.12 41.53
CA THR A 353 -32.63 -28.26 40.95
C THR A 353 -33.47 -27.07 41.38
N ALA A 354 -34.40 -26.68 40.52
CA ALA A 354 -35.27 -25.54 40.83
C ALA A 354 -36.53 -25.67 40.02
N PRO A 355 -37.66 -25.19 40.53
CA PRO A 355 -38.89 -25.21 39.73
C PRO A 355 -38.78 -24.33 38.50
N GLU A 356 -38.40 -23.08 38.71
CA GLU A 356 -38.18 -22.13 37.62
C GLU A 356 -36.68 -21.97 37.38
N SER A 357 -36.33 -21.01 36.53
CA SER A 357 -34.94 -20.68 36.28
C SER A 357 -34.46 -19.44 36.99
N TYR A 358 -35.37 -18.57 37.45
CA TYR A 358 -35.03 -17.34 38.15
C TYR A 358 -34.04 -16.48 37.37
N GLY A 359 -33.98 -16.65 36.05
CA GLY A 359 -33.07 -15.87 35.24
C GLY A 359 -31.62 -16.27 35.35
N ILE A 360 -31.27 -17.21 36.21
CA ILE A 360 -29.89 -17.66 36.30
C ILE A 360 -29.51 -18.37 35.02
N ASP A 361 -28.40 -17.95 34.42
CA ASP A 361 -27.99 -18.46 33.12
C ASP A 361 -26.64 -19.17 33.23
N ALA A 362 -26.09 -19.54 32.07
CA ALA A 362 -24.86 -20.32 32.04
C ALA A 362 -23.70 -19.56 32.68
N GLY A 363 -23.29 -18.46 32.08
CA GLY A 363 -22.09 -17.79 32.54
C GLY A 363 -22.20 -17.08 33.87
N GLN A 364 -23.34 -17.14 34.54
CA GLN A 364 -23.54 -16.38 35.76
C GLN A 364 -22.65 -16.91 36.88
N PRO A 365 -22.27 -16.06 37.82
CA PRO A 365 -21.30 -16.45 38.84
C PRO A 365 -21.95 -16.99 40.11
N LEU A 366 -21.11 -17.62 40.93
CA LEU A 366 -21.49 -17.94 42.30
C LEU A 366 -20.86 -16.95 43.26
N ILE A 367 -21.53 -16.77 44.40
CA ILE A 367 -21.15 -15.75 45.36
C ILE A 367 -21.08 -16.39 46.74
N LEU A 368 -19.97 -16.15 47.44
CA LEU A 368 -19.78 -16.60 48.81
C LEU A 368 -19.19 -15.43 49.59
N HIS A 369 -19.93 -14.93 50.57
CA HIS A 369 -19.53 -13.76 51.34
C HIS A 369 -19.24 -12.57 50.44
N GLY A 370 -19.93 -12.48 49.30
CA GLY A 370 -19.69 -11.43 48.35
C GLY A 370 -18.57 -11.68 47.38
N VAL A 371 -17.86 -12.80 47.52
CA VAL A 371 -16.69 -13.10 46.70
C VAL A 371 -17.09 -14.06 45.59
N GLN A 372 -16.67 -13.75 44.37
CA GLN A 372 -16.73 -14.70 43.27
C GLN A 372 -16.03 -15.98 43.66
N VAL A 373 -16.72 -17.10 43.62
CA VAL A 373 -16.15 -18.39 44.02
C VAL A 373 -16.23 -19.39 42.88
N GLY A 374 -17.40 -19.58 42.29
CA GLY A 374 -17.53 -20.53 41.22
C GLY A 374 -18.28 -19.97 40.02
N GLN A 375 -18.92 -20.85 39.27
CA GLN A 375 -19.68 -20.44 38.10
C GLN A 375 -20.78 -21.45 37.84
N VAL A 376 -21.96 -20.95 37.47
CA VAL A 376 -22.90 -21.80 36.79
C VAL A 376 -22.27 -22.21 35.47
N ILE A 377 -22.69 -23.36 34.95
CA ILE A 377 -22.10 -23.83 33.71
C ILE A 377 -23.18 -24.03 32.66
N ASP A 378 -24.20 -24.83 32.99
CA ASP A 378 -25.30 -25.00 32.05
C ASP A 378 -26.63 -25.19 32.76
N ARG A 379 -27.69 -24.79 32.07
CA ARG A 379 -29.06 -25.10 32.44
C ARG A 379 -29.55 -26.28 31.63
N LYS A 380 -30.51 -27.01 32.17
CA LYS A 380 -31.20 -28.07 31.45
C LYS A 380 -32.65 -28.04 31.85
N LEU A 381 -33.54 -27.84 30.89
CA LEU A 381 -34.96 -27.83 31.16
C LEU A 381 -35.53 -29.23 31.06
N THR A 382 -36.33 -29.60 32.05
CA THR A 382 -36.90 -30.93 32.11
C THR A 382 -38.26 -30.82 32.79
N SER A 383 -39.07 -31.85 32.63
CA SER A 383 -40.40 -31.87 33.24
C SER A 383 -40.34 -31.61 34.74
N LYS A 384 -39.23 -31.96 35.39
CA LYS A 384 -39.06 -31.77 36.82
C LYS A 384 -38.37 -30.45 37.15
N GLY A 385 -38.53 -29.45 36.30
CA GLY A 385 -37.98 -28.13 36.54
C GLY A 385 -36.56 -27.98 36.01
N VAL A 386 -36.07 -26.74 36.12
CA VAL A 386 -34.74 -26.42 35.64
C VAL A 386 -33.69 -27.13 36.49
N THR A 387 -32.59 -27.52 35.86
CA THR A 387 -31.47 -28.14 36.54
C THR A 387 -30.19 -27.45 36.11
N PHE A 388 -29.50 -26.82 37.04
CA PHE A 388 -28.23 -26.18 36.78
C PHE A 388 -27.09 -27.10 37.15
N THR A 389 -25.96 -26.93 36.47
CA THR A 389 -24.71 -27.54 36.91
C THR A 389 -23.77 -26.42 37.31
N VAL A 390 -22.97 -26.65 38.34
CA VAL A 390 -22.23 -25.58 39.02
C VAL A 390 -20.83 -26.09 39.32
N ALA A 391 -19.83 -25.23 39.15
CA ALA A 391 -18.44 -25.58 39.41
C ALA A 391 -17.87 -24.63 40.44
N ILE A 392 -17.42 -25.19 41.56
CA ILE A 392 -16.71 -24.47 42.60
C ILE A 392 -15.22 -24.65 42.38
N GLU A 393 -14.48 -23.53 42.37
CA GLU A 393 -13.05 -23.55 42.14
C GLU A 393 -12.33 -24.31 43.25
N PRO A 394 -11.13 -24.84 42.97
CA PRO A 394 -10.43 -25.63 43.99
C PRO A 394 -9.97 -24.83 45.19
N GLN A 395 -9.51 -23.59 44.99
CA GLN A 395 -8.99 -22.84 46.12
C GLN A 395 -10.06 -22.58 47.18
N HIS A 396 -11.30 -22.36 46.74
CA HIS A 396 -12.42 -22.19 47.66
C HIS A 396 -13.24 -23.46 47.83
N ARG A 397 -12.69 -24.61 47.43
CA ARG A 397 -13.46 -25.84 47.50
C ARG A 397 -13.80 -26.21 48.94
N GLU A 398 -12.82 -26.10 49.85
CA GLU A 398 -13.03 -26.55 51.22
C GLU A 398 -13.97 -25.65 52.01
N LEU A 399 -14.39 -24.51 51.45
CA LEU A 399 -15.30 -23.63 52.16
C LEU A 399 -16.71 -24.19 52.17
N VAL A 400 -17.28 -24.44 50.98
CA VAL A 400 -18.57 -25.11 50.90
C VAL A 400 -18.39 -26.56 51.34
N LYS A 401 -19.08 -26.94 52.41
CA LYS A 401 -18.83 -28.22 53.06
C LYS A 401 -20.14 -28.94 53.38
N GLY A 402 -21.02 -29.06 52.40
CA GLY A 402 -22.20 -29.89 52.60
C GLY A 402 -23.48 -29.13 52.86
N ASP A 403 -23.89 -29.06 54.12
CA ASP A 403 -25.19 -28.52 54.49
C ASP A 403 -25.39 -27.07 54.04
N SER A 404 -24.33 -26.46 53.51
CA SER A 404 -24.46 -25.13 52.92
C SER A 404 -25.57 -25.11 51.88
N LYS A 405 -26.30 -24.01 51.83
CA LYS A 405 -27.46 -23.88 50.95
C LYS A 405 -27.16 -22.90 49.83
N PHE A 406 -28.07 -22.86 48.85
CA PHE A 406 -27.91 -22.03 47.67
C PHE A 406 -29.15 -21.19 47.48
N VAL A 407 -28.96 -19.91 47.20
CA VAL A 407 -30.04 -18.93 47.11
C VAL A 407 -29.89 -18.17 45.80
N VAL A 408 -31.02 -17.74 45.24
CA VAL A 408 -30.96 -16.88 44.07
C VAL A 408 -30.44 -15.51 44.50
N ASN A 409 -29.23 -15.17 44.08
CA ASN A 409 -28.63 -13.90 44.47
C ASN A 409 -29.38 -12.73 43.83
N SER A 410 -29.67 -11.72 44.63
CA SER A 410 -30.36 -10.53 44.14
C SER A 410 -30.18 -9.37 45.11
N GLY A 434 -26.12 -10.84 38.83
CA GLY A 434 -26.99 -11.89 39.33
C GLY A 434 -26.23 -13.05 39.92
N GLY A 435 -26.61 -14.26 39.55
CA GLY A 435 -25.91 -15.44 39.98
C GLY A 435 -26.56 -16.12 41.16
N ILE A 436 -25.82 -17.06 41.73
CA ILE A 436 -26.27 -17.86 42.86
C ILE A 436 -25.41 -17.52 44.06
N ARG A 437 -26.04 -17.18 45.17
CA ARG A 437 -25.34 -16.83 46.40
C ARG A 437 -25.32 -18.05 47.33
N ILE A 438 -24.16 -18.37 47.87
CA ILE A 438 -24.00 -19.53 48.74
C ILE A 438 -24.13 -19.09 50.18
N LEU A 439 -24.96 -19.79 50.94
CA LEU A 439 -25.00 -19.65 52.39
C LEU A 439 -24.17 -20.77 52.97
N PRO A 440 -22.93 -20.52 53.39
CA PRO A 440 -22.06 -21.61 53.81
C PRO A 440 -22.53 -22.20 55.13
N GLY A 441 -22.26 -23.49 55.30
CA GLY A 441 -22.57 -24.16 56.55
C GLY A 441 -21.32 -24.77 57.15
N ASP A 442 -21.48 -25.34 58.32
CA ASP A 442 -20.39 -26.00 59.02
C ASP A 442 -20.16 -27.39 58.43
N LYS A 443 -19.46 -28.25 59.19
CA LYS A 443 -19.13 -29.58 58.72
C LYS A 443 -20.36 -30.28 58.12
N GLY A 444 -20.11 -31.10 57.11
CA GLY A 444 -21.14 -31.83 56.41
C GLY A 444 -20.56 -32.48 55.18
N GLU A 445 -21.17 -33.54 54.68
CA GLU A 445 -20.66 -34.21 53.50
C GLU A 445 -21.35 -33.67 52.25
N MET A 446 -20.58 -33.50 51.18
CA MET A 446 -21.12 -32.98 49.93
C MET A 446 -22.13 -33.94 49.34
N LYS A 447 -23.37 -33.48 49.20
CA LYS A 447 -24.45 -34.32 48.69
C LYS A 447 -24.30 -34.48 47.18
N ALA A 448 -25.29 -35.13 46.57
CA ALA A 448 -25.29 -35.31 45.12
C ALA A 448 -25.93 -34.13 44.39
N SER A 449 -27.00 -33.59 44.94
CA SER A 449 -27.68 -32.46 44.33
C SER A 449 -28.35 -31.62 45.41
N TYR A 450 -28.23 -30.32 45.29
CA TYR A 450 -28.79 -29.41 46.27
C TYR A 450 -29.94 -28.60 45.66
N PRO A 451 -31.01 -28.36 46.40
CA PRO A 451 -32.08 -27.53 45.86
C PRO A 451 -31.71 -26.07 45.90
N LEU A 452 -32.03 -25.37 44.81
CA LEU A 452 -31.79 -23.94 44.72
C LEU A 452 -33.03 -23.22 45.22
N TYR A 453 -32.93 -22.62 46.41
CA TYR A 453 -34.07 -21.93 46.99
C TYR A 453 -34.29 -20.59 46.28
N ALA A 454 -35.43 -19.98 46.55
CA ALA A 454 -35.64 -18.58 46.24
C ALA A 454 -34.90 -17.77 47.29
N ASN A 455 -35.19 -16.47 47.38
CA ASN A 455 -34.45 -15.60 48.28
C ASN A 455 -34.53 -16.11 49.72
N LEU A 456 -33.63 -15.58 50.55
CA LEU A 456 -33.29 -16.17 51.85
C LEU A 456 -34.50 -16.50 52.71
N GLU A 457 -35.62 -15.79 52.52
CA GLU A 457 -36.80 -16.03 53.35
C GLU A 457 -37.25 -17.48 53.30
N LYS A 458 -37.04 -18.15 52.16
CA LYS A 458 -37.42 -19.55 52.03
C LYS A 458 -36.27 -20.49 52.35
N ALA A 459 -35.02 -20.02 52.23
CA ALA A 459 -33.88 -20.89 52.50
C ALA A 459 -33.66 -21.05 54.00
N LEU A 460 -33.68 -19.95 54.75
CA LEU A 460 -33.41 -20.02 56.18
C LEU A 460 -34.55 -20.71 56.93
N GLU A 461 -35.79 -20.53 56.47
CA GLU A 461 -36.92 -21.16 57.14
C GLU A 461 -36.90 -22.67 57.00
N ASN A 462 -36.14 -23.21 56.05
CA ASN A 462 -36.07 -24.65 55.88
C ASN A 462 -35.42 -25.31 57.10
N SER A 463 -34.42 -24.65 57.69
CA SER A 463 -33.75 -25.17 58.87
C SER A 463 -34.57 -24.96 60.14
N LEU A 464 -35.63 -24.16 60.09
CA LEU A 464 -36.46 -23.90 61.26
C LEU A 464 -37.91 -24.25 60.98
N GLY B 1 21.84 -23.91 -55.81
CA GLY B 1 20.55 -24.28 -55.25
C GLY B 1 19.38 -23.86 -56.11
N ASN B 2 18.17 -24.12 -55.63
CA ASN B 2 16.97 -23.77 -56.37
C ASN B 2 16.62 -22.30 -56.17
N THR B 3 15.45 -21.90 -56.65
CA THR B 3 14.98 -20.53 -56.55
C THR B 3 13.47 -20.53 -56.68
N VAL B 4 12.80 -19.75 -55.83
CA VAL B 4 11.35 -19.73 -55.77
C VAL B 4 10.88 -18.32 -55.44
N THR B 5 9.65 -18.02 -55.83
CA THR B 5 9.06 -16.70 -55.61
C THR B 5 7.84 -16.83 -54.72
N ILE B 6 7.89 -16.20 -53.56
CA ILE B 6 6.78 -16.17 -52.62
C ILE B 6 6.09 -14.82 -52.73
N ASP B 7 4.78 -14.82 -52.50
CA ASP B 7 3.97 -13.61 -52.58
C ASP B 7 3.56 -13.21 -51.17
N PHE B 8 4.17 -12.16 -50.66
CA PHE B 8 3.85 -11.59 -49.36
C PHE B 8 3.01 -10.33 -49.53
N MET B 9 2.23 -10.03 -48.49
CA MET B 9 1.43 -8.80 -48.47
C MET B 9 2.19 -7.61 -47.91
N SER B 10 3.29 -7.86 -47.20
CA SER B 10 4.07 -6.77 -46.61
C SER B 10 5.46 -7.28 -46.33
N ALA B 11 6.47 -6.69 -46.96
CA ALA B 11 7.85 -7.11 -46.77
C ALA B 11 8.51 -6.38 -45.61
N ASP B 12 7.88 -6.43 -44.44
CA ASP B 12 8.40 -5.79 -43.24
C ASP B 12 9.06 -6.84 -42.37
N GLY B 13 10.34 -6.64 -42.05
CA GLY B 13 11.12 -7.60 -41.31
C GLY B 13 11.99 -8.49 -42.18
N ILE B 14 11.67 -8.59 -43.46
CA ILE B 14 12.44 -9.42 -44.39
C ILE B 14 13.56 -8.59 -44.99
N VAL B 15 14.79 -9.04 -44.82
CA VAL B 15 15.95 -8.37 -45.39
C VAL B 15 16.70 -9.35 -46.27
N PRO B 16 17.17 -8.94 -47.45
CA PRO B 16 17.81 -9.90 -48.36
C PRO B 16 19.14 -10.38 -47.82
N GLY B 17 19.48 -11.62 -48.18
CA GLY B 17 20.77 -12.18 -47.82
C GLY B 17 20.84 -12.67 -46.39
N ARG B 18 20.06 -12.09 -45.49
CA ARG B 18 20.13 -12.42 -44.07
C ARG B 18 19.00 -13.32 -43.61
N THR B 19 17.77 -12.99 -43.94
CA THR B 19 16.62 -13.73 -43.44
C THR B 19 16.62 -15.17 -43.94
N PRO B 20 16.66 -16.16 -43.07
CA PRO B 20 16.68 -17.55 -43.51
C PRO B 20 15.28 -18.11 -43.67
N VAL B 21 15.22 -19.26 -44.34
CA VAL B 21 13.97 -19.98 -44.57
C VAL B 21 14.20 -21.38 -44.01
N ARG B 22 13.79 -21.60 -42.78
CA ARG B 22 14.12 -22.82 -42.06
C ARG B 22 12.90 -23.71 -41.90
N TYR B 23 13.14 -25.01 -41.93
CA TYR B 23 12.12 -26.02 -41.69
C TYR B 23 12.45 -26.72 -40.38
N GLN B 24 11.55 -26.62 -39.40
CA GLN B 24 11.71 -27.17 -38.06
C GLN B 24 13.15 -27.00 -37.56
N GLY B 25 13.57 -25.76 -37.52
CA GLY B 25 14.89 -25.41 -36.98
C GLY B 25 16.02 -25.27 -37.96
N VAL B 26 16.23 -26.28 -38.80
CA VAL B 26 17.38 -26.26 -39.70
C VAL B 26 17.14 -25.26 -40.82
N GLU B 27 18.10 -24.34 -41.00
CA GLU B 27 18.02 -23.39 -42.09
C GLU B 27 18.10 -24.12 -43.43
N VAL B 28 17.25 -23.74 -44.36
CA VAL B 28 17.20 -24.40 -45.66
C VAL B 28 17.48 -23.40 -46.76
N GLY B 29 16.62 -22.41 -46.91
CA GLY B 29 16.76 -21.39 -47.93
C GLY B 29 17.21 -20.06 -47.36
N THR B 30 17.43 -19.12 -48.27
CA THR B 30 17.84 -17.78 -47.88
C THR B 30 17.17 -16.77 -48.78
N VAL B 31 16.67 -15.69 -48.20
CA VAL B 31 16.02 -14.65 -48.97
C VAL B 31 17.05 -14.00 -49.89
N GLN B 32 16.82 -14.11 -51.19
CA GLN B 32 17.74 -13.51 -52.15
C GLN B 32 17.48 -12.01 -52.29
N ASP B 33 16.26 -11.63 -52.67
CA ASP B 33 15.91 -10.23 -52.75
C ASP B 33 14.40 -10.06 -52.75
N ILE B 34 13.97 -8.91 -52.29
CA ILE B 34 12.56 -8.52 -52.30
C ILE B 34 12.34 -7.58 -53.48
N SER B 35 11.19 -7.70 -54.13
CA SER B 35 10.88 -6.82 -55.25
C SER B 35 9.38 -6.64 -55.34
N LEU B 36 8.95 -5.44 -55.70
CA LEU B 36 7.53 -5.22 -55.89
C LEU B 36 7.07 -5.84 -57.20
N SER B 37 5.78 -6.14 -57.26
CA SER B 37 5.19 -6.63 -58.49
C SER B 37 5.17 -5.54 -59.54
N ASP B 38 4.70 -5.88 -60.74
CA ASP B 38 4.59 -4.89 -61.80
C ASP B 38 3.61 -3.79 -61.44
N ASP B 39 2.44 -4.16 -60.90
CA ASP B 39 1.45 -3.19 -60.47
C ASP B 39 1.74 -2.61 -59.10
N LEU B 40 2.87 -2.97 -58.49
CA LEU B 40 3.24 -2.48 -57.15
C LEU B 40 2.13 -2.74 -56.14
N ARG B 41 1.54 -3.93 -56.21
CA ARG B 41 0.44 -4.29 -55.33
C ARG B 41 0.73 -5.49 -54.44
N LYS B 42 1.66 -6.36 -54.82
CA LYS B 42 2.04 -7.50 -54.00
C LYS B 42 3.55 -7.63 -54.01
N ILE B 43 4.09 -8.21 -52.94
CA ILE B 43 5.53 -8.31 -52.74
C ILE B 43 6.00 -9.68 -53.20
N GLU B 44 7.00 -9.72 -54.08
CA GLU B 44 7.59 -10.96 -54.55
C GLU B 44 8.95 -11.11 -53.89
N VAL B 45 9.09 -12.13 -53.06
CA VAL B 45 10.34 -12.45 -52.38
C VAL B 45 10.98 -13.63 -53.08
N LYS B 46 12.27 -13.53 -53.36
CA LYS B 46 13.00 -14.61 -54.02
C LYS B 46 13.82 -15.38 -52.99
N VAL B 47 13.62 -16.69 -52.96
CA VAL B 47 14.25 -17.56 -51.98
C VAL B 47 15.12 -18.56 -52.73
N SER B 48 16.26 -18.91 -52.14
CA SER B 48 17.20 -19.87 -52.71
C SER B 48 17.20 -21.12 -51.82
N ILE B 49 16.32 -22.07 -52.14
CA ILE B 49 16.28 -23.32 -51.40
C ILE B 49 17.52 -24.15 -51.71
N LYS B 50 17.90 -25.00 -50.76
CA LYS B 50 19.04 -25.89 -50.97
C LYS B 50 18.81 -26.76 -52.19
N SER B 51 19.91 -27.15 -52.83
CA SER B 51 19.83 -27.97 -54.04
C SER B 51 19.43 -29.41 -53.74
N ASP B 52 19.35 -29.80 -52.47
CA ASP B 52 18.91 -31.14 -52.12
C ASP B 52 17.44 -31.22 -51.75
N MET B 53 16.85 -30.12 -51.27
CA MET B 53 15.44 -30.09 -50.90
C MET B 53 14.60 -29.59 -52.07
N LYS B 54 14.77 -30.25 -53.22
CA LYS B 54 14.01 -29.92 -54.41
C LYS B 54 12.68 -30.65 -54.48
N ASP B 55 12.45 -31.62 -53.60
CA ASP B 55 11.20 -32.35 -53.55
C ASP B 55 10.29 -31.88 -52.44
N ALA B 56 10.66 -30.79 -51.75
CA ALA B 56 9.82 -30.25 -50.69
C ALA B 56 8.89 -29.15 -51.18
N LEU B 57 9.28 -28.42 -52.21
CA LEU B 57 8.48 -27.33 -52.75
C LEU B 57 7.57 -27.82 -53.88
N ARG B 58 6.77 -28.83 -53.56
CA ARG B 58 6.08 -29.55 -54.62
C ARG B 58 4.81 -28.82 -55.08
N GLU B 59 3.75 -28.86 -54.27
CA GLU B 59 2.57 -28.05 -54.57
C GLU B 59 1.96 -27.39 -53.35
N GLU B 60 1.91 -28.13 -52.25
CA GLU B 60 1.23 -27.69 -51.05
C GLU B 60 2.20 -27.14 -50.01
N THR B 61 3.47 -27.02 -50.37
CA THR B 61 4.44 -26.39 -49.48
C THR B 61 3.97 -25.00 -49.11
N GLN B 62 3.77 -24.78 -47.82
CA GLN B 62 3.28 -23.51 -47.31
C GLN B 62 4.42 -22.72 -46.72
N PHE B 63 4.46 -21.43 -47.04
CA PHE B 63 5.45 -20.51 -46.51
C PHE B 63 4.75 -19.44 -45.71
N TRP B 64 5.32 -19.11 -44.54
CA TRP B 64 4.77 -18.03 -43.75
C TRP B 64 5.90 -17.31 -43.04
N LEU B 65 5.60 -16.13 -42.53
CA LEU B 65 6.58 -15.31 -41.83
C LEU B 65 6.36 -15.41 -40.33
N VAL B 66 7.44 -15.57 -39.59
CA VAL B 66 7.37 -15.71 -38.14
C VAL B 66 7.93 -14.46 -37.49
N THR B 67 7.79 -14.39 -36.17
CA THR B 67 8.17 -13.23 -35.38
C THR B 67 8.79 -13.72 -34.07
N PRO B 68 9.55 -12.86 -33.38
CA PRO B 68 10.25 -13.32 -32.18
C PRO B 68 9.39 -13.36 -30.93
N LYS B 69 8.07 -13.34 -31.09
CA LYS B 69 7.03 -13.54 -30.07
C LYS B 69 6.81 -12.30 -29.20
N ALA B 70 7.61 -11.25 -29.33
CA ALA B 70 7.38 -9.96 -28.67
C ALA B 70 7.13 -10.12 -27.16
N SER B 71 8.18 -10.57 -26.47
CA SER B 71 8.09 -10.87 -25.05
C SER B 71 8.90 -9.83 -24.27
N LEU B 72 8.24 -8.70 -23.99
CA LEU B 72 8.74 -7.66 -23.08
C LEU B 72 9.98 -6.96 -23.63
N ALA B 73 10.50 -7.45 -24.75
CA ALA B 73 11.61 -6.80 -25.42
C ALA B 73 11.24 -6.22 -26.76
N GLY B 74 10.14 -6.66 -27.35
CA GLY B 74 9.62 -6.06 -28.56
C GLY B 74 8.59 -5.00 -28.22
N VAL B 75 7.92 -5.16 -27.09
CA VAL B 75 6.93 -4.16 -26.68
C VAL B 75 7.60 -2.94 -26.08
N SER B 76 8.74 -3.11 -25.43
CA SER B 76 9.48 -1.99 -24.84
C SER B 76 10.58 -1.52 -25.79
N GLY B 77 10.18 -1.18 -27.01
CA GLY B 77 11.16 -0.79 -28.01
C GLY B 77 12.11 -1.94 -28.29
N LEU B 78 13.41 -1.67 -28.15
CA LEU B 78 14.47 -2.66 -28.30
C LEU B 78 14.26 -3.51 -29.55
N ASP B 79 14.10 -2.84 -30.69
CA ASP B 79 13.82 -3.54 -31.94
C ASP B 79 15.01 -4.39 -32.38
N ALA B 80 16.17 -3.76 -32.54
CA ALA B 80 17.34 -4.47 -33.02
C ALA B 80 18.05 -5.20 -31.89
N LEU B 81 17.30 -5.99 -31.13
CA LEU B 81 17.89 -6.78 -30.05
C LEU B 81 17.29 -8.18 -29.96
N VAL B 82 16.29 -8.53 -30.76
CA VAL B 82 15.62 -9.82 -30.67
C VAL B 82 15.24 -10.30 -32.07
N GLY B 83 15.35 -11.62 -32.26
CA GLY B 83 14.76 -12.29 -33.40
C GLY B 83 15.32 -11.95 -34.77
N GLY B 84 14.90 -12.71 -35.78
CA GLY B 84 15.33 -12.45 -37.13
C GLY B 84 14.22 -12.58 -38.16
N ASN B 85 13.04 -13.00 -37.73
CA ASN B 85 11.87 -13.13 -38.60
C ASN B 85 12.16 -14.04 -39.79
N TYR B 86 12.43 -15.31 -39.49
CA TYR B 86 12.69 -16.26 -40.56
C TYR B 86 11.39 -16.60 -41.28
N ILE B 87 11.50 -17.40 -42.33
CA ILE B 87 10.37 -17.82 -43.15
C ILE B 87 10.15 -19.30 -42.90
N GLY B 88 9.09 -19.64 -42.17
CA GLY B 88 8.77 -21.03 -41.96
C GLY B 88 8.19 -21.67 -43.21
N MET B 89 8.55 -22.94 -43.39
CA MET B 89 8.18 -23.69 -44.58
C MET B 89 7.68 -25.07 -44.16
N MET B 90 6.65 -25.55 -44.85
CA MET B 90 6.09 -26.88 -44.61
C MET B 90 5.93 -27.58 -45.95
N PRO B 91 6.59 -28.72 -46.16
CA PRO B 91 6.58 -29.35 -47.49
C PRO B 91 5.19 -29.80 -47.90
N GLY B 92 5.00 -29.90 -49.22
CA GLY B 92 3.72 -30.24 -49.81
C GLY B 92 3.69 -31.63 -50.42
N LYS B 93 2.58 -31.92 -51.10
CA LYS B 93 2.34 -33.28 -51.58
C LYS B 93 3.04 -33.54 -52.91
N GLY B 94 2.61 -32.88 -53.99
CA GLY B 94 3.32 -33.06 -55.24
C GLY B 94 2.96 -32.13 -56.39
N LYS B 95 3.98 -31.46 -56.93
CA LYS B 95 3.95 -30.77 -58.21
C LYS B 95 5.35 -30.22 -58.50
N GLU B 96 5.48 -29.44 -59.57
CA GLU B 96 6.71 -28.71 -59.86
C GLU B 96 6.53 -27.22 -59.63
N GLN B 97 5.80 -26.86 -58.58
CA GLN B 97 5.47 -25.46 -58.33
C GLN B 97 6.70 -24.68 -57.92
N ASP B 98 6.80 -23.45 -58.41
CA ASP B 98 7.91 -22.56 -58.06
C ASP B 98 7.44 -21.13 -57.79
N HIS B 99 6.15 -20.94 -57.49
CA HIS B 99 5.64 -19.60 -57.19
C HIS B 99 4.52 -19.78 -56.17
N PHE B 100 4.75 -19.32 -54.95
CA PHE B 100 3.86 -19.58 -53.83
C PHE B 100 3.20 -18.30 -53.35
N VAL B 101 2.22 -18.48 -52.47
CA VAL B 101 1.55 -17.38 -51.79
C VAL B 101 1.78 -17.56 -50.30
N ALA B 102 2.35 -16.55 -49.66
CA ALA B 102 2.68 -16.67 -48.25
C ALA B 102 1.41 -16.77 -47.42
N LEU B 103 1.39 -17.72 -46.50
CA LEU B 103 0.30 -17.79 -45.54
C LEU B 103 0.42 -16.67 -44.52
N ASP B 104 -0.73 -16.19 -44.06
CA ASP B 104 -0.77 -15.13 -43.06
C ASP B 104 -0.60 -15.64 -41.64
N THR B 105 -0.68 -16.95 -41.44
CA THR B 105 -0.43 -17.55 -40.14
C THR B 105 0.12 -18.95 -40.35
N GLN B 106 0.79 -19.47 -39.33
CA GLN B 106 1.34 -20.81 -39.44
C GLN B 106 0.22 -21.84 -39.53
N PRO B 107 0.42 -22.90 -40.30
CA PRO B 107 -0.65 -23.89 -40.49
C PRO B 107 -0.88 -24.73 -39.24
N LYS B 108 -1.76 -25.71 -39.34
CA LYS B 108 -2.01 -26.62 -38.23
C LYS B 108 -0.77 -27.43 -37.91
N TYR B 109 -0.85 -28.20 -36.84
CA TYR B 109 0.25 -29.05 -36.39
C TYR B 109 0.11 -30.40 -37.08
N ARG B 110 0.91 -30.61 -38.12
CA ARG B 110 0.87 -31.85 -38.88
C ARG B 110 1.96 -32.84 -38.47
N LEU B 111 2.89 -32.42 -37.61
CA LEU B 111 4.00 -33.28 -37.24
C LEU B 111 3.51 -34.48 -36.45
N ASP B 112 4.43 -35.41 -36.19
CA ASP B 112 4.12 -36.58 -35.36
C ASP B 112 5.42 -37.02 -34.70
N ASN B 113 5.62 -36.61 -33.44
CA ASN B 113 6.80 -36.98 -32.67
C ASN B 113 6.43 -37.70 -31.40
N GLY B 114 5.21 -38.24 -31.33
CA GLY B 114 4.73 -38.84 -30.11
C GLY B 114 4.33 -37.87 -29.02
N ASP B 115 4.45 -36.57 -29.26
CA ASP B 115 4.06 -35.56 -28.29
C ASP B 115 2.62 -35.14 -28.54
N LEU B 116 1.93 -34.77 -27.47
CA LEU B 116 0.52 -34.49 -27.55
C LEU B 116 0.25 -33.07 -28.03
N MET B 117 -0.82 -32.92 -28.79
CA MET B 117 -1.42 -31.61 -29.03
C MET B 117 -2.86 -31.66 -28.57
N ILE B 118 -3.20 -30.85 -27.59
CA ILE B 118 -4.55 -30.79 -27.06
C ILE B 118 -5.07 -29.37 -27.26
N HIS B 119 -6.39 -29.24 -27.19
CA HIS B 119 -7.05 -27.96 -27.40
C HIS B 119 -7.68 -27.52 -26.09
N LEU B 120 -7.67 -26.23 -25.85
CA LEU B 120 -8.27 -25.63 -24.66
C LEU B 120 -9.26 -24.57 -25.08
N GLN B 121 -10.53 -24.78 -24.76
CA GLN B 121 -11.51 -23.73 -24.95
C GLN B 121 -11.32 -22.66 -23.90
N ALA B 122 -11.63 -21.42 -24.26
CA ALA B 122 -11.51 -20.34 -23.30
C ALA B 122 -12.48 -19.24 -23.68
N PRO B 123 -12.93 -18.43 -22.71
CA PRO B 123 -13.74 -17.26 -23.08
C PRO B 123 -12.91 -16.20 -23.78
N ASP B 124 -11.64 -16.08 -23.44
CA ASP B 124 -10.73 -15.17 -24.11
C ASP B 124 -9.32 -15.69 -23.91
N LEU B 125 -8.38 -15.09 -24.64
CA LEU B 125 -7.01 -15.57 -24.60
C LEU B 125 -6.36 -15.39 -23.24
N GLY B 126 -6.83 -14.45 -22.44
CA GLY B 126 -6.06 -14.14 -21.25
C GLY B 126 -4.73 -13.53 -21.67
N SER B 127 -3.80 -13.54 -20.73
CA SER B 127 -2.45 -13.03 -21.05
C SER B 127 -1.53 -14.15 -21.50
N LEU B 128 -1.99 -14.92 -22.48
CA LEU B 128 -1.20 -15.98 -23.09
C LEU B 128 -0.76 -15.57 -24.48
N ASN B 129 0.20 -16.30 -25.00
CA ASN B 129 0.72 -16.06 -26.34
C ASN B 129 1.62 -17.23 -26.70
N SER B 130 1.95 -17.34 -27.99
CA SER B 130 2.78 -18.43 -28.46
C SER B 130 4.11 -18.43 -27.71
N GLY B 131 4.34 -19.45 -26.90
CA GLY B 131 5.52 -19.52 -26.05
C GLY B 131 5.22 -19.55 -24.58
N SER B 132 3.99 -19.29 -24.16
CA SER B 132 3.65 -19.45 -22.76
C SER B 132 3.80 -20.90 -22.36
N LEU B 133 4.31 -21.14 -21.15
CA LEU B 133 4.63 -22.48 -20.73
C LEU B 133 3.44 -23.16 -20.07
N VAL B 134 3.38 -24.47 -20.22
CA VAL B 134 2.41 -25.31 -19.53
C VAL B 134 3.15 -26.05 -18.44
N TYR B 135 2.59 -26.03 -17.24
CA TYR B 135 3.26 -26.55 -16.05
C TYR B 135 2.52 -27.73 -15.48
N PHE B 136 3.28 -28.68 -14.96
CA PHE B 136 2.80 -29.72 -14.06
C PHE B 136 3.70 -29.69 -12.85
N ARG B 137 3.12 -29.38 -11.68
CA ARG B 137 3.90 -29.21 -10.46
C ARG B 137 4.96 -28.12 -10.63
N LYS B 138 4.59 -27.09 -11.38
CA LYS B 138 5.48 -25.98 -11.72
C LYS B 138 6.72 -26.44 -12.48
N ILE B 139 6.66 -27.61 -13.10
CA ILE B 139 7.67 -28.13 -14.00
C ILE B 139 7.17 -27.92 -15.43
N PRO B 140 7.91 -27.21 -16.29
CA PRO B 140 7.41 -26.97 -17.65
C PRO B 140 7.43 -28.25 -18.47
N VAL B 141 6.24 -28.65 -18.95
CA VAL B 141 6.07 -29.87 -19.72
C VAL B 141 5.49 -29.62 -21.09
N GLY B 142 5.34 -28.36 -21.47
CA GLY B 142 4.76 -28.07 -22.77
C GLY B 142 4.80 -26.60 -23.07
N LYS B 143 4.00 -26.19 -24.05
CA LYS B 143 3.98 -24.80 -24.45
C LYS B 143 2.74 -24.55 -25.29
N VAL B 144 2.28 -23.30 -25.27
CA VAL B 144 1.17 -22.89 -26.12
C VAL B 144 1.66 -22.83 -27.55
N TYR B 145 1.06 -23.63 -28.43
CA TYR B 145 1.50 -23.65 -29.82
C TYR B 145 0.96 -22.43 -30.58
N ASP B 146 -0.35 -22.32 -30.68
CA ASP B 146 -0.97 -21.15 -31.29
C ASP B 146 -2.43 -21.11 -30.90
N TYR B 147 -3.03 -19.93 -31.07
CA TYR B 147 -4.40 -19.70 -30.67
C TYR B 147 -5.22 -19.24 -31.87
N ALA B 148 -6.50 -19.58 -31.84
CA ALA B 148 -7.41 -19.17 -32.89
C ALA B 148 -8.72 -18.72 -32.25
N ILE B 149 -9.53 -18.03 -33.02
CA ILE B 149 -10.84 -17.60 -32.57
C ILE B 149 -11.85 -18.67 -32.93
N ASN B 150 -12.69 -19.02 -31.97
CA ASN B 150 -13.70 -20.05 -32.20
C ASN B 150 -14.60 -19.62 -33.36
N PRO B 151 -14.92 -20.52 -34.30
CA PRO B 151 -15.77 -20.13 -35.44
C PRO B 151 -17.01 -19.34 -35.06
N ASN B 152 -17.67 -19.69 -33.96
CA ASN B 152 -18.87 -18.96 -33.55
C ASN B 152 -18.55 -17.66 -32.83
N LYS B 153 -17.28 -17.24 -32.81
CA LYS B 153 -16.82 -16.00 -32.20
C LYS B 153 -17.12 -15.92 -30.71
N GLN B 154 -17.58 -17.00 -30.10
CA GLN B 154 -17.96 -16.96 -28.69
C GLN B 154 -16.80 -17.21 -27.75
N GLY B 155 -15.71 -17.78 -28.24
CA GLY B 155 -14.55 -17.99 -27.41
C GLY B 155 -13.28 -18.10 -28.23
N VAL B 156 -12.21 -18.59 -27.63
CA VAL B 156 -10.97 -18.86 -28.34
C VAL B 156 -10.56 -20.30 -28.06
N VAL B 157 -9.72 -20.82 -28.95
CA VAL B 157 -9.18 -22.17 -28.84
C VAL B 157 -7.67 -22.06 -28.82
N ILE B 158 -7.06 -22.51 -27.74
CA ILE B 158 -5.61 -22.54 -27.60
C ILE B 158 -5.13 -23.94 -27.91
N ASP B 159 -3.96 -24.05 -28.53
CA ASP B 159 -3.39 -25.35 -28.87
C ASP B 159 -2.15 -25.56 -28.03
N VAL B 160 -2.23 -26.49 -27.09
CA VAL B 160 -1.13 -26.80 -26.18
C VAL B 160 -0.38 -28.01 -26.70
N LEU B 161 0.94 -27.94 -26.68
CA LEU B 161 1.80 -29.01 -27.18
C LEU B 161 2.58 -29.59 -26.01
N ILE B 162 2.11 -30.71 -25.48
CA ILE B 162 2.79 -31.38 -24.39
C ILE B 162 3.91 -32.24 -24.96
N GLU B 163 5.12 -32.05 -24.43
CA GLU B 163 6.30 -32.74 -24.96
C GLU B 163 6.17 -34.24 -24.80
N ARG B 164 7.06 -34.96 -25.49
CA ARG B 164 6.89 -36.39 -25.68
C ARG B 164 7.00 -37.15 -24.36
N ARG B 165 8.02 -36.86 -23.59
CA ARG B 165 8.23 -37.66 -22.39
C ARG B 165 7.29 -37.34 -21.27
N PHE B 166 6.28 -36.50 -21.48
CA PHE B 166 5.34 -36.12 -20.45
C PHE B 166 3.90 -36.43 -20.80
N THR B 167 3.65 -37.14 -21.90
CA THR B 167 2.28 -37.36 -22.35
C THR B 167 1.48 -38.25 -21.40
N ASP B 168 2.13 -38.91 -20.44
CA ASP B 168 1.37 -39.67 -19.46
C ASP B 168 0.68 -38.76 -18.44
N LEU B 169 1.04 -37.48 -18.40
CA LEU B 169 0.46 -36.60 -17.40
C LEU B 169 -0.94 -36.18 -17.78
N VAL B 170 -1.19 -35.93 -19.06
CA VAL B 170 -2.47 -35.41 -19.51
C VAL B 170 -3.47 -36.57 -19.53
N LYS B 171 -4.23 -36.72 -18.45
CA LYS B 171 -5.29 -37.71 -18.40
C LYS B 171 -6.57 -37.11 -18.96
N LYS B 172 -7.49 -37.99 -19.36
CA LYS B 172 -8.76 -37.51 -19.89
C LYS B 172 -9.57 -36.76 -18.86
N GLY B 173 -9.21 -36.83 -17.58
CA GLY B 173 -9.92 -36.08 -16.56
C GLY B 173 -9.07 -34.98 -15.96
N SER B 174 -8.07 -34.52 -16.71
CA SER B 174 -7.24 -33.43 -16.22
C SER B 174 -8.00 -32.11 -16.28
N ARG B 175 -7.42 -31.09 -15.66
CA ARG B 175 -8.04 -29.77 -15.61
C ARG B 175 -6.96 -28.72 -15.74
N PHE B 176 -7.09 -27.85 -16.73
CA PHE B 176 -6.12 -26.81 -17.01
C PHE B 176 -6.63 -25.49 -16.44
N TRP B 177 -5.77 -24.78 -15.74
CA TRP B 177 -6.15 -23.47 -15.22
C TRP B 177 -5.08 -22.45 -15.56
N ASN B 178 -5.52 -21.22 -15.80
CA ASN B 178 -4.63 -20.14 -16.18
C ASN B 178 -3.87 -19.64 -14.97
N VAL B 179 -2.55 -19.55 -15.09
CA VAL B 179 -1.71 -18.94 -14.07
C VAL B 179 -0.97 -17.81 -14.79
N SER B 180 -1.38 -16.57 -14.54
CA SER B 180 -0.88 -15.46 -15.32
C SER B 180 -0.92 -14.18 -14.48
N GLY B 181 -0.01 -13.28 -14.79
CA GLY B 181 0.04 -12.00 -14.11
C GLY B 181 0.30 -12.16 -12.63
N VAL B 182 -0.05 -11.11 -11.88
CA VAL B 182 0.13 -11.09 -10.43
C VAL B 182 -1.25 -11.05 -9.78
N ASP B 183 -1.33 -11.64 -8.58
CA ASP B 183 -2.57 -11.78 -7.84
C ASP B 183 -2.47 -11.08 -6.49
N ALA B 184 -1.94 -9.86 -6.49
CA ALA B 184 -1.67 -9.14 -5.24
C ALA B 184 -2.95 -8.93 -4.44
N ASN B 185 -3.05 -9.63 -3.32
CA ASN B 185 -4.19 -9.54 -2.43
C ASN B 185 -3.84 -8.70 -1.21
N VAL B 186 -4.85 -8.03 -0.66
CA VAL B 186 -4.67 -7.17 0.50
C VAL B 186 -5.88 -7.32 1.42
N SER B 187 -5.63 -7.56 2.70
CA SER B 187 -6.64 -7.61 3.73
C SER B 187 -6.14 -6.87 4.96
N ILE B 188 -6.83 -7.01 6.09
CA ILE B 188 -6.36 -6.46 7.35
C ILE B 188 -5.78 -7.61 8.16
N SER B 189 -4.49 -7.50 8.51
CA SER B 189 -3.76 -8.57 9.20
C SER B 189 -3.80 -9.85 8.35
N GLY B 190 -3.10 -9.79 7.22
CA GLY B 190 -3.26 -10.79 6.20
C GLY B 190 -3.10 -10.26 4.78
N ALA B 191 -2.78 -8.97 4.64
CA ALA B 191 -2.48 -8.40 3.33
C ALA B 191 -1.12 -8.94 2.88
N LYS B 192 -1.13 -10.21 2.47
CA LYS B 192 0.07 -10.93 2.10
C LYS B 192 0.08 -11.16 0.60
N VAL B 193 1.14 -10.72 -0.06
CA VAL B 193 1.33 -10.95 -1.49
C VAL B 193 2.59 -11.77 -1.68
N LYS B 194 2.46 -12.92 -2.34
CA LYS B 194 3.57 -13.80 -2.65
C LYS B 194 3.64 -13.98 -4.15
N LEU B 195 4.85 -13.84 -4.71
CA LEU B 195 5.06 -14.09 -6.12
C LEU B 195 6.26 -15.00 -6.29
N GLU B 196 6.09 -16.07 -7.05
CA GLU B 196 7.15 -17.02 -7.30
C GLU B 196 7.46 -17.19 -8.78
N SER B 197 6.46 -17.39 -9.63
CA SER B 197 6.69 -17.62 -11.03
C SER B 197 6.91 -16.30 -11.75
N LEU B 198 8.08 -16.13 -12.36
CA LEU B 198 8.41 -14.91 -13.10
C LEU B 198 7.93 -14.94 -14.54
N ALA B 199 8.14 -16.05 -15.25
CA ALA B 199 7.69 -16.14 -16.63
C ALA B 199 6.18 -16.03 -16.71
N ALA B 200 5.47 -16.63 -15.75
CA ALA B 200 4.02 -16.48 -15.70
C ALA B 200 3.62 -15.03 -15.50
N LEU B 201 4.45 -14.26 -14.79
CA LEU B 201 4.15 -12.85 -14.60
C LEU B 201 4.38 -12.04 -15.88
N VAL B 202 5.30 -12.49 -16.74
CA VAL B 202 5.63 -11.72 -17.93
C VAL B 202 4.72 -12.10 -19.08
N ASN B 203 4.76 -13.37 -19.51
CA ASN B 203 4.01 -13.79 -20.68
C ASN B 203 3.03 -14.93 -20.36
N GLY B 204 2.57 -15.00 -19.11
CA GLY B 204 1.50 -15.91 -18.75
C GLY B 204 1.87 -17.37 -18.79
N ALA B 205 1.01 -18.22 -18.27
CA ALA B 205 1.28 -19.66 -18.22
C ALA B 205 -0.02 -20.41 -17.98
N ILE B 206 0.03 -21.70 -18.28
CA ILE B 206 -1.07 -22.61 -17.98
C ILE B 206 -0.53 -23.66 -17.03
N ALA B 207 -1.39 -24.21 -16.19
CA ALA B 207 -1.00 -25.31 -15.33
C ALA B 207 -2.05 -26.39 -15.40
N PHE B 208 -1.66 -27.62 -15.11
CA PHE B 208 -2.65 -28.68 -15.10
C PHE B 208 -2.30 -29.72 -14.06
N ASP B 209 -3.24 -30.62 -13.81
CA ASP B 209 -3.11 -31.67 -12.82
C ASP B 209 -3.45 -33.01 -13.46
N SER B 210 -3.34 -34.07 -12.69
CA SER B 210 -3.49 -35.40 -13.25
C SER B 210 -4.13 -36.35 -12.25
N PRO B 211 -5.41 -36.68 -12.41
CA PRO B 211 -6.00 -37.73 -11.58
C PRO B 211 -5.33 -39.07 -11.83
N GLU B 212 -5.52 -40.00 -10.89
CA GLU B 212 -4.82 -41.28 -10.92
C GLU B 212 -5.74 -42.44 -11.26
N GLU B 213 -6.90 -42.17 -11.86
CA GLU B 213 -7.82 -43.24 -12.19
C GLU B 213 -8.48 -43.07 -13.55
N SER B 214 -8.03 -42.12 -14.36
CA SER B 214 -8.62 -41.86 -15.66
C SER B 214 -7.64 -42.19 -16.77
N LYS B 215 -8.18 -42.47 -17.95
CA LYS B 215 -7.36 -42.89 -19.06
C LYS B 215 -6.51 -41.74 -19.60
N PRO B 216 -5.39 -42.03 -20.24
CA PRO B 216 -4.58 -40.96 -20.83
C PRO B 216 -5.29 -40.33 -22.01
N ALA B 217 -5.06 -39.03 -22.18
CA ALA B 217 -5.73 -38.28 -23.23
C ALA B 217 -5.11 -38.60 -24.59
N GLU B 218 -5.95 -38.66 -25.61
CA GLU B 218 -5.50 -38.86 -26.96
C GLU B 218 -5.23 -37.53 -27.64
N ALA B 219 -4.68 -37.60 -28.85
CA ALA B 219 -4.35 -36.38 -29.58
C ALA B 219 -5.62 -35.61 -29.93
N GLU B 220 -5.48 -34.29 -30.06
CA GLU B 220 -6.57 -33.40 -30.45
C GLU B 220 -7.75 -33.48 -29.49
N ASP B 221 -7.50 -33.82 -28.22
CA ASP B 221 -8.55 -33.85 -27.24
C ASP B 221 -8.78 -32.45 -26.67
N THR B 222 -10.02 -32.17 -26.32
CA THR B 222 -10.44 -30.83 -25.93
C THR B 222 -10.71 -30.76 -24.44
N PHE B 223 -10.16 -29.74 -23.79
CA PHE B 223 -10.40 -29.44 -22.40
C PHE B 223 -10.89 -27.99 -22.28
N GLY B 224 -11.19 -27.59 -21.06
CA GLY B 224 -11.62 -26.22 -20.82
C GLY B 224 -10.66 -25.50 -19.90
N LEU B 225 -10.23 -24.31 -20.30
CA LEU B 225 -9.29 -23.55 -19.51
C LEU B 225 -10.04 -22.78 -18.43
N TYR B 226 -9.76 -23.09 -17.17
CA TYR B 226 -10.41 -22.39 -16.07
C TYR B 226 -9.71 -21.07 -15.81
N GLU B 227 -10.38 -20.20 -15.07
CA GLU B 227 -9.86 -18.85 -14.86
C GLU B 227 -8.66 -18.86 -13.93
N ASP B 228 -8.68 -19.68 -12.90
CA ASP B 228 -7.59 -19.72 -11.93
C ASP B 228 -7.60 -21.09 -11.26
N LEU B 229 -6.71 -21.25 -10.29
CA LEU B 229 -6.63 -22.51 -9.57
C LEU B 229 -7.92 -22.79 -8.81
N ALA B 230 -8.53 -21.73 -8.26
CA ALA B 230 -9.73 -21.92 -7.45
C ALA B 230 -10.91 -22.38 -8.29
N HIS B 231 -11.13 -21.76 -9.45
CA HIS B 231 -12.24 -22.13 -10.29
C HIS B 231 -12.14 -23.58 -10.78
N SER B 232 -10.94 -24.16 -10.75
CA SER B 232 -10.74 -25.51 -11.25
C SER B 232 -11.01 -26.58 -10.20
N GLN B 233 -11.22 -26.18 -8.94
CA GLN B 233 -11.37 -27.16 -7.87
C GLN B 233 -12.56 -28.07 -8.11
N ARG B 234 -12.35 -29.36 -7.90
CA ARG B 234 -13.43 -30.32 -8.05
C ARG B 234 -14.33 -30.27 -6.83
N GLY B 235 -15.52 -30.82 -6.99
CA GLY B 235 -16.54 -30.81 -5.97
C GLY B 235 -17.90 -30.78 -6.60
N VAL B 236 -18.89 -31.21 -5.84
CA VAL B 236 -20.23 -31.34 -6.37
C VAL B 236 -20.90 -29.98 -6.44
N ILE B 237 -21.63 -29.73 -7.52
CA ILE B 237 -22.30 -28.46 -7.73
C ILE B 237 -23.75 -28.62 -7.31
N ILE B 238 -24.13 -27.94 -6.24
CA ILE B 238 -25.50 -27.96 -5.74
C ILE B 238 -26.15 -26.62 -6.07
N LYS B 239 -27.48 -26.63 -6.13
CA LYS B 239 -28.24 -25.46 -6.51
C LYS B 239 -29.03 -24.95 -5.32
N LEU B 240 -29.03 -23.64 -5.13
CA LEU B 240 -29.74 -23.00 -4.04
C LEU B 240 -30.76 -22.03 -4.59
N GLU B 241 -31.88 -21.91 -3.90
CA GLU B 241 -32.86 -20.87 -4.16
C GLU B 241 -32.79 -19.92 -2.98
N LEU B 242 -31.94 -19.04 -3.04
CA LEU B 242 -31.72 -18.23 -1.87
C LEU B 242 -32.63 -17.00 -1.89
N PRO B 243 -32.94 -16.42 -0.74
CA PRO B 243 -33.99 -15.39 -0.70
C PRO B 243 -33.66 -14.15 -1.52
N SER B 244 -32.54 -13.52 -1.23
CA SER B 244 -32.11 -12.33 -1.98
C SER B 244 -30.63 -12.16 -1.72
N GLY B 245 -29.82 -12.23 -2.78
CA GLY B 245 -28.40 -12.15 -2.55
C GLY B 245 -27.99 -10.73 -2.25
N ALA B 246 -27.73 -10.44 -0.98
CA ALA B 246 -27.39 -9.10 -0.54
C ALA B 246 -25.95 -8.97 -0.11
N GLY B 247 -25.51 -9.78 0.83
CA GLY B 247 -24.11 -9.84 1.17
C GLY B 247 -23.35 -10.91 0.43
N LEU B 248 -24.00 -11.58 -0.51
CA LEU B 248 -23.40 -12.69 -1.22
C LEU B 248 -22.68 -12.20 -2.47
N THR B 249 -21.53 -12.82 -2.75
CA THR B 249 -20.76 -12.53 -3.95
C THR B 249 -20.57 -13.81 -4.74
N ALA B 250 -20.44 -13.66 -6.06
CA ALA B 250 -20.39 -14.81 -6.95
C ALA B 250 -19.34 -15.81 -6.53
N ASP B 251 -18.27 -15.35 -5.88
CA ASP B 251 -17.31 -16.22 -5.22
C ASP B 251 -17.02 -15.63 -3.84
N SER B 252 -16.10 -16.26 -3.13
CA SER B 252 -15.64 -15.75 -1.83
C SER B 252 -16.76 -15.65 -0.80
N THR B 253 -17.82 -16.43 -0.98
CA THR B 253 -18.86 -16.57 0.04
C THR B 253 -18.86 -18.02 0.48
N PRO B 254 -18.31 -18.34 1.64
CA PRO B 254 -18.05 -19.74 1.97
C PRO B 254 -19.30 -20.45 2.47
N LEU B 255 -19.19 -21.77 2.51
CA LEU B 255 -20.18 -22.63 3.14
C LEU B 255 -19.48 -23.25 4.35
N MET B 256 -19.66 -22.65 5.51
CA MET B 256 -18.97 -23.12 6.71
C MET B 256 -19.66 -24.34 7.28
N TYR B 257 -18.87 -25.27 7.79
CA TYR B 257 -19.38 -26.42 8.51
C TYR B 257 -18.50 -26.61 9.74
N GLN B 258 -18.99 -26.17 10.89
CA GLN B 258 -18.21 -26.14 12.12
C GLN B 258 -16.95 -25.30 11.96
N GLY B 259 -17.12 -24.09 11.42
CA GLY B 259 -16.04 -23.17 11.27
C GLY B 259 -15.06 -23.47 10.16
N LEU B 260 -15.14 -24.64 9.56
CA LEU B 260 -14.27 -25.00 8.44
C LEU B 260 -15.02 -24.79 7.13
N GLU B 261 -14.39 -24.09 6.21
CA GLU B 261 -15.02 -23.82 4.91
C GLU B 261 -14.98 -25.09 4.08
N VAL B 262 -16.15 -25.53 3.62
CA VAL B 262 -16.26 -26.77 2.86
C VAL B 262 -16.95 -26.52 1.53
N GLY B 263 -17.01 -25.26 1.12
CA GLY B 263 -17.62 -24.95 -0.16
C GLY B 263 -17.64 -23.45 -0.37
N GLN B 264 -18.12 -23.07 -1.54
CA GLN B 264 -18.23 -21.66 -1.89
C GLN B 264 -19.39 -21.45 -2.84
N LEU B 265 -19.92 -20.24 -2.83
CA LEU B 265 -20.78 -19.80 -3.91
C LEU B 265 -19.96 -19.69 -5.19
N THR B 266 -20.51 -20.19 -6.28
CA THR B 266 -19.87 -20.03 -7.58
C THR B 266 -20.73 -19.32 -8.60
N LYS B 267 -22.05 -19.37 -8.46
CA LYS B 267 -22.94 -18.69 -9.38
C LYS B 267 -24.02 -17.96 -8.59
N LEU B 268 -24.35 -16.75 -9.01
CA LEU B 268 -25.36 -15.92 -8.34
C LEU B 268 -26.13 -15.17 -9.42
N ASP B 269 -27.27 -15.71 -9.80
CA ASP B 269 -28.04 -15.21 -10.93
C ASP B 269 -29.29 -14.48 -10.45
N LEU B 270 -30.07 -14.00 -11.41
CA LEU B 270 -31.36 -13.36 -11.14
C LEU B 270 -32.34 -13.90 -12.17
N ASN B 271 -33.23 -14.78 -11.73
CA ASN B 271 -34.19 -15.38 -12.64
C ASN B 271 -35.26 -14.36 -13.03
N PRO B 272 -35.97 -14.61 -14.14
CA PRO B 272 -36.97 -13.63 -14.59
C PRO B 272 -38.06 -13.35 -13.57
N GLY B 273 -38.54 -14.36 -12.87
CA GLY B 273 -39.62 -14.16 -11.93
C GLY B 273 -39.23 -13.42 -10.68
N GLY B 274 -38.06 -12.80 -10.70
CA GLY B 274 -37.55 -12.11 -9.53
C GLY B 274 -36.86 -13.00 -8.52
N LYS B 275 -36.86 -14.31 -8.72
CA LYS B 275 -36.22 -15.22 -7.78
C LYS B 275 -34.71 -15.21 -8.00
N VAL B 276 -33.95 -15.12 -6.91
CA VAL B 276 -32.49 -15.11 -6.97
C VAL B 276 -32.01 -16.52 -6.69
N THR B 277 -31.53 -17.19 -7.74
CA THR B 277 -30.99 -18.53 -7.58
C THR B 277 -29.47 -18.48 -7.55
N GLY B 278 -28.86 -19.58 -7.14
CA GLY B 278 -27.42 -19.65 -7.07
C GLY B 278 -26.88 -21.06 -7.17
N GLU B 279 -25.58 -21.19 -7.34
CA GLU B 279 -24.96 -22.50 -7.44
C GLU B 279 -23.70 -22.50 -6.60
N MET B 280 -23.49 -23.55 -5.85
CA MET B 280 -22.41 -23.64 -4.87
C MET B 280 -21.65 -24.94 -5.08
N THR B 281 -20.32 -24.84 -5.11
CA THR B 281 -19.46 -26.01 -5.25
C THR B 281 -19.02 -26.48 -3.87
N VAL B 282 -19.27 -27.74 -3.58
CA VAL B 282 -19.06 -28.33 -2.26
C VAL B 282 -17.92 -29.32 -2.33
N ASP B 283 -17.03 -29.25 -1.35
CA ASP B 283 -15.93 -30.18 -1.22
C ASP B 283 -16.46 -31.62 -1.24
N PRO B 284 -15.88 -32.50 -2.04
CA PRO B 284 -16.36 -33.89 -2.09
C PRO B 284 -16.24 -34.64 -0.78
N SER B 285 -15.70 -34.04 0.27
CA SER B 285 -15.60 -34.73 1.55
C SER B 285 -16.88 -34.67 2.36
N VAL B 286 -17.78 -33.73 2.05
CA VAL B 286 -19.01 -33.57 2.83
C VAL B 286 -20.24 -33.79 1.96
N VAL B 287 -20.10 -34.47 0.82
CA VAL B 287 -21.28 -34.77 0.00
C VAL B 287 -22.20 -35.73 0.73
N THR B 288 -21.66 -36.61 1.57
CA THR B 288 -22.48 -37.53 2.33
C THR B 288 -23.36 -36.81 3.36
N LEU B 289 -23.08 -35.54 3.64
CA LEU B 289 -23.88 -34.75 4.56
C LEU B 289 -24.96 -33.95 3.85
N LEU B 290 -25.10 -34.10 2.54
CA LEU B 290 -26.13 -33.40 1.78
C LEU B 290 -27.28 -34.38 1.56
N ARG B 291 -28.17 -34.44 2.54
CA ARG B 291 -29.30 -35.36 2.54
C ARG B 291 -30.59 -34.56 2.55
N GLU B 292 -31.71 -35.26 2.68
CA GLU B 292 -33.02 -34.62 2.54
C GLU B 292 -33.25 -33.59 3.63
N ASN B 293 -32.88 -33.90 4.87
CA ASN B 293 -33.19 -33.04 6.01
C ASN B 293 -32.00 -32.21 6.44
N THR B 294 -31.18 -31.75 5.51
CA THR B 294 -30.02 -30.92 5.81
C THR B 294 -30.31 -29.50 5.35
N ARG B 295 -30.28 -28.56 6.28
CA ARG B 295 -30.56 -27.18 5.95
C ARG B 295 -29.26 -26.45 5.60
N ILE B 296 -29.41 -25.37 4.84
CA ILE B 296 -28.31 -24.47 4.53
C ILE B 296 -28.77 -23.07 4.86
N GLU B 297 -28.18 -22.47 5.89
CA GLU B 297 -28.71 -21.25 6.48
C GLU B 297 -27.78 -20.08 6.22
N LEU B 298 -28.35 -18.96 5.77
CA LEU B 298 -27.60 -17.71 5.78
C LEU B 298 -27.34 -17.27 7.20
N ARG B 299 -26.15 -16.76 7.45
CA ARG B 299 -25.79 -16.30 8.78
C ARG B 299 -24.97 -15.02 8.67
N ASN B 300 -25.33 -14.08 9.45
CA ASN B 300 -24.72 -12.77 9.61
C ASN B 300 -23.77 -12.77 10.80
N PRO B 301 -22.70 -12.00 10.73
CA PRO B 301 -21.75 -11.96 11.87
C PRO B 301 -22.21 -10.95 12.91
N LYS B 302 -22.36 -11.41 14.14
CA LYS B 302 -22.77 -10.55 15.22
C LYS B 302 -21.58 -9.77 15.76
N LEU B 303 -21.87 -8.69 16.50
CA LEU B 303 -20.81 -7.97 17.19
C LEU B 303 -20.10 -8.87 18.17
N SER B 304 -20.83 -9.38 19.16
CA SER B 304 -20.29 -10.28 20.18
C SER B 304 -19.06 -9.66 20.85
N LEU B 305 -19.33 -8.56 21.56
CA LEU B 305 -18.28 -7.74 22.16
C LEU B 305 -17.31 -8.57 22.99
N SER B 306 -17.70 -9.77 23.43
CA SER B 306 -16.78 -10.65 24.14
C SER B 306 -15.56 -10.98 23.28
N ASP B 307 -15.79 -11.58 22.11
CA ASP B 307 -14.74 -11.97 21.19
C ASP B 307 -14.62 -11.03 19.98
N ALA B 308 -15.74 -10.56 19.46
CA ALA B 308 -15.81 -9.49 18.46
C ALA B 308 -15.38 -9.92 17.06
N ASN B 309 -14.80 -11.12 16.94
CA ASN B 309 -14.49 -11.77 15.66
C ASN B 309 -14.09 -10.79 14.57
N LEU B 310 -13.03 -10.02 14.78
CA LEU B 310 -12.67 -8.99 13.81
C LEU B 310 -12.40 -9.60 12.43
N SER B 311 -12.04 -10.87 12.37
CA SER B 311 -11.85 -11.53 11.07
C SER B 311 -13.19 -11.91 10.45
N ALA B 312 -14.10 -12.49 11.26
CA ALA B 312 -15.38 -12.93 10.73
C ALA B 312 -16.25 -11.75 10.30
N LEU B 313 -16.10 -10.60 10.96
CA LEU B 313 -16.90 -9.44 10.60
C LEU B 313 -16.52 -8.90 9.23
N LEU B 314 -15.33 -9.22 8.74
CA LEU B 314 -14.94 -8.83 7.39
C LEU B 314 -15.46 -9.80 6.34
N THR B 315 -15.76 -11.05 6.71
CA THR B 315 -16.28 -12.00 5.73
C THR B 315 -17.67 -11.60 5.26
N GLY B 316 -18.42 -10.87 6.08
CA GLY B 316 -19.66 -10.27 5.64
C GLY B 316 -20.90 -11.10 5.90
N LYS B 317 -20.99 -12.27 5.27
CA LYS B 317 -22.16 -13.12 5.40
C LYS B 317 -21.81 -14.50 4.89
N THR B 318 -22.20 -15.55 5.62
CA THR B 318 -21.76 -16.89 5.27
C THR B 318 -22.96 -17.82 5.19
N PHE B 319 -22.71 -19.01 4.67
CA PHE B 319 -23.66 -20.09 4.76
C PHE B 319 -23.23 -21.05 5.87
N GLU B 320 -24.20 -21.80 6.37
CA GLU B 320 -23.92 -22.78 7.41
C GLU B 320 -24.65 -24.06 7.06
N LEU B 321 -23.92 -25.16 7.04
CA LEU B 321 -24.48 -26.45 6.68
C LEU B 321 -24.92 -27.18 7.93
N VAL B 322 -26.22 -27.39 8.07
CA VAL B 322 -26.74 -28.16 9.20
C VAL B 322 -27.16 -29.52 8.66
N PRO B 323 -26.37 -30.56 8.88
CA PRO B 323 -26.65 -31.85 8.24
C PRO B 323 -27.85 -32.54 8.84
N GLY B 324 -28.21 -33.67 8.24
CA GLY B 324 -29.38 -34.40 8.68
C GLY B 324 -29.46 -35.76 8.02
N ASP B 325 -30.65 -36.35 8.09
CA ASP B 325 -30.88 -37.71 7.63
C ASP B 325 -31.77 -37.71 6.39
N GLY B 326 -31.67 -38.81 5.64
CA GLY B 326 -32.57 -39.05 4.53
C GLY B 326 -31.83 -39.30 3.25
N GLU B 327 -32.57 -39.28 2.15
CA GLU B 327 -32.01 -39.51 0.84
C GLU B 327 -31.08 -38.36 0.44
N PRO B 328 -30.03 -38.64 -0.33
CA PRO B 328 -29.13 -37.57 -0.76
C PRO B 328 -29.86 -36.53 -1.59
N ARG B 329 -29.41 -35.28 -1.44
CA ARG B 329 -30.05 -34.14 -2.07
C ARG B 329 -29.01 -33.36 -2.87
N LYS B 330 -29.49 -32.59 -3.85
CA LYS B 330 -28.61 -31.77 -4.67
C LYS B 330 -29.11 -30.35 -4.88
N GLU B 331 -30.34 -30.04 -4.52
CA GLU B 331 -30.85 -28.68 -4.60
C GLU B 331 -31.52 -28.34 -3.28
N PHE B 332 -31.26 -27.13 -2.79
CA PHE B 332 -31.76 -26.72 -1.49
C PHE B 332 -32.47 -25.38 -1.62
N VAL B 333 -33.11 -24.97 -0.53
CA VAL B 333 -33.75 -23.68 -0.42
C VAL B 333 -33.15 -23.01 0.80
N VAL B 334 -32.29 -22.02 0.59
CA VAL B 334 -31.62 -21.37 1.70
C VAL B 334 -32.65 -20.59 2.52
N VAL B 335 -32.64 -20.83 3.82
CA VAL B 335 -33.59 -20.19 4.74
C VAL B 335 -33.14 -18.75 4.98
N PRO B 336 -34.07 -17.82 5.18
CA PRO B 336 -33.68 -16.42 5.39
C PRO B 336 -32.88 -16.17 6.66
N GLY B 337 -32.54 -17.20 7.43
CA GLY B 337 -31.71 -17.04 8.61
C GLY B 337 -32.47 -16.89 9.90
N GLU B 338 -33.37 -15.91 9.97
CA GLU B 338 -34.25 -15.79 11.13
C GLU B 338 -35.51 -16.61 10.99
N LYS B 339 -36.05 -16.74 9.78
CA LYS B 339 -37.13 -17.70 9.56
C LYS B 339 -36.67 -19.14 9.71
N ALA B 340 -35.37 -19.37 9.97
CA ALA B 340 -34.92 -20.67 10.39
C ALA B 340 -35.55 -21.04 11.73
N LEU B 341 -35.34 -22.29 12.14
CA LEU B 341 -36.00 -22.90 13.29
C LEU B 341 -37.48 -23.14 13.02
N LEU B 342 -37.99 -22.66 11.89
CA LEU B 342 -39.27 -23.06 11.38
C LEU B 342 -39.14 -24.22 10.40
N HIS B 343 -37.99 -24.32 9.74
CA HIS B 343 -37.72 -25.39 8.79
C HIS B 343 -36.93 -26.53 9.40
N GLU B 344 -36.73 -26.52 10.72
CA GLU B 344 -36.11 -27.64 11.39
C GLU B 344 -36.96 -28.89 11.20
N PRO B 345 -36.37 -30.08 11.33
CA PRO B 345 -37.12 -31.31 11.08
C PRO B 345 -38.37 -31.44 11.93
N ASP B 346 -38.20 -31.39 13.25
CA ASP B 346 -39.32 -31.41 14.18
C ASP B 346 -39.39 -30.06 14.88
N VAL B 347 -40.57 -29.44 14.82
CA VAL B 347 -40.78 -28.14 15.44
C VAL B 347 -42.28 -27.92 15.55
N LEU B 348 -42.69 -27.35 16.69
CA LEU B 348 -44.11 -27.04 16.88
C LEU B 348 -44.41 -25.68 16.29
N THR B 349 -45.31 -25.64 15.32
CA THR B 349 -45.77 -24.39 14.73
C THR B 349 -47.16 -24.10 15.26
N LEU B 350 -47.24 -23.20 16.23
CA LEU B 350 -48.50 -22.80 16.84
C LEU B 350 -48.93 -21.44 16.31
N THR B 351 -50.23 -21.19 16.41
CA THR B 351 -50.82 -19.92 15.99
C THR B 351 -51.54 -19.32 17.18
N LEU B 352 -51.15 -18.11 17.56
CA LEU B 352 -51.75 -17.42 18.68
C LEU B 352 -52.58 -16.25 18.17
N THR B 353 -53.71 -16.01 18.82
CA THR B 353 -54.56 -14.88 18.50
C THR B 353 -54.61 -13.94 19.69
N ALA B 354 -54.77 -12.65 19.42
CA ALA B 354 -54.84 -11.68 20.50
C ALA B 354 -55.56 -10.45 19.98
N PRO B 355 -56.27 -9.72 20.85
CA PRO B 355 -56.90 -8.49 20.41
C PRO B 355 -55.88 -7.44 20.01
N GLU B 356 -54.93 -7.18 20.89
CA GLU B 356 -53.84 -6.25 20.62
C GLU B 356 -52.57 -7.03 20.32
N SER B 357 -51.45 -6.31 20.22
CA SER B 357 -50.16 -6.95 20.02
C SER B 357 -49.31 -7.03 21.27
N TYR B 358 -49.62 -6.23 22.29
CA TYR B 358 -48.88 -6.22 23.56
C TYR B 358 -47.39 -6.01 23.35
N GLY B 359 -47.00 -5.42 22.22
CA GLY B 359 -45.59 -5.19 21.95
C GLY B 359 -44.79 -6.41 21.58
N ILE B 360 -45.41 -7.60 21.59
CA ILE B 360 -44.69 -8.80 21.17
C ILE B 360 -44.39 -8.71 19.69
N ASP B 361 -43.13 -8.91 19.33
CA ASP B 361 -42.69 -8.73 17.95
C ASP B 361 -42.17 -10.05 17.39
N ALA B 362 -41.58 -9.98 16.19
CA ALA B 362 -41.14 -11.18 15.49
C ALA B 362 -40.06 -11.92 16.28
N GLY B 363 -38.91 -11.30 16.45
CA GLY B 363 -37.79 -12.02 17.05
C GLY B 363 -37.90 -12.31 18.52
N GLN B 364 -39.01 -11.95 19.16
CA GLN B 364 -39.12 -12.09 20.60
C GLN B 364 -39.17 -13.57 20.99
N PRO B 365 -38.72 -13.90 22.19
CA PRO B 365 -38.59 -15.31 22.58
C PRO B 365 -39.81 -15.84 23.31
N LEU B 366 -39.85 -17.17 23.43
CA LEU B 366 -40.78 -17.82 24.32
C LEU B 366 -40.07 -18.26 25.58
N ILE B 367 -40.85 -18.36 26.66
CA ILE B 367 -40.29 -18.61 27.99
C ILE B 367 -41.09 -19.75 28.63
N LEU B 368 -40.37 -20.73 29.15
CA LEU B 368 -40.98 -21.83 29.89
C LEU B 368 -40.12 -22.07 31.12
N HIS B 369 -40.70 -21.85 32.30
CA HIS B 369 -39.98 -21.95 33.56
C HIS B 369 -38.74 -21.05 33.57
N GLY B 370 -38.82 -19.92 32.86
CA GLY B 370 -37.69 -19.02 32.76
C GLY B 370 -36.69 -19.38 31.69
N VAL B 371 -36.88 -20.50 30.99
CA VAL B 371 -35.93 -20.98 30.01
C VAL B 371 -36.40 -20.58 28.61
N GLN B 372 -35.50 -20.05 27.80
CA GLN B 372 -35.73 -19.88 26.38
C GLN B 372 -36.11 -21.22 25.78
N VAL B 373 -37.27 -21.31 25.14
CA VAL B 373 -37.75 -22.55 24.55
C VAL B 373 -38.01 -22.39 23.06
N GLY B 374 -38.77 -21.38 22.68
CA GLY B 374 -39.06 -21.18 21.28
C GLY B 374 -38.87 -19.76 20.83
N GLN B 375 -39.60 -19.35 19.80
CA GLN B 375 -39.51 -18.00 19.28
C GLN B 375 -40.82 -17.64 18.61
N VAL B 376 -41.25 -16.40 18.81
CA VAL B 376 -42.21 -15.83 17.90
C VAL B 376 -41.55 -15.74 16.54
N ILE B 377 -42.35 -15.76 15.49
CA ILE B 377 -41.77 -15.70 14.16
C ILE B 377 -42.32 -14.51 13.39
N ASP B 378 -43.65 -14.41 13.29
CA ASP B 378 -44.24 -13.26 12.62
C ASP B 378 -45.57 -12.86 13.25
N ARG B 379 -45.87 -11.57 13.13
CA ARG B 379 -47.17 -11.00 13.43
C ARG B 379 -47.95 -10.84 12.14
N LYS B 380 -49.27 -10.87 12.25
CA LYS B 380 -50.15 -10.54 11.13
C LYS B 380 -51.33 -9.78 11.68
N LEU B 381 -51.53 -8.56 11.19
CA LEU B 381 -52.65 -7.74 11.63
C LEU B 381 -53.86 -8.03 10.76
N THR B 382 -55.00 -8.23 11.40
CA THR B 382 -56.23 -8.55 10.70
C THR B 382 -57.38 -7.96 11.50
N SER B 383 -58.54 -7.86 10.84
CA SER B 383 -59.72 -7.30 11.50
C SER B 383 -60.05 -8.03 12.80
N LYS B 384 -59.66 -9.30 12.91
CA LYS B 384 -59.91 -10.10 14.10
C LYS B 384 -58.75 -10.07 15.07
N GLY B 385 -57.97 -8.99 15.08
CA GLY B 385 -56.87 -8.83 16.01
C GLY B 385 -55.57 -9.41 15.48
N VAL B 386 -54.52 -9.17 16.26
CA VAL B 386 -53.19 -9.64 15.90
C VAL B 386 -53.14 -11.16 15.95
N THR B 387 -52.35 -11.75 15.05
CA THR B 387 -52.14 -13.18 15.02
C THR B 387 -50.64 -13.45 14.93
N PHE B 388 -50.09 -14.10 15.94
CA PHE B 388 -48.69 -14.48 15.95
C PHE B 388 -48.54 -15.92 15.48
N THR B 389 -47.38 -16.21 14.90
CA THR B 389 -46.98 -17.58 14.67
C THR B 389 -45.75 -17.87 15.53
N VAL B 390 -45.67 -19.08 16.06
CA VAL B 390 -44.74 -19.40 17.13
C VAL B 390 -44.11 -20.77 16.84
N ALA B 391 -42.82 -20.89 17.09
CA ALA B 391 -42.09 -22.13 16.87
C ALA B 391 -41.48 -22.61 18.16
N ILE B 392 -41.87 -23.81 18.60
CA ILE B 392 -41.27 -24.49 19.75
C ILE B 392 -40.21 -25.45 19.24
N GLU B 393 -39.02 -25.38 19.81
CA GLU B 393 -37.90 -26.22 19.42
C GLU B 393 -38.21 -27.69 19.69
N PRO B 394 -37.55 -28.60 18.96
CA PRO B 394 -37.86 -30.02 19.13
C PRO B 394 -37.46 -30.58 20.48
N GLN B 395 -36.33 -30.15 21.04
CA GLN B 395 -35.88 -30.74 22.31
C GLN B 395 -36.88 -30.47 23.42
N HIS B 396 -37.50 -29.29 23.42
CA HIS B 396 -38.52 -28.94 24.40
C HIS B 396 -39.93 -29.14 23.86
N ARG B 397 -40.08 -29.87 22.75
CA ARG B 397 -41.39 -30.03 22.14
C ARG B 397 -42.35 -30.77 23.06
N GLU B 398 -41.89 -31.86 23.68
CA GLU B 398 -42.78 -32.70 24.48
C GLU B 398 -43.19 -32.04 25.79
N LEU B 399 -42.63 -30.88 26.13
CA LEU B 399 -43.02 -30.22 27.37
C LEU B 399 -44.39 -29.56 27.24
N VAL B 400 -44.54 -28.67 26.26
CA VAL B 400 -45.85 -28.10 25.97
C VAL B 400 -46.73 -29.19 25.37
N LYS B 401 -47.83 -29.50 26.05
CA LYS B 401 -48.62 -30.67 25.71
C LYS B 401 -50.11 -30.35 25.70
N GLY B 402 -50.49 -29.28 25.01
CA GLY B 402 -51.91 -29.02 24.82
C GLY B 402 -52.48 -27.93 25.68
N ASP B 403 -53.18 -28.31 26.75
CA ASP B 403 -53.93 -27.36 27.56
C ASP B 403 -53.07 -26.26 28.15
N SER B 404 -51.75 -26.36 27.98
CA SER B 404 -50.85 -25.28 28.38
C SER B 404 -51.29 -23.96 27.77
N LYS B 405 -51.15 -22.88 28.53
CA LYS B 405 -51.62 -21.58 28.11
C LYS B 405 -50.44 -20.65 27.82
N PHE B 406 -50.75 -19.50 27.23
CA PHE B 406 -49.73 -18.54 26.82
C PHE B 406 -50.07 -17.17 27.39
N VAL B 407 -49.08 -16.50 27.96
CA VAL B 407 -49.25 -15.24 28.66
C VAL B 407 -48.25 -14.24 28.11
N VAL B 408 -48.62 -12.97 28.13
CA VAL B 408 -47.67 -11.92 27.76
C VAL B 408 -46.63 -11.82 28.87
N ASN B 409 -45.40 -12.22 28.58
CA ASN B 409 -44.35 -12.19 29.58
C ASN B 409 -43.98 -10.76 29.94
N SER B 410 -43.86 -10.49 31.23
CA SER B 410 -43.49 -9.16 31.70
C SER B 410 -43.01 -9.21 33.14
N GLY B 434 -38.77 -9.24 26.81
CA GLY B 434 -40.19 -9.46 26.67
C GLY B 434 -40.53 -10.88 26.29
N GLY B 435 -41.40 -11.04 25.29
CA GLY B 435 -41.74 -12.35 24.78
C GLY B 435 -43.01 -12.90 25.36
N ILE B 436 -43.23 -14.19 25.09
CA ILE B 436 -44.42 -14.90 25.52
C ILE B 436 -44.00 -15.96 26.53
N ARG B 437 -44.64 -15.97 27.68
CA ARG B 437 -44.35 -16.94 28.73
C ARG B 437 -45.37 -18.06 28.67
N ILE B 438 -44.89 -19.29 28.72
CA ILE B 438 -45.77 -20.46 28.62
C ILE B 438 -46.10 -20.94 30.02
N LEU B 439 -47.38 -21.16 30.29
CA LEU B 439 -47.81 -21.85 31.50
C LEU B 439 -48.07 -23.30 31.11
N PRO B 440 -47.17 -24.21 31.40
CA PRO B 440 -47.32 -25.59 30.91
C PRO B 440 -48.47 -26.29 31.62
N GLY B 441 -49.09 -27.21 30.90
CA GLY B 441 -50.15 -28.03 31.47
C GLY B 441 -49.79 -29.50 31.37
N ASP B 442 -50.65 -30.32 31.93
CA ASP B 442 -50.49 -31.77 31.89
C ASP B 442 -50.94 -32.31 30.54
N LYS B 443 -51.20 -33.61 30.47
CA LYS B 443 -51.60 -34.25 29.22
C LYS B 443 -52.70 -33.46 28.52
N GLY B 444 -52.65 -33.49 27.19
CA GLY B 444 -53.60 -32.79 26.35
C GLY B 444 -53.13 -32.83 24.92
N GLU B 445 -54.04 -32.69 23.96
CA GLU B 445 -53.66 -32.72 22.56
C GLU B 445 -53.42 -31.31 22.05
N MET B 446 -52.38 -31.16 21.23
CA MET B 446 -52.04 -29.85 20.67
C MET B 446 -53.15 -29.34 19.77
N LYS B 447 -53.73 -28.20 20.14
CA LYS B 447 -54.84 -27.63 19.39
C LYS B 447 -54.31 -26.98 18.11
N ALA B 448 -55.21 -26.32 17.38
CA ALA B 448 -54.82 -25.61 16.16
C ALA B 448 -54.33 -24.20 16.43
N SER B 449 -54.98 -23.51 17.36
CA SER B 449 -54.60 -22.15 17.70
C SER B 449 -54.96 -21.87 19.15
N TYR B 450 -54.06 -21.22 19.86
CA TYR B 450 -54.27 -20.91 21.26
C TYR B 450 -54.42 -19.42 21.47
N PRO B 451 -55.30 -18.98 22.35
CA PRO B 451 -55.41 -17.55 22.62
C PRO B 451 -54.28 -17.07 23.51
N LEU B 452 -53.73 -15.92 23.17
CA LEU B 452 -52.67 -15.30 23.96
C LEU B 452 -53.33 -14.39 24.98
N TYR B 453 -53.31 -14.80 26.24
CA TYR B 453 -53.93 -13.99 27.29
C TYR B 453 -53.05 -12.80 27.62
N ALA B 454 -53.62 -11.87 28.39
CA ALA B 454 -52.83 -10.85 29.05
C ALA B 454 -52.17 -11.51 30.26
N ASN B 455 -51.65 -10.70 31.18
CA ASN B 455 -50.90 -11.24 32.30
C ASN B 455 -51.75 -12.24 33.11
N LEU B 456 -51.07 -13.03 33.93
CA LEU B 456 -51.62 -14.26 34.50
C LEU B 456 -52.99 -14.09 35.14
N GLU B 457 -53.32 -12.88 35.60
CA GLU B 457 -54.60 -12.67 36.27
C GLU B 457 -55.78 -13.07 35.38
N LYS B 458 -55.63 -12.93 34.07
CA LYS B 458 -56.69 -13.32 33.14
C LYS B 458 -56.51 -14.73 32.63
N ALA B 459 -55.29 -15.27 32.64
CA ALA B 459 -55.06 -16.62 32.13
C ALA B 459 -55.51 -17.66 33.14
N LEU B 460 -55.13 -17.50 34.41
CA LEU B 460 -55.47 -18.50 35.41
C LEU B 460 -56.96 -18.49 35.73
N GLU B 461 -57.60 -17.32 35.68
CA GLU B 461 -59.02 -17.25 35.97
C GLU B 461 -59.86 -17.95 34.91
N ASN B 462 -59.30 -18.21 33.73
CA ASN B 462 -60.05 -18.90 32.69
C ASN B 462 -60.38 -20.33 33.11
N SER B 463 -59.47 -20.99 33.82
CA SER B 463 -59.69 -22.34 34.30
C SER B 463 -60.60 -22.38 35.52
N LEU B 464 -60.88 -21.24 36.15
CA LEU B 464 -61.72 -21.19 37.33
C LEU B 464 -62.90 -20.24 37.11
N GLY C 1 20.89 3.78 -60.93
CA GLY C 1 19.53 4.14 -60.55
C GLY C 1 19.22 5.61 -60.77
N ASN C 2 18.02 6.02 -60.39
CA ASN C 2 17.60 7.40 -60.55
C ASN C 2 18.16 8.27 -59.42
N THR C 3 17.70 9.52 -59.37
CA THR C 3 18.14 10.47 -58.36
C THR C 3 17.09 11.55 -58.22
N VAL C 4 16.77 11.93 -56.99
CA VAL C 4 15.69 12.88 -56.72
C VAL C 4 16.08 13.72 -55.51
N THR C 5 15.49 14.91 -55.43
CA THR C 5 15.77 15.86 -54.35
C THR C 5 14.49 16.11 -53.57
N ILE C 6 14.51 15.77 -52.29
CA ILE C 6 13.39 16.01 -51.39
C ILE C 6 13.73 17.21 -50.52
N ASP C 7 12.70 17.96 -50.15
CA ASP C 7 12.85 19.16 -49.32
C ASP C 7 12.30 18.86 -47.94
N PHE C 8 13.20 18.71 -46.98
CA PHE C 8 12.85 18.50 -45.58
C PHE C 8 13.05 19.79 -44.79
N MET C 9 12.30 19.91 -43.70
CA MET C 9 12.43 21.04 -42.80
C MET C 9 13.50 20.83 -41.73
N SER C 10 13.92 19.59 -41.51
CA SER C 10 14.93 19.30 -40.50
C SER C 10 15.54 17.94 -40.80
N ALA C 11 16.84 17.92 -41.08
CA ALA C 11 17.54 16.67 -41.39
C ALA C 11 18.05 15.98 -40.15
N ASP C 12 17.16 15.74 -39.19
CA ASP C 12 17.51 15.06 -37.95
C ASP C 12 17.07 13.60 -38.05
N GLY C 13 18.01 12.69 -37.86
CA GLY C 13 17.76 11.28 -38.02
C GLY C 13 18.16 10.72 -39.38
N ILE C 14 18.32 11.58 -40.37
CA ILE C 14 18.69 11.15 -41.72
C ILE C 14 20.21 11.15 -41.81
N VAL C 15 20.78 10.01 -42.15
CA VAL C 15 22.22 9.89 -42.35
C VAL C 15 22.49 9.37 -43.75
N PRO C 16 23.48 9.91 -44.47
CA PRO C 16 23.69 9.50 -45.85
C PRO C 16 24.18 8.06 -45.95
N GLY C 17 23.83 7.41 -47.04
CA GLY C 17 24.31 6.07 -47.31
C GLY C 17 23.58 4.98 -46.54
N ARG C 18 23.05 5.32 -45.37
CA ARG C 18 22.42 4.32 -44.50
C ARG C 18 20.90 4.37 -44.54
N THR C 19 20.31 5.54 -44.41
CA THR C 19 18.87 5.66 -44.31
C THR C 19 18.20 5.21 -45.60
N PRO C 20 17.33 4.20 -45.56
CA PRO C 20 16.67 3.73 -46.78
C PRO C 20 15.37 4.47 -47.04
N VAL C 21 14.88 4.29 -48.25
CA VAL C 21 13.62 4.88 -48.70
C VAL C 21 12.76 3.72 -49.19
N ARG C 22 11.91 3.20 -48.32
CA ARG C 22 11.18 1.98 -48.59
C ARG C 22 9.71 2.26 -48.83
N TYR C 23 9.12 1.45 -49.72
CA TYR C 23 7.70 1.49 -50.01
C TYR C 23 7.09 0.19 -49.49
N GLN C 24 6.16 0.32 -48.55
CA GLN C 24 5.49 -0.80 -47.89
C GLN C 24 6.45 -1.95 -47.62
N GLY C 25 7.49 -1.63 -46.87
CA GLY C 25 8.47 -2.62 -46.44
C GLY C 25 9.71 -2.77 -47.27
N VAL C 26 9.56 -2.96 -48.58
CA VAL C 26 10.72 -3.23 -49.42
C VAL C 26 11.52 -1.95 -49.62
N GLU C 27 12.82 -2.03 -49.33
CA GLU C 27 13.70 -0.89 -49.55
C GLU C 27 13.79 -0.60 -51.04
N VAL C 28 13.71 0.68 -51.38
CA VAL C 28 13.73 1.08 -52.79
C VAL C 28 14.91 2.01 -53.05
N GLY C 29 14.92 3.17 -52.41
CA GLY C 29 15.96 4.14 -52.57
C GLY C 29 16.89 4.20 -51.37
N THR C 30 17.92 5.04 -51.50
CA THR C 30 18.88 5.21 -50.43
C THR C 30 19.30 6.67 -50.39
N VAL C 31 19.37 7.23 -49.18
CA VAL C 31 19.78 8.61 -49.02
C VAL C 31 21.23 8.76 -49.48
N GLN C 32 21.45 9.57 -50.51
CA GLN C 32 22.80 9.79 -51.00
C GLN C 32 23.55 10.79 -50.13
N ASP C 33 23.01 12.00 -50.00
CA ASP C 33 23.62 12.99 -49.13
C ASP C 33 22.61 14.07 -48.80
N ILE C 34 22.83 14.70 -47.66
CA ILE C 34 22.03 15.85 -47.21
C ILE C 34 22.83 17.11 -47.49
N SER C 35 22.14 18.18 -47.89
CA SER C 35 22.82 19.43 -48.16
C SER C 35 21.87 20.59 -47.89
N LEU C 36 22.39 21.67 -47.34
CA LEU C 36 21.55 22.83 -47.14
C LEU C 36 21.29 23.53 -48.46
N SER C 37 20.19 24.29 -48.50
CA SER C 37 19.88 25.10 -49.67
C SER C 37 20.89 26.25 -49.77
N ASP C 38 20.75 27.04 -50.84
CA ASP C 38 21.62 28.19 -51.01
C ASP C 38 21.44 29.20 -49.89
N ASP C 39 20.18 29.50 -49.54
CA ASP C 39 19.89 30.42 -48.46
C ASP C 39 19.97 29.77 -47.08
N LEU C 40 20.37 28.50 -47.02
CA LEU C 40 20.48 27.78 -45.74
C LEU C 40 19.17 27.83 -44.96
N ARG C 41 18.05 27.65 -45.67
CA ARG C 41 16.73 27.73 -45.07
C ARG C 41 15.93 26.45 -45.18
N LYS C 42 16.22 25.59 -46.15
CA LYS C 42 15.55 24.31 -46.30
C LYS C 42 16.57 23.24 -46.61
N ILE C 43 16.25 22.01 -46.23
CA ILE C 43 17.18 20.89 -46.37
C ILE C 43 16.87 20.13 -47.65
N GLU C 44 17.87 19.92 -48.49
CA GLU C 44 17.73 19.16 -49.72
C GLU C 44 18.41 17.81 -49.51
N VAL C 45 17.62 16.74 -49.55
CA VAL C 45 18.11 15.39 -49.40
C VAL C 45 18.11 14.74 -50.78
N LYS C 46 19.21 14.07 -51.12
CA LYS C 46 19.34 13.41 -52.42
C LYS C 46 19.12 11.91 -52.23
N VAL C 47 18.19 11.36 -52.99
CA VAL C 47 17.80 9.97 -52.89
C VAL C 47 18.09 9.29 -54.22
N SER C 48 18.51 8.03 -54.16
CA SER C 48 18.82 7.23 -55.34
C SER C 48 17.79 6.12 -55.44
N ILE C 49 16.69 6.39 -56.15
CA ILE C 49 15.67 5.38 -56.36
C ILE C 49 16.19 4.31 -57.31
N LYS C 50 15.64 3.10 -57.17
CA LYS C 50 16.01 2.00 -58.06
C LYS C 50 15.74 2.38 -59.50
N SER C 51 16.54 1.80 -60.41
CA SER C 51 16.41 2.09 -61.82
C SER C 51 15.15 1.48 -62.44
N ASP C 52 14.43 0.63 -61.70
CA ASP C 52 13.20 0.05 -62.20
C ASP C 52 11.95 0.81 -61.76
N MET C 53 12.01 1.48 -60.61
CA MET C 53 10.87 2.24 -60.10
C MET C 53 10.95 3.69 -60.56
N LYS C 54 11.09 3.88 -61.86
CA LYS C 54 11.14 5.20 -62.46
C LYS C 54 9.76 5.76 -62.77
N ASP C 55 8.71 4.94 -62.67
CA ASP C 55 7.35 5.38 -62.91
C ASP C 55 6.59 5.61 -61.61
N ALA C 56 7.26 5.55 -60.47
CA ALA C 56 6.61 5.80 -59.19
C ALA C 56 6.74 7.24 -58.74
N LEU C 57 7.82 7.91 -59.13
CA LEU C 57 8.08 9.30 -58.73
C LEU C 57 7.50 10.27 -59.77
N ARG C 58 6.21 10.12 -60.04
CA ARG C 58 5.64 10.80 -61.20
C ARG C 58 5.30 12.25 -60.90
N GLU C 59 4.23 12.50 -60.15
CA GLU C 59 3.95 13.87 -59.70
C GLU C 59 3.49 13.94 -58.25
N GLU C 60 2.63 13.00 -57.87
CA GLU C 60 1.99 13.02 -56.57
C GLU C 60 2.66 12.10 -55.58
N THR C 61 3.79 11.51 -55.97
CA THR C 61 4.55 10.68 -55.05
C THR C 61 4.90 11.50 -53.82
N GLN C 62 4.46 11.04 -52.66
CA GLN C 62 4.67 11.73 -51.40
C GLN C 62 5.78 11.05 -50.63
N PHE C 63 6.68 11.85 -50.07
CA PHE C 63 7.76 11.37 -49.24
C PHE C 63 7.61 11.93 -47.85
N TRP C 64 7.81 11.08 -46.84
CA TRP C 64 7.79 11.57 -45.47
C TRP C 64 8.79 10.78 -44.65
N LEU C 65 9.11 11.31 -43.47
CA LEU C 65 10.06 10.68 -42.57
C LEU C 65 9.32 9.97 -41.46
N VAL C 66 9.77 8.75 -41.14
CA VAL C 66 9.13 7.94 -40.12
C VAL C 66 10.06 7.84 -38.92
N THR C 67 9.55 7.25 -37.85
CA THR C 67 10.24 7.15 -36.57
C THR C 67 9.95 5.78 -35.97
N PRO C 68 10.78 5.33 -35.02
CA PRO C 68 10.60 3.97 -34.49
C PRO C 68 9.52 3.84 -33.44
N LYS C 69 8.62 4.83 -33.35
CA LYS C 69 7.41 4.87 -32.53
C LYS C 69 7.68 5.17 -31.06
N ALA C 70 8.94 5.23 -30.61
CA ALA C 70 9.30 5.67 -29.27
C ALA C 70 8.50 4.94 -28.18
N SER C 71 8.77 3.64 -28.10
CA SER C 71 8.04 2.76 -27.18
C SER C 71 8.97 2.33 -26.05
N LEU C 72 9.08 3.18 -25.03
CA LEU C 72 9.74 2.88 -23.76
C LEU C 72 11.24 2.71 -23.93
N ALA C 73 11.72 2.73 -25.16
CA ALA C 73 13.15 2.67 -25.44
C ALA C 73 13.68 3.95 -26.05
N GLY C 74 12.81 4.78 -26.61
CA GLY C 74 13.21 6.09 -27.07
C GLY C 74 12.97 7.14 -26.00
N VAL C 75 11.99 6.89 -25.14
CA VAL C 75 11.72 7.82 -24.05
C VAL C 75 12.74 7.67 -22.93
N SER C 76 13.25 6.46 -22.70
CA SER C 76 14.24 6.22 -21.66
C SER C 76 15.65 6.23 -22.26
N GLY C 77 15.97 7.34 -22.92
CA GLY C 77 17.26 7.43 -23.59
C GLY C 77 17.37 6.37 -24.66
N LEU C 78 18.43 5.57 -24.58
CA LEU C 78 18.67 4.44 -25.48
C LEU C 78 18.43 4.83 -26.94
N ASP C 79 19.12 5.90 -27.36
CA ASP C 79 18.91 6.40 -28.71
C ASP C 79 19.43 5.43 -29.76
N ALA C 80 20.72 5.06 -29.66
CA ALA C 80 21.31 4.18 -30.65
C ALA C 80 21.01 2.72 -30.35
N LEU C 81 19.73 2.40 -30.15
CA LEU C 81 19.32 1.03 -29.92
C LEU C 81 18.03 0.65 -30.62
N VAL C 82 17.37 1.59 -31.31
CA VAL C 82 16.08 1.34 -31.95
C VAL C 82 16.00 2.10 -33.27
N GLY C 83 15.36 1.48 -34.25
CA GLY C 83 14.93 2.15 -35.46
C GLY C 83 16.01 2.70 -36.38
N GLY C 84 15.59 3.14 -37.56
CA GLY C 84 16.52 3.73 -38.51
C GLY C 84 15.99 4.96 -39.20
N ASN C 85 14.73 5.31 -38.96
CA ASN C 85 14.10 6.50 -39.53
C ASN C 85 14.17 6.49 -41.05
N TYR C 86 13.53 5.50 -41.66
CA TYR C 86 13.52 5.44 -43.11
C TYR C 86 12.62 6.53 -43.68
N ILE C 87 12.58 6.62 -45.00
CA ILE C 87 11.78 7.60 -45.72
C ILE C 87 10.66 6.87 -46.43
N GLY C 88 9.45 7.01 -45.92
CA GLY C 88 8.31 6.41 -46.58
C GLY C 88 7.94 7.14 -47.85
N MET C 89 7.51 6.35 -48.84
CA MET C 89 7.20 6.87 -50.17
C MET C 89 5.88 6.28 -50.64
N MET C 90 5.08 7.11 -51.30
CA MET C 90 3.80 6.67 -51.87
C MET C 90 3.73 7.15 -53.31
N PRO C 91 3.61 6.26 -54.29
CA PRO C 91 3.69 6.67 -55.69
C PRO C 91 2.54 7.60 -56.09
N GLY C 92 2.80 8.40 -57.13
CA GLY C 92 1.86 9.39 -57.60
C GLY C 92 1.23 9.04 -58.93
N LYS C 93 0.48 10.01 -59.47
CA LYS C 93 -0.33 9.75 -60.65
C LYS C 93 0.47 9.87 -61.94
N GLY C 94 0.93 11.08 -62.28
CA GLY C 94 1.76 11.20 -63.46
C GLY C 94 2.44 12.54 -63.70
N LYS C 95 3.77 12.49 -63.85
CA LYS C 95 4.60 13.56 -64.39
C LYS C 95 6.04 13.06 -64.47
N GLU C 96 6.97 13.94 -64.82
CA GLU C 96 8.39 13.65 -64.78
C GLU C 96 9.07 14.40 -63.63
N GLN C 97 8.38 14.50 -62.50
CA GLN C 97 8.89 15.29 -61.38
C GLN C 97 10.11 14.64 -60.76
N ASP C 98 11.08 15.47 -60.37
CA ASP C 98 12.29 14.98 -59.72
C ASP C 98 12.71 15.88 -58.55
N HIS C 99 11.78 16.67 -58.00
CA HIS C 99 12.09 17.53 -56.86
C HIS C 99 10.82 17.62 -56.02
N PHE C 100 10.85 17.04 -54.84
CA PHE C 100 9.65 16.89 -54.01
C PHE C 100 9.77 17.72 -52.74
N VAL C 101 8.65 17.80 -52.03
CA VAL C 101 8.58 18.44 -50.73
C VAL C 101 8.13 17.38 -49.74
N ALA C 102 8.92 17.16 -48.70
CA ALA C 102 8.61 16.11 -47.74
C ALA C 102 7.34 16.45 -46.99
N LEU C 103 6.45 15.48 -46.87
CA LEU C 103 5.28 15.64 -46.01
C LEU C 103 5.69 15.58 -44.55
N ASP C 104 4.97 16.33 -43.73
CA ASP C 104 5.23 16.36 -42.30
C ASP C 104 4.56 15.21 -41.56
N THR C 105 3.66 14.49 -42.21
CA THR C 105 3.04 13.31 -41.62
C THR C 105 2.68 12.35 -42.75
N GLN C 106 2.51 11.08 -42.40
CA GLN C 106 2.16 10.09 -43.40
C GLN C 106 0.76 10.38 -43.95
N PRO C 107 0.54 10.13 -45.24
CA PRO C 107 -0.76 10.44 -45.83
C PRO C 107 -1.85 9.49 -45.37
N LYS C 108 -3.04 9.63 -45.94
CA LYS C 108 -4.14 8.74 -45.61
C LYS C 108 -3.82 7.31 -46.06
N TYR C 109 -4.70 6.40 -45.72
CA TYR C 109 -4.55 4.99 -46.07
C TYR C 109 -5.22 4.78 -47.42
N ARG C 110 -4.41 4.71 -48.47
CA ARG C 110 -4.91 4.51 -49.83
C ARG C 110 -4.84 3.07 -50.29
N LEU C 111 -4.21 2.18 -49.52
CA LEU C 111 -4.04 0.81 -49.93
C LEU C 111 -5.39 0.09 -50.02
N ASP C 112 -5.35 -1.14 -50.53
CA ASP C 112 -6.55 -1.97 -50.58
C ASP C 112 -6.09 -3.42 -50.54
N ASN C 113 -6.13 -4.03 -49.37
CA ASN C 113 -5.75 -5.43 -49.18
C ASN C 113 -6.90 -6.24 -48.61
N GLY C 114 -8.12 -5.74 -48.70
CA GLY C 114 -9.25 -6.39 -48.08
C GLY C 114 -9.34 -6.22 -46.58
N ASP C 115 -8.39 -5.51 -45.97
CA ASP C 115 -8.42 -5.28 -44.54
C ASP C 115 -9.12 -3.95 -44.24
N LEU C 116 -9.77 -3.89 -43.09
CA LEU C 116 -10.61 -2.76 -42.76
C LEU C 116 -9.81 -1.61 -42.20
N MET C 117 -10.23 -0.40 -42.52
CA MET C 117 -9.82 0.79 -41.80
C MET C 117 -11.06 1.47 -41.27
N ILE C 118 -11.15 1.58 -39.96
CA ILE C 118 -12.28 2.22 -39.30
C ILE C 118 -11.76 3.40 -38.51
N HIS C 119 -12.66 4.30 -38.16
CA HIS C 119 -12.32 5.50 -37.42
C HIS C 119 -12.97 5.44 -36.05
N LEU C 120 -12.27 5.95 -35.06
CA LEU C 120 -12.77 6.00 -33.68
C LEU C 120 -12.72 7.44 -33.19
N GLN C 121 -13.88 8.00 -32.89
CA GLN C 121 -13.91 9.30 -32.23
C GLN C 121 -13.49 9.13 -30.78
N ALA C 122 -12.86 10.16 -30.23
CA ALA C 122 -12.46 10.10 -28.84
C ALA C 122 -12.38 11.51 -28.30
N PRO C 123 -12.57 11.70 -26.99
CA PRO C 123 -12.34 13.03 -26.41
C PRO C 123 -10.87 13.40 -26.41
N ASP C 124 -9.99 12.42 -26.26
CA ASP C 124 -8.55 12.64 -26.33
C ASP C 124 -7.90 11.33 -26.72
N LEU C 125 -6.61 11.40 -27.04
CA LEU C 125 -5.91 10.22 -27.52
C LEU C 125 -5.80 9.13 -26.47
N GLY C 126 -5.85 9.48 -25.19
CA GLY C 126 -5.52 8.49 -24.21
C GLY C 126 -4.04 8.13 -24.35
N SER C 127 -3.68 6.99 -23.77
CA SER C 127 -2.30 6.52 -23.90
C SER C 127 -2.14 5.59 -25.09
N LEU C 128 -2.58 6.05 -26.25
CA LEU C 128 -2.43 5.31 -27.49
C LEU C 128 -1.40 5.99 -28.36
N ASN C 129 -0.94 5.26 -29.37
CA ASN C 129 0.04 5.77 -30.32
C ASN C 129 0.12 4.77 -31.47
N SER C 130 0.74 5.20 -32.56
CA SER C 130 0.86 4.34 -33.73
C SER C 130 1.58 3.05 -33.35
N GLY C 131 0.86 1.94 -33.41
CA GLY C 131 1.38 0.66 -32.99
C GLY C 131 0.65 0.03 -31.83
N SER C 132 -0.24 0.75 -31.16
CA SER C 132 -1.06 0.14 -30.14
C SER C 132 -1.96 -0.92 -30.77
N LEU C 133 -2.13 -2.03 -30.07
CA LEU C 133 -2.84 -3.16 -30.64
C LEU C 133 -4.33 -3.06 -30.38
N VAL C 134 -5.11 -3.61 -31.31
CA VAL C 134 -6.54 -3.76 -31.17
C VAL C 134 -6.82 -5.23 -30.90
N TYR C 135 -7.63 -5.51 -29.89
CA TYR C 135 -7.85 -6.85 -29.40
C TYR C 135 -9.29 -7.28 -29.60
N PHE C 136 -9.47 -8.55 -29.92
CA PHE C 136 -10.75 -9.23 -29.80
C PHE C 136 -10.49 -10.48 -28.99
N ARG C 137 -11.13 -10.58 -27.82
CA ARG C 137 -10.88 -11.68 -26.89
C ARG C 137 -9.41 -11.74 -26.51
N LYS C 138 -8.80 -10.57 -26.37
CA LYS C 138 -7.38 -10.41 -26.07
C LYS C 138 -6.49 -11.06 -27.13
N ILE C 139 -7.02 -11.27 -28.33
CA ILE C 139 -6.26 -11.72 -29.48
C ILE C 139 -6.02 -10.50 -30.38
N PRO C 140 -4.78 -10.17 -30.70
CA PRO C 140 -4.53 -8.97 -31.52
C PRO C 140 -5.00 -9.18 -32.95
N VAL C 141 -5.93 -8.33 -33.38
CA VAL C 141 -6.51 -8.41 -34.71
C VAL C 141 -6.32 -7.15 -35.51
N GLY C 142 -5.55 -6.20 -35.00
CA GLY C 142 -5.36 -4.96 -35.72
C GLY C 142 -4.35 -4.08 -35.03
N LYS C 143 -4.35 -2.81 -35.40
CA LYS C 143 -3.42 -1.86 -34.84
C LYS C 143 -3.89 -0.46 -35.14
N VAL C 144 -3.49 0.48 -34.28
CA VAL C 144 -3.76 1.89 -34.50
C VAL C 144 -2.87 2.38 -35.63
N TYR C 145 -3.49 2.84 -36.71
CA TYR C 145 -2.70 3.30 -37.85
C TYR C 145 -2.11 4.69 -37.59
N ASP C 146 -2.97 5.68 -37.39
CA ASP C 146 -2.51 7.02 -37.04
C ASP C 146 -3.69 7.80 -36.49
N TYR C 147 -3.38 8.89 -35.80
CA TYR C 147 -4.36 9.71 -35.14
C TYR C 147 -4.29 11.13 -35.65
N ALA C 148 -5.43 11.81 -35.65
CA ALA C 148 -5.49 13.19 -36.05
C ALA C 148 -6.40 13.94 -35.08
N ILE C 149 -6.32 15.26 -35.13
CA ILE C 149 -7.18 16.10 -34.31
C ILE C 149 -8.42 16.44 -35.11
N ASN C 150 -9.58 16.29 -34.47
CA ASN C 150 -10.83 16.58 -35.13
C ASN C 150 -10.83 18.03 -35.62
N PRO C 151 -11.28 18.30 -36.85
CA PRO C 151 -11.28 19.67 -37.35
C PRO C 151 -11.85 20.71 -36.38
N ASN C 152 -12.91 20.38 -35.66
CA ASN C 152 -13.50 21.30 -34.71
C ASN C 152 -12.73 21.36 -33.39
N LYS C 153 -11.57 20.73 -33.31
CA LYS C 153 -10.71 20.70 -32.13
C LYS C 153 -11.39 20.14 -30.89
N GLN C 154 -12.57 19.56 -31.04
CA GLN C 154 -13.31 19.07 -29.88
C GLN C 154 -12.93 17.66 -29.49
N GLY C 155 -12.32 16.91 -30.38
CA GLY C 155 -11.88 15.56 -30.05
C GLY C 155 -10.74 15.12 -30.95
N VAL C 156 -10.45 13.81 -30.95
CA VAL C 156 -9.46 13.24 -31.85
C VAL C 156 -10.11 12.09 -32.59
N VAL C 157 -9.50 11.74 -33.73
CA VAL C 157 -9.95 10.65 -34.57
C VAL C 157 -8.78 9.69 -34.71
N ILE C 158 -8.97 8.46 -34.26
CA ILE C 158 -7.98 7.39 -34.39
C ILE C 158 -8.35 6.54 -35.58
N ASP C 159 -7.36 6.03 -36.30
CA ASP C 159 -7.59 5.19 -37.46
C ASP C 159 -7.10 3.79 -37.13
N VAL C 160 -8.03 2.86 -36.99
CA VAL C 160 -7.73 1.48 -36.64
C VAL C 160 -7.72 0.65 -37.92
N LEU C 161 -6.73 -0.21 -38.05
CA LEU C 161 -6.56 -1.05 -39.24
C LEU C 161 -6.73 -2.51 -38.82
N ILE C 162 -7.93 -3.05 -39.05
CA ILE C 162 -8.20 -4.44 -38.74
C ILE C 162 -7.70 -5.31 -39.88
N GLU C 163 -6.88 -6.30 -39.55
CA GLU C 163 -6.24 -7.15 -40.54
C GLU C 163 -7.29 -7.92 -41.35
N ARG C 164 -6.83 -8.51 -42.46
CA ARG C 164 -7.74 -9.01 -43.48
C ARG C 164 -8.56 -10.19 -42.97
N ARG C 165 -7.90 -11.15 -42.33
CA ARG C 165 -8.64 -12.35 -41.96
C ARG C 165 -9.52 -12.16 -40.76
N PHE C 166 -9.68 -10.95 -40.24
CA PHE C 166 -10.50 -10.69 -39.08
C PHE C 166 -11.62 -9.70 -39.32
N THR C 167 -11.84 -9.29 -40.57
CA THR C 167 -12.81 -8.24 -40.85
C THR C 167 -14.25 -8.67 -40.57
N ASP C 168 -14.49 -9.96 -40.34
CA ASP C 168 -15.83 -10.37 -39.95
C ASP C 168 -16.15 -10.00 -38.50
N LEU C 169 -15.14 -9.63 -37.72
CA LEU C 169 -15.38 -9.34 -36.31
C LEU C 169 -16.03 -7.98 -36.13
N VAL C 170 -15.63 -6.99 -36.93
CA VAL C 170 -16.10 -5.62 -36.75
C VAL C 170 -17.50 -5.53 -37.34
N LYS C 171 -18.51 -5.70 -36.49
CA LYS C 171 -19.89 -5.52 -36.91
C LYS C 171 -20.28 -4.05 -36.77
N LYS C 172 -21.33 -3.67 -37.49
CA LYS C 172 -21.80 -2.29 -37.41
C LYS C 172 -22.29 -1.92 -36.03
N GLY C 173 -22.52 -2.90 -35.15
CA GLY C 173 -22.93 -2.61 -33.79
C GLY C 173 -21.87 -2.95 -32.77
N SER C 174 -20.60 -2.97 -33.20
CA SER C 174 -19.52 -3.24 -32.27
C SER C 174 -19.28 -2.03 -31.38
N ARG C 175 -18.46 -2.24 -30.35
CA ARG C 175 -18.15 -1.19 -29.39
C ARG C 175 -16.70 -1.31 -29.00
N PHE C 176 -15.94 -0.23 -29.19
CA PHE C 176 -14.52 -0.21 -28.89
C PHE C 176 -14.31 0.50 -27.57
N TRP C 177 -13.50 -0.10 -26.71
CA TRP C 177 -13.18 0.52 -25.43
C TRP C 177 -11.67 0.51 -25.21
N ASN C 178 -11.19 1.57 -24.56
CA ASN C 178 -9.77 1.73 -24.31
C ASN C 178 -9.33 0.81 -23.18
N VAL C 179 -8.27 0.04 -23.40
CA VAL C 179 -7.64 -0.77 -22.37
C VAL C 179 -6.20 -0.30 -22.33
N SER C 180 -5.85 0.47 -21.30
CA SER C 180 -4.55 1.12 -21.27
C SER C 180 -4.12 1.34 -19.83
N GLY C 181 -2.80 1.35 -19.63
CA GLY C 181 -2.25 1.59 -18.32
C GLY C 181 -2.66 0.54 -17.32
N VAL C 182 -2.56 0.89 -16.04
CA VAL C 182 -2.91 -0.01 -14.95
C VAL C 182 -4.11 0.57 -14.22
N ASP C 183 -4.92 -0.32 -13.66
CA ASP C 183 -6.17 0.04 -12.99
C ASP C 183 -6.14 -0.42 -11.53
N ALA C 184 -5.03 -0.16 -10.84
CA ALA C 184 -4.84 -0.66 -9.49
C ALA C 184 -5.92 -0.13 -8.56
N ASN C 185 -6.80 -1.04 -8.12
CA ASN C 185 -7.88 -0.71 -7.21
C ASN C 185 -7.54 -1.19 -5.80
N VAL C 186 -8.07 -0.47 -4.81
CA VAL C 186 -7.82 -0.78 -3.41
C VAL C 186 -9.11 -0.56 -2.62
N SER C 187 -9.51 -1.55 -1.84
CA SER C 187 -10.63 -1.46 -0.93
C SER C 187 -10.25 -2.09 0.40
N ILE C 188 -11.22 -2.32 1.28
CA ILE C 188 -10.99 -3.04 2.53
C ILE C 188 -11.52 -4.46 2.33
N SER C 189 -10.64 -5.45 2.48
CA SER C 189 -10.97 -6.85 2.22
C SER C 189 -11.46 -7.01 0.78
N GLY C 190 -10.53 -6.82 -0.15
CA GLY C 190 -10.90 -6.67 -1.54
C GLY C 190 -9.99 -5.74 -2.31
N ALA C 191 -8.94 -5.23 -1.66
CA ALA C 191 -7.93 -4.42 -2.34
C ALA C 191 -7.11 -5.35 -3.24
N LYS C 192 -7.72 -5.76 -4.34
CA LYS C 192 -7.16 -6.73 -5.26
C LYS C 192 -6.76 -6.03 -6.55
N VAL C 193 -5.50 -6.16 -6.94
CA VAL C 193 -5.01 -5.62 -8.20
C VAL C 193 -4.51 -6.78 -9.05
N LYS C 194 -5.06 -6.91 -10.25
CA LYS C 194 -4.66 -7.92 -11.21
C LYS C 194 -4.21 -7.25 -12.49
N LEU C 195 -3.05 -7.68 -13.01
CA LEU C 195 -2.55 -7.17 -14.27
C LEU C 195 -2.17 -8.34 -15.15
N GLU C 196 -2.67 -8.34 -16.38
CA GLU C 196 -2.37 -9.41 -17.33
C GLU C 196 -1.73 -8.89 -18.61
N SER C 197 -2.29 -7.86 -19.23
CA SER C 197 -1.78 -7.36 -20.49
C SER C 197 -0.59 -6.45 -20.23
N LEU C 198 0.57 -6.82 -20.78
CA LEU C 198 1.78 -6.02 -20.62
C LEU C 198 1.91 -4.93 -21.68
N ALA C 199 1.65 -5.24 -22.94
CA ALA C 199 1.74 -4.23 -23.99
C ALA C 199 0.73 -3.12 -23.75
N ALA C 200 -0.47 -3.48 -23.29
CA ALA C 200 -1.45 -2.46 -22.94
C ALA C 200 -0.95 -1.56 -21.82
N LEU C 201 -0.13 -2.11 -20.92
CA LEU C 201 0.42 -1.31 -19.84
C LEU C 201 1.50 -0.36 -20.35
N VAL C 202 2.20 -0.72 -21.42
CA VAL C 202 3.30 0.09 -21.90
C VAL C 202 2.80 1.14 -22.89
N ASN C 203 2.23 0.70 -24.01
CA ASN C 203 1.83 1.62 -25.06
C ASN C 203 0.34 1.54 -25.38
N GLY C 204 -0.47 1.12 -24.40
CA GLY C 204 -1.90 1.17 -24.53
C GLY C 204 -2.49 0.21 -25.54
N ALA C 205 -3.80 0.07 -25.55
CA ALA C 205 -4.47 -0.85 -26.45
C ALA C 205 -5.94 -0.52 -26.54
N ILE C 206 -6.57 -1.03 -27.58
CA ILE C 206 -8.02 -0.92 -27.76
C ILE C 206 -8.57 -2.33 -27.77
N ALA C 207 -9.81 -2.49 -27.35
CA ALA C 207 -10.47 -3.79 -27.43
C ALA C 207 -11.85 -3.59 -28.01
N PHE C 208 -12.40 -4.63 -28.62
CA PHE C 208 -13.75 -4.51 -29.13
C PHE C 208 -14.47 -5.85 -29.04
N ASP C 209 -15.77 -5.80 -29.27
CA ASP C 209 -16.64 -6.97 -29.19
C ASP C 209 -17.46 -7.06 -30.47
N SER C 210 -18.27 -8.10 -30.55
CA SER C 210 -18.98 -8.36 -31.80
C SER C 210 -20.35 -8.96 -31.54
N PRO C 211 -21.42 -8.19 -31.67
CA PRO C 211 -22.76 -8.77 -31.61
C PRO C 211 -22.97 -9.77 -32.74
N GLU C 212 -23.99 -10.62 -32.58
CA GLU C 212 -24.23 -11.72 -33.50
C GLU C 212 -25.47 -11.50 -34.35
N GLU C 213 -25.95 -10.27 -34.47
CA GLU C 213 -27.15 -10.01 -35.25
C GLU C 213 -27.05 -8.74 -36.09
N SER C 214 -25.88 -8.13 -36.18
CA SER C 214 -25.72 -6.89 -36.92
C SER C 214 -24.82 -7.11 -38.12
N LYS C 215 -24.97 -6.25 -39.12
CA LYS C 215 -24.25 -6.40 -40.37
C LYS C 215 -22.76 -6.09 -40.17
N PRO C 216 -21.90 -6.63 -41.02
CA PRO C 216 -20.47 -6.31 -40.92
C PRO C 216 -20.21 -4.87 -41.32
N ALA C 217 -19.22 -4.27 -40.67
CA ALA C 217 -18.89 -2.87 -40.90
C ALA C 217 -18.17 -2.70 -42.23
N GLU C 218 -18.47 -1.62 -42.92
CA GLU C 218 -17.79 -1.29 -44.16
C GLU C 218 -16.58 -0.42 -43.87
N ALA C 219 -15.80 -0.16 -44.92
CA ALA C 219 -14.59 0.64 -44.77
C ALA C 219 -14.94 2.07 -44.37
N GLU C 220 -14.01 2.70 -43.65
CA GLU C 220 -14.14 4.09 -43.23
C GLU C 220 -15.39 4.32 -42.38
N ASP C 221 -15.83 3.29 -41.65
CA ASP C 221 -16.96 3.44 -40.76
C ASP C 221 -16.49 3.98 -39.42
N THR C 222 -17.35 4.77 -38.78
CA THR C 222 -16.99 5.52 -37.59
C THR C 222 -17.66 4.92 -36.36
N PHE C 223 -16.88 4.72 -35.32
CA PHE C 223 -17.35 4.26 -34.02
C PHE C 223 -16.89 5.25 -32.95
N GLY C 224 -17.29 5.00 -31.72
CA GLY C 224 -16.87 5.84 -30.62
C GLY C 224 -16.06 5.07 -29.61
N LEU C 225 -14.91 5.60 -29.24
CA LEU C 225 -14.04 4.93 -28.28
C LEU C 225 -14.50 5.23 -26.86
N TYR C 226 -14.92 4.20 -26.14
CA TYR C 226 -15.35 4.39 -24.77
C TYR C 226 -14.14 4.44 -23.84
N GLU C 227 -14.38 4.92 -22.63
CA GLU C 227 -13.27 5.14 -21.70
C GLU C 227 -12.71 3.84 -21.18
N ASP C 228 -13.57 2.87 -20.91
CA ASP C 228 -13.13 1.60 -20.35
C ASP C 228 -14.18 0.54 -20.68
N LEU C 229 -13.96 -0.67 -20.19
CA LEU C 229 -14.90 -1.75 -20.44
C LEU C 229 -16.25 -1.45 -19.83
N ALA C 230 -16.27 -0.80 -18.67
CA ALA C 230 -17.53 -0.53 -17.98
C ALA C 230 -18.38 0.47 -18.74
N HIS C 231 -17.76 1.57 -19.19
CA HIS C 231 -18.52 2.58 -19.91
C HIS C 231 -19.12 2.05 -21.20
N SER C 232 -18.61 0.94 -21.72
CA SER C 232 -19.09 0.38 -22.98
C SER C 232 -20.28 -0.54 -22.80
N GLN C 233 -20.63 -0.88 -21.57
CA GLN C 233 -21.68 -1.87 -21.34
C GLN C 233 -23.01 -1.40 -21.91
N ARG C 234 -23.69 -2.31 -22.59
CA ARG C 234 -24.99 -1.99 -23.15
C ARG C 234 -26.05 -2.03 -22.05
N GLY C 235 -27.18 -1.42 -22.35
CA GLY C 235 -28.26 -1.29 -21.39
C GLY C 235 -29.02 -0.02 -21.66
N VAL C 236 -30.26 0.00 -21.20
CA VAL C 236 -31.14 1.12 -21.48
C VAL C 236 -30.79 2.29 -20.58
N ILE C 237 -30.80 3.50 -21.15
CA ILE C 237 -30.47 4.70 -20.40
C ILE C 237 -31.77 5.36 -19.97
N ILE C 238 -32.01 5.37 -18.67
CA ILE C 238 -33.19 6.00 -18.09
C ILE C 238 -32.77 7.29 -17.42
N LYS C 239 -33.71 8.20 -17.26
CA LYS C 239 -33.44 9.51 -16.70
C LYS C 239 -34.13 9.66 -15.36
N LEU C 240 -33.41 10.22 -14.39
CA LEU C 240 -33.93 10.41 -13.04
C LEU C 240 -33.91 11.89 -12.70
N GLU C 241 -34.89 12.32 -11.94
CA GLU C 241 -34.91 13.65 -11.35
C GLU C 241 -34.70 13.43 -9.85
N LEU C 242 -33.53 13.35 -9.48
CA LEU C 242 -33.29 12.98 -8.10
C LEU C 242 -33.21 14.21 -7.22
N PRO C 243 -33.49 14.08 -5.91
CA PRO C 243 -33.66 15.29 -5.09
C PRO C 243 -32.41 16.13 -4.99
N SER C 244 -31.31 15.56 -4.54
CA SER C 244 -30.04 16.27 -4.43
C SER C 244 -28.95 15.23 -4.35
N GLY C 245 -28.03 15.24 -5.31
CA GLY C 245 -27.04 14.19 -5.31
C GLY C 245 -25.99 14.48 -4.25
N ALA C 246 -26.07 13.76 -3.14
CA ALA C 246 -25.19 13.98 -2.02
C ALA C 246 -24.20 12.84 -1.82
N GLY C 247 -24.68 11.62 -1.67
CA GLY C 247 -23.81 10.47 -1.66
C GLY C 247 -23.64 9.83 -3.01
N LEU C 248 -24.19 10.43 -4.05
CA LEU C 248 -24.17 9.86 -5.39
C LEU C 248 -22.92 10.30 -6.14
N THR C 249 -22.35 9.39 -6.91
CA THR C 249 -21.21 9.66 -7.76
C THR C 249 -21.56 9.34 -9.20
N ALA C 250 -20.92 10.05 -10.14
CA ALA C 250 -21.26 9.92 -11.54
C ALA C 250 -21.24 8.47 -12.00
N ASP C 251 -20.42 7.64 -11.39
CA ASP C 251 -20.44 6.19 -11.56
C ASP C 251 -20.36 5.55 -10.19
N SER C 252 -20.30 4.23 -10.17
CA SER C 252 -20.11 3.46 -8.94
C SER C 252 -21.22 3.70 -7.91
N THR C 253 -22.39 4.12 -8.38
CA THR C 253 -23.58 4.17 -7.53
C THR C 253 -24.59 3.21 -8.11
N PRO C 254 -24.78 2.04 -7.50
CA PRO C 254 -25.53 0.99 -8.16
C PRO C 254 -27.03 1.18 -8.03
N LEU C 255 -27.75 0.42 -8.85
CA LEU C 255 -29.20 0.29 -8.76
C LEU C 255 -29.48 -1.14 -8.33
N MET C 256 -29.64 -1.35 -7.04
CA MET C 256 -29.83 -2.69 -6.52
C MET C 256 -31.25 -3.16 -6.75
N TYR C 257 -31.39 -4.44 -7.05
CA TYR C 257 -32.70 -5.09 -7.15
C TYR C 257 -32.59 -6.44 -6.46
N GLN C 258 -33.08 -6.51 -5.23
CA GLN C 258 -32.92 -7.70 -4.39
C GLN C 258 -31.45 -8.01 -4.18
N GLY C 259 -30.68 -7.00 -3.81
CA GLY C 259 -29.28 -7.18 -3.50
C GLY C 259 -28.37 -7.38 -4.69
N LEU C 260 -28.91 -7.59 -5.87
CA LEU C 260 -28.11 -7.74 -7.08
C LEU C 260 -28.08 -6.42 -7.83
N GLU C 261 -26.89 -5.97 -8.19
CA GLU C 261 -26.75 -4.72 -8.93
C GLU C 261 -27.19 -4.92 -10.37
N VAL C 262 -28.15 -4.11 -10.82
CA VAL C 262 -28.69 -4.27 -12.15
C VAL C 262 -28.60 -2.95 -12.91
N GLY C 263 -27.76 -2.05 -12.43
CA GLY C 263 -27.57 -0.79 -13.12
C GLY C 263 -26.64 0.11 -12.34
N GLN C 264 -26.35 1.27 -12.93
CA GLN C 264 -25.48 2.23 -12.29
C GLN C 264 -25.87 3.64 -12.71
N LEU C 265 -25.55 4.60 -11.86
CA LEU C 265 -25.55 5.99 -12.29
C LEU C 265 -24.44 6.20 -13.32
N THR C 266 -24.76 6.90 -14.39
CA THR C 266 -23.76 7.26 -15.38
C THR C 266 -23.62 8.75 -15.58
N LYS C 267 -24.66 9.54 -15.31
CA LYS C 267 -24.58 10.98 -15.45
C LYS C 267 -25.21 11.62 -14.23
N LEU C 268 -24.60 12.70 -13.74
CA LEU C 268 -25.07 13.41 -12.56
C LEU C 268 -24.81 14.90 -12.79
N ASP C 269 -25.84 15.60 -13.26
CA ASP C 269 -25.71 16.99 -13.68
C ASP C 269 -26.36 17.92 -12.68
N LEU C 270 -26.32 19.22 -13.00
CA LEU C 270 -26.97 20.25 -12.19
C LEU C 270 -27.65 21.20 -13.17
N ASN C 271 -28.97 21.11 -13.26
CA ASN C 271 -29.71 21.94 -14.18
C ASN C 271 -29.76 23.38 -13.68
N PRO C 272 -30.04 24.34 -14.58
CA PRO C 272 -30.04 25.75 -14.16
C PRO C 272 -31.01 26.06 -13.04
N GLY C 273 -32.20 25.48 -13.07
CA GLY C 273 -33.20 25.80 -12.06
C GLY C 273 -32.90 25.22 -10.69
N GLY C 274 -31.66 24.77 -10.49
CA GLY C 274 -31.29 24.13 -9.25
C GLY C 274 -31.66 22.68 -9.14
N LYS C 275 -32.37 22.13 -10.11
CA LYS C 275 -32.75 20.72 -10.05
C LYS C 275 -31.59 19.84 -10.45
N VAL C 276 -31.35 18.78 -9.68
CA VAL C 276 -30.26 17.86 -9.93
C VAL C 276 -30.84 16.66 -10.68
N THR C 277 -30.53 16.56 -11.97
CA THR C 277 -30.98 15.44 -12.76
C THR C 277 -29.85 14.45 -12.95
N GLY C 278 -30.20 13.25 -13.40
CA GLY C 278 -29.21 12.22 -13.62
C GLY C 278 -29.62 11.20 -14.65
N GLU C 279 -28.69 10.36 -15.06
CA GLU C 279 -28.98 9.33 -16.05
C GLU C 279 -28.35 8.04 -15.60
N MET C 280 -29.08 6.94 -15.71
CA MET C 280 -28.68 5.65 -15.19
C MET C 280 -28.82 4.59 -16.27
N THR C 281 -27.79 3.78 -16.43
CA THR C 281 -27.80 2.69 -17.40
C THR C 281 -28.23 1.41 -16.70
N VAL C 282 -29.27 0.77 -17.24
CA VAL C 282 -29.91 -0.38 -16.63
C VAL C 282 -29.63 -1.61 -17.48
N ASP C 283 -29.28 -2.70 -16.81
CA ASP C 283 -29.08 -3.98 -17.47
C ASP C 283 -30.31 -4.34 -18.29
N PRO C 284 -30.14 -4.74 -19.56
CA PRO C 284 -31.29 -5.10 -20.39
C PRO C 284 -32.11 -6.26 -19.88
N SER C 285 -31.71 -6.90 -18.78
CA SER C 285 -32.47 -8.01 -18.25
C SER C 285 -33.66 -7.57 -17.40
N VAL C 286 -33.65 -6.33 -16.91
CA VAL C 286 -34.72 -5.84 -16.04
C VAL C 286 -35.45 -4.66 -16.65
N VAL C 287 -35.36 -4.48 -17.97
CA VAL C 287 -36.11 -3.40 -18.60
C VAL C 287 -37.61 -3.66 -18.51
N THR C 288 -38.01 -4.93 -18.50
CA THR C 288 -39.42 -5.26 -18.37
C THR C 288 -39.99 -4.87 -17.00
N LEU C 289 -39.13 -4.58 -16.03
CA LEU C 289 -39.57 -4.14 -14.73
C LEU C 289 -39.63 -2.63 -14.60
N LEU C 290 -39.38 -1.89 -15.67
CA LEU C 290 -39.45 -0.43 -15.66
C LEU C 290 -40.79 -0.04 -16.27
N ARG C 291 -41.82 -0.03 -15.42
CA ARG C 291 -43.18 0.28 -15.83
C ARG C 291 -43.65 1.54 -15.13
N GLU C 292 -44.93 1.86 -15.30
CA GLU C 292 -45.45 3.13 -14.80
C GLU C 292 -45.39 3.22 -13.29
N ASN C 293 -45.73 2.14 -12.60
CA ASN C 293 -45.83 2.15 -11.14
C ASN C 293 -44.62 1.54 -10.46
N THR C 294 -43.43 1.74 -11.02
CA THR C 294 -42.20 1.22 -10.44
C THR C 294 -41.41 2.38 -9.86
N ARG C 295 -41.15 2.33 -8.57
CA ARG C 295 -40.42 3.40 -7.91
C ARG C 295 -38.93 3.09 -7.92
N ILE C 296 -38.14 4.15 -7.80
CA ILE C 296 -36.69 4.04 -7.63
C ILE C 296 -36.32 4.88 -6.44
N GLU C 297 -35.87 4.23 -5.36
CA GLU C 297 -35.75 4.87 -4.06
C GLU C 297 -34.29 4.99 -3.67
N LEU C 298 -33.88 6.18 -3.23
CA LEU C 298 -32.60 6.30 -2.55
C LEU C 298 -32.64 5.57 -1.22
N ARG C 299 -31.55 4.90 -0.88
CA ARG C 299 -31.47 4.17 0.36
C ARG C 299 -30.08 4.33 0.95
N ASN C 300 -30.04 4.63 2.20
CA ASN C 300 -28.89 4.80 3.05
C ASN C 300 -28.61 3.51 3.81
N PRO C 301 -27.34 3.22 4.09
CA PRO C 301 -27.01 2.00 4.83
C PRO C 301 -27.11 2.24 6.33
N LYS C 302 -27.91 1.42 7.01
CA LYS C 302 -28.07 1.55 8.44
C LYS C 302 -26.92 0.85 9.16
N LEU C 303 -26.75 1.19 10.44
CA LEU C 303 -25.79 0.47 11.27
C LEU C 303 -26.14 -1.00 11.34
N SER C 304 -27.32 -1.31 11.89
CA SER C 304 -27.81 -2.68 12.03
C SER C 304 -26.77 -3.55 12.75
N LEU C 305 -26.55 -3.18 14.02
CA LEU C 305 -25.51 -3.82 14.82
C LEU C 305 -25.57 -5.34 14.80
N SER C 306 -26.73 -5.92 14.44
CA SER C 306 -26.82 -7.37 14.30
C SER C 306 -25.83 -7.88 13.24
N ASP C 307 -25.96 -7.39 12.01
CA ASP C 307 -25.10 -7.79 10.91
C ASP C 307 -24.05 -6.74 10.55
N ALA C 308 -24.40 -5.45 10.62
CA ALA C 308 -23.48 -4.33 10.53
C ALA C 308 -22.93 -4.07 9.14
N ASN C 309 -23.19 -5.00 8.20
CA ASN C 309 -22.91 -4.84 6.77
C ASN C 309 -21.67 -4.01 6.48
N LEU C 310 -20.50 -4.44 6.97
CA LEU C 310 -19.30 -3.63 6.81
C LEU C 310 -18.99 -3.37 5.35
N SER C 311 -19.47 -4.22 4.44
CA SER C 311 -19.27 -3.97 3.02
C SER C 311 -20.26 -2.94 2.50
N ALA C 312 -21.54 -3.05 2.90
CA ALA C 312 -22.55 -2.13 2.41
C ALA C 312 -22.34 -0.73 2.95
N LEU C 313 -21.78 -0.60 4.15
CA LEU C 313 -21.55 0.72 4.72
C LEU C 313 -20.48 1.49 3.96
N LEU C 314 -19.64 0.79 3.20
CA LEU C 314 -18.66 1.47 2.35
C LEU C 314 -19.26 1.90 1.01
N THR C 315 -20.34 1.26 0.56
CA THR C 315 -20.95 1.66 -0.70
C THR C 315 -21.56 3.05 -0.60
N GLY C 316 -21.95 3.48 0.59
CA GLY C 316 -22.36 4.84 0.82
C GLY C 316 -23.84 5.10 0.69
N LYS C 317 -24.38 4.92 -0.52
CA LYS C 317 -25.78 5.19 -0.77
C LYS C 317 -26.18 4.54 -2.09
N THR C 318 -27.33 3.88 -2.12
CA THR C 318 -27.68 3.10 -3.30
C THR C 318 -29.08 3.47 -3.76
N PHE C 319 -29.42 2.99 -4.94
CA PHE C 319 -30.79 3.02 -5.41
C PHE C 319 -31.42 1.66 -5.22
N GLU C 320 -32.74 1.64 -5.16
CA GLU C 320 -33.47 0.39 -5.02
C GLU C 320 -34.64 0.43 -5.99
N LEU C 321 -34.76 -0.61 -6.80
CA LEU C 321 -35.81 -0.69 -7.81
C LEU C 321 -37.00 -1.45 -7.24
N VAL C 322 -38.12 -0.77 -7.07
CA VAL C 322 -39.34 -1.42 -6.61
C VAL C 322 -40.27 -1.53 -7.81
N PRO C 323 -40.38 -2.71 -8.42
CA PRO C 323 -41.12 -2.83 -9.67
C PRO C 323 -42.62 -2.71 -9.46
N GLY C 324 -43.34 -2.71 -10.57
CA GLY C 324 -44.77 -2.53 -10.52
C GLY C 324 -45.41 -2.81 -11.86
N ASP C 325 -46.65 -2.35 -12.01
CA ASP C 325 -47.47 -2.63 -13.18
C ASP C 325 -47.70 -1.37 -13.99
N GLY C 326 -48.02 -1.58 -15.27
CA GLY C 326 -48.43 -0.50 -16.13
C GLY C 326 -47.60 -0.42 -17.38
N GLU C 327 -47.76 0.68 -18.09
CA GLU C 327 -47.04 0.92 -19.32
C GLU C 327 -45.54 1.08 -19.04
N PRO C 328 -44.67 0.67 -19.97
CA PRO C 328 -43.24 0.85 -19.77
C PRO C 328 -42.86 2.31 -19.64
N ARG C 329 -41.86 2.57 -18.81
CA ARG C 329 -41.43 3.92 -18.48
C ARG C 329 -39.94 4.05 -18.77
N LYS C 330 -39.49 5.29 -18.95
CA LYS C 330 -38.09 5.56 -19.20
C LYS C 330 -37.53 6.72 -18.39
N GLU C 331 -38.37 7.52 -17.74
CA GLU C 331 -37.91 8.59 -16.87
C GLU C 331 -38.65 8.49 -15.55
N PHE C 332 -37.92 8.66 -14.46
CA PHE C 332 -38.48 8.49 -13.13
C PHE C 332 -38.16 9.71 -12.28
N VAL C 333 -38.75 9.75 -11.10
CA VAL C 333 -38.49 10.77 -10.10
C VAL C 333 -38.08 10.05 -8.84
N VAL C 334 -36.79 10.09 -8.51
CA VAL C 334 -36.30 9.37 -7.35
C VAL C 334 -36.88 9.99 -6.09
N VAL C 335 -37.45 9.15 -5.24
CA VAL C 335 -38.08 9.62 -4.00
C VAL C 335 -36.98 9.92 -2.99
N PRO C 336 -37.17 10.89 -2.10
CA PRO C 336 -36.13 11.23 -1.12
C PRO C 336 -35.84 10.12 -0.11
N GLY C 337 -36.47 8.97 -0.23
CA GLY C 337 -36.17 7.85 0.65
C GLY C 337 -37.08 7.72 1.85
N GLU C 338 -37.19 8.78 2.65
CA GLU C 338 -38.14 8.80 3.75
C GLU C 338 -39.50 9.30 3.31
N LYS C 339 -39.56 10.25 2.38
CA LYS C 339 -40.84 10.61 1.77
C LYS C 339 -41.41 9.49 0.92
N ALA C 340 -40.69 8.37 0.78
CA ALA C 340 -41.28 7.17 0.21
C ALA C 340 -42.40 6.68 1.11
N LEU C 341 -43.13 5.68 0.61
CA LEU C 341 -44.37 5.18 1.20
C LEU C 341 -45.49 6.20 1.07
N LEU C 342 -45.19 7.40 0.59
CA LEU C 342 -46.20 8.34 0.12
C LEU C 342 -46.45 8.20 -1.36
N HIS C 343 -45.46 7.73 -2.11
CA HIS C 343 -45.56 7.53 -3.54
C HIS C 343 -45.86 6.08 -3.90
N GLU C 344 -46.17 5.25 -2.91
CA GLU C 344 -46.61 3.90 -3.20
C GLU C 344 -47.91 3.94 -4.01
N PRO C 345 -48.22 2.86 -4.73
CA PRO C 345 -49.42 2.88 -5.59
C PRO C 345 -50.69 3.19 -4.83
N ASP C 346 -51.00 2.38 -3.83
CA ASP C 346 -52.14 2.61 -2.96
C ASP C 346 -51.64 2.96 -1.57
N VAL C 347 -52.10 4.09 -1.05
CA VAL C 347 -51.69 4.55 0.28
C VAL C 347 -52.70 5.60 0.73
N LEU C 348 -53.05 5.55 2.01
CA LEU C 348 -53.97 6.54 2.56
C LEU C 348 -53.18 7.76 3.02
N THR C 349 -53.48 8.91 2.43
CA THR C 349 -52.86 10.17 2.84
C THR C 349 -53.90 10.95 3.63
N LEU C 350 -53.75 10.93 4.95
CA LEU C 350 -54.65 11.64 5.85
C LEU C 350 -53.97 12.91 6.37
N THR C 351 -54.80 13.85 6.80
CA THR C 351 -54.33 15.11 7.36
C THR C 351 -54.91 15.25 8.75
N LEU C 352 -54.04 15.39 9.74
CA LEU C 352 -54.46 15.53 11.12
C LEU C 352 -54.19 16.95 11.59
N THR C 353 -55.10 17.48 12.40
CA THR C 353 -54.94 18.80 12.99
C THR C 353 -54.83 18.66 14.50
N ALA C 354 -54.08 19.56 15.13
CA ALA C 354 -53.93 19.51 16.57
C ALA C 354 -53.55 20.90 17.06
N PRO C 355 -53.94 21.26 18.27
CA PRO C 355 -53.52 22.56 18.81
C PRO C 355 -52.01 22.62 19.01
N GLU C 356 -51.46 21.64 19.71
CA GLU C 356 -50.03 21.53 19.92
C GLU C 356 -49.46 20.46 19.00
N SER C 357 -48.19 20.12 19.21
CA SER C 357 -47.55 19.05 18.47
C SER C 357 -47.42 17.75 19.25
N TYR C 358 -47.51 17.81 20.58
CA TYR C 358 -47.40 16.63 21.44
C TYR C 358 -46.12 15.85 21.19
N GLY C 359 -45.09 16.50 20.64
CA GLY C 359 -43.84 15.82 20.37
C GLY C 359 -43.86 14.88 19.19
N ILE C 360 -45.01 14.68 18.54
CA ILE C 360 -45.07 13.83 17.36
C ILE C 360 -44.27 14.48 16.25
N ASP C 361 -43.35 13.73 15.66
CA ASP C 361 -42.45 14.28 14.65
C ASP C 361 -42.67 13.57 13.31
N ALA C 362 -41.78 13.87 12.36
CA ALA C 362 -41.93 13.35 11.01
C ALA C 362 -41.85 11.83 10.98
N GLY C 363 -40.70 11.27 11.33
CA GLY C 363 -40.52 9.84 11.17
C GLY C 363 -41.28 8.96 12.13
N GLN C 364 -42.09 9.53 13.01
CA GLN C 364 -42.75 8.75 14.04
C GLN C 364 -43.80 7.82 13.41
N PRO C 365 -44.07 6.69 14.06
CA PRO C 365 -44.94 5.68 13.46
C PRO C 365 -46.40 5.83 13.86
N LEU C 366 -47.25 5.13 13.12
CA LEU C 366 -48.64 4.93 13.53
C LEU C 366 -48.81 3.54 14.12
N ILE C 367 -49.79 3.43 15.00
CA ILE C 367 -50.00 2.20 15.77
C ILE C 367 -51.47 1.81 15.67
N LEU C 368 -51.71 0.55 15.34
CA LEU C 368 -53.06 -0.01 15.31
C LEU C 368 -52.99 -1.37 15.98
N HIS C 369 -53.69 -1.52 17.10
CA HIS C 369 -53.66 -2.75 17.90
C HIS C 369 -52.22 -3.12 18.28
N GLY C 370 -51.37 -2.12 18.45
CA GLY C 370 -49.98 -2.35 18.77
C GLY C 370 -49.10 -2.61 17.58
N VAL C 371 -49.66 -2.66 16.38
CA VAL C 371 -48.91 -3.00 15.18
C VAL C 371 -48.55 -1.73 14.43
N GLN C 372 -47.29 -1.63 14.02
CA GLN C 372 -46.88 -0.62 13.06
C GLN C 372 -47.74 -0.70 11.81
N VAL C 373 -48.42 0.37 11.44
CA VAL C 373 -49.30 0.39 10.29
C VAL C 373 -48.89 1.46 9.29
N GLY C 374 -48.70 2.68 9.75
CA GLY C 374 -48.33 3.74 8.84
C GLY C 374 -47.19 4.58 9.37
N GLN C 375 -47.13 5.83 8.94
CA GLN C 375 -46.08 6.74 9.37
C GLN C 375 -46.60 8.17 9.28
N VAL C 376 -46.24 8.97 10.29
CA VAL C 376 -46.29 10.40 10.09
C VAL C 376 -45.28 10.74 9.01
N ILE C 377 -45.53 11.84 8.31
CA ILE C 377 -44.61 12.21 7.24
C ILE C 377 -44.05 13.60 7.48
N ASP C 378 -44.92 14.60 7.67
CA ASP C 378 -44.44 15.93 7.98
C ASP C 378 -45.38 16.67 8.91
N ARG C 379 -44.80 17.59 9.67
CA ARG C 379 -45.52 18.59 10.44
C ARG C 379 -45.55 19.90 9.67
N LYS C 380 -46.56 20.70 9.94
CA LYS C 380 -46.63 22.06 9.42
C LYS C 380 -47.23 22.94 10.49
N LEU C 381 -46.48 23.96 10.92
CA LEU C 381 -46.96 24.88 11.92
C LEU C 381 -47.72 26.02 11.26
N THR C 382 -48.89 26.34 11.81
CA THR C 382 -49.74 27.37 11.25
C THR C 382 -50.50 28.00 12.40
N SER C 383 -51.06 29.19 12.14
CA SER C 383 -51.82 29.90 13.17
C SER C 383 -52.93 29.04 13.75
N LYS C 384 -53.44 28.07 12.98
CA LYS C 384 -54.51 27.19 13.43
C LYS C 384 -53.97 25.89 14.02
N GLY C 385 -52.77 25.92 14.58
CA GLY C 385 -52.19 24.76 15.23
C GLY C 385 -51.40 23.88 14.27
N VAL C 386 -50.76 22.87 14.86
CA VAL C 386 -49.95 21.95 14.09
C VAL C 386 -50.83 21.12 13.17
N THR C 387 -50.29 20.79 12.00
CA THR C 387 -50.97 19.93 11.04
C THR C 387 -50.01 18.85 10.58
N PHE C 388 -50.34 17.60 10.86
CA PHE C 388 -49.54 16.47 10.42
C PHE C 388 -50.12 15.90 9.13
N THR C 389 -49.25 15.29 8.33
CA THR C 389 -49.70 14.46 7.23
C THR C 389 -49.27 13.02 7.53
N VAL C 390 -50.11 12.06 7.16
CA VAL C 390 -49.99 10.70 7.63
C VAL C 390 -50.24 9.75 6.48
N ALA C 391 -49.46 8.68 6.39
CA ALA C 391 -49.59 7.69 5.33
C ALA C 391 -49.87 6.32 5.93
N ILE C 392 -51.01 5.74 5.58
CA ILE C 392 -51.36 4.38 5.93
C ILE C 392 -50.99 3.46 4.78
N GLU C 393 -50.27 2.38 5.10
CA GLU C 393 -49.82 1.43 4.09
C GLU C 393 -51.01 0.75 3.42
N PRO C 394 -50.81 0.25 2.20
CA PRO C 394 -51.94 -0.37 1.49
C PRO C 394 -52.45 -1.66 2.11
N GLN C 395 -51.56 -2.50 2.64
CA GLN C 395 -52.01 -3.78 3.17
C GLN C 395 -52.97 -3.59 4.34
N HIS C 396 -52.73 -2.57 5.16
CA HIS C 396 -53.60 -2.25 6.28
C HIS C 396 -54.56 -1.11 5.96
N ARG C 397 -54.72 -0.78 4.67
CA ARG C 397 -55.56 0.35 4.31
C ARG C 397 -57.02 0.11 4.69
N GLU C 398 -57.53 -1.09 4.41
CA GLU C 398 -58.95 -1.35 4.63
C GLU C 398 -59.32 -1.46 6.10
N LEU C 399 -58.34 -1.44 7.01
CA LEU C 399 -58.66 -1.51 8.43
C LEU C 399 -59.22 -0.20 8.95
N VAL C 400 -58.46 0.89 8.79
CA VAL C 400 -58.98 2.20 9.12
C VAL C 400 -60.06 2.57 8.11
N LYS C 401 -61.28 2.77 8.59
CA LYS C 401 -62.43 2.90 7.72
C LYS C 401 -63.33 4.07 8.14
N GLY C 402 -62.73 5.24 8.34
CA GLY C 402 -63.55 6.42 8.57
C GLY C 402 -63.62 6.88 9.99
N ASP C 403 -64.71 6.58 10.68
CA ASP C 403 -64.98 7.12 12.01
C ASP C 403 -63.90 6.77 13.02
N SER C 404 -62.94 5.94 12.63
CA SER C 404 -61.79 5.66 13.47
C SER C 404 -61.11 6.96 13.90
N LYS C 405 -60.64 6.99 15.13
CA LYS C 405 -60.06 8.20 15.71
C LYS C 405 -58.55 8.03 15.88
N PHE C 406 -57.89 9.14 16.20
CA PHE C 406 -56.44 9.18 16.34
C PHE C 406 -56.08 9.78 17.68
N VAL C 407 -55.15 9.15 18.39
CA VAL C 407 -54.77 9.52 19.74
C VAL C 407 -53.25 9.66 19.80
N VAL C 408 -52.77 10.54 20.67
CA VAL C 408 -51.34 10.63 20.89
C VAL C 408 -50.90 9.39 21.66
N ASN C 409 -50.13 8.52 21.00
CA ASN C 409 -49.70 7.28 21.62
C ASN C 409 -48.71 7.58 22.73
N SER C 410 -48.90 6.93 23.88
CA SER C 410 -48.00 7.10 25.02
C SER C 410 -48.18 5.96 26.02
N GLY C 434 -42.93 6.56 20.51
CA GLY C 434 -44.05 7.48 20.48
C GLY C 434 -45.01 7.20 19.35
N GLY C 435 -45.40 8.24 18.62
CA GLY C 435 -46.24 8.08 17.47
C GLY C 435 -47.69 8.35 17.75
N ILE C 436 -48.52 7.99 16.77
CA ILE C 436 -49.96 8.18 16.83
C ILE C 436 -50.63 6.81 16.87
N ARG C 437 -51.50 6.60 17.84
CA ARG C 437 -52.22 5.36 18.00
C ARG C 437 -53.61 5.50 17.41
N ILE C 438 -54.01 4.54 16.59
CA ILE C 438 -55.30 4.57 15.92
C ILE C 438 -56.31 3.78 16.74
N LEU C 439 -57.47 4.39 16.99
CA LEU C 439 -58.60 3.67 17.55
C LEU C 439 -59.52 3.32 16.39
N PRO C 440 -59.50 2.09 15.90
CA PRO C 440 -60.25 1.77 14.69
C PRO C 440 -61.75 1.79 14.96
N GLY C 441 -62.51 2.13 13.93
CA GLY C 441 -63.96 2.11 14.01
C GLY C 441 -64.53 1.19 12.96
N ASP C 442 -65.84 1.04 13.00
CA ASP C 442 -66.57 0.22 12.04
C ASP C 442 -66.75 0.99 10.73
N LYS C 443 -67.69 0.53 9.90
CA LYS C 443 -67.93 1.16 8.60
C LYS C 443 -68.02 2.67 8.73
N GLY C 444 -67.55 3.35 7.69
CA GLY C 444 -67.54 4.80 7.63
C GLY C 444 -66.74 5.25 6.44
N GLU C 445 -66.98 6.46 5.93
CA GLU C 445 -66.24 6.94 4.78
C GLU C 445 -65.05 7.77 5.24
N MET C 446 -63.93 7.62 4.55
CA MET C 446 -62.71 8.35 4.89
C MET C 446 -62.91 9.85 4.69
N LYS C 447 -62.79 10.61 5.77
CA LYS C 447 -63.00 12.04 5.73
C LYS C 447 -61.79 12.71 5.07
N ALA C 448 -61.80 14.05 5.07
CA ALA C 448 -60.69 14.80 4.52
C ALA C 448 -59.59 15.05 5.54
N SER C 449 -59.97 15.33 6.78
CA SER C 449 -59.00 15.59 7.84
C SER C 449 -59.60 15.17 9.17
N TYR C 450 -58.80 14.50 9.99
CA TYR C 450 -59.25 14.03 11.28
C TYR C 450 -58.54 14.79 12.40
N PRO C 451 -59.23 15.12 13.48
CA PRO C 451 -58.55 15.77 14.60
C PRO C 451 -57.75 14.77 15.42
N LEU C 452 -56.55 15.17 15.79
CA LEU C 452 -55.68 14.34 16.62
C LEU C 452 -55.97 14.69 18.08
N TYR C 453 -56.63 13.78 18.78
CA TYR C 453 -56.97 14.02 20.18
C TYR C 453 -55.73 13.87 21.05
N ALA C 454 -55.86 14.29 22.30
CA ALA C 454 -54.91 13.92 23.33
C ALA C 454 -55.23 12.49 23.75
N ASN C 455 -54.69 12.04 24.87
CA ASN C 455 -54.85 10.66 25.28
C ASN C 455 -56.33 10.29 25.40
N LEU C 456 -56.58 8.97 25.44
CA LEU C 456 -57.91 8.41 25.18
C LEU C 456 -59.02 9.06 25.98
N GLU C 457 -58.71 9.64 27.14
CA GLU C 457 -59.75 10.25 27.97
C GLU C 457 -60.54 11.32 27.22
N LYS C 458 -59.89 12.00 26.29
CA LYS C 458 -60.59 13.01 25.49
C LYS C 458 -61.12 12.47 24.18
N ALA C 459 -60.55 11.37 23.67
CA ALA C 459 -61.01 10.82 22.41
C ALA C 459 -62.30 10.03 22.59
N LEU C 460 -62.36 9.16 23.61
CA LEU C 460 -63.54 8.34 23.80
C LEU C 460 -64.73 9.16 24.27
N GLU C 461 -64.49 10.21 25.06
CA GLU C 461 -65.59 11.04 25.54
C GLU C 461 -66.25 11.83 24.41
N ASN C 462 -65.58 11.96 23.27
CA ASN C 462 -66.18 12.69 22.15
C ASN C 462 -67.41 11.95 21.62
N SER C 463 -67.38 10.62 21.62
CA SER C 463 -68.52 9.82 21.17
C SER C 463 -69.62 9.74 22.21
N LEU C 464 -69.36 10.16 23.45
CA LEU C 464 -70.35 10.11 24.51
C LEU C 464 -70.58 11.49 25.11
N GLY D 1 38.35 21.23 -47.35
CA GLY D 1 37.44 22.11 -46.63
C GLY D 1 38.16 23.18 -45.83
N ASN D 2 37.40 23.98 -45.10
CA ASN D 2 37.97 25.05 -44.30
C ASN D 2 38.50 24.50 -42.97
N THR D 3 38.89 25.41 -42.08
CA THR D 3 39.42 25.03 -40.78
C THR D 3 39.26 26.23 -39.84
N VAL D 4 38.81 25.96 -38.61
CA VAL D 4 38.50 27.00 -37.65
C VAL D 4 38.86 26.52 -36.26
N THR D 5 39.11 27.46 -35.36
CA THR D 5 39.51 27.17 -33.98
C THR D 5 38.47 27.72 -33.04
N ILE D 6 37.83 26.84 -32.28
CA ILE D 6 36.85 27.21 -31.27
C ILE D 6 37.51 27.12 -29.90
N ASP D 7 37.08 27.99 -28.99
CA ASP D 7 37.62 28.05 -27.63
C ASP D 7 36.57 27.51 -26.67
N PHE D 8 36.80 26.31 -26.18
CA PHE D 8 35.95 25.67 -25.18
C PHE D 8 36.59 25.75 -23.80
N MET D 9 35.74 25.72 -22.77
CA MET D 9 36.19 25.71 -21.40
C MET D 9 36.48 24.32 -20.88
N SER D 10 35.98 23.28 -21.55
CA SER D 10 36.20 21.91 -21.10
C SER D 10 35.94 20.98 -22.28
N ALA D 11 36.97 20.25 -22.70
CA ALA D 11 36.85 19.33 -23.83
C ALA D 11 36.38 17.95 -23.39
N ASP D 12 35.27 17.90 -22.67
CA ASP D 12 34.69 16.65 -22.21
C ASP D 12 33.54 16.26 -23.12
N GLY D 13 33.63 15.07 -23.70
CA GLY D 13 32.66 14.60 -24.67
C GLY D 13 33.08 14.80 -26.12
N ILE D 14 34.04 15.68 -26.36
CA ILE D 14 34.53 15.94 -27.71
C ILE D 14 35.67 14.98 -28.01
N VAL D 15 35.52 14.20 -29.08
CA VAL D 15 36.57 13.29 -29.51
C VAL D 15 36.94 13.62 -30.95
N PRO D 16 38.22 13.62 -31.31
CA PRO D 16 38.61 14.02 -32.66
C PRO D 16 38.15 13.01 -33.70
N GLY D 17 37.88 13.52 -34.90
CA GLY D 17 37.53 12.66 -36.02
C GLY D 17 36.09 12.19 -36.00
N ARG D 18 35.50 12.07 -34.81
CA ARG D 18 34.16 11.51 -34.67
C ARG D 18 33.09 12.57 -34.45
N THR D 19 33.31 13.49 -33.53
CA THR D 19 32.29 14.45 -33.16
C THR D 19 31.97 15.38 -34.33
N PRO D 20 30.74 15.42 -34.80
CA PRO D 20 30.40 16.29 -35.93
C PRO D 20 29.97 17.68 -35.47
N VAL D 21 29.92 18.59 -36.44
CA VAL D 21 29.51 19.97 -36.23
C VAL D 21 28.36 20.21 -37.19
N ARG D 22 27.14 20.05 -36.72
CA ARG D 22 25.98 20.06 -37.59
C ARG D 22 25.15 21.32 -37.38
N TYR D 23 24.54 21.78 -38.47
CA TYR D 23 23.63 22.90 -38.46
C TYR D 23 22.24 22.38 -38.79
N GLN D 24 21.31 22.56 -37.85
CA GLN D 24 19.93 22.07 -37.95
C GLN D 24 19.87 20.69 -38.60
N GLY D 25 20.55 19.76 -37.98
CA GLY D 25 20.53 18.37 -38.42
C GLY D 25 21.63 17.91 -39.34
N VAL D 26 21.86 18.64 -40.44
CA VAL D 26 22.83 18.19 -41.43
C VAL D 26 24.25 18.40 -40.88
N GLU D 27 25.04 17.34 -40.91
CA GLU D 27 26.43 17.45 -40.51
C GLU D 27 27.19 18.36 -41.47
N VAL D 28 28.00 19.24 -40.92
CA VAL D 28 28.74 20.20 -41.75
C VAL D 28 30.23 20.02 -41.54
N GLY D 29 30.71 20.26 -40.32
CA GLY D 29 32.11 20.13 -39.99
C GLY D 29 32.40 18.89 -39.18
N THR D 30 33.69 18.70 -38.92
CA THR D 30 34.13 17.56 -38.13
C THR D 30 35.29 18.01 -37.24
N VAL D 31 35.26 17.58 -35.98
CA VAL D 31 36.32 17.92 -35.05
C VAL D 31 37.62 17.27 -35.52
N GLN D 32 38.61 18.09 -35.84
CA GLN D 32 39.89 17.57 -36.28
C GLN D 32 40.74 17.11 -35.10
N ASP D 33 41.02 18.01 -34.16
CA ASP D 33 41.75 17.62 -32.97
C ASP D 33 41.54 18.67 -31.88
N ILE D 34 41.69 18.22 -30.65
CA ILE D 34 41.63 19.08 -29.47
C ILE D 34 43.05 19.34 -29.01
N SER D 35 43.32 20.56 -28.55
CA SER D 35 44.65 20.90 -28.06
C SER D 35 44.54 21.96 -26.99
N LEU D 36 45.38 21.86 -25.98
CA LEU D 36 45.39 22.91 -24.96
C LEU D 36 46.07 24.16 -25.49
N SER D 37 45.72 25.29 -24.89
CA SER D 37 46.38 26.54 -25.23
C SER D 37 47.83 26.51 -24.74
N ASP D 38 48.56 27.59 -25.04
CA ASP D 38 49.94 27.69 -24.58
C ASP D 38 50.02 27.70 -23.06
N ASP D 39 49.16 28.50 -22.42
CA ASP D 39 49.12 28.58 -20.97
C ASP D 39 48.33 27.44 -20.33
N LEU D 40 47.84 26.49 -21.14
CA LEU D 40 47.06 25.36 -20.63
C LEU D 40 45.87 25.84 -19.81
N ARG D 41 45.20 26.88 -20.29
CA ARG D 41 44.07 27.47 -19.59
C ARG D 41 42.76 27.42 -20.36
N LYS D 42 42.79 27.32 -21.69
CA LYS D 42 41.60 27.20 -22.50
C LYS D 42 41.82 26.15 -23.55
N ILE D 43 40.73 25.53 -24.00
CA ILE D 43 40.79 24.41 -24.94
C ILE D 43 40.54 24.93 -26.34
N GLU D 44 41.45 24.62 -27.27
CA GLU D 44 41.31 25.00 -28.66
C GLU D 44 40.94 23.75 -29.46
N VAL D 45 39.74 23.76 -30.03
CA VAL D 45 39.24 22.67 -30.85
C VAL D 45 39.33 23.08 -32.30
N LYS D 46 39.86 22.20 -33.15
CA LYS D 46 40.00 22.49 -34.57
C LYS D 46 38.90 21.78 -35.34
N VAL D 47 38.15 22.54 -36.13
CA VAL D 47 37.00 22.03 -36.87
C VAL D 47 37.27 22.22 -38.35
N SER D 48 36.81 21.27 -39.16
CA SER D 48 36.97 21.30 -40.60
C SER D 48 35.58 21.48 -41.23
N ILE D 49 35.20 22.74 -41.43
CA ILE D 49 33.93 23.03 -42.07
C ILE D 49 33.99 22.65 -43.55
N LYS D 50 32.82 22.33 -44.12
CA LYS D 50 32.75 22.02 -45.54
C LYS D 50 33.27 23.18 -46.37
N SER D 51 33.82 22.84 -47.54
CA SER D 51 34.38 23.86 -48.42
C SER D 51 33.32 24.71 -49.09
N ASP D 52 32.04 24.37 -48.95
CA ASP D 52 30.97 25.17 -49.51
C ASP D 52 30.35 26.14 -48.51
N MET D 53 30.41 25.82 -47.21
CA MET D 53 29.84 26.68 -46.18
C MET D 53 30.93 27.61 -45.63
N LYS D 54 31.57 28.34 -46.54
CA LYS D 54 32.60 29.29 -46.17
C LYS D 54 32.03 30.67 -45.85
N ASP D 55 30.75 30.90 -46.13
CA ASP D 55 30.10 32.16 -45.83
C ASP D 55 29.24 32.08 -44.58
N ALA D 56 29.30 30.97 -43.85
CA ALA D 56 28.53 30.84 -42.62
C ALA D 56 29.33 31.23 -41.38
N LEU D 57 30.65 31.07 -41.43
CA LEU D 57 31.52 31.38 -40.30
C LEU D 57 32.03 32.82 -40.40
N ARG D 58 31.09 33.75 -40.50
CA ARG D 58 31.48 35.11 -40.87
C ARG D 58 31.99 35.91 -39.68
N GLU D 59 31.10 36.35 -38.79
CA GLU D 59 31.55 36.98 -37.55
C GLU D 59 30.76 36.53 -36.33
N GLU D 60 29.44 36.42 -36.49
CA GLU D 60 28.54 36.15 -35.40
C GLU D 60 28.15 34.69 -35.32
N THR D 61 28.75 33.85 -36.15
CA THR D 61 28.51 32.42 -36.08
C THR D 61 28.83 31.92 -34.68
N GLN D 62 27.83 31.36 -34.02
CA GLN D 62 27.96 30.89 -32.65
C GLN D 62 28.10 29.37 -32.65
N PHE D 63 29.04 28.87 -31.87
CA PHE D 63 29.26 27.45 -31.69
C PHE D 63 29.01 27.08 -30.25
N TRP D 64 28.31 25.97 -30.04
CA TRP D 64 28.11 25.48 -28.68
C TRP D 64 28.09 23.96 -28.70
N LEU D 65 28.23 23.37 -27.52
CA LEU D 65 28.25 21.93 -27.36
C LEU D 65 26.91 21.45 -26.85
N VAL D 66 26.40 20.37 -27.44
CA VAL D 66 25.11 19.82 -27.06
C VAL D 66 25.31 18.49 -26.36
N THR D 67 24.22 17.96 -25.83
CA THR D 67 24.23 16.75 -25.02
C THR D 67 23.01 15.92 -25.37
N PRO D 68 23.01 14.63 -25.06
CA PRO D 68 21.90 13.76 -25.48
C PRO D 68 20.67 13.84 -24.58
N LYS D 69 20.57 14.89 -23.76
CA LYS D 69 19.43 15.28 -22.93
C LYS D 69 19.30 14.44 -21.66
N ALA D 70 20.10 13.39 -21.47
CA ALA D 70 20.17 12.64 -20.22
C ALA D 70 18.78 12.21 -19.73
N SER D 71 18.18 11.33 -20.52
CA SER D 71 16.81 10.87 -20.26
C SER D 71 16.85 9.41 -19.81
N LEU D 72 17.08 9.22 -18.51
CA LEU D 72 16.95 7.93 -17.82
C LEU D 72 18.01 6.93 -18.28
N ALA D 73 18.78 7.30 -19.29
CA ALA D 73 19.88 6.46 -19.75
C ALA D 73 21.24 7.09 -19.49
N GLY D 74 21.29 8.40 -19.27
CA GLY D 74 22.52 9.05 -18.86
C GLY D 74 22.59 9.15 -17.35
N VAL D 75 21.43 9.20 -16.71
CA VAL D 75 21.42 9.27 -15.25
C VAL D 75 21.68 7.89 -14.64
N SER D 76 21.26 6.83 -15.29
CA SER D 76 21.49 5.47 -14.80
C SER D 76 22.72 4.86 -15.46
N GLY D 77 23.84 5.56 -15.32
CA GLY D 77 25.07 5.11 -15.97
C GLY D 77 24.88 5.09 -17.47
N LEU D 78 25.16 3.93 -18.07
CA LEU D 78 24.97 3.70 -19.50
C LEU D 78 25.53 4.84 -20.33
N ASP D 79 26.80 5.16 -20.10
CA ASP D 79 27.42 6.29 -20.77
C ASP D 79 27.58 6.02 -22.26
N ALA D 80 28.26 4.92 -22.61
CA ALA D 80 28.51 4.63 -24.01
C ALA D 80 27.32 3.92 -24.66
N LEU D 81 26.14 4.51 -24.50
CA LEU D 81 24.94 3.95 -25.13
C LEU D 81 24.02 5.01 -25.71
N VAL D 82 24.33 6.30 -25.55
CA VAL D 82 23.47 7.38 -26.00
C VAL D 82 24.31 8.54 -26.52
N GLY D 83 23.80 9.19 -27.57
CA GLY D 83 24.30 10.48 -28.00
C GLY D 83 25.73 10.54 -28.53
N GLY D 84 26.10 11.69 -29.09
CA GLY D 84 27.44 11.88 -29.58
C GLY D 84 28.03 13.24 -29.26
N ASN D 85 27.23 14.12 -28.67
CA ASN D 85 27.67 15.46 -28.27
C ASN D 85 28.25 16.23 -29.45
N TYR D 86 27.39 16.50 -30.44
CA TYR D 86 27.85 17.26 -31.58
C TYR D 86 28.03 18.72 -31.20
N ILE D 87 28.51 19.52 -32.15
CA ILE D 87 28.76 20.94 -31.96
C ILE D 87 27.75 21.71 -32.80
N GLY D 88 26.77 22.30 -32.14
CA GLY D 88 25.81 23.12 -32.85
C GLY D 88 26.41 24.43 -33.30
N MET D 89 25.98 24.87 -34.49
CA MET D 89 26.51 26.06 -35.14
C MET D 89 25.36 26.90 -35.66
N MET D 90 25.50 28.21 -35.53
CA MET D 90 24.50 29.15 -36.05
C MET D 90 25.22 30.24 -36.84
N PRO D 91 24.93 30.40 -38.14
CA PRO D 91 25.72 31.32 -38.96
C PRO D 91 25.57 32.77 -38.51
N GLY D 92 26.59 33.57 -38.84
CA GLY D 92 26.66 34.95 -38.44
C GLY D 92 26.45 35.93 -39.58
N LYS D 93 26.65 37.21 -39.27
CA LYS D 93 26.31 38.27 -40.22
C LYS D 93 27.41 38.49 -41.25
N GLY D 94 28.58 38.99 -40.82
CA GLY D 94 29.66 39.14 -41.76
C GLY D 94 31.03 39.49 -41.22
N LYS D 95 32.02 38.66 -41.56
CA LYS D 95 33.45 38.94 -41.43
C LYS D 95 34.23 37.78 -42.02
N GLU D 96 35.55 37.79 -41.87
CA GLU D 96 36.40 36.67 -42.23
C GLU D 96 36.94 35.98 -40.99
N GLN D 97 36.12 35.86 -39.95
CA GLN D 97 36.57 35.32 -38.68
C GLN D 97 36.87 33.82 -38.80
N ASP D 98 37.93 33.39 -38.13
CA ASP D 98 38.30 31.98 -38.12
C ASP D 98 38.73 31.52 -36.73
N HIS D 99 38.34 32.23 -35.67
CA HIS D 99 38.68 31.85 -34.31
C HIS D 99 37.53 32.28 -33.41
N PHE D 100 36.79 31.32 -32.88
CA PHE D 100 35.55 31.59 -32.16
C PHE D 100 35.69 31.25 -30.69
N VAL D 101 34.68 31.64 -29.93
CA VAL D 101 34.56 31.29 -28.52
C VAL D 101 33.26 30.52 -28.36
N ALA D 102 33.35 29.31 -27.83
CA ALA D 102 32.18 28.47 -27.70
C ALA D 102 31.20 29.08 -26.72
N LEU D 103 29.93 29.11 -27.11
CA LEU D 103 28.88 29.51 -26.17
C LEU D 103 28.64 28.41 -25.16
N ASP D 104 28.28 28.82 -23.94
CA ASP D 104 28.00 27.88 -22.87
C ASP D 104 26.57 27.34 -22.93
N THR D 105 25.71 27.94 -23.74
CA THR D 105 24.36 27.43 -23.94
C THR D 105 23.92 27.80 -25.35
N GLN D 106 22.92 27.08 -25.85
CA GLN D 106 22.42 27.37 -27.18
C GLN D 106 21.76 28.74 -27.21
N PRO D 107 21.90 29.46 -28.32
CA PRO D 107 21.34 30.81 -28.39
C PRO D 107 19.82 30.80 -28.47
N LYS D 108 19.23 31.98 -28.63
CA LYS D 108 17.79 32.08 -28.78
C LYS D 108 17.33 31.40 -30.06
N TYR D 109 16.02 31.34 -30.24
CA TYR D 109 15.42 30.72 -31.42
C TYR D 109 15.27 31.79 -32.48
N ARG D 110 16.18 31.79 -33.45
CA ARG D 110 16.16 32.76 -34.54
C ARG D 110 15.52 32.24 -35.81
N LEU D 111 15.19 30.95 -35.86
CA LEU D 111 14.64 30.36 -37.07
C LEU D 111 13.26 30.95 -37.38
N ASP D 112 12.74 30.58 -38.54
CA ASP D 112 11.38 30.98 -38.93
C ASP D 112 10.85 29.93 -39.88
N ASN D 113 10.05 29.00 -39.36
CA ASN D 113 9.44 27.95 -40.15
C ASN D 113 7.93 27.98 -40.05
N GLY D 114 7.36 29.11 -39.62
CA GLY D 114 5.94 29.19 -39.39
C GLY D 114 5.46 28.51 -38.12
N ASP D 115 6.36 27.91 -37.35
CA ASP D 115 6.00 27.26 -36.10
C ASP D 115 6.16 28.24 -34.95
N LEU D 116 5.32 28.07 -33.93
CA LEU D 116 5.28 29.03 -32.84
C LEU D 116 6.36 28.77 -31.81
N MET D 117 6.87 29.84 -31.23
CA MET D 117 7.62 29.78 -30.00
C MET D 117 6.95 30.66 -28.98
N ILE D 118 6.49 30.06 -27.89
CA ILE D 118 5.82 30.78 -26.82
C ILE D 118 6.63 30.59 -25.55
N HIS D 119 6.39 31.47 -24.59
CA HIS D 119 7.09 31.43 -23.32
C HIS D 119 6.11 31.10 -22.22
N LEU D 120 6.59 30.35 -21.23
CA LEU D 120 5.78 29.95 -20.08
C LEU D 120 6.51 30.38 -18.81
N GLN D 121 5.88 31.27 -18.06
CA GLN D 121 6.41 31.58 -16.74
C GLN D 121 6.12 30.43 -15.79
N ALA D 122 7.00 30.23 -14.82
CA ALA D 122 6.78 29.18 -13.85
C ALA D 122 7.49 29.55 -12.56
N PRO D 123 7.01 29.05 -11.42
CA PRO D 123 7.76 29.25 -10.19
C PRO D 123 9.06 28.45 -10.17
N ASP D 124 9.07 27.29 -10.80
CA ASP D 124 10.27 26.48 -10.93
C ASP D 124 10.10 25.59 -12.15
N LEU D 125 11.19 24.94 -12.55
CA LEU D 125 11.17 24.14 -13.75
C LEU D 125 10.25 22.94 -13.64
N GLY D 126 9.99 22.46 -12.44
CA GLY D 126 9.29 21.19 -12.37
C GLY D 126 10.21 20.11 -12.92
N SER D 127 9.60 18.98 -13.24
CA SER D 127 10.37 17.88 -13.84
C SER D 127 10.35 17.95 -15.36
N LEU D 128 10.69 19.11 -15.89
CA LEU D 128 10.79 19.32 -17.33
C LEU D 128 12.25 19.45 -17.72
N ASN D 129 12.49 19.33 -19.02
CA ASN D 129 13.83 19.44 -19.58
C ASN D 129 13.69 19.51 -21.09
N SER D 130 14.77 19.90 -21.75
CA SER D 130 14.76 20.04 -23.20
C SER D 130 14.38 18.70 -23.83
N GLY D 131 13.22 18.65 -24.46
CA GLY D 131 12.70 17.42 -25.02
C GLY D 131 11.39 16.96 -24.42
N SER D 132 10.94 17.55 -23.32
CA SER D 132 9.63 17.23 -22.80
C SER D 132 8.57 17.63 -23.81
N LEU D 133 7.55 16.81 -23.95
CA LEU D 133 6.55 17.03 -24.99
C LEU D 133 5.44 17.93 -24.50
N VAL D 134 4.87 18.67 -25.44
CA VAL D 134 3.67 19.48 -25.21
C VAL D 134 2.51 18.77 -25.88
N TYR D 135 1.41 18.63 -25.16
CA TYR D 135 0.29 17.82 -25.61
C TYR D 135 -0.95 18.68 -25.80
N PHE D 136 -1.72 18.33 -26.82
CA PHE D 136 -3.10 18.77 -26.97
C PHE D 136 -3.93 17.52 -27.17
N ARG D 137 -4.85 17.26 -26.23
CA ARG D 137 -5.63 16.03 -26.25
C ARG D 137 -4.73 14.81 -26.22
N LYS D 138 -3.64 14.92 -25.46
CA LYS D 138 -2.62 13.88 -25.36
C LYS D 138 -2.00 13.54 -26.71
N ILE D 139 -2.09 14.45 -27.68
CA ILE D 139 -1.41 14.35 -28.95
C ILE D 139 -0.21 15.28 -28.91
N PRO D 140 1.01 14.81 -29.13
CA PRO D 140 2.18 15.68 -29.05
C PRO D 140 2.21 16.68 -30.20
N VAL D 141 2.18 17.97 -29.86
CA VAL D 141 2.15 19.04 -30.84
C VAL D 141 3.33 19.99 -30.69
N GLY D 142 4.27 19.68 -29.81
CA GLY D 142 5.39 20.57 -29.62
C GLY D 142 6.41 19.96 -28.69
N LYS D 143 7.29 20.82 -28.18
CA LYS D 143 8.34 20.35 -27.30
C LYS D 143 8.94 21.55 -26.57
N VAL D 144 9.48 21.28 -25.39
CA VAL D 144 10.19 22.30 -24.64
C VAL D 144 11.52 22.56 -25.32
N TYR D 145 11.72 23.80 -25.76
CA TYR D 145 12.96 24.14 -26.47
C TYR D 145 14.11 24.30 -25.49
N ASP D 146 14.01 25.27 -24.59
CA ASP D 146 15.01 25.45 -23.54
C ASP D 146 14.43 26.34 -22.46
N TYR D 147 15.07 26.29 -21.30
CA TYR D 147 14.61 27.02 -20.14
C TYR D 147 15.69 27.96 -19.63
N ALA D 148 15.24 29.07 -19.05
CA ALA D 148 16.16 30.04 -18.48
C ALA D 148 15.61 30.49 -17.13
N ILE D 149 16.47 31.12 -16.35
CA ILE D 149 16.06 31.67 -15.06
C ILE D 149 15.63 33.11 -15.28
N ASN D 150 14.48 33.46 -14.71
CA ASN D 150 13.95 34.80 -14.85
C ASN D 150 14.97 35.80 -14.32
N PRO D 151 15.23 36.91 -15.02
CA PRO D 151 16.22 37.89 -14.53
C PRO D 151 16.09 38.25 -13.07
N ASN D 152 14.87 38.40 -12.56
CA ASN D 152 14.67 38.74 -11.16
C ASN D 152 14.81 37.55 -10.23
N LYS D 153 15.24 36.40 -10.75
CA LYS D 153 15.46 35.17 -9.99
C LYS D 153 14.21 34.66 -9.29
N GLN D 154 13.05 35.24 -9.59
CA GLN D 154 11.83 34.85 -8.90
C GLN D 154 11.13 33.67 -9.54
N GLY D 155 11.43 33.37 -10.79
CA GLY D 155 10.85 32.22 -11.45
C GLY D 155 11.72 31.71 -12.58
N VAL D 156 11.16 30.87 -13.44
CA VAL D 156 11.85 30.41 -14.64
C VAL D 156 10.96 30.67 -15.83
N VAL D 157 11.59 30.70 -17.01
CA VAL D 157 10.89 30.90 -18.27
C VAL D 157 11.22 29.72 -19.16
N ILE D 158 10.20 28.98 -19.56
CA ILE D 158 10.34 27.85 -20.46
C ILE D 158 9.97 28.31 -21.86
N ASP D 159 10.64 27.78 -22.87
CA ASP D 159 10.37 28.14 -24.25
C ASP D 159 9.79 26.93 -24.95
N VAL D 160 8.51 27.00 -25.28
CA VAL D 160 7.80 25.91 -25.93
C VAL D 160 7.75 26.19 -27.42
N LEU D 161 8.00 25.16 -28.22
CA LEU D 161 8.04 25.26 -29.68
C LEU D 161 6.91 24.42 -30.24
N ILE D 162 5.80 25.07 -30.58
CA ILE D 162 4.66 24.38 -31.18
C ILE D 162 4.91 24.22 -32.66
N GLU D 163 4.79 23.00 -33.16
CA GLU D 163 5.10 22.68 -34.55
C GLU D 163 4.16 23.43 -35.49
N ARG D 164 4.53 23.43 -36.77
CA ARG D 164 3.92 24.34 -37.73
C ARG D 164 2.45 24.01 -37.96
N ARG D 165 2.14 22.75 -38.17
CA ARG D 165 0.76 22.42 -38.53
C ARG D 165 -0.19 22.45 -37.37
N PHE D 166 0.24 22.90 -36.19
CA PHE D 166 -0.60 22.93 -35.01
C PHE D 166 -0.74 24.32 -34.41
N THR D 167 -0.23 25.36 -35.07
CA THR D 167 -0.23 26.68 -34.48
C THR D 167 -1.63 27.27 -34.32
N ASP D 168 -2.65 26.65 -34.91
CA ASP D 168 -4.00 27.13 -34.68
C ASP D 168 -4.51 26.74 -33.29
N LEU D 169 -3.82 25.83 -32.61
CA LEU D 169 -4.31 25.37 -31.32
C LEU D 169 -4.04 26.38 -30.23
N VAL D 170 -2.88 27.05 -30.27
CA VAL D 170 -2.48 27.97 -29.22
C VAL D 170 -3.25 29.26 -29.40
N LYS D 171 -4.37 29.40 -28.71
CA LYS D 171 -5.13 30.64 -28.70
C LYS D 171 -4.59 31.56 -27.62
N LYS D 172 -4.88 32.85 -27.77
CA LYS D 172 -4.44 33.82 -26.78
C LYS D 172 -5.05 33.58 -25.41
N GLY D 173 -6.09 32.76 -25.32
CA GLY D 173 -6.69 32.44 -24.04
C GLY D 173 -6.46 31.00 -23.62
N SER D 174 -5.41 30.38 -24.16
CA SER D 174 -5.10 29.02 -23.79
C SER D 174 -4.52 28.97 -22.38
N ARG D 175 -4.39 27.76 -21.84
CA ARG D 175 -3.88 27.57 -20.50
C ARG D 175 -3.01 26.32 -20.49
N PHE D 176 -1.76 26.47 -20.08
CA PHE D 176 -0.81 25.36 -20.05
C PHE D 176 -0.69 24.86 -18.62
N TRP D 177 -0.75 23.54 -18.46
CA TRP D 177 -0.59 22.95 -17.14
C TRP D 177 0.44 21.82 -17.20
N ASN D 178 1.18 21.68 -16.13
CA ASN D 178 2.23 20.67 -16.05
C ASN D 178 1.61 19.30 -15.82
N VAL D 179 2.00 18.32 -16.64
CA VAL D 179 1.64 16.93 -16.45
C VAL D 179 2.95 16.17 -16.33
N SER D 180 3.31 15.77 -15.12
CA SER D 180 4.63 15.22 -14.89
C SER D 180 4.58 14.26 -13.71
N GLY D 181 5.48 13.28 -13.74
CA GLY D 181 5.59 12.31 -12.67
C GLY D 181 4.31 11.50 -12.51
N VAL D 182 4.16 10.92 -11.33
CA VAL D 182 3.00 10.10 -11.00
C VAL D 182 2.21 10.79 -9.91
N ASP D 183 0.90 10.58 -9.91
CA ASP D 183 -0.03 11.23 -8.99
C ASP D 183 -0.78 10.19 -8.17
N ALA D 184 -0.05 9.21 -7.64
CA ALA D 184 -0.67 8.08 -6.95
C ALA D 184 -1.47 8.56 -5.74
N ASN D 185 -2.79 8.45 -5.84
CA ASN D 185 -3.70 8.84 -4.78
C ASN D 185 -4.21 7.60 -4.05
N VAL D 186 -4.51 7.78 -2.76
CA VAL D 186 -5.00 6.69 -1.93
C VAL D 186 -6.08 7.24 -0.99
N SER D 187 -7.23 6.56 -0.95
CA SER D 187 -8.30 6.87 -0.03
C SER D 187 -8.85 5.57 0.53
N ILE D 188 -9.99 5.62 1.21
CA ILE D 188 -10.68 4.42 1.67
C ILE D 188 -11.84 4.16 0.72
N SER D 189 -11.83 2.99 0.07
CA SER D 189 -12.81 2.65 -0.95
C SER D 189 -12.78 3.68 -2.08
N GLY D 190 -11.67 3.66 -2.82
CA GLY D 190 -11.37 4.74 -3.72
C GLY D 190 -9.89 5.03 -3.87
N ALA D 191 -9.05 4.23 -3.21
CA ALA D 191 -7.60 4.34 -3.38
C ALA D 191 -7.24 3.80 -4.76
N LYS D 192 -7.55 4.62 -5.77
CA LYS D 192 -7.40 4.24 -7.17
C LYS D 192 -6.26 5.04 -7.78
N VAL D 193 -5.28 4.35 -8.35
CA VAL D 193 -4.17 4.98 -9.04
C VAL D 193 -4.19 4.52 -10.49
N LYS D 194 -4.27 5.49 -11.41
CA LYS D 194 -4.25 5.23 -12.84
C LYS D 194 -3.09 5.96 -13.46
N LEU D 195 -2.32 5.26 -14.30
CA LEU D 195 -1.22 5.87 -15.02
C LEU D 195 -1.33 5.50 -16.49
N GLU D 196 -1.28 6.50 -17.36
CA GLU D 196 -1.36 6.28 -18.80
C GLU D 196 -0.16 6.81 -19.55
N SER D 197 0.26 8.05 -19.29
CA SER D 197 1.36 8.65 -20.01
C SER D 197 2.69 8.18 -19.43
N LEU D 198 3.50 7.51 -20.25
CA LEU D 198 4.79 7.02 -19.82
C LEU D 198 5.90 8.06 -19.95
N ALA D 199 5.96 8.76 -21.08
CA ALA D 199 6.98 9.79 -21.25
C ALA D 199 6.82 10.90 -20.23
N ALA D 200 5.58 11.26 -19.91
CA ALA D 200 5.34 12.25 -18.87
C ALA D 200 5.85 11.75 -17.52
N LEU D 201 5.82 10.44 -17.30
CA LEU D 201 6.33 9.89 -16.05
C LEU D 201 7.85 9.93 -16.01
N VAL D 202 8.51 9.86 -17.16
CA VAL D 202 9.96 9.80 -17.19
C VAL D 202 10.56 11.20 -17.21
N ASN D 203 10.27 11.97 -18.25
CA ASN D 203 10.89 13.28 -18.42
C ASN D 203 9.85 14.40 -18.49
N GLY D 204 8.68 14.20 -17.89
CA GLY D 204 7.71 15.26 -17.74
C GLY D 204 7.05 15.71 -19.03
N ALA D 205 6.01 16.52 -18.92
CA ALA D 205 5.30 16.99 -20.09
C ALA D 205 4.46 18.20 -19.72
N ILE D 206 4.04 18.93 -20.75
CA ILE D 206 3.12 20.04 -20.60
C ILE D 206 1.88 19.70 -21.42
N ALA D 207 0.74 20.21 -21.01
CA ALA D 207 -0.48 20.05 -21.78
C ALA D 207 -1.17 21.39 -21.89
N PHE D 208 -1.98 21.56 -22.93
CA PHE D 208 -2.72 22.80 -23.04
C PHE D 208 -4.06 22.56 -23.70
N ASP D 209 -4.91 23.58 -23.66
CA ASP D 209 -6.26 23.52 -24.19
C ASP D 209 -6.47 24.72 -25.10
N SER D 210 -7.65 24.78 -25.71
CA SER D 210 -7.90 25.80 -26.71
C SER D 210 -9.35 26.27 -26.68
N PRO D 211 -9.62 27.45 -26.15
CA PRO D 211 -10.97 28.02 -26.26
C PRO D 211 -11.33 28.27 -27.72
N GLU D 212 -12.62 28.42 -27.97
CA GLU D 212 -13.14 28.53 -29.33
C GLU D 212 -13.61 29.94 -29.66
N GLU D 213 -13.20 30.95 -28.91
CA GLU D 213 -13.65 32.31 -29.17
C GLU D 213 -12.54 33.33 -29.02
N SER D 214 -11.30 32.92 -28.88
CA SER D 214 -10.19 33.84 -28.69
C SER D 214 -9.25 33.78 -29.88
N LYS D 215 -8.51 34.87 -30.09
CA LYS D 215 -7.64 34.99 -31.24
C LYS D 215 -6.44 34.04 -31.12
N PRO D 216 -5.84 33.66 -32.24
CA PRO D 216 -4.65 32.81 -32.18
C PRO D 216 -3.46 33.59 -31.62
N ALA D 217 -2.61 32.87 -30.90
CA ALA D 217 -1.47 33.50 -30.24
C ALA D 217 -0.38 33.81 -31.26
N GLU D 218 0.27 34.94 -31.07
CA GLU D 218 1.39 35.34 -31.91
C GLU D 218 2.70 34.81 -31.32
N ALA D 219 3.77 35.00 -32.08
CA ALA D 219 5.08 34.51 -31.65
C ALA D 219 5.53 35.24 -30.39
N GLU D 220 6.34 34.56 -29.59
CA GLU D 220 6.92 35.11 -28.37
C GLU D 220 5.86 35.59 -27.39
N ASP D 221 4.68 34.97 -27.41
CA ASP D 221 3.64 35.31 -26.47
C ASP D 221 3.85 34.55 -25.17
N THR D 222 3.46 35.17 -24.07
CA THR D 222 3.76 34.66 -22.74
C THR D 222 2.49 34.14 -22.08
N PHE D 223 2.59 32.93 -21.52
CA PHE D 223 1.53 32.31 -20.74
C PHE D 223 2.08 31.93 -19.37
N GLY D 224 1.22 31.40 -18.53
CA GLY D 224 1.65 30.94 -17.22
C GLY D 224 1.44 29.46 -17.05
N LEU D 225 2.46 28.75 -16.61
CA LEU D 225 2.37 27.31 -16.43
C LEU D 225 1.72 27.00 -15.09
N TYR D 226 0.56 26.36 -15.12
CA TYR D 226 -0.11 25.99 -13.89
C TYR D 226 0.48 24.71 -13.33
N GLU D 227 0.18 24.44 -12.06
CA GLU D 227 0.81 23.31 -11.38
C GLU D 227 0.25 21.99 -11.89
N ASP D 228 -1.04 21.93 -12.16
CA ASP D 228 -1.65 20.68 -12.59
C ASP D 228 -2.93 21.04 -13.36
N LEU D 229 -3.66 19.99 -13.76
CA LEU D 229 -4.90 20.22 -14.50
C LEU D 229 -5.92 20.95 -13.64
N ALA D 230 -5.94 20.65 -12.33
CA ALA D 230 -6.94 21.24 -11.46
C ALA D 230 -6.70 22.74 -11.28
N HIS D 231 -5.45 23.13 -11.03
CA HIS D 231 -5.15 24.54 -10.83
C HIS D 231 -5.47 25.39 -12.06
N SER D 232 -5.57 24.77 -13.23
CA SER D 232 -5.82 25.49 -14.47
C SER D 232 -7.29 25.72 -14.74
N GLN D 233 -8.18 25.11 -13.96
CA GLN D 233 -9.61 25.18 -14.24
C GLN D 233 -10.10 26.62 -14.18
N ARG D 234 -10.90 26.98 -15.17
CA ARG D 234 -11.47 28.31 -15.20
C ARG D 234 -12.64 28.40 -14.23
N GLY D 235 -13.01 29.63 -13.91
CA GLY D 235 -14.05 29.90 -12.94
C GLY D 235 -13.76 31.20 -12.23
N VAL D 236 -14.81 31.77 -11.67
CA VAL D 236 -14.68 33.09 -11.06
C VAL D 236 -14.04 32.97 -9.69
N ILE D 237 -13.15 33.89 -9.37
CA ILE D 237 -12.44 33.87 -8.08
C ILE D 237 -13.15 34.83 -7.15
N ILE D 238 -13.77 34.29 -6.11
CA ILE D 238 -14.45 35.09 -5.10
C ILE D 238 -13.60 35.07 -3.84
N LYS D 239 -13.81 36.09 -3.00
CA LYS D 239 -13.02 36.26 -1.79
C LYS D 239 -13.91 36.06 -0.58
N LEU D 240 -13.38 35.34 0.41
CA LEU D 240 -14.10 35.05 1.64
C LEU D 240 -13.33 35.60 2.82
N GLU D 241 -14.05 36.05 3.83
CA GLU D 241 -13.49 36.41 5.11
C GLU D 241 -13.97 35.34 6.08
N LEU D 242 -13.30 34.31 6.14
CA LEU D 242 -13.82 33.22 6.92
C LEU D 242 -13.33 33.31 8.37
N PRO D 243 -14.06 32.72 9.32
CA PRO D 243 -13.75 32.99 10.73
C PRO D 243 -12.37 32.54 11.16
N SER D 244 -12.07 31.25 10.97
CA SER D 244 -10.75 30.72 11.31
C SER D 244 -10.60 29.41 10.56
N GLY D 245 -9.60 29.34 9.69
CA GLY D 245 -9.49 28.14 8.89
C GLY D 245 -8.92 27.01 9.72
N ALA D 246 -9.79 26.09 10.13
CA ALA D 246 -9.40 24.99 10.99
C ALA D 246 -9.41 23.65 10.29
N GLY D 247 -10.54 23.28 9.70
CA GLY D 247 -10.59 22.11 8.86
C GLY D 247 -10.39 22.40 7.40
N LEU D 248 -10.07 23.65 7.07
CA LEU D 248 -9.94 24.07 5.68
C LEU D 248 -8.51 23.87 5.20
N THR D 249 -8.37 23.46 3.95
CA THR D 249 -7.08 23.30 3.31
C THR D 249 -7.04 24.14 2.04
N ALA D 250 -5.83 24.59 1.68
CA ALA D 250 -5.68 25.52 0.57
C ALA D 250 -6.36 25.02 -0.69
N ASP D 251 -6.46 23.71 -0.86
CA ASP D 251 -7.27 23.10 -1.89
C ASP D 251 -8.07 21.97 -1.26
N SER D 252 -8.83 21.25 -2.09
CA SER D 252 -9.55 20.06 -1.65
C SER D 252 -10.57 20.37 -0.55
N THR D 253 -11.02 21.61 -0.47
CA THR D 253 -12.14 21.98 0.39
C THR D 253 -13.26 22.48 -0.50
N PRO D 254 -14.29 21.68 -0.74
CA PRO D 254 -15.24 22.01 -1.80
C PRO D 254 -16.27 23.04 -1.36
N LEU D 255 -16.96 23.58 -2.34
CA LEU D 255 -18.12 24.43 -2.14
C LEU D 255 -19.31 23.66 -2.67
N MET D 256 -20.01 22.95 -1.79
CA MET D 256 -21.12 22.11 -2.21
C MET D 256 -22.36 22.95 -2.46
N TYR D 257 -23.11 22.57 -3.48
CA TYR D 257 -24.41 23.17 -3.76
C TYR D 257 -25.37 22.03 -4.09
N GLN D 258 -26.20 21.65 -3.13
CA GLN D 258 -27.07 20.49 -3.25
C GLN D 258 -26.25 19.22 -3.51
N GLY D 259 -25.21 19.02 -2.70
CA GLY D 259 -24.41 17.83 -2.78
C GLY D 259 -23.45 17.77 -3.95
N LEU D 260 -23.57 18.68 -4.91
CA LEU D 260 -22.66 18.72 -6.04
C LEU D 260 -21.60 19.78 -5.81
N GLU D 261 -20.34 19.40 -5.98
CA GLU D 261 -19.25 20.34 -5.78
C GLU D 261 -19.19 21.33 -6.94
N VAL D 262 -19.25 22.61 -6.63
CA VAL D 262 -19.29 23.64 -7.67
C VAL D 262 -18.18 24.64 -7.44
N GLY D 263 -17.19 24.29 -6.63
CA GLY D 263 -16.08 25.18 -6.39
C GLY D 263 -15.14 24.58 -5.38
N GLN D 264 -14.04 25.29 -5.15
CA GLN D 264 -13.05 24.85 -4.18
C GLN D 264 -12.37 26.06 -3.56
N LEU D 265 -11.84 25.86 -2.36
CA LEU D 265 -10.87 26.79 -1.82
C LEU D 265 -9.59 26.73 -2.64
N THR D 266 -9.04 27.88 -2.96
CA THR D 266 -7.76 27.94 -3.65
C THR D 266 -6.70 28.72 -2.89
N LYS D 267 -7.09 29.66 -2.04
CA LYS D 267 -6.13 30.41 -1.25
C LYS D 267 -6.62 30.48 0.18
N LEU D 268 -5.71 30.35 1.14
CA LEU D 268 -6.03 30.38 2.56
C LEU D 268 -4.89 31.10 3.27
N ASP D 269 -5.06 32.39 3.52
CA ASP D 269 -4.00 33.23 4.04
C ASP D 269 -4.27 33.60 5.49
N LEU D 270 -3.36 34.40 6.05
CA LEU D 270 -3.49 34.92 7.41
C LEU D 270 -3.09 36.38 7.36
N ASN D 271 -4.08 37.27 7.44
CA ASN D 271 -3.81 38.69 7.36
C ASN D 271 -3.16 39.18 8.65
N PRO D 272 -2.49 40.34 8.61
CA PRO D 272 -1.80 40.83 9.81
C PRO D 272 -2.71 41.01 11.01
N GLY D 273 -3.91 41.54 10.80
CA GLY D 273 -4.79 41.82 11.92
C GLY D 273 -5.39 40.58 12.56
N GLY D 274 -4.83 39.41 12.24
CA GLY D 274 -5.35 38.16 12.75
C GLY D 274 -6.52 37.61 11.97
N LYS D 275 -7.04 38.33 10.98
CA LYS D 275 -8.17 37.85 10.21
C LYS D 275 -7.70 36.84 9.18
N VAL D 276 -8.42 35.73 9.08
CA VAL D 276 -8.09 34.67 8.13
C VAL D 276 -8.96 34.86 6.90
N THR D 277 -8.36 35.30 5.81
CA THR D 277 -9.07 35.47 4.56
C THR D 277 -8.78 34.31 3.63
N GLY D 278 -9.58 34.19 2.58
CA GLY D 278 -9.40 33.13 1.63
C GLY D 278 -9.94 33.45 0.25
N GLU D 279 -9.62 32.63 -0.72
CA GLU D 279 -10.11 32.85 -2.09
C GLU D 279 -10.57 31.51 -2.64
N MET D 280 -11.71 31.51 -3.31
CA MET D 280 -12.36 30.30 -3.77
C MET D 280 -12.72 30.45 -5.24
N THR D 281 -12.40 29.44 -6.04
CA THR D 281 -12.72 29.42 -7.46
C THR D 281 -14.03 28.68 -7.66
N VAL D 282 -14.98 29.35 -8.31
CA VAL D 282 -16.34 28.86 -8.47
C VAL D 282 -16.57 28.52 -9.93
N ASP D 283 -17.19 27.36 -10.16
CA ASP D 283 -17.58 26.93 -11.50
C ASP D 283 -18.41 28.04 -12.17
N PRO D 284 -18.08 28.40 -13.41
CA PRO D 284 -18.85 29.45 -14.10
C PRO D 284 -20.31 29.12 -14.32
N SER D 285 -20.77 27.93 -13.93
CA SER D 285 -22.17 27.59 -14.11
C SER D 285 -23.07 28.14 -13.00
N VAL D 286 -22.50 28.50 -11.86
CA VAL D 286 -23.29 28.98 -10.73
C VAL D 286 -22.90 30.40 -10.34
N VAL D 287 -22.28 31.15 -11.24
CA VAL D 287 -21.98 32.55 -10.94
C VAL D 287 -23.26 33.36 -10.82
N THR D 288 -24.30 32.99 -11.54
CA THR D 288 -25.57 33.69 -11.44
C THR D 288 -26.22 33.52 -10.07
N LEU D 289 -25.75 32.57 -9.26
CA LEU D 289 -26.27 32.36 -7.92
C LEU D 289 -25.45 33.10 -6.87
N LEU D 290 -24.47 33.89 -7.27
CA LEU D 290 -23.66 34.68 -6.33
C LEU D 290 -24.20 36.10 -6.35
N ARG D 291 -25.22 36.33 -5.54
CA ARG D 291 -25.90 37.61 -5.46
C ARG D 291 -25.73 38.18 -4.06
N GLU D 292 -26.42 39.29 -3.80
CA GLU D 292 -26.22 40.01 -2.55
C GLU D 292 -26.64 39.19 -1.34
N ASN D 293 -27.76 38.49 -1.44
CA ASN D 293 -28.34 37.78 -0.30
C ASN D 293 -28.04 36.29 -0.34
N THR D 294 -26.87 35.90 -0.83
CA THR D 294 -26.47 34.49 -0.90
C THR D 294 -25.41 34.24 0.16
N ARG D 295 -25.70 33.34 1.08
CA ARG D 295 -24.75 33.03 2.14
C ARG D 295 -23.84 31.88 1.72
N ILE D 296 -22.68 31.82 2.35
CA ILE D 296 -21.75 30.71 2.19
C ILE D 296 -21.39 30.23 3.58
N GLU D 297 -21.82 29.02 3.93
CA GLU D 297 -21.79 28.56 5.30
C GLU D 297 -20.79 27.42 5.46
N LEU D 298 -19.94 27.51 6.49
CA LEU D 298 -19.16 26.35 6.89
C LEU D 298 -20.08 25.29 7.45
N ARG D 299 -19.80 24.03 7.12
CA ARG D 299 -20.60 22.92 7.60
C ARG D 299 -19.70 21.76 7.94
N ASN D 300 -19.93 21.20 9.09
CA ASN D 300 -19.27 20.05 9.66
C ASN D 300 -20.09 18.80 9.40
N PRO D 301 -19.43 17.66 9.24
CA PRO D 301 -20.18 16.41 8.99
C PRO D 301 -20.61 15.79 10.31
N LYS D 302 -21.91 15.53 10.43
CA LYS D 302 -22.44 14.92 11.63
C LYS D 302 -22.27 13.41 11.58
N LEU D 303 -22.37 12.77 12.74
CA LEU D 303 -22.38 11.31 12.78
C LEU D 303 -23.54 10.75 11.97
N SER D 304 -24.77 11.09 12.36
CA SER D 304 -25.98 10.65 11.69
C SER D 304 -25.98 9.13 11.53
N LEU D 305 -26.05 8.47 12.70
CA LEU D 305 -25.94 7.01 12.76
C LEU D 305 -26.89 6.30 11.80
N SER D 306 -27.94 6.97 11.34
CA SER D 306 -28.82 6.38 10.33
C SER D 306 -28.04 6.03 9.06
N ASP D 307 -27.43 7.04 8.44
CA ASP D 307 -26.65 6.86 7.22
C ASP D 307 -25.15 6.89 7.44
N ALA D 308 -24.66 7.74 8.36
CA ALA D 308 -23.30 7.75 8.86
C ALA D 308 -22.27 8.27 7.86
N ASN D 309 -22.68 8.48 6.61
CA ASN D 309 -21.89 9.16 5.58
C ASN D 309 -20.40 8.90 5.69
N LEU D 310 -19.97 7.64 5.62
CA LEU D 310 -18.56 7.33 5.83
C LEU D 310 -17.67 8.06 4.82
N SER D 311 -18.22 8.43 3.67
CA SER D 311 -17.43 9.21 2.71
C SER D 311 -17.37 10.68 3.10
N ALA D 312 -18.51 11.26 3.53
CA ALA D 312 -18.53 12.67 3.88
C ALA D 312 -17.73 12.95 5.15
N LEU D 313 -17.66 11.98 6.06
CA LEU D 313 -16.91 12.17 7.28
C LEU D 313 -15.41 12.27 7.02
N LEU D 314 -14.95 11.76 5.88
CA LEU D 314 -13.55 11.93 5.51
C LEU D 314 -13.27 13.27 4.85
N THR D 315 -14.28 13.91 4.27
CA THR D 315 -14.05 15.21 3.65
C THR D 315 -13.71 16.27 4.68
N GLY D 316 -14.15 16.09 5.92
CA GLY D 316 -13.71 16.93 7.01
C GLY D 316 -14.59 18.13 7.30
N LYS D 317 -14.69 19.05 6.34
CA LYS D 317 -15.45 20.27 6.53
C LYS D 317 -15.68 20.92 5.18
N THR D 318 -16.90 21.37 4.90
CA THR D 318 -17.22 21.85 3.57
C THR D 318 -17.86 23.23 3.66
N PHE D 319 -17.99 23.86 2.50
CA PHE D 319 -18.81 25.05 2.38
C PHE D 319 -20.15 24.67 1.75
N GLU D 320 -21.14 25.52 1.99
CA GLU D 320 -22.46 25.29 1.41
C GLU D 320 -22.96 26.62 0.88
N LEU D 321 -23.38 26.63 -0.38
CA LEU D 321 -23.85 27.83 -1.04
C LEU D 321 -25.36 27.92 -0.90
N VAL D 322 -25.83 28.92 -0.17
CA VAL D 322 -27.26 29.15 -0.05
C VAL D 322 -27.60 30.37 -0.90
N PRO D 323 -28.16 30.19 -2.09
CA PRO D 323 -28.35 31.31 -3.00
C PRO D 323 -29.44 32.25 -2.55
N GLY D 324 -29.59 33.34 -3.29
CA GLY D 324 -30.54 34.36 -2.92
C GLY D 324 -30.71 35.37 -4.03
N ASP D 325 -31.30 36.51 -3.66
CA ASP D 325 -31.66 37.56 -4.61
C ASP D 325 -30.79 38.79 -4.41
N GLY D 326 -30.72 39.60 -5.46
CA GLY D 326 -30.09 40.89 -5.39
C GLY D 326 -29.01 41.05 -6.42
N GLU D 327 -28.22 42.12 -6.25
CA GLU D 327 -27.14 42.42 -7.15
C GLU D 327 -26.04 41.35 -7.06
N PRO D 328 -25.34 41.07 -8.16
CA PRO D 328 -24.26 40.09 -8.10
C PRO D 328 -23.16 40.51 -7.14
N ARG D 329 -22.56 39.52 -6.50
CA ARG D 329 -21.56 39.73 -5.47
C ARG D 329 -20.30 38.96 -5.82
N LYS D 330 -19.17 39.39 -5.26
CA LYS D 330 -17.90 38.73 -5.48
C LYS D 330 -17.08 38.51 -4.22
N GLU D 331 -17.45 39.12 -3.10
CA GLU D 331 -16.78 38.87 -1.84
C GLU D 331 -17.83 38.60 -0.78
N PHE D 332 -17.57 37.60 0.05
CA PHE D 332 -18.54 37.16 1.05
C PHE D 332 -17.87 37.09 2.41
N VAL D 333 -18.69 36.88 3.43
CA VAL D 333 -18.22 36.67 4.80
C VAL D 333 -18.78 35.34 5.25
N VAL D 334 -17.93 34.32 5.33
CA VAL D 334 -18.41 32.99 5.69
C VAL D 334 -18.88 33.01 7.14
N VAL D 335 -20.09 32.50 7.34
CA VAL D 335 -20.70 32.47 8.67
C VAL D 335 -20.07 31.34 9.47
N PRO D 336 -19.93 31.49 10.79
CA PRO D 336 -19.32 30.42 11.60
C PRO D 336 -20.10 29.12 11.63
N GLY D 337 -21.20 29.01 10.91
CA GLY D 337 -21.95 27.77 10.84
C GLY D 337 -23.10 27.66 11.81
N GLU D 338 -22.82 27.82 13.10
CA GLU D 338 -23.89 27.87 14.10
C GLU D 338 -24.43 29.28 14.29
N LYS D 339 -23.59 30.31 14.18
CA LYS D 339 -24.10 31.67 14.13
C LYS D 339 -24.89 31.94 12.86
N ALA D 340 -24.98 30.97 11.94
CA ALA D 340 -25.92 31.08 10.85
C ALA D 340 -27.34 31.10 11.39
N LEU D 341 -28.30 31.33 10.49
CA LEU D 341 -29.70 31.60 10.81
C LEU D 341 -29.87 32.93 11.52
N LEU D 342 -28.77 33.60 11.86
CA LEU D 342 -28.80 35.00 12.25
C LEU D 342 -28.55 35.91 11.05
N HIS D 343 -27.84 35.41 10.05
CA HIS D 343 -27.55 36.17 8.84
C HIS D 343 -28.50 35.84 7.70
N GLU D 344 -29.56 35.08 7.97
CA GLU D 344 -30.59 34.84 6.98
C GLU D 344 -31.23 36.17 6.59
N PRO D 345 -31.85 36.24 5.40
CA PRO D 345 -32.41 37.51 4.94
C PRO D 345 -33.42 38.10 5.90
N ASP D 346 -34.47 37.34 6.21
CA ASP D 346 -35.46 37.75 7.19
C ASP D 346 -35.36 36.83 8.40
N VAL D 347 -35.21 37.44 9.57
CA VAL D 347 -35.09 36.67 10.82
C VAL D 347 -35.36 37.62 11.97
N LEU D 348 -36.09 37.14 12.97
CA LEU D 348 -36.36 37.95 14.15
C LEU D 348 -35.22 37.79 15.14
N THR D 349 -34.55 38.89 15.46
CA THR D 349 -33.50 38.89 16.46
C THR D 349 -34.05 39.55 17.72
N LEU D 350 -34.42 38.73 18.69
CA LEU D 350 -34.96 39.18 19.96
C LEU D 350 -33.89 39.09 21.05
N THR D 351 -34.09 39.89 22.09
CA THR D 351 -33.19 39.92 23.24
C THR D 351 -34.01 39.61 24.48
N LEU D 352 -33.63 38.56 25.20
CA LEU D 352 -34.32 38.16 26.40
C LEU D 352 -33.45 38.43 27.61
N THR D 353 -34.07 38.87 28.70
CA THR D 353 -33.38 39.10 29.95
C THR D 353 -33.90 38.14 31.00
N ALA D 354 -33.04 37.76 31.93
CA ALA D 354 -33.45 36.84 32.99
C ALA D 354 -32.52 37.02 34.16
N PRO D 355 -33.00 36.80 35.38
CA PRO D 355 -32.11 36.88 36.54
C PRO D 355 -31.04 35.80 36.51
N GLU D 356 -31.46 34.56 36.35
CA GLU D 356 -30.56 33.43 36.22
C GLU D 356 -30.47 33.01 34.76
N SER D 357 -29.81 31.88 34.52
CA SER D 357 -29.72 31.31 33.18
C SER D 357 -30.66 30.14 32.95
N TYR D 358 -31.15 29.51 34.01
CA TYR D 358 -32.06 28.37 33.92
C TYR D 358 -31.51 27.25 33.04
N GLY D 359 -30.19 27.20 32.88
CA GLY D 359 -29.58 26.17 32.06
C GLY D 359 -29.74 26.35 30.57
N ILE D 360 -30.48 27.36 30.13
CA ILE D 360 -30.62 27.61 28.70
C ILE D 360 -29.28 28.03 28.13
N ASP D 361 -28.85 27.36 27.07
CA ASP D 361 -27.52 27.57 26.51
C ASP D 361 -27.64 28.09 25.08
N ALA D 362 -26.49 28.18 24.40
CA ALA D 362 -26.44 28.75 23.07
C ALA D 362 -27.28 27.94 22.08
N GLY D 363 -26.89 26.71 21.82
CA GLY D 363 -27.54 25.95 20.78
C GLY D 363 -28.95 25.48 21.08
N GLN D 364 -29.50 25.83 22.23
CA GLN D 364 -30.81 25.31 22.62
C GLN D 364 -31.90 25.88 21.72
N PRO D 365 -32.99 25.14 21.55
CA PRO D 365 -34.02 25.55 20.58
C PRO D 365 -35.13 26.37 21.21
N LEU D 366 -35.92 26.98 20.33
CA LEU D 366 -37.18 27.58 20.73
C LEU D 366 -38.33 26.67 20.33
N ILE D 367 -39.43 26.79 21.08
CA ILE D 367 -40.56 25.89 20.93
C ILE D 367 -41.83 26.72 20.83
N LEU D 368 -42.64 26.44 19.82
CA LEU D 368 -43.94 27.07 19.65
C LEU D 368 -44.93 25.97 19.30
N HIS D 369 -45.91 25.75 20.17
CA HIS D 369 -46.88 24.68 20.00
C HIS D 369 -46.20 23.32 19.86
N GLY D 370 -45.04 23.16 20.48
CA GLY D 370 -44.27 21.93 20.37
C GLY D 370 -43.37 21.87 19.16
N VAL D 371 -43.40 22.87 18.29
CA VAL D 371 -42.65 22.86 17.05
C VAL D 371 -41.37 23.66 17.22
N GLN D 372 -40.25 23.10 16.78
CA GLN D 372 -39.02 23.86 16.62
C GLN D 372 -39.28 25.07 15.75
N VAL D 373 -39.01 26.26 16.24
CA VAL D 373 -39.25 27.50 15.50
C VAL D 373 -37.97 28.30 15.34
N GLY D 374 -37.27 28.56 16.44
CA GLY D 374 -36.06 29.34 16.35
C GLY D 374 -34.90 28.71 17.10
N GLN D 375 -33.98 29.55 17.55
CA GLN D 375 -32.83 29.07 18.30
C GLN D 375 -32.32 30.18 19.20
N VAL D 376 -31.94 29.80 20.41
CA VAL D 376 -31.06 30.66 21.17
C VAL D 376 -29.75 30.76 20.41
N ILE D 377 -29.04 31.86 20.60
CA ILE D 377 -27.78 32.03 19.87
C ILE D 377 -26.62 32.21 20.85
N ASP D 378 -26.75 33.20 21.74
CA ASP D 378 -25.70 33.38 22.74
C ASP D 378 -26.27 33.88 24.06
N ARG D 379 -25.56 33.54 25.13
CA ARG D 379 -25.76 34.10 26.45
C ARG D 379 -24.74 35.21 26.70
N LYS D 380 -25.09 36.15 27.56
CA LYS D 380 -24.16 37.16 28.03
C LYS D 380 -24.44 37.42 29.48
N LEU D 381 -23.45 37.21 30.33
CA LEU D 381 -23.59 37.44 31.75
C LEU D 381 -23.25 38.89 32.07
N THR D 382 -24.10 39.53 32.86
CA THR D 382 -23.91 40.93 33.21
C THR D 382 -24.48 41.13 34.61
N SER D 383 -24.10 42.24 35.23
CA SER D 383 -24.59 42.55 36.58
C SER D 383 -26.11 42.54 36.65
N LYS D 384 -26.79 42.81 35.53
CA LYS D 384 -28.24 42.83 35.48
C LYS D 384 -28.82 41.49 35.04
N GLY D 385 -28.12 40.40 35.30
CA GLY D 385 -28.61 39.08 34.99
C GLY D 385 -28.22 38.63 33.59
N VAL D 386 -28.55 37.36 33.31
CA VAL D 386 -28.25 36.77 32.02
C VAL D 386 -29.06 37.45 30.92
N THR D 387 -28.47 37.56 29.74
CA THR D 387 -29.15 38.10 28.57
C THR D 387 -28.93 37.17 27.40
N PHE D 388 -30.00 36.61 26.88
CA PHE D 388 -29.95 35.74 25.72
C PHE D 388 -30.26 36.53 24.46
N THR D 389 -29.72 36.08 23.33
CA THR D 389 -30.16 36.56 22.04
C THR D 389 -30.79 35.38 21.31
N VAL D 390 -31.84 35.66 20.55
CA VAL D 390 -32.74 34.62 20.03
C VAL D 390 -33.08 34.95 18.59
N ALA D 391 -33.12 33.93 17.73
CA ALA D 391 -33.43 34.10 16.33
C ALA D 391 -34.65 33.27 15.97
N ILE D 392 -35.70 33.92 15.51
CA ILE D 392 -36.89 33.28 14.98
C ILE D 392 -36.77 33.20 13.47
N GLU D 393 -36.99 32.00 12.93
CA GLU D 393 -36.88 31.76 11.50
C GLU D 393 -37.93 32.57 10.73
N PRO D 394 -37.67 32.86 9.45
CA PRO D 394 -38.61 33.69 8.69
C PRO D 394 -39.95 33.04 8.43
N GLN D 395 -39.98 31.73 8.18
CA GLN D 395 -41.25 31.09 7.85
C GLN D 395 -42.24 31.18 9.01
N HIS D 396 -41.74 31.08 10.24
CA HIS D 396 -42.57 31.23 11.42
C HIS D 396 -42.49 32.62 12.03
N ARG D 397 -41.96 33.59 11.29
CA ARG D 397 -41.78 34.92 11.84
C ARG D 397 -43.12 35.57 12.20
N GLU D 398 -44.11 35.46 11.31
CA GLU D 398 -45.37 36.14 11.53
C GLU D 398 -46.21 35.54 12.64
N LEU D 399 -45.80 34.40 13.20
CA LEU D 399 -46.56 33.80 14.29
C LEU D 399 -46.37 34.56 15.59
N VAL D 400 -45.12 34.69 16.03
CA VAL D 400 -44.82 35.52 17.20
C VAL D 400 -45.06 36.98 16.81
N LYS D 401 -45.99 37.63 17.50
CA LYS D 401 -46.45 38.95 17.08
C LYS D 401 -46.56 39.90 18.26
N GLY D 402 -45.50 40.00 19.06
CA GLY D 402 -45.47 41.01 20.10
C GLY D 402 -45.74 40.51 21.49
N ASP D 403 -46.95 40.71 21.98
CA ASP D 403 -47.29 40.43 23.38
C ASP D 403 -47.05 38.98 23.78
N SER D 404 -46.71 38.14 22.81
CA SER D 404 -46.32 36.76 23.11
C SER D 404 -45.20 36.74 24.15
N LYS D 405 -45.26 35.77 25.04
CA LYS D 405 -44.31 35.68 26.15
C LYS D 405 -43.38 34.49 25.95
N PHE D 406 -42.35 34.44 26.80
CA PHE D 406 -41.32 33.41 26.71
C PHE D 406 -41.16 32.75 28.06
N VAL D 407 -41.10 31.41 28.06
CA VAL D 407 -41.06 30.61 29.27
C VAL D 407 -39.90 29.64 29.17
N VAL D 408 -39.32 29.30 30.32
CA VAL D 408 -38.30 28.26 30.33
C VAL D 408 -38.98 26.92 30.07
N ASN D 409 -38.70 26.33 28.92
CA ASN D 409 -39.34 25.07 28.54
C ASN D 409 -38.82 23.94 29.43
N SER D 410 -39.74 23.13 29.93
CA SER D 410 -39.37 22.00 30.77
C SER D 410 -40.51 20.98 30.85
N GLY D 434 -34.45 20.80 26.23
CA GLY D 434 -34.71 22.03 26.96
C GLY D 434 -35.19 23.14 26.05
N GLY D 435 -34.60 24.32 26.21
CA GLY D 435 -34.91 25.44 25.35
C GLY D 435 -35.92 26.38 25.95
N ILE D 436 -36.40 27.28 25.10
CA ILE D 436 -37.35 28.31 25.49
C ILE D 436 -38.66 28.05 24.76
N ARG D 437 -39.75 27.98 25.50
CA ARG D 437 -41.07 27.75 24.94
C ARG D 437 -41.80 29.08 24.79
N ILE D 438 -42.38 29.30 23.62
CA ILE D 438 -43.08 30.55 23.32
C ILE D 438 -44.56 30.38 23.61
N LEU D 439 -45.13 31.31 24.36
CA LEU D 439 -46.57 31.41 24.50
C LEU D 439 -47.05 32.47 23.53
N PRO D 440 -47.60 32.11 22.38
CA PRO D 440 -47.93 33.11 21.37
C PRO D 440 -49.10 33.97 21.81
N GLY D 441 -49.09 35.22 21.35
CA GLY D 441 -50.19 36.12 21.62
C GLY D 441 -50.79 36.62 20.32
N ASP D 442 -51.85 37.40 20.46
CA ASP D 442 -52.53 37.99 19.32
C ASP D 442 -51.76 39.21 18.83
N LYS D 443 -52.44 40.06 18.05
CA LYS D 443 -51.80 41.24 17.48
C LYS D 443 -51.01 42.01 18.55
N GLY D 444 -49.91 42.60 18.10
CA GLY D 444 -49.02 43.37 18.97
C GLY D 444 -47.76 43.71 18.22
N GLU D 445 -47.05 44.76 18.61
CA GLU D 445 -45.83 45.14 17.94
C GLU D 445 -44.62 44.52 18.63
N MET D 446 -43.66 44.06 17.84
CA MET D 446 -42.47 43.43 18.37
C MET D 446 -41.65 44.42 19.18
N LYS D 447 -41.48 44.14 20.47
CA LYS D 447 -40.77 45.04 21.37
C LYS D 447 -39.26 44.93 21.11
N ALA D 448 -38.48 45.61 21.94
CA ALA D 448 -37.03 45.55 21.83
C ALA D 448 -36.44 44.38 22.60
N SER D 449 -36.97 44.10 23.78
CA SER D 449 -36.48 43.00 24.60
C SER D 449 -37.62 42.46 25.45
N TYR D 450 -37.71 41.15 25.54
CA TYR D 450 -38.75 40.51 26.30
C TYR D 450 -38.18 39.80 27.52
N PRO D 451 -38.86 39.84 28.66
CA PRO D 451 -38.36 39.11 29.82
C PRO D 451 -38.65 37.63 29.70
N LEU D 452 -37.66 36.82 30.05
CA LEU D 452 -37.81 35.37 30.04
C LEU D 452 -38.31 34.94 31.42
N TYR D 453 -39.57 34.53 31.48
CA TYR D 453 -40.15 34.12 32.76
C TYR D 453 -39.64 32.74 33.14
N ALA D 454 -39.91 32.37 34.38
CA ALA D 454 -39.79 30.98 34.80
C ALA D 454 -41.01 30.25 34.26
N ASN D 455 -41.26 29.03 34.77
CA ASN D 455 -42.35 28.22 34.23
C ASN D 455 -43.69 28.96 34.31
N LEU D 456 -44.66 28.44 33.55
CA LEU D 456 -45.87 29.18 33.20
C LEU D 456 -46.58 29.82 34.39
N GLU D 457 -46.40 29.27 35.60
CA GLU D 457 -47.08 29.82 36.76
C GLU D 457 -46.77 31.29 36.98
N LYS D 458 -45.58 31.73 36.59
CA LYS D 458 -45.20 33.13 36.73
C LYS D 458 -45.47 33.93 35.46
N ALA D 459 -45.53 33.26 34.30
CA ALA D 459 -45.76 33.98 33.05
C ALA D 459 -47.23 34.35 32.90
N LEU D 460 -48.12 33.39 33.14
CA LEU D 460 -49.55 33.66 32.95
C LEU D 460 -50.09 34.62 34.00
N GLU D 461 -49.56 34.55 35.23
CA GLU D 461 -50.04 35.45 36.27
C GLU D 461 -49.67 36.90 36.01
N ASN D 462 -48.71 37.15 35.11
CA ASN D 462 -48.34 38.52 34.80
C ASN D 462 -49.49 39.26 34.12
N SER D 463 -50.25 38.56 33.29
CA SER D 463 -51.40 39.17 32.61
C SER D 463 -52.61 39.29 33.52
N LEU D 464 -52.60 38.65 34.69
CA LEU D 464 -53.71 38.72 35.62
C LEU D 464 -53.26 39.24 36.98
N GLY E 1 56.77 10.99 -28.64
CA GLY E 1 56.38 11.64 -27.40
C GLY E 1 57.27 11.27 -26.23
N ASN E 2 56.93 11.78 -25.05
CA ASN E 2 57.70 11.51 -23.86
C ASN E 2 57.31 10.15 -23.27
N THR E 3 57.82 9.87 -22.08
CA THR E 3 57.55 8.61 -21.39
C THR E 3 57.81 8.81 -19.90
N VAL E 4 56.91 8.30 -19.07
CA VAL E 4 56.97 8.51 -17.63
C VAL E 4 56.47 7.26 -16.93
N THR E 5 56.91 7.09 -15.68
CA THR E 5 56.56 5.93 -14.87
C THR E 5 55.80 6.38 -13.64
N ILE E 6 54.55 5.94 -13.52
CA ILE E 6 53.71 6.24 -12.37
C ILE E 6 53.67 5.01 -11.48
N ASP E 7 53.56 5.24 -10.17
CA ASP E 7 53.52 4.16 -9.18
C ASP E 7 52.10 4.07 -8.63
N PHE E 8 51.39 3.03 -9.04
CA PHE E 8 50.05 2.74 -8.55
C PHE E 8 50.10 1.60 -7.53
N MET E 9 49.10 1.60 -6.64
CA MET E 9 48.96 0.54 -5.67
C MET E 9 48.16 -0.65 -6.19
N SER E 10 47.41 -0.47 -7.27
CA SER E 10 46.60 -1.56 -7.83
C SER E 10 46.28 -1.22 -9.27
N ALA E 11 46.74 -2.05 -10.20
CA ALA E 11 46.49 -1.81 -11.62
C ALA E 11 45.18 -2.44 -12.08
N ASP E 12 44.09 -2.11 -11.40
CA ASP E 12 42.77 -2.61 -11.74
C ASP E 12 42.02 -1.54 -12.51
N GLY E 13 41.57 -1.88 -13.71
CA GLY E 13 40.92 -0.95 -14.60
C GLY E 13 41.84 -0.35 -15.64
N ILE E 14 43.15 -0.41 -15.43
CA ILE E 14 44.12 0.14 -16.36
C ILE E 14 44.48 -0.94 -17.37
N VAL E 15 44.28 -0.65 -18.65
CA VAL E 15 44.65 -1.59 -19.71
C VAL E 15 45.61 -0.88 -20.66
N PRO E 16 46.67 -1.54 -21.13
CA PRO E 16 47.65 -0.86 -21.97
C PRO E 16 47.08 -0.49 -23.33
N GLY E 17 47.59 0.59 -23.88
CA GLY E 17 47.21 1.01 -25.22
C GLY E 17 45.88 1.73 -25.29
N ARG E 18 44.97 1.41 -24.38
CA ARG E 18 43.61 1.94 -24.41
C ARG E 18 43.39 3.08 -23.42
N THR E 19 43.77 2.89 -22.17
CA THR E 19 43.47 3.86 -21.14
C THR E 19 44.19 5.18 -21.40
N PRO E 20 43.47 6.28 -21.55
CA PRO E 20 44.12 7.56 -21.81
C PRO E 20 44.49 8.30 -20.53
N VAL E 21 45.32 9.32 -20.69
CA VAL E 21 45.76 10.18 -19.60
C VAL E 21 45.40 11.59 -20.02
N ARG E 22 44.26 12.07 -19.57
CA ARG E 22 43.71 13.33 -20.06
C ARG E 22 43.78 14.41 -18.99
N TYR E 23 43.98 15.64 -19.44
CA TYR E 23 43.98 16.81 -18.59
C TYR E 23 42.76 17.65 -18.96
N GLN E 24 41.87 17.85 -17.99
CA GLN E 24 40.61 18.58 -18.16
C GLN E 24 39.98 18.28 -19.51
N GLY E 25 39.71 17.01 -19.74
CA GLY E 25 39.02 16.56 -20.94
C GLY E 25 39.87 16.09 -22.08
N VAL E 26 40.83 16.91 -22.51
CA VAL E 26 41.63 16.57 -23.69
C VAL E 26 42.59 15.44 -23.36
N GLU E 27 42.56 14.39 -24.16
CA GLU E 27 43.49 13.29 -23.99
C GLU E 27 44.90 13.77 -24.28
N VAL E 28 45.85 13.38 -23.42
CA VAL E 28 47.23 13.83 -23.57
C VAL E 28 48.14 12.62 -23.74
N GLY E 29 48.21 11.76 -22.73
CA GLY E 29 49.04 10.59 -22.77
C GLY E 29 48.25 9.31 -22.97
N THR E 30 48.99 8.21 -23.08
CA THR E 30 48.36 6.91 -23.26
C THR E 30 49.16 5.88 -22.48
N VAL E 31 48.45 4.99 -21.78
CA VAL E 31 49.12 3.94 -21.01
C VAL E 31 49.84 3.01 -21.97
N GLN E 32 51.16 2.94 -21.85
CA GLN E 32 51.94 2.07 -22.70
C GLN E 32 51.86 0.62 -22.22
N ASP E 33 52.29 0.38 -20.98
CA ASP E 33 52.19 -0.96 -20.41
C ASP E 33 52.28 -0.88 -18.90
N ILE E 34 51.70 -1.88 -18.25
CA ILE E 34 51.76 -2.05 -16.81
C ILE E 34 52.79 -3.12 -16.51
N SER E 35 53.55 -2.93 -15.43
CA SER E 35 54.55 -3.92 -15.05
C SER E 35 54.75 -3.89 -13.54
N LEU E 36 54.94 -5.06 -12.96
CA LEU E 36 55.22 -5.08 -11.53
C LEU E 36 56.64 -4.61 -11.26
N SER E 37 56.86 -4.14 -10.03
CA SER E 37 58.19 -3.77 -9.60
C SER E 37 59.07 -5.01 -9.46
N ASP E 38 60.33 -4.79 -9.13
CA ASP E 38 61.24 -5.91 -8.92
C ASP E 38 60.79 -6.79 -7.77
N ASP E 39 60.41 -6.16 -6.64
CA ASP E 39 59.94 -6.89 -5.47
C ASP E 39 58.47 -7.29 -5.59
N LEU E 40 57.82 -6.99 -6.73
CA LEU E 40 56.41 -7.32 -6.93
C LEU E 40 55.54 -6.74 -5.82
N ARG E 41 55.83 -5.50 -5.44
CA ARG E 41 55.12 -4.83 -4.36
C ARG E 41 54.40 -3.55 -4.79
N LYS E 42 54.82 -2.91 -5.87
CA LYS E 42 54.16 -1.72 -6.38
C LYS E 42 54.06 -1.83 -7.89
N ILE E 43 53.05 -1.17 -8.44
CA ILE E 43 52.75 -1.26 -9.88
C ILE E 43 53.36 -0.07 -10.59
N GLU E 44 54.15 -0.33 -11.63
CA GLU E 44 54.76 0.71 -12.44
C GLU E 44 54.01 0.77 -13.77
N VAL E 45 53.35 1.88 -14.02
CA VAL E 45 52.62 2.11 -15.26
C VAL E 45 53.42 3.05 -16.12
N LYS E 46 53.58 2.72 -17.40
CA LYS E 46 54.34 3.55 -18.33
C LYS E 46 53.38 4.34 -19.20
N VAL E 47 53.55 5.66 -19.21
CA VAL E 47 52.67 6.57 -19.92
C VAL E 47 53.48 7.29 -20.98
N SER E 48 52.86 7.57 -22.12
CA SER E 48 53.50 8.26 -23.23
C SER E 48 52.80 9.62 -23.38
N ILE E 49 53.34 10.62 -22.70
CA ILE E 49 52.80 11.97 -22.81
C ILE E 49 53.13 12.54 -24.19
N LYS E 50 52.28 13.47 -24.65
CA LYS E 50 52.53 14.13 -25.92
C LYS E 50 53.89 14.83 -25.91
N SER E 51 54.49 14.93 -27.10
CA SER E 51 55.80 15.55 -27.22
C SER E 51 55.76 17.06 -27.04
N ASP E 52 54.57 17.66 -26.95
CA ASP E 52 54.46 19.09 -26.72
C ASP E 52 54.24 19.44 -25.25
N MET E 53 53.64 18.54 -24.47
CA MET E 53 53.39 18.79 -23.05
C MET E 53 54.55 18.24 -22.21
N LYS E 54 55.75 18.66 -22.56
CA LYS E 54 56.94 18.26 -21.83
C LYS E 54 57.24 19.17 -20.63
N ASP E 55 56.54 20.29 -20.51
CA ASP E 55 56.71 21.20 -19.39
C ASP E 55 55.61 21.06 -18.36
N ALA E 56 54.74 20.06 -18.51
CA ALA E 56 53.68 19.82 -17.53
C ALA E 56 54.07 18.82 -16.46
N LEU E 57 54.95 17.88 -16.80
CA LEU E 57 55.38 16.84 -15.86
C LEU E 57 56.64 17.27 -15.11
N ARG E 58 56.55 18.44 -14.47
CA ARG E 58 57.76 19.06 -13.96
C ARG E 58 58.21 18.47 -12.62
N GLU E 59 57.50 18.81 -11.54
CA GLU E 59 57.78 18.15 -10.26
C GLU E 59 56.52 17.78 -9.49
N GLU E 60 55.55 18.69 -9.49
CA GLU E 60 54.36 18.56 -8.68
C GLU E 60 53.18 18.05 -9.48
N THR E 61 53.41 17.67 -10.73
CA THR E 61 52.36 17.07 -11.53
C THR E 61 51.82 15.84 -10.82
N GLN E 62 50.53 15.87 -10.52
CA GLN E 62 49.88 14.79 -9.80
C GLN E 62 49.08 13.93 -10.76
N PHE E 63 49.20 12.61 -10.61
CA PHE E 63 48.46 11.66 -11.41
C PHE E 63 47.56 10.84 -10.50
N TRP E 64 46.32 10.64 -10.93
CA TRP E 64 45.42 9.79 -10.17
C TRP E 64 44.51 9.04 -11.13
N LEU E 65 43.86 8.00 -10.62
CA LEU E 65 42.97 7.17 -11.41
C LEU E 65 41.53 7.55 -11.11
N VAL E 66 40.73 7.66 -12.16
CA VAL E 66 39.33 8.05 -12.02
C VAL E 66 38.44 6.85 -12.35
N THR E 67 37.15 7.02 -12.12
CA THR E 67 36.16 5.96 -12.26
C THR E 67 34.91 6.55 -12.86
N PRO E 68 34.03 5.72 -13.44
CA PRO E 68 32.85 6.25 -14.14
C PRO E 68 31.70 6.62 -13.22
N LYS E 69 31.97 6.77 -11.92
CA LYS E 69 31.08 7.28 -10.87
C LYS E 69 30.06 6.25 -10.40
N ALA E 70 29.95 5.08 -11.04
CA ALA E 70 29.14 3.97 -10.55
C ALA E 70 27.69 4.42 -10.25
N SER E 71 27.00 4.80 -11.31
CA SER E 71 25.64 5.34 -11.19
C SER E 71 24.65 4.33 -11.77
N LEU E 72 24.26 3.36 -10.92
CA LEU E 72 23.17 2.42 -11.19
C LEU E 72 23.50 1.46 -12.33
N ALA E 73 24.63 1.68 -12.99
CA ALA E 73 25.10 0.77 -14.03
C ALA E 73 26.37 0.05 -13.64
N GLY E 74 27.11 0.55 -12.66
CA GLY E 74 28.25 -0.16 -12.12
C GLY E 74 27.84 -0.98 -10.92
N VAL E 75 26.81 -0.54 -10.21
CA VAL E 75 26.33 -1.29 -9.06
C VAL E 75 25.51 -2.50 -9.48
N SER E 76 24.79 -2.39 -10.60
CA SER E 76 23.99 -3.50 -11.11
C SER E 76 24.75 -4.27 -12.18
N GLY E 77 25.93 -4.74 -11.80
CA GLY E 77 26.78 -5.44 -12.76
C GLY E 77 27.15 -4.51 -13.89
N LEU E 78 26.87 -4.95 -15.12
CA LEU E 78 27.08 -4.16 -16.33
C LEU E 78 28.46 -3.50 -16.34
N ASP E 79 29.49 -4.32 -16.14
CA ASP E 79 30.85 -3.78 -16.05
C ASP E 79 31.31 -3.22 -17.38
N ALA E 80 31.28 -4.03 -18.44
CA ALA E 80 31.76 -3.59 -19.74
C ALA E 80 30.70 -2.80 -20.49
N LEU E 81 30.13 -1.80 -19.82
CA LEU E 81 29.15 -0.94 -20.47
C LEU E 81 29.30 0.53 -20.11
N VAL E 82 30.24 0.89 -19.23
CA VAL E 82 30.40 2.26 -18.76
C VAL E 82 31.88 2.57 -18.56
N GLY E 83 32.25 3.81 -18.88
CA GLY E 83 33.53 4.37 -18.48
C GLY E 83 34.78 3.73 -19.06
N GLY E 84 35.92 4.37 -18.83
CA GLY E 84 37.19 3.83 -19.28
C GLY E 84 38.31 3.95 -18.27
N ASN E 85 38.05 4.62 -17.15
CA ASN E 85 39.02 4.78 -16.07
C ASN E 85 40.30 5.44 -16.57
N TYR E 86 40.18 6.68 -17.03
CA TYR E 86 41.36 7.39 -17.50
C TYR E 86 42.22 7.79 -16.32
N ILE E 87 43.37 8.40 -16.62
CA ILE E 87 44.32 8.84 -15.62
C ILE E 87 44.33 10.36 -15.63
N GLY E 88 43.75 10.97 -14.60
CA GLY E 88 43.78 12.41 -14.49
C GLY E 88 45.15 12.91 -14.10
N MET E 89 45.50 14.06 -14.67
CA MET E 89 46.81 14.67 -14.50
C MET E 89 46.65 16.15 -14.20
N MET E 90 47.48 16.66 -13.30
CA MET E 90 47.50 18.08 -12.96
C MET E 90 48.93 18.58 -12.99
N PRO E 91 49.26 19.56 -13.84
CA PRO E 91 50.66 19.95 -14.01
C PRO E 91 51.26 20.54 -12.73
N GLY E 92 52.59 20.45 -12.64
CA GLY E 92 53.31 20.88 -11.47
C GLY E 92 54.13 22.13 -11.70
N LYS E 93 54.94 22.47 -10.69
CA LYS E 93 55.64 23.76 -10.70
C LYS E 93 56.93 23.70 -11.51
N GLY E 94 57.92 22.94 -11.05
CA GLY E 94 59.13 22.81 -11.85
C GLY E 94 60.14 21.77 -11.42
N LYS E 95 60.49 20.88 -12.34
CA LYS E 95 61.65 19.99 -12.28
C LYS E 95 61.74 19.21 -13.58
N GLU E 96 62.66 18.26 -13.65
CA GLU E 96 62.74 17.32 -14.76
C GLU E 96 62.30 15.92 -14.33
N GLN E 97 61.27 15.85 -13.48
CA GLN E 97 60.85 14.57 -12.92
C GLN E 97 60.21 13.69 -13.99
N ASP E 98 60.51 12.39 -13.90
CA ASP E 98 59.94 11.42 -14.83
C ASP E 98 59.50 10.13 -14.13
N HIS E 99 59.28 10.19 -12.81
CA HIS E 99 58.82 9.02 -12.07
C HIS E 99 57.94 9.52 -10.93
N PHE E 100 56.64 9.24 -11.02
CA PHE E 100 55.66 9.81 -10.12
C PHE E 100 55.05 8.74 -9.23
N VAL E 101 54.28 9.20 -8.25
CA VAL E 101 53.51 8.33 -7.36
C VAL E 101 52.06 8.73 -7.53
N ALA E 102 51.22 7.76 -7.89
CA ALA E 102 49.82 8.05 -8.15
C ALA E 102 49.13 8.47 -6.87
N LEU E 103 48.36 9.55 -6.95
CA LEU E 103 47.51 9.94 -5.84
C LEU E 103 46.34 8.99 -5.71
N ASP E 104 45.90 8.78 -4.48
CA ASP E 104 44.77 7.91 -4.21
C ASP E 104 43.43 8.61 -4.38
N THR E 105 43.43 9.93 -4.50
CA THR E 105 42.22 10.69 -4.77
C THR E 105 42.60 11.94 -5.54
N GLN E 106 41.62 12.52 -6.22
CA GLN E 106 41.87 13.72 -6.99
C GLN E 106 42.22 14.88 -6.05
N PRO E 107 43.13 15.76 -6.47
CA PRO E 107 43.54 16.85 -5.59
C PRO E 107 42.46 17.90 -5.42
N LYS E 108 42.78 18.99 -4.73
CA LYS E 108 41.84 20.07 -4.56
C LYS E 108 41.54 20.73 -5.90
N TYR E 109 40.61 21.68 -5.88
CA TYR E 109 40.21 22.40 -7.08
C TYR E 109 41.10 23.63 -7.20
N ARG E 110 42.09 23.55 -8.08
CA ARG E 110 43.03 24.65 -8.29
C ARG E 110 42.69 25.50 -9.50
N LEU E 111 41.70 25.10 -10.29
CA LEU E 111 41.37 25.83 -11.50
C LEU E 111 40.82 27.21 -11.17
N ASP E 112 40.61 28.01 -12.21
CA ASP E 112 40.00 29.33 -12.05
C ASP E 112 39.31 29.67 -13.36
N ASN E 113 38.00 29.45 -13.42
CA ASN E 113 37.20 29.76 -14.59
C ASN E 113 36.08 30.73 -14.27
N GLY E 114 36.19 31.44 -13.15
CA GLY E 114 35.13 32.31 -12.71
C GLY E 114 33.94 31.60 -12.10
N ASP E 115 33.98 30.27 -12.01
CA ASP E 115 32.90 29.50 -11.41
C ASP E 115 33.20 29.26 -9.93
N LEU E 116 32.14 29.17 -9.14
CA LEU E 116 32.30 29.10 -7.69
C LEU E 116 32.58 27.69 -7.24
N MET E 117 33.40 27.57 -6.20
CA MET E 117 33.48 26.35 -5.41
C MET E 117 33.16 26.69 -3.97
N ILE E 118 32.10 26.11 -3.45
CA ILE E 118 31.67 26.34 -2.09
C ILE E 118 31.71 25.01 -1.35
N HIS E 119 31.72 25.08 -0.03
CA HIS E 119 31.79 23.91 0.82
C HIS E 119 30.50 23.78 1.59
N LEU E 120 30.06 22.55 1.81
CA LEU E 120 28.84 22.27 2.56
C LEU E 120 29.18 21.31 3.68
N GLN E 121 29.01 21.76 4.92
CA GLN E 121 29.11 20.85 6.04
C GLN E 121 27.90 19.94 6.09
N ALA E 122 28.09 18.72 6.57
CA ALA E 122 26.98 17.81 6.68
C ALA E 122 27.27 16.81 7.79
N PRO E 123 26.23 16.26 8.43
CA PRO E 123 26.48 15.18 9.39
C PRO E 123 26.95 13.90 8.71
N ASP E 124 26.48 13.66 7.49
CA ASP E 124 26.93 12.51 6.71
C ASP E 124 26.70 12.85 5.24
N LEU E 125 27.25 12.00 4.37
CA LEU E 125 27.16 12.26 2.95
C LEU E 125 25.74 12.22 2.42
N GLY E 126 24.85 11.49 3.07
CA GLY E 126 23.57 11.28 2.44
C GLY E 126 23.79 10.42 1.20
N SER E 127 22.78 10.42 0.33
CA SER E 127 22.90 9.68 -0.93
C SER E 127 23.45 10.56 -2.03
N LEU E 128 24.56 11.21 -1.77
CA LEU E 128 25.25 12.03 -2.75
C LEU E 128 26.53 11.34 -3.19
N ASN E 129 27.08 11.83 -4.29
CA ASN E 129 28.31 11.30 -4.85
C ASN E 129 28.77 12.25 -5.94
N SER E 130 30.03 12.09 -6.36
CA SER E 130 30.58 12.95 -7.39
C SER E 130 29.73 12.87 -8.65
N GLY E 131 29.07 13.97 -8.99
CA GLY E 131 28.16 14.00 -10.11
C GLY E 131 26.73 14.32 -9.74
N SER E 132 26.37 14.30 -8.47
CA SER E 132 25.05 14.75 -8.07
C SER E 132 24.85 16.20 -8.43
N LEU E 133 23.67 16.54 -8.90
CA LEU E 133 23.43 17.89 -9.41
C LEU E 133 22.99 18.82 -8.31
N VAL E 134 23.33 20.09 -8.47
CA VAL E 134 22.86 21.17 -7.61
C VAL E 134 21.82 21.95 -8.40
N TYR E 135 20.69 22.22 -7.78
CA TYR E 135 19.54 22.80 -8.45
C TYR E 135 19.22 24.17 -7.87
N PHE E 136 18.79 25.06 -8.76
CA PHE E 136 18.10 26.29 -8.38
C PHE E 136 16.82 26.32 -9.20
N ARG E 137 15.68 26.30 -8.51
CA ARG E 137 14.39 26.21 -9.18
C ARG E 137 14.31 24.97 -10.05
N LYS E 138 14.91 23.88 -9.57
CA LYS E 138 15.01 22.62 -10.29
C LYS E 138 15.72 22.77 -11.63
N ILE E 139 16.52 23.81 -11.79
CA ILE E 139 17.39 24.01 -12.93
C ILE E 139 18.81 23.66 -12.49
N PRO E 140 19.49 22.73 -13.14
CA PRO E 140 20.84 22.34 -12.70
C PRO E 140 21.84 23.45 -12.97
N VAL E 141 22.47 23.95 -11.89
CA VAL E 141 23.42 25.04 -11.97
C VAL E 141 24.79 24.65 -11.43
N GLY E 142 24.99 23.39 -11.10
CA GLY E 142 26.27 22.99 -10.56
C GLY E 142 26.33 21.49 -10.39
N LYS E 143 27.30 21.06 -9.59
CA LYS E 143 27.50 19.63 -9.36
C LYS E 143 28.38 19.44 -8.15
N VAL E 144 28.22 18.30 -7.49
CA VAL E 144 29.09 17.92 -6.38
C VAL E 144 30.45 17.56 -6.94
N TYR E 145 31.48 18.29 -6.53
CA TYR E 145 32.82 18.01 -7.04
C TYR E 145 33.42 16.80 -6.37
N ASP E 146 33.61 16.86 -5.06
CA ASP E 146 34.09 15.72 -4.30
C ASP E 146 33.82 15.96 -2.83
N TYR E 147 33.87 14.88 -2.06
CA TYR E 147 33.56 14.91 -0.64
C TYR E 147 34.73 14.40 0.17
N ALA E 148 34.86 14.93 1.38
CA ALA E 148 35.91 14.50 2.28
C ALA E 148 35.32 14.37 3.67
N ILE E 149 36.05 13.68 4.54
CA ILE E 149 35.64 13.53 5.93
C ILE E 149 36.24 14.67 6.73
N ASN E 150 35.42 15.31 7.56
CA ASN E 150 35.89 16.41 8.37
C ASN E 150 37.04 15.94 9.26
N PRO E 151 38.12 16.71 9.37
CA PRO E 151 39.25 16.28 10.20
C PRO E 151 38.87 15.75 11.58
N ASN E 152 37.90 16.37 12.24
CA ASN E 152 37.47 15.91 13.55
C ASN E 152 36.55 14.71 13.49
N LYS E 153 36.37 14.11 12.32
CA LYS E 153 35.53 12.93 12.10
C LYS E 153 34.08 13.13 12.50
N GLN E 154 33.68 14.36 12.80
CA GLN E 154 32.32 14.61 13.28
C GLN E 154 31.33 14.82 12.14
N GLY E 155 31.80 15.14 10.95
CA GLY E 155 30.93 15.31 9.82
C GLY E 155 31.65 15.09 8.51
N VAL E 156 31.03 15.51 7.40
CA VAL E 156 31.68 15.47 6.10
C VAL E 156 31.58 16.85 5.48
N VAL E 157 32.47 17.08 4.51
CA VAL E 157 32.51 18.34 3.77
C VAL E 157 32.36 18.00 2.30
N ILE E 158 31.32 18.53 1.69
CA ILE E 158 31.05 18.36 0.26
C ILE E 158 31.53 19.60 -0.46
N ASP E 159 32.06 19.44 -1.66
CA ASP E 159 32.55 20.57 -2.45
C ASP E 159 31.64 20.72 -3.66
N VAL E 160 30.87 21.79 -3.68
CA VAL E 160 29.93 22.07 -4.75
C VAL E 160 30.56 23.06 -5.71
N LEU E 161 30.41 22.79 -7.00
CA LEU E 161 31.00 23.62 -8.06
C LEU E 161 29.87 24.26 -8.85
N ILE E 162 29.56 25.51 -8.53
CA ILE E 162 28.52 26.25 -9.25
C ILE E 162 29.12 26.82 -10.53
N GLU E 163 28.48 26.54 -11.66
CA GLU E 163 29.00 26.94 -12.96
C GLU E 163 29.07 28.46 -13.08
N ARG E 164 29.79 28.91 -14.10
CA ARG E 164 30.21 30.30 -14.17
C ARG E 164 29.02 31.24 -14.33
N ARG E 165 28.12 30.93 -15.25
CA ARG E 165 27.04 31.87 -15.52
C ARG E 165 25.98 31.88 -14.46
N PHE E 166 26.14 31.18 -13.35
CA PHE E 166 25.14 31.11 -12.30
C PHE E 166 25.65 31.59 -10.95
N THR E 167 26.87 32.12 -10.88
CA THR E 167 27.46 32.49 -9.60
C THR E 167 26.73 33.62 -8.90
N ASP E 168 25.83 34.32 -9.58
CA ASP E 168 25.04 35.33 -8.91
C ASP E 168 23.96 34.72 -8.01
N LEU E 169 23.69 33.43 -8.17
CA LEU E 169 22.62 32.82 -7.40
C LEU E 169 23.04 32.55 -5.97
N VAL E 170 24.30 32.15 -5.76
CA VAL E 170 24.77 31.76 -4.43
C VAL E 170 25.05 33.04 -3.64
N LYS E 171 24.07 33.48 -2.86
CA LYS E 171 24.25 34.60 -1.97
C LYS E 171 24.81 34.12 -0.64
N LYS E 172 25.42 35.05 0.09
CA LYS E 172 25.97 34.70 1.39
C LYS E 172 24.92 34.24 2.38
N GLY E 173 23.64 34.47 2.09
CA GLY E 173 22.58 34.01 2.96
C GLY E 173 21.75 32.91 2.34
N SER E 174 22.33 32.18 1.39
CA SER E 174 21.62 31.08 0.77
C SER E 174 21.55 29.89 1.73
N ARG E 175 20.74 28.91 1.36
CA ARG E 175 20.53 27.73 2.19
C ARG E 175 20.42 26.52 1.28
N PHE E 176 21.28 25.54 1.50
CA PHE E 176 21.30 24.32 0.69
C PHE E 176 20.60 23.21 1.45
N TRP E 177 19.73 22.49 0.76
CA TRP E 177 19.05 21.36 1.37
C TRP E 177 19.14 20.15 0.46
N ASN E 178 19.24 18.98 1.09
CA ASN E 178 19.36 17.74 0.35
C ASN E 178 18.02 17.32 -0.24
N VAL E 179 18.02 17.02 -1.53
CA VAL E 179 16.86 16.46 -2.21
C VAL E 179 17.33 15.13 -2.79
N SER E 180 16.93 14.03 -2.17
CA SER E 180 17.49 12.74 -2.53
C SER E 180 16.49 11.64 -2.23
N GLY E 181 16.57 10.56 -3.01
CA GLY E 181 15.70 9.42 -2.81
C GLY E 181 14.25 9.78 -3.00
N VAL E 182 13.38 8.94 -2.44
CA VAL E 182 11.95 9.12 -2.52
C VAL E 182 11.40 9.39 -1.14
N ASP E 183 10.32 10.17 -1.08
CA ASP E 183 9.71 10.61 0.17
C ASP E 183 8.27 10.13 0.26
N ALA E 184 8.04 8.86 -0.06
CA ALA E 184 6.68 8.33 -0.14
C ALA E 184 5.97 8.45 1.20
N ASN E 185 4.97 9.33 1.25
CA ASN E 185 4.18 9.55 2.44
C ASN E 185 2.82 8.87 2.30
N VAL E 186 2.27 8.45 3.44
CA VAL E 186 0.98 7.78 3.48
C VAL E 186 0.20 8.27 4.69
N SER E 187 -1.05 8.67 4.47
CA SER E 187 -1.97 9.03 5.53
C SER E 187 -3.34 8.44 5.22
N ILE E 188 -4.37 8.87 5.95
CA ILE E 188 -5.73 8.46 5.66
C ILE E 188 -6.41 9.62 4.94
N SER E 189 -6.87 9.37 3.71
CA SER E 189 -7.45 10.42 2.86
C SER E 189 -6.42 11.54 2.63
N GLY E 190 -5.38 11.18 1.89
CA GLY E 190 -4.20 12.02 1.84
C GLY E 190 -2.90 11.26 1.68
N ALA E 191 -2.99 9.94 1.55
CA ALA E 191 -1.80 9.12 1.28
C ALA E 191 -1.39 9.37 -0.17
N LYS E 192 -0.79 10.53 -0.39
CA LYS E 192 -0.42 11.00 -1.71
C LYS E 192 1.09 10.98 -1.85
N VAL E 193 1.58 10.28 -2.86
CA VAL E 193 3.01 10.24 -3.16
C VAL E 193 3.22 10.82 -4.56
N LYS E 194 4.05 11.86 -4.64
CA LYS E 194 4.40 12.50 -5.90
C LYS E 194 5.90 12.43 -6.09
N LEU E 195 6.33 12.02 -7.29
CA LEU E 195 7.74 11.98 -7.62
C LEU E 195 7.94 12.67 -8.96
N GLU E 196 8.87 13.62 -9.00
CA GLU E 196 9.17 14.35 -10.23
C GLU E 196 10.62 14.23 -10.65
N SER E 197 11.57 14.43 -9.74
CA SER E 197 12.98 14.39 -10.09
C SER E 197 13.46 12.95 -10.13
N LEU E 198 13.95 12.52 -11.29
CA LEU E 198 14.46 11.17 -11.46
C LEU E 198 15.91 11.03 -11.08
N ALA E 199 16.76 11.97 -11.51
CA ALA E 199 18.18 11.90 -11.16
C ALA E 199 18.37 12.01 -9.65
N ALA E 200 17.57 12.86 -9.00
CA ALA E 200 17.62 12.93 -7.55
C ALA E 200 17.24 11.61 -6.90
N LEU E 201 16.35 10.84 -7.55
CA LEU E 201 15.98 9.54 -7.02
C LEU E 201 17.10 8.53 -7.19
N VAL E 202 17.94 8.68 -8.21
CA VAL E 202 18.97 7.69 -8.49
C VAL E 202 20.24 8.01 -7.71
N ASN E 203 20.84 9.17 -7.99
CA ASN E 203 22.12 9.51 -7.39
C ASN E 203 22.05 10.81 -6.59
N GLY E 204 20.87 11.15 -6.07
CA GLY E 204 20.75 12.26 -5.15
C GLY E 204 20.97 13.63 -5.76
N ALA E 205 20.66 14.68 -5.01
CA ALA E 205 20.81 16.03 -5.50
C ALA E 205 20.79 17.01 -4.34
N ILE E 206 21.27 18.21 -4.61
CA ILE E 206 21.21 19.31 -3.66
C ILE E 206 20.38 20.40 -4.30
N ALA E 207 19.72 21.21 -3.49
CA ALA E 207 19.00 22.35 -4.01
C ALA E 207 19.32 23.56 -3.15
N PHE E 208 19.19 24.75 -3.72
CA PHE E 208 19.42 25.93 -2.91
C PHE E 208 18.52 27.07 -3.38
N ASP E 209 18.49 28.12 -2.57
CA ASP E 209 17.66 29.29 -2.81
C ASP E 209 18.53 30.53 -2.73
N SER E 210 17.91 31.68 -2.97
CA SER E 210 18.68 32.91 -3.06
C SER E 210 17.90 34.11 -2.53
N PRO E 211 18.21 34.59 -1.33
CA PRO E 211 17.60 35.84 -0.87
C PRO E 211 17.99 37.00 -1.77
N GLU E 212 17.23 38.08 -1.67
CA GLU E 212 17.38 39.22 -2.57
C GLU E 212 17.97 40.44 -1.87
N GLU E 213 18.61 40.26 -0.73
CA GLU E 213 19.17 41.39 -0.01
C GLU E 213 20.54 41.09 0.59
N SER E 214 21.16 39.97 0.25
CA SER E 214 22.46 39.60 0.81
C SER E 214 23.51 39.58 -0.28
N LYS E 215 24.76 39.75 0.13
CA LYS E 215 25.86 39.86 -0.80
C LYS E 215 26.13 38.52 -1.49
N PRO E 216 26.72 38.54 -2.68
CA PRO E 216 27.08 37.28 -3.33
C PRO E 216 28.21 36.58 -2.60
N ALA E 217 28.15 35.25 -2.63
CA ALA E 217 29.13 34.44 -1.91
C ALA E 217 30.47 34.44 -2.64
N GLU E 218 31.55 34.47 -1.89
CA GLU E 218 32.88 34.38 -2.45
C GLU E 218 33.32 32.92 -2.53
N ALA E 219 34.48 32.71 -3.16
CA ALA E 219 34.99 31.35 -3.33
C ALA E 219 35.32 30.74 -1.98
N GLU E 220 35.23 29.41 -1.91
CA GLU E 220 35.57 28.65 -0.72
C GLU E 220 34.75 29.06 0.50
N ASP E 221 33.53 29.55 0.27
CA ASP E 221 32.64 29.90 1.35
C ASP E 221 31.89 28.66 1.83
N THR E 222 31.60 28.63 3.12
CA THR E 222 31.07 27.45 3.78
C THR E 222 29.60 27.66 4.14
N PHE E 223 28.77 26.69 3.81
CA PHE E 223 27.37 26.66 4.17
C PHE E 223 27.07 25.35 4.89
N GLY E 224 25.84 25.20 5.33
CA GLY E 224 25.44 23.97 5.98
C GLY E 224 24.34 23.26 5.21
N LEU E 225 24.52 21.97 4.96
CA LEU E 225 23.54 21.21 4.20
C LEU E 225 22.43 20.75 5.13
N TYR E 226 21.22 21.22 4.88
CA TYR E 226 20.08 20.81 5.69
C TYR E 226 19.55 19.46 5.23
N GLU E 227 18.75 18.84 6.08
CA GLU E 227 18.30 17.48 5.80
C GLU E 227 17.28 17.45 4.66
N ASP E 228 16.40 18.43 4.61
CA ASP E 228 15.36 18.46 3.58
C ASP E 228 14.90 19.89 3.42
N LEU E 229 13.89 20.08 2.56
CA LEU E 229 13.38 21.42 2.33
C LEU E 229 12.77 22.00 3.59
N ALA E 230 12.13 21.15 4.41
CA ALA E 230 11.45 21.64 5.60
C ALA E 230 12.45 22.15 6.64
N HIS E 231 13.51 21.37 6.89
CA HIS E 231 14.50 21.78 7.88
C HIS E 231 15.19 23.08 7.51
N SER E 232 15.15 23.48 6.25
CA SER E 232 15.81 24.68 5.79
C SER E 232 14.96 25.94 5.95
N GLN E 233 13.70 25.79 6.30
CA GLN E 233 12.79 26.93 6.34
C GLN E 233 13.27 27.96 7.36
N ARG E 234 13.23 29.22 6.95
CA ARG E 234 13.62 30.29 7.84
C ARG E 234 12.49 30.59 8.83
N GLY E 235 12.83 31.27 9.89
CA GLY E 235 11.90 31.57 10.96
C GLY E 235 12.64 31.66 12.27
N VAL E 236 12.03 32.34 13.22
CA VAL E 236 12.69 32.59 14.49
C VAL E 236 12.61 31.35 15.36
N ILE E 237 13.70 31.04 16.05
CA ILE E 237 13.77 29.87 16.92
C ILE E 237 13.49 30.32 18.34
N ILE E 238 12.36 29.88 18.88
CA ILE E 238 11.99 30.19 20.26
C ILE E 238 12.18 28.94 21.09
N LYS E 239 12.34 29.13 22.39
CA LYS E 239 12.60 28.04 23.32
C LYS E 239 11.43 27.86 24.26
N LEU E 240 11.04 26.61 24.48
CA LEU E 240 9.92 26.27 25.34
C LEU E 240 10.40 25.38 26.47
N GLU E 241 9.80 25.56 27.63
CA GLU E 241 9.99 24.64 28.76
C GLU E 241 8.66 23.90 28.90
N LEU E 242 8.54 22.90 28.21
CA LEU E 242 7.23 22.26 28.19
C LEU E 242 7.15 21.19 29.28
N PRO E 243 5.94 20.86 29.74
CA PRO E 243 5.84 20.02 30.95
C PRO E 243 6.44 18.64 30.78
N SER E 244 5.96 17.89 29.79
CA SER E 244 6.48 16.56 29.52
C SER E 244 6.09 16.20 28.11
N GLY E 245 7.06 15.98 27.23
CA GLY E 245 6.71 15.73 25.86
C GLY E 245 6.16 14.33 25.70
N ALA E 246 4.85 14.21 25.57
CA ALA E 246 4.19 12.92 25.48
C ALA E 246 3.63 12.65 24.11
N GLY E 247 2.77 13.53 23.59
CA GLY E 247 2.34 13.43 22.22
C GLY E 247 3.17 14.24 21.27
N LEU E 248 4.25 14.84 21.74
CA LEU E 248 5.07 15.72 20.93
C LEU E 248 6.17 14.93 20.22
N THR E 249 6.44 15.30 18.98
CA THR E 249 7.51 14.71 18.19
C THR E 249 8.47 15.81 17.76
N ALA E 250 9.74 15.42 17.57
CA ALA E 250 10.78 16.39 17.28
C ALA E 250 10.42 17.29 16.11
N ASP E 251 9.63 16.78 15.18
CA ASP E 251 9.03 17.59 14.13
C ASP E 251 7.56 17.19 14.02
N SER E 252 6.87 17.78 13.05
CA SER E 252 5.49 17.43 12.75
C SER E 252 4.55 17.66 13.93
N THR E 253 4.94 18.55 14.84
CA THR E 253 4.03 19.01 15.90
C THR E 253 3.82 20.50 15.69
N PRO E 254 2.68 20.93 15.17
CA PRO E 254 2.54 22.29 14.70
C PRO E 254 2.25 23.26 15.84
N LEU E 255 2.40 24.54 15.53
CA LEU E 255 2.00 25.63 16.40
C LEU E 255 0.85 26.33 15.69
N MET E 256 -0.38 25.94 16.02
CA MET E 256 -1.53 26.50 15.34
C MET E 256 -1.86 27.88 15.86
N TYR E 257 -2.29 28.75 14.95
CA TYR E 257 -2.79 30.07 15.31
C TYR E 257 -4.04 30.32 14.49
N GLN E 258 -5.21 30.15 15.11
CA GLN E 258 -6.48 30.22 14.42
C GLN E 258 -6.55 29.17 13.30
N GLY E 259 -6.19 27.94 13.64
CA GLY E 259 -6.28 26.83 12.71
C GLY E 259 -5.22 26.81 11.63
N LEU E 260 -4.43 27.87 11.49
CA LEU E 260 -3.37 27.90 10.51
C LEU E 260 -2.04 27.60 11.20
N GLU E 261 -1.28 26.66 10.64
CA GLU E 261 0.00 26.30 11.22
C GLU E 261 1.02 27.40 10.94
N VAL E 262 1.63 27.93 12.00
CA VAL E 262 2.57 29.04 11.85
C VAL E 262 3.89 28.68 12.49
N GLY E 263 4.12 27.39 12.73
CA GLY E 263 5.38 26.97 13.31
C GLY E 263 5.37 25.48 13.56
N GLN E 264 6.51 24.98 14.03
CA GLN E 264 6.64 23.57 14.34
C GLN E 264 7.64 23.39 15.46
N LEU E 265 7.50 22.28 16.19
CA LEU E 265 8.57 21.81 17.04
C LEU E 265 9.75 21.37 16.18
N THR E 266 10.95 21.77 16.58
CA THR E 266 12.14 21.32 15.89
C THR E 266 13.12 20.59 16.79
N LYS E 267 13.09 20.86 18.09
CA LYS E 267 13.98 20.17 19.03
C LYS E 267 13.17 19.75 20.24
N LEU E 268 13.43 18.56 20.75
CA LEU E 268 12.72 18.01 21.91
C LEU E 268 13.74 17.22 22.73
N ASP E 269 14.30 17.86 23.76
CA ASP E 269 15.39 17.29 24.51
C ASP E 269 14.91 16.85 25.90
N LEU E 270 15.86 16.36 26.69
CA LEU E 270 15.61 15.96 28.08
C LEU E 270 16.78 16.47 28.91
N ASN E 271 16.56 17.53 29.67
CA ASN E 271 17.62 18.11 30.45
C ASN E 271 17.94 17.22 31.66
N PRO E 272 19.13 17.39 32.25
CA PRO E 272 19.51 16.51 33.36
C PRO E 272 18.55 16.56 34.53
N GLY E 273 18.06 17.74 34.89
CA GLY E 273 17.19 17.86 36.04
C GLY E 273 15.81 17.27 35.85
N GLY E 274 15.63 16.49 34.79
CA GLY E 274 14.34 15.93 34.47
C GLY E 274 13.43 16.86 33.71
N LYS E 275 13.82 18.11 33.49
CA LYS E 275 12.98 19.05 32.76
C LYS E 275 13.07 18.78 31.27
N VAL E 276 11.92 18.76 30.60
CA VAL E 276 11.85 18.51 29.16
C VAL E 276 11.75 19.87 28.48
N THR E 277 12.83 20.28 27.83
CA THR E 277 12.83 21.53 27.08
C THR E 277 12.69 21.25 25.60
N GLY E 278 12.39 22.29 24.85
CA GLY E 278 12.22 22.15 23.42
C GLY E 278 12.48 23.43 22.66
N GLU E 279 12.56 23.33 21.34
CA GLU E 279 12.80 24.51 20.51
C GLU E 279 11.87 24.44 19.32
N MET E 280 11.26 25.57 18.98
CA MET E 280 10.23 25.65 17.96
C MET E 280 10.56 26.77 16.99
N THR E 281 10.47 26.47 15.70
CA THR E 281 10.71 27.45 14.65
C THR E 281 9.39 28.07 14.23
N VAL E 282 9.31 29.39 14.28
CA VAL E 282 8.09 30.14 14.06
C VAL E 282 8.21 30.92 12.77
N ASP E 283 7.16 30.87 11.96
CA ASP E 283 7.08 31.65 10.73
C ASP E 283 7.35 33.11 11.03
N PRO E 284 8.23 33.77 10.26
CA PRO E 284 8.53 35.19 10.50
C PRO E 284 7.34 36.11 10.36
N SER E 285 6.17 35.61 9.97
CA SER E 285 5.01 36.47 9.83
C SER E 285 4.31 36.74 11.16
N VAL E 286 4.54 35.92 12.17
CA VAL E 286 3.86 36.07 13.46
C VAL E 286 4.86 36.33 14.59
N VAL E 287 6.07 36.79 14.27
CA VAL E 287 7.01 37.12 15.33
C VAL E 287 6.52 38.32 16.14
N THR E 288 5.77 39.23 15.50
CA THR E 288 5.23 40.36 16.21
C THR E 288 4.19 39.97 17.25
N LEU E 289 3.69 38.74 17.19
CA LEU E 289 2.74 38.24 18.17
C LEU E 289 3.41 37.50 19.32
N LEU E 290 4.73 37.46 19.36
CA LEU E 290 5.46 36.81 20.44
C LEU E 290 5.92 37.90 21.40
N ARG E 291 5.03 38.26 22.32
CA ARG E 291 5.27 39.31 23.29
C ARG E 291 5.25 38.72 24.69
N GLU E 292 5.32 39.60 25.69
CA GLU E 292 5.46 39.15 27.07
C GLU E 292 4.26 38.36 27.54
N ASN E 293 3.06 38.81 27.19
CA ASN E 293 1.82 38.20 27.70
C ASN E 293 1.17 37.27 26.69
N THR E 294 1.96 36.56 25.89
CA THR E 294 1.44 35.62 24.91
C THR E 294 1.71 34.21 25.40
N ARG E 295 0.65 33.44 25.58
CA ARG E 295 0.79 32.08 26.06
C ARG E 295 0.92 31.12 24.88
N ILE E 296 1.50 29.97 25.15
CA ILE E 296 1.58 28.87 24.19
C ILE E 296 1.09 27.63 24.90
N GLU E 297 -0.06 27.12 24.47
CA GLU E 297 -0.79 26.11 25.23
C GLU E 297 -0.78 24.78 24.48
N LEU E 298 -0.46 23.71 25.20
CA LEU E 298 -0.72 22.37 24.66
C LEU E 298 -2.21 22.15 24.56
N ARG E 299 -2.63 21.50 23.48
CA ARG E 299 -4.04 21.21 23.27
C ARG E 299 -4.19 19.83 22.67
N ASN E 300 -5.08 19.08 23.23
CA ASN E 300 -5.48 17.75 22.85
C ASN E 300 -6.73 17.80 21.98
N PRO E 301 -6.87 16.87 21.04
CA PRO E 301 -8.07 16.87 20.19
C PRO E 301 -9.21 16.12 20.87
N LYS E 302 -10.35 16.80 21.00
CA LYS E 302 -11.51 16.19 21.61
C LYS E 302 -12.26 15.33 20.60
N LEU E 303 -13.12 14.45 21.10
CA LEU E 303 -14.00 13.69 20.22
C LEU E 303 -14.89 14.63 19.42
N SER E 304 -15.72 15.40 20.13
CA SER E 304 -16.64 16.36 19.51
C SER E 304 -17.49 15.67 18.44
N LEU E 305 -18.33 14.75 18.92
CA LEU E 305 -19.13 13.91 18.05
C LEU E 305 -19.92 14.70 17.00
N SER E 306 -20.12 16.00 17.23
CA SER E 306 -20.77 16.84 16.22
C SER E 306 -19.97 16.83 14.92
N ASP E 307 -18.71 17.27 14.98
CA ASP E 307 -17.84 17.32 13.82
C ASP E 307 -16.80 16.22 13.79
N ALA E 308 -16.26 15.83 14.94
CA ALA E 308 -15.43 14.63 15.12
C ALA E 308 -14.03 14.77 14.54
N ASN E 309 -13.78 15.82 13.77
CA ASN E 309 -12.45 16.21 13.29
C ASN E 309 -11.55 15.02 12.99
N LEU E 310 -11.96 14.13 12.08
CA LEU E 310 -11.18 12.92 11.84
C LEU E 310 -9.76 13.25 11.39
N SER E 311 -9.54 14.44 10.83
CA SER E 311 -8.18 14.83 10.46
C SER E 311 -7.40 15.31 11.68
N ALA E 312 -8.04 16.13 12.53
CA ALA E 312 -7.34 16.67 13.69
C ALA E 312 -7.02 15.59 14.71
N LEU E 313 -7.86 14.55 14.79
CA LEU E 313 -7.61 13.47 15.74
C LEU E 313 -6.37 12.67 15.38
N LEU E 314 -5.94 12.73 14.12
CA LEU E 314 -4.70 12.08 13.72
C LEU E 314 -3.47 12.93 14.02
N THR E 315 -3.63 14.25 14.12
CA THR E 315 -2.48 15.09 14.43
C THR E 315 -1.96 14.84 15.84
N GLY E 316 -2.82 14.37 16.73
CA GLY E 316 -2.37 13.91 18.03
C GLY E 316 -2.40 14.94 19.13
N LYS E 317 -1.60 15.99 19.00
CA LYS E 317 -1.50 17.02 20.02
C LYS E 317 -0.82 18.23 19.42
N THR E 318 -1.35 19.43 19.68
CA THR E 318 -0.83 20.61 19.02
C THR E 318 -0.52 21.69 20.03
N PHE E 319 0.16 22.72 19.57
CA PHE E 319 0.30 23.94 20.33
C PHE E 319 -0.67 24.98 19.83
N GLU E 320 -0.98 25.95 20.68
CA GLU E 320 -1.87 27.03 20.31
C GLU E 320 -1.27 28.32 20.81
N LEU E 321 -1.15 29.29 19.91
CA LEU E 321 -0.55 30.57 20.23
C LEU E 321 -1.64 31.56 20.62
N VAL E 322 -1.64 31.98 21.87
CA VAL E 322 -2.59 32.99 22.33
C VAL E 322 -1.82 34.30 22.49
N PRO E 323 -1.94 35.23 21.55
CA PRO E 323 -1.09 36.42 21.58
C PRO E 323 -1.49 37.37 22.68
N GLY E 324 -0.70 38.43 22.82
CA GLY E 324 -0.92 39.38 23.89
C GLY E 324 -0.05 40.62 23.70
N ASP E 325 0.06 41.38 24.78
CA ASP E 325 0.74 42.66 24.76
C ASP E 325 2.04 42.60 25.56
N GLY E 326 2.94 43.54 25.25
CA GLY E 326 4.14 43.73 26.03
C GLY E 326 5.37 43.66 25.18
N GLU E 327 6.51 43.57 25.85
CA GLU E 327 7.79 43.49 25.19
C GLU E 327 7.93 42.17 24.43
N PRO E 328 8.65 42.17 23.30
CA PRO E 328 8.84 40.91 22.57
C PRO E 328 9.56 39.86 23.41
N ARG E 329 9.19 38.62 23.19
CA ARG E 329 9.69 37.49 23.96
C ARG E 329 10.28 36.45 23.01
N LYS E 330 11.16 35.61 23.55
CA LYS E 330 11.77 34.55 22.77
C LYS E 330 11.80 33.21 23.47
N GLU E 331 11.51 33.14 24.76
CA GLU E 331 11.42 31.88 25.48
C GLU E 331 10.13 31.87 26.27
N PHE E 332 9.44 30.74 26.24
CA PHE E 332 8.14 30.61 26.88
C PHE E 332 8.12 29.38 27.78
N VAL E 333 7.05 29.27 28.54
CA VAL E 333 6.79 28.11 29.39
C VAL E 333 5.44 27.57 28.98
N VAL E 334 5.43 26.45 28.28
CA VAL E 334 4.18 25.88 27.79
C VAL E 334 3.34 25.43 28.98
N VAL E 335 2.09 25.86 29.00
CA VAL E 335 1.17 25.52 30.09
C VAL E 335 0.69 24.09 29.90
N PRO E 336 0.43 23.36 30.98
CA PRO E 336 -0.03 21.96 30.84
C PRO E 336 -1.39 21.81 30.16
N GLY E 337 -2.01 22.89 29.71
CA GLY E 337 -3.27 22.80 28.99
C GLY E 337 -4.50 22.99 29.83
N GLU E 338 -4.64 22.18 30.88
CA GLU E 338 -5.73 22.37 31.84
C GLU E 338 -5.36 23.34 32.94
N LYS E 339 -4.10 23.36 33.38
CA LYS E 339 -3.65 24.42 34.27
C LYS E 339 -3.63 25.77 33.58
N ALA E 340 -3.95 25.84 32.30
CA ALA E 340 -4.21 27.12 31.66
C ALA E 340 -5.42 27.78 32.30
N LEU E 341 -5.66 29.03 31.91
CA LEU E 341 -6.64 29.92 32.53
C LEU E 341 -6.21 30.32 33.94
N LEU E 342 -5.14 29.75 34.45
CA LEU E 342 -4.45 30.26 35.62
C LEU E 342 -3.33 31.21 35.25
N HIS E 343 -2.76 31.04 34.06
CA HIS E 343 -1.70 31.88 33.56
C HIS E 343 -2.19 32.97 32.63
N GLU E 344 -3.51 33.14 32.52
CA GLU E 344 -4.05 34.25 31.76
C GLU E 344 -3.61 35.57 32.39
N PRO E 345 -3.60 36.66 31.62
CA PRO E 345 -3.10 37.93 32.15
C PRO E 345 -3.82 38.37 33.41
N ASP E 346 -5.13 38.52 33.33
CA ASP E 346 -5.95 38.86 34.48
C ASP E 346 -6.84 37.67 34.82
N VAL E 347 -6.78 37.23 36.07
CA VAL E 347 -7.57 36.09 36.52
C VAL E 347 -7.60 36.12 38.03
N LEU E 348 -8.75 35.82 38.61
CA LEU E 348 -8.88 35.76 40.05
C LEU E 348 -8.48 34.38 40.54
N THR E 349 -7.45 34.32 41.38
CA THR E 349 -7.03 33.07 42.00
C THR E 349 -7.48 33.08 43.45
N LEU E 350 -8.56 32.38 43.73
CA LEU E 350 -9.11 32.28 45.07
C LEU E 350 -8.77 30.92 45.68
N THR E 351 -8.79 30.90 47.01
CA THR E 351 -8.52 29.68 47.77
C THR E 351 -9.72 29.39 48.64
N LEU E 352 -10.31 28.22 48.48
CA LEU E 352 -11.46 27.82 49.26
C LEU E 352 -11.08 26.72 50.23
N THR E 353 -11.65 26.76 51.41
CA THR E 353 -11.43 25.73 52.42
C THR E 353 -12.74 25.02 52.70
N ALA E 354 -12.66 23.74 53.04
CA ALA E 354 -13.87 22.98 53.33
C ALA E 354 -13.48 21.80 54.21
N PRO E 355 -14.38 21.35 55.08
CA PRO E 355 -14.08 20.16 55.88
C PRO E 355 -13.93 18.92 55.02
N GLU E 356 -14.92 18.66 54.17
CA GLU E 356 -14.89 17.55 53.23
C GLU E 356 -14.57 18.08 51.84
N SER E 357 -14.68 17.20 50.84
CA SER E 357 -14.49 17.59 49.46
C SER E 357 -15.79 17.75 48.68
N TYR E 358 -16.89 17.17 49.17
CA TYR E 358 -18.19 17.25 48.53
C TYR E 358 -18.15 16.79 47.07
N GLY E 359 -17.16 15.97 46.71
CA GLY E 359 -17.05 15.49 45.35
C GLY E 359 -16.55 16.50 44.36
N ILE E 360 -16.34 17.76 44.76
CA ILE E 360 -15.80 18.76 43.84
C ILE E 360 -14.38 18.38 43.48
N ASP E 361 -14.11 18.33 42.17
CA ASP E 361 -12.81 17.86 41.69
C ASP E 361 -12.10 18.98 40.93
N ALA E 362 -10.99 18.62 40.29
CA ALA E 362 -10.15 19.62 39.62
C ALA E 362 -10.90 20.30 38.49
N GLY E 363 -11.26 19.56 37.45
CA GLY E 363 -11.83 20.18 36.28
C GLY E 363 -13.24 20.72 36.43
N GLN E 364 -13.82 20.64 37.61
CA GLN E 364 -15.22 21.03 37.78
C GLN E 364 -15.37 22.54 37.62
N PRO E 365 -16.55 22.99 37.18
CA PRO E 365 -16.73 24.41 36.85
C PRO E 365 -17.26 25.24 38.02
N LEU E 366 -17.17 26.55 37.85
CA LEU E 366 -17.87 27.48 38.71
C LEU E 366 -19.11 27.99 38.01
N ILE E 367 -20.10 28.38 38.82
CA ILE E 367 -21.40 28.76 38.32
C ILE E 367 -21.80 30.08 38.96
N LEU E 368 -22.22 31.03 38.12
CA LEU E 368 -22.74 32.32 38.58
C LEU E 368 -23.99 32.61 37.78
N HIS E 369 -25.13 32.69 38.44
CA HIS E 369 -26.42 32.87 37.79
C HIS E 369 -26.67 31.81 36.72
N GLY E 370 -26.14 30.62 36.93
CA GLY E 370 -26.26 29.54 35.96
C GLY E 370 -25.24 29.57 34.86
N VAL E 371 -24.37 30.57 34.83
CA VAL E 371 -23.40 30.74 33.76
C VAL E 371 -22.05 30.21 34.20
N GLN E 372 -21.41 29.40 33.35
CA GLN E 372 -20.02 29.06 33.52
C GLN E 372 -19.18 30.33 33.65
N VAL E 373 -18.45 30.48 34.73
CA VAL E 373 -17.64 31.67 34.98
C VAL E 373 -16.17 31.31 35.17
N GLY E 374 -15.89 30.37 36.06
CA GLY E 374 -14.51 30.00 36.30
C GLY E 374 -14.30 28.50 36.31
N GLN E 375 -13.28 28.06 37.04
CA GLN E 375 -12.98 26.65 37.13
C GLN E 375 -12.27 26.38 38.45
N VAL E 376 -12.63 25.26 39.08
CA VAL E 376 -11.72 24.71 40.07
C VAL E 376 -10.46 24.29 39.35
N ILE E 377 -9.35 24.27 40.08
CA ILE E 377 -8.09 23.91 39.44
C ILE E 377 -7.47 22.71 40.13
N ASP E 378 -7.29 22.79 41.44
CA ASP E 378 -6.76 21.65 42.17
C ASP E 378 -7.33 21.56 43.58
N ARG E 379 -7.38 20.33 44.07
CA ARG E 379 -7.64 20.03 45.47
C ARG E 379 -6.33 19.77 46.19
N LYS E 380 -6.33 20.01 47.49
CA LYS E 380 -5.21 19.65 48.34
C LYS E 380 -5.75 19.18 49.66
N LEU E 381 -5.44 17.94 50.03
CA LEU E 381 -5.90 17.38 51.29
C LEU E 381 -4.90 17.70 52.39
N THR E 382 -5.41 18.16 53.52
CA THR E 382 -4.57 18.56 54.63
C THR E 382 -5.35 18.27 55.91
N SER E 383 -4.62 18.24 57.03
CA SER E 383 -5.25 17.99 58.32
C SER E 383 -6.40 18.96 58.60
N LYS E 384 -6.35 20.16 58.02
CA LYS E 384 -7.37 21.17 58.22
C LYS E 384 -8.44 21.12 57.12
N GLY E 385 -8.67 19.96 56.53
CA GLY E 385 -9.70 19.79 55.54
C GLY E 385 -9.21 20.06 54.12
N VAL E 386 -10.10 19.80 53.17
CA VAL E 386 -9.79 19.99 51.77
C VAL E 386 -9.61 21.48 51.47
N THR E 387 -8.70 21.78 50.55
CA THR E 387 -8.46 23.16 50.11
C THR E 387 -8.45 23.17 48.59
N PHE E 388 -9.40 23.90 47.99
CA PHE E 388 -9.47 24.04 46.56
C PHE E 388 -8.81 25.34 46.14
N THR E 389 -8.28 25.36 44.92
CA THR E 389 -7.89 26.62 44.29
C THR E 389 -8.79 26.84 43.09
N VAL E 390 -9.13 28.10 42.84
CA VAL E 390 -10.22 28.45 41.93
C VAL E 390 -9.79 29.63 41.08
N ALA E 391 -10.13 29.60 39.79
CA ALA E 391 -9.77 30.67 38.88
C ALA E 391 -11.03 31.26 38.26
N ILE E 392 -11.25 32.55 38.48
CA ILE E 392 -12.32 33.30 37.85
C ILE E 392 -11.76 34.00 36.62
N GLU E 393 -12.45 33.84 35.49
CA GLU E 393 -12.02 34.43 34.23
C GLU E 393 -12.03 35.96 34.31
N PRO E 394 -11.24 36.62 33.47
CA PRO E 394 -11.17 38.09 33.55
C PRO E 394 -12.45 38.79 33.14
N GLN E 395 -13.17 38.29 32.13
CA GLN E 395 -14.35 38.99 31.67
C GLN E 395 -15.41 39.06 32.77
N HIS E 396 -15.53 38.02 33.57
CA HIS E 396 -16.46 38.00 34.69
C HIS E 396 -15.78 38.31 36.02
N ARG E 397 -14.56 38.86 35.98
CA ARG E 397 -13.83 39.11 37.22
C ARG E 397 -14.55 40.14 38.09
N GLU E 398 -15.04 41.22 37.48
CA GLU E 398 -15.62 42.30 38.28
C GLU E 398 -16.97 41.94 38.88
N LEU E 399 -17.54 40.79 38.53
CA LEU E 399 -18.83 40.40 39.09
C LEU E 399 -18.68 39.94 40.54
N VAL E 400 -17.84 38.93 40.77
CA VAL E 400 -17.53 38.52 42.13
C VAL E 400 -16.71 39.62 42.79
N LYS E 401 -17.24 40.20 43.86
CA LYS E 401 -16.65 41.41 44.44
C LYS E 401 -16.57 41.31 45.96
N GLY E 402 -16.01 40.22 46.46
CA GLY E 402 -15.75 40.15 47.89
C GLY E 402 -16.71 39.31 48.69
N ASP E 403 -17.65 39.95 49.36
CA ASP E 403 -18.53 39.29 50.31
C ASP E 403 -19.36 38.17 49.67
N SER E 404 -19.28 38.04 48.35
CA SER E 404 -19.91 36.93 47.66
C SER E 404 -19.46 35.60 48.28
N LYS E 405 -20.39 34.66 48.35
CA LYS E 405 -20.14 33.37 49.00
C LYS E 405 -20.08 32.25 47.98
N PHE E 406 -19.66 31.08 48.42
CA PHE E 406 -19.48 29.92 47.56
C PHE E 406 -20.23 28.74 48.15
N VAL E 407 -20.96 28.03 47.31
CA VAL E 407 -21.83 26.94 47.73
C VAL E 407 -21.52 25.72 46.87
N VAL E 408 -21.70 24.54 47.45
CA VAL E 408 -21.57 23.32 46.65
C VAL E 408 -22.77 23.24 45.71
N ASN E 409 -22.53 23.39 44.42
CA ASN E 409 -23.61 23.37 43.45
C ASN E 409 -24.20 21.97 43.34
N SER E 410 -25.53 21.90 43.34
CA SER E 410 -26.22 20.63 43.22
C SER E 410 -27.68 20.83 42.82
N GLY E 434 -21.78 19.20 38.26
CA GLY E 434 -21.50 19.60 39.62
C GLY E 434 -20.87 20.99 39.70
N GLY E 435 -19.81 21.11 40.47
CA GLY E 435 -19.07 22.34 40.57
C GLY E 435 -19.44 23.17 41.77
N ILE E 436 -18.97 24.41 41.76
CA ILE E 436 -19.19 25.36 42.84
C ILE E 436 -20.06 26.50 42.31
N ARG E 437 -21.14 26.79 43.01
CA ARG E 437 -22.05 27.86 42.63
C ARG E 437 -21.75 29.10 43.45
N ILE E 438 -21.64 30.24 42.79
CA ILE E 438 -21.30 31.49 43.45
C ILE E 438 -22.58 32.24 43.77
N LEU E 439 -22.70 32.69 45.02
CA LEU E 439 -23.74 33.62 45.41
C LEU E 439 -23.13 35.00 45.41
N PRO E 440 -23.35 35.82 44.38
CA PRO E 440 -22.65 37.10 44.28
C PRO E 440 -23.15 38.07 45.33
N GLY E 441 -22.25 38.95 45.76
CA GLY E 441 -22.60 39.99 46.70
C GLY E 441 -22.31 41.35 46.11
N ASP E 442 -22.66 42.38 46.86
CA ASP E 442 -22.42 43.76 46.46
C ASP E 442 -20.97 44.14 46.74
N LYS E 443 -20.68 45.44 46.78
CA LYS E 443 -19.33 45.91 46.99
C LYS E 443 -18.66 45.20 48.16
N GLY E 444 -17.35 45.00 48.03
CA GLY E 444 -16.55 44.33 49.03
C GLY E 444 -15.18 44.07 48.48
N GLU E 445 -14.18 43.91 49.34
CA GLU E 445 -12.83 43.66 48.88
C GLU E 445 -12.55 42.17 48.84
N MET E 446 -11.85 41.72 47.80
CA MET E 446 -11.53 40.31 47.64
C MET E 446 -10.62 39.83 48.77
N LYS E 447 -11.11 38.87 49.55
CA LYS E 447 -10.37 38.35 50.69
C LYS E 447 -9.24 37.44 50.19
N ALA E 448 -8.56 36.80 51.14
CA ALA E 448 -7.49 35.87 50.80
C ALA E 448 -8.02 34.46 50.56
N SER E 449 -8.98 34.02 51.37
CA SER E 449 -9.55 32.70 51.24
C SER E 449 -10.99 32.73 51.72
N TYR E 450 -11.87 32.07 50.98
CA TYR E 450 -13.27 32.03 51.31
C TYR E 450 -13.69 30.63 51.72
N PRO E 451 -14.55 30.47 52.71
CA PRO E 451 -15.02 29.14 53.07
C PRO E 451 -16.06 28.64 52.09
N LEU E 452 -15.94 27.38 51.71
CA LEU E 452 -16.91 26.74 50.81
C LEU E 452 -18.00 26.11 51.67
N TYR E 453 -19.18 26.72 51.66
CA TYR E 453 -20.28 26.21 52.46
C TYR E 453 -20.86 24.95 51.81
N ALA E 454 -21.71 24.27 52.55
CA ALA E 454 -22.58 23.26 51.99
C ALA E 454 -23.73 23.98 51.30
N ASN E 455 -24.80 23.27 50.97
CA ASN E 455 -25.88 23.88 50.21
C ASN E 455 -26.45 25.10 50.94
N LEU E 456 -27.21 25.91 50.18
CA LEU E 456 -27.54 27.27 50.56
C LEU E 456 -28.07 27.42 51.97
N GLU E 457 -28.69 26.38 52.53
CA GLU E 457 -29.26 26.46 53.86
C GLU E 457 -28.24 26.88 54.90
N LYS E 458 -26.98 26.51 54.70
CA LYS E 458 -25.92 26.90 55.63
C LYS E 458 -25.21 28.18 55.20
N ALA E 459 -25.24 28.52 53.91
CA ALA E 459 -24.56 29.71 53.44
C ALA E 459 -25.36 30.96 53.77
N LEU E 460 -26.67 30.95 53.49
CA LEU E 460 -27.48 32.14 53.72
C LEU E 460 -27.67 32.40 55.21
N GLU E 461 -27.74 31.35 56.03
CA GLU E 461 -27.91 31.55 57.46
C GLU E 461 -26.70 32.19 58.11
N ASN E 462 -25.54 32.16 57.44
CA ASN E 462 -24.35 32.77 58.00
C ASN E 462 -24.51 34.29 58.13
N SER E 463 -25.20 34.91 57.16
CA SER E 463 -25.45 36.35 57.19
C SER E 463 -26.57 36.72 58.15
N LEU E 464 -27.34 35.76 58.64
CA LEU E 464 -28.43 36.02 59.56
C LEU E 464 -28.26 35.24 60.86
N GLY F 1 57.72 -16.71 -23.52
CA GLY F 1 57.39 -16.80 -22.11
C GLY F 1 57.42 -18.22 -21.58
N ASN F 2 57.08 -18.37 -20.31
CA ASN F 2 57.06 -19.69 -19.68
C ASN F 2 55.78 -20.42 -20.02
N THR F 3 55.57 -21.57 -19.36
CA THR F 3 54.39 -22.40 -19.59
C THR F 3 54.20 -23.28 -18.36
N VAL F 4 52.95 -23.39 -17.91
CA VAL F 4 52.62 -24.11 -16.69
C VAL F 4 51.28 -24.80 -16.86
N THR F 5 51.07 -25.86 -16.08
CA THR F 5 49.84 -26.65 -16.14
C THR F 5 49.14 -26.58 -14.79
N ILE F 6 47.93 -26.03 -14.80
CA ILE F 6 47.10 -25.96 -13.60
C ILE F 6 46.03 -27.04 -13.69
N ASP F 7 45.64 -27.56 -12.53
CA ASP F 7 44.64 -28.62 -12.43
C ASP F 7 43.36 -28.02 -11.86
N PHE F 8 42.36 -27.84 -12.72
CA PHE F 8 41.05 -27.37 -12.32
C PHE F 8 40.06 -28.53 -12.27
N MET F 9 39.02 -28.35 -11.44
CA MET F 9 37.96 -29.33 -11.34
C MET F 9 36.86 -29.11 -12.36
N SER F 10 36.78 -27.93 -12.96
CA SER F 10 35.74 -27.64 -13.95
C SER F 10 36.20 -26.46 -14.79
N ALA F 11 36.36 -26.68 -16.09
CA ALA F 11 36.81 -25.62 -16.99
C ALA F 11 35.64 -24.82 -17.54
N ASP F 12 34.80 -24.29 -16.65
CA ASP F 12 33.67 -23.48 -17.03
C ASP F 12 34.01 -22.01 -16.83
N GLY F 13 33.90 -21.22 -17.90
CA GLY F 13 34.28 -19.84 -17.89
C GLY F 13 35.67 -19.58 -18.45
N ILE F 14 36.51 -20.59 -18.52
CA ILE F 14 37.86 -20.46 -19.04
C ILE F 14 37.83 -20.70 -20.54
N VAL F 15 38.29 -19.73 -21.31
CA VAL F 15 38.38 -19.86 -22.76
C VAL F 15 39.81 -19.62 -23.19
N PRO F 16 40.36 -20.41 -24.12
CA PRO F 16 41.77 -20.26 -24.48
C PRO F 16 42.03 -18.95 -25.20
N GLY F 17 43.24 -18.44 -25.02
CA GLY F 17 43.66 -17.26 -25.73
C GLY F 17 43.14 -15.96 -25.14
N ARG F 18 41.98 -16.01 -24.49
CA ARG F 18 41.32 -14.81 -23.99
C ARG F 18 41.48 -14.63 -22.48
N THR F 19 41.22 -15.67 -21.70
CA THR F 19 41.23 -15.54 -20.26
C THR F 19 42.62 -15.21 -19.74
N PRO F 20 42.81 -14.09 -19.05
CA PRO F 20 44.13 -13.73 -18.55
C PRO F 20 44.39 -14.30 -17.16
N VAL F 21 45.66 -14.24 -16.78
CA VAL F 21 46.11 -14.71 -15.47
C VAL F 21 46.83 -13.52 -14.85
N ARG F 22 46.13 -12.75 -14.04
CA ARG F 22 46.64 -11.49 -13.53
C ARG F 22 46.96 -11.58 -12.05
N TYR F 23 47.99 -10.84 -11.66
CA TYR F 23 48.39 -10.71 -10.27
C TYR F 23 48.13 -9.28 -9.84
N GLN F 24 47.27 -9.11 -8.84
CA GLN F 24 46.84 -7.80 -8.33
C GLN F 24 46.67 -6.79 -9.45
N GLY F 25 45.79 -7.14 -10.38
CA GLY F 25 45.44 -6.25 -11.48
C GLY F 25 46.17 -6.42 -12.78
N VAL F 26 47.50 -6.42 -12.74
CA VAL F 26 48.29 -6.47 -13.96
C VAL F 26 48.21 -7.88 -14.56
N GLU F 27 47.83 -7.95 -15.84
CA GLU F 27 47.80 -9.23 -16.53
C GLU F 27 49.22 -9.77 -16.66
N VAL F 28 49.37 -11.06 -16.40
CA VAL F 28 50.70 -11.68 -16.43
C VAL F 28 50.71 -12.79 -17.46
N GLY F 29 49.91 -13.83 -17.24
CA GLY F 29 49.84 -14.97 -18.12
C GLY F 29 48.57 -14.97 -18.96
N THR F 30 48.49 -15.95 -19.84
CA THR F 30 47.32 -16.11 -20.70
C THR F 30 47.03 -17.58 -20.87
N VAL F 31 45.75 -17.94 -20.78
CA VAL F 31 45.35 -19.33 -20.96
C VAL F 31 45.65 -19.75 -22.38
N GLN F 32 46.53 -20.74 -22.52
CA GLN F 32 46.87 -21.24 -23.85
C GLN F 32 45.80 -22.19 -24.37
N ASP F 33 45.54 -23.28 -23.64
CA ASP F 33 44.48 -24.18 -24.03
C ASP F 33 44.07 -25.05 -22.84
N ILE F 34 42.84 -25.51 -22.89
CA ILE F 34 42.29 -26.43 -21.90
C ILE F 34 42.31 -27.83 -22.49
N SER F 35 42.59 -28.83 -21.67
CA SER F 35 42.61 -30.20 -22.14
C SER F 35 42.26 -31.13 -21.00
N LEU F 36 41.51 -32.18 -21.32
CA LEU F 36 41.20 -33.15 -20.28
C LEU F 36 42.42 -34.02 -19.99
N SER F 37 42.44 -34.59 -18.79
CA SER F 37 43.49 -35.52 -18.42
C SER F 37 43.34 -36.81 -19.23
N ASP F 38 44.28 -37.73 -19.02
CA ASP F 38 44.20 -39.02 -19.71
C ASP F 38 42.96 -39.80 -19.31
N ASP F 39 42.68 -39.84 -18.00
CA ASP F 39 41.50 -40.52 -17.49
C ASP F 39 40.23 -39.68 -17.60
N LEU F 40 40.32 -38.48 -18.20
CA LEU F 40 39.17 -37.59 -18.35
C LEU F 40 38.51 -37.31 -17.00
N ARG F 41 39.33 -37.09 -15.97
CA ARG F 41 38.83 -36.88 -14.62
C ARG F 41 39.20 -35.52 -14.05
N LYS F 42 40.26 -34.88 -14.53
CA LYS F 42 40.66 -33.55 -14.08
C LYS F 42 41.04 -32.72 -15.28
N ILE F 43 40.88 -31.40 -15.15
CA ILE F 43 41.10 -30.47 -16.25
C ILE F 43 42.50 -29.90 -16.14
N GLU F 44 43.28 -29.98 -17.21
CA GLU F 44 44.62 -29.41 -17.27
C GLU F 44 44.56 -28.16 -18.14
N VAL F 45 44.82 -27.02 -17.54
CA VAL F 45 44.84 -25.74 -18.24
C VAL F 45 46.29 -25.33 -18.42
N LYS F 46 46.64 -24.91 -19.63
CA LYS F 46 48.01 -24.49 -19.94
C LYS F 46 48.07 -22.97 -19.96
N VAL F 47 48.98 -22.41 -19.17
CA VAL F 47 49.12 -20.97 -19.01
C VAL F 47 50.51 -20.57 -19.49
N SER F 48 50.61 -19.39 -20.10
CA SER F 48 51.86 -18.86 -20.60
C SER F 48 52.21 -17.63 -19.76
N ILE F 49 52.96 -17.85 -18.69
CA ILE F 49 53.41 -16.74 -17.85
C ILE F 49 54.46 -15.92 -18.59
N LYS F 50 54.55 -14.64 -18.24
CA LYS F 50 55.56 -13.77 -18.84
C LYS F 50 56.95 -14.33 -18.59
N SER F 51 57.86 -14.04 -19.53
CA SER F 51 59.22 -14.53 -19.43
C SER F 51 60.02 -13.84 -18.34
N ASP F 52 59.49 -12.79 -17.72
CA ASP F 52 60.17 -12.12 -16.63
C ASP F 52 59.72 -12.59 -15.26
N MET F 53 58.49 -13.08 -15.13
CA MET F 53 57.97 -13.56 -13.85
C MET F 53 58.19 -15.07 -13.73
N LYS F 54 59.44 -15.47 -13.91
CA LYS F 54 59.82 -16.87 -13.78
C LYS F 54 60.16 -17.26 -12.34
N ASP F 55 60.27 -16.29 -11.44
CA ASP F 55 60.55 -16.55 -10.04
C ASP F 55 59.30 -16.46 -9.18
N ALA F 56 58.13 -16.30 -9.79
CA ALA F 56 56.89 -16.24 -9.02
C ALA F 56 56.21 -17.60 -8.90
N LEU F 57 56.41 -18.48 -9.88
CA LEU F 57 55.79 -19.80 -9.87
C LEU F 57 56.71 -20.83 -9.22
N ARG F 58 57.11 -20.53 -7.98
CA ARG F 58 58.19 -21.30 -7.38
C ARG F 58 57.71 -22.62 -6.79
N GLU F 59 57.02 -22.58 -5.65
CA GLU F 59 56.39 -23.80 -5.13
C GLU F 59 55.00 -23.56 -4.58
N GLU F 60 54.83 -22.46 -3.87
CA GLU F 60 53.60 -22.16 -3.15
C GLU F 60 52.71 -21.20 -3.91
N THR F 61 53.09 -20.85 -5.14
CA THR F 61 52.24 -20.03 -5.97
C THR F 61 50.87 -20.67 -6.12
N GLN F 62 49.84 -19.98 -5.68
CA GLN F 62 48.48 -20.48 -5.70
C GLN F 62 47.73 -19.86 -6.86
N PHE F 63 46.99 -20.68 -7.58
CA PHE F 63 46.15 -20.23 -8.68
C PHE F 63 44.70 -20.54 -8.36
N TRP F 64 43.82 -19.58 -8.64
CA TRP F 64 42.40 -19.82 -8.45
C TRP F 64 41.62 -19.07 -9.52
N LEU F 65 40.36 -19.45 -9.68
CA LEU F 65 39.49 -18.84 -10.67
C LEU F 65 38.56 -17.85 -9.99
N VAL F 66 38.40 -16.68 -10.61
CA VAL F 66 37.56 -15.63 -10.05
C VAL F 66 36.32 -15.47 -10.91
N THR F 67 35.40 -14.65 -10.44
CA THR F 67 34.10 -14.44 -11.06
C THR F 67 33.74 -12.98 -10.96
N PRO F 68 32.80 -12.51 -11.80
CA PRO F 68 32.50 -11.06 -11.82
C PRO F 68 31.56 -10.60 -10.71
N LYS F 69 31.41 -11.41 -9.65
CA LYS F 69 30.70 -11.14 -8.41
C LYS F 69 29.18 -11.23 -8.54
N ALA F 70 28.63 -11.40 -9.74
CA ALA F 70 27.21 -11.69 -9.95
C ALA F 70 26.31 -10.67 -9.22
N SER F 71 26.40 -9.43 -9.69
CA SER F 71 25.70 -8.31 -9.06
C SER F 71 24.57 -7.86 -9.98
N LEU F 72 23.42 -8.53 -9.89
CA LEU F 72 22.16 -8.14 -10.51
C LEU F 72 22.23 -8.22 -12.04
N ALA F 73 23.41 -8.51 -12.57
CA ALA F 73 23.56 -8.72 -14.00
C ALA F 73 23.93 -10.14 -14.35
N GLY F 74 24.43 -10.91 -13.40
CA GLY F 74 24.66 -12.32 -13.60
C GLY F 74 23.45 -13.13 -13.14
N VAL F 75 22.72 -12.60 -12.17
CA VAL F 75 21.54 -13.30 -11.68
C VAL F 75 20.38 -13.12 -12.64
N SER F 76 20.29 -11.98 -13.32
CA SER F 76 19.22 -11.73 -14.29
C SER F 76 19.69 -12.05 -15.70
N GLY F 77 20.14 -13.28 -15.88
CA GLY F 77 20.68 -13.68 -17.18
C GLY F 77 21.89 -12.83 -17.52
N LEU F 78 21.85 -12.19 -18.69
CA LEU F 78 22.88 -11.27 -19.15
C LEU F 78 24.27 -11.85 -18.95
N ASP F 79 24.48 -13.06 -19.47
CA ASP F 79 25.75 -13.75 -19.27
C ASP F 79 26.88 -13.05 -20.00
N ALA F 80 26.74 -12.86 -21.32
CA ALA F 80 27.79 -12.26 -22.10
C ALA F 80 27.75 -10.74 -22.02
N LEU F 81 27.70 -10.21 -20.80
CA LEU F 81 27.71 -8.76 -20.61
C LEU F 81 28.57 -8.32 -19.44
N VAL F 82 29.16 -9.25 -18.68
CA VAL F 82 29.93 -8.92 -17.49
C VAL F 82 31.12 -9.86 -17.36
N GLY F 83 32.24 -9.30 -16.89
CA GLY F 83 33.37 -10.09 -16.42
C GLY F 83 34.10 -10.94 -17.46
N GLY F 84 35.23 -11.50 -17.04
CA GLY F 84 35.99 -12.37 -17.92
C GLY F 84 36.53 -13.61 -17.24
N ASN F 85 36.35 -13.71 -15.92
CA ASN F 85 36.79 -14.87 -15.15
C ASN F 85 38.28 -15.12 -15.31
N TYR F 86 39.09 -14.15 -14.86
CA TYR F 86 40.53 -14.33 -14.95
C TYR F 86 40.99 -15.35 -13.92
N ILE F 87 42.29 -15.65 -13.95
CA ILE F 87 42.91 -16.60 -13.05
C ILE F 87 43.81 -15.83 -12.10
N GLY F 88 43.40 -15.70 -10.85
CA GLY F 88 44.23 -15.04 -9.87
C GLY F 88 45.40 -15.91 -9.46
N MET F 89 46.53 -15.25 -9.22
CA MET F 89 47.79 -15.92 -8.91
C MET F 89 48.45 -15.22 -7.73
N MET F 90 49.04 -16.02 -6.85
CA MET F 90 49.78 -15.49 -5.70
C MET F 90 51.13 -16.18 -5.62
N PRO F 91 52.24 -15.44 -5.71
CA PRO F 91 53.56 -16.08 -5.80
C PRO F 91 53.90 -16.89 -4.55
N GLY F 92 54.79 -17.87 -4.73
CA GLY F 92 55.17 -18.78 -3.68
C GLY F 92 56.59 -18.55 -3.19
N LYS F 93 57.03 -19.48 -2.32
CA LYS F 93 58.31 -19.29 -1.63
C LYS F 93 59.49 -19.73 -2.48
N GLY F 94 59.61 -21.04 -2.75
CA GLY F 94 60.68 -21.47 -3.63
C GLY F 94 60.66 -22.92 -4.10
N LYS F 95 60.70 -23.09 -5.42
CA LYS F 95 61.01 -24.35 -6.10
C LYS F 95 61.04 -24.10 -7.60
N GLU F 96 61.17 -25.15 -8.39
CA GLU F 96 61.06 -25.08 -9.84
C GLU F 96 59.76 -25.73 -10.32
N GLN F 97 58.69 -25.54 -9.56
CA GLN F 97 57.42 -26.20 -9.86
C GLN F 97 56.81 -25.65 -11.14
N ASP F 98 56.22 -26.55 -11.94
CA ASP F 98 55.55 -26.15 -13.17
C ASP F 98 54.23 -26.89 -13.37
N HIS F 99 53.65 -27.44 -12.30
CA HIS F 99 52.37 -28.13 -12.39
C HIS F 99 51.63 -27.90 -11.08
N PHE F 100 50.56 -27.14 -11.12
CA PHE F 100 49.86 -26.68 -9.93
C PHE F 100 48.47 -27.30 -9.83
N VAL F 101 47.86 -27.09 -8.68
CA VAL F 101 46.48 -27.50 -8.43
C VAL F 101 45.71 -26.23 -8.09
N ALA F 102 44.65 -25.97 -8.85
CA ALA F 102 43.89 -24.75 -8.66
C ALA F 102 43.20 -24.77 -7.31
N LEU F 103 43.30 -23.66 -6.58
CA LEU F 103 42.54 -23.51 -5.35
C LEU F 103 41.07 -23.28 -5.68
N ASP F 104 40.20 -23.77 -4.81
CA ASP F 104 38.77 -23.60 -4.97
C ASP F 104 38.26 -22.26 -4.46
N THR F 105 39.09 -21.53 -3.72
CA THR F 105 38.75 -20.18 -3.27
C THR F 105 40.03 -19.38 -3.14
N GLN F 106 39.89 -18.06 -3.15
CA GLN F 106 41.05 -17.21 -3.02
C GLN F 106 41.67 -17.36 -1.63
N PRO F 107 42.99 -17.29 -1.54
CA PRO F 107 43.64 -17.50 -0.24
C PRO F 107 43.42 -16.33 0.71
N LYS F 108 44.06 -16.38 1.87
CA LYS F 108 43.96 -15.30 2.83
C LYS F 108 44.59 -14.03 2.26
N TYR F 109 44.47 -12.94 3.01
CA TYR F 109 45.02 -11.65 2.61
C TYR F 109 46.43 -11.56 3.15
N ARG F 110 47.41 -11.77 2.28
CA ARG F 110 48.81 -11.74 2.66
C ARG F 110 49.49 -10.42 2.33
N LEU F 111 48.80 -9.53 1.61
CA LEU F 111 49.41 -8.27 1.19
C LEU F 111 49.71 -7.39 2.40
N ASP F 112 50.39 -6.28 2.14
CA ASP F 112 50.66 -5.29 3.17
C ASP F 112 50.82 -3.93 2.49
N ASN F 113 49.75 -3.15 2.50
CA ASN F 113 49.75 -1.81 1.92
C ASN F 113 49.40 -0.76 2.94
N GLY F 114 49.52 -1.07 4.23
CA GLY F 114 49.10 -0.18 5.27
C GLY F 114 47.60 -0.07 5.46
N ASP F 115 46.81 -0.81 4.69
CA ASP F 115 45.37 -0.81 4.84
C ASP F 115 44.94 -1.94 5.76
N LEU F 116 43.84 -1.71 6.48
CA LEU F 116 43.43 -2.64 7.51
C LEU F 116 42.63 -3.80 6.94
N MET F 117 42.81 -4.96 7.54
CA MET F 117 41.88 -6.07 7.37
C MET F 117 41.35 -6.47 8.73
N ILE F 118 40.05 -6.34 8.91
CA ILE F 118 39.40 -6.68 10.16
C ILE F 118 38.40 -7.79 9.89
N HIS F 119 38.01 -8.47 10.95
CA HIS F 119 37.06 -9.58 10.84
C HIS F 119 35.78 -9.20 11.56
N LEU F 120 34.66 -9.64 11.01
CA LEU F 120 33.34 -9.39 11.58
C LEU F 120 32.64 -10.71 11.79
N GLN F 121 32.36 -11.04 13.05
CA GLN F 121 31.51 -12.19 13.32
C GLN F 121 30.07 -11.87 12.97
N ALA F 122 29.33 -12.87 12.54
CA ALA F 122 27.93 -12.65 12.23
C ALA F 122 27.17 -13.96 12.41
N PRO F 123 25.87 -13.89 12.70
CA PRO F 123 25.08 -15.13 12.72
C PRO F 123 24.90 -15.71 11.33
N ASP F 124 24.83 -14.87 10.32
CA ASP F 124 24.75 -15.31 8.93
C ASP F 124 25.27 -14.19 8.05
N LEU F 125 25.47 -14.51 6.78
CA LEU F 125 26.06 -13.54 5.87
C LEU F 125 25.17 -12.32 5.64
N GLY F 126 23.87 -12.46 5.83
CA GLY F 126 23.03 -11.37 5.40
C GLY F 126 23.10 -11.27 3.88
N SER F 127 22.67 -10.12 3.38
CA SER F 127 22.75 -9.89 1.93
C SER F 127 24.04 -9.20 1.54
N LEU F 128 25.16 -9.76 2.00
CA LEU F 128 26.48 -9.28 1.65
C LEU F 128 27.15 -10.24 0.69
N ASN F 129 28.22 -9.75 0.07
CA ASN F 129 29.00 -10.54 -0.87
C ASN F 129 30.27 -9.76 -1.18
N SER F 130 31.23 -10.46 -1.79
CA SER F 130 32.50 -9.83 -2.12
C SER F 130 32.27 -8.62 -3.00
N GLY F 131 32.55 -7.44 -2.48
CA GLY F 131 32.29 -6.20 -3.18
C GLY F 131 31.31 -5.28 -2.49
N SER F 132 30.60 -5.76 -1.46
CA SER F 132 29.76 -4.87 -0.69
C SER F 132 30.61 -3.80 -0.01
N LEU F 133 30.11 -2.57 0.02
CA LEU F 133 30.90 -1.46 0.50
C LEU F 133 30.75 -1.29 2.00
N VAL F 134 31.81 -0.79 2.62
CA VAL F 134 31.81 -0.40 4.02
C VAL F 134 31.79 1.11 4.07
N TYR F 135 30.91 1.67 4.88
CA TYR F 135 30.65 3.11 4.90
C TYR F 135 31.03 3.70 6.25
N PHE F 136 31.55 4.91 6.20
CA PHE F 136 31.65 5.79 7.36
C PHE F 136 31.01 7.10 6.95
N ARG F 137 29.92 7.49 7.62
CA ARG F 137 29.17 8.67 7.26
C ARG F 137 28.67 8.56 5.82
N LYS F 138 28.30 7.35 5.42
CA LYS F 138 27.87 7.03 4.06
C LYS F 138 28.93 7.36 3.02
N ILE F 139 30.19 7.46 3.44
CA ILE F 139 31.34 7.60 2.56
C ILE F 139 32.01 6.23 2.46
N PRO F 140 32.17 5.65 1.27
CA PRO F 140 32.78 4.32 1.17
C PRO F 140 34.26 4.36 1.51
N VAL F 141 34.63 3.60 2.54
CA VAL F 141 36.01 3.57 3.03
C VAL F 141 36.58 2.16 2.99
N GLY F 142 35.87 1.20 2.42
CA GLY F 142 36.38 -0.15 2.39
C GLY F 142 35.48 -1.05 1.58
N LYS F 143 35.67 -2.34 1.77
CA LYS F 143 34.88 -3.31 1.03
C LYS F 143 35.01 -4.67 1.71
N VAL F 144 33.99 -5.49 1.51
CA VAL F 144 34.02 -6.86 2.00
C VAL F 144 34.98 -7.66 1.13
N TYR F 145 36.03 -8.20 1.75
CA TYR F 145 37.02 -8.95 0.99
C TYR F 145 36.50 -10.35 0.65
N ASP F 146 36.23 -11.15 1.67
CA ASP F 146 35.64 -12.46 1.45
C ASP F 146 35.08 -12.97 2.77
N TYR F 147 34.21 -13.97 2.68
CA TYR F 147 33.52 -14.51 3.82
C TYR F 147 33.80 -15.99 3.95
N ALA F 148 33.79 -16.47 5.18
CA ALA F 148 33.99 -17.89 5.44
C ALA F 148 33.00 -18.32 6.51
N ILE F 149 32.83 -19.62 6.64
CA ILE F 149 31.97 -20.19 7.67
C ILE F 149 32.81 -20.46 8.91
N ASN F 150 32.30 -20.04 10.06
CA ASN F 150 33.02 -20.23 11.31
C ASN F 150 33.28 -21.72 11.52
N PRO F 151 34.49 -22.12 11.93
CA PRO F 151 34.77 -23.55 12.12
C PRO F 151 33.71 -24.31 12.90
N ASN F 152 33.14 -23.71 13.94
CA ASN F 152 32.10 -24.37 14.72
C ASN F 152 30.74 -24.33 14.06
N LYS F 153 30.65 -23.87 12.81
CA LYS F 153 29.43 -23.79 12.03
C LYS F 153 28.35 -22.94 12.68
N GLN F 154 28.68 -22.21 13.74
CA GLN F 154 27.67 -21.44 14.46
C GLN F 154 27.47 -20.05 13.88
N GLY F 155 28.41 -19.55 13.10
CA GLY F 155 28.25 -18.26 12.47
C GLY F 155 29.10 -18.15 11.22
N VAL F 156 29.28 -16.92 10.73
CA VAL F 156 30.17 -16.65 9.60
C VAL F 156 31.13 -15.56 10.02
N VAL F 157 32.25 -15.49 9.29
CA VAL F 157 33.28 -14.49 9.50
C VAL F 157 33.47 -13.75 8.19
N ILE F 158 33.23 -12.45 8.21
CA ILE F 158 33.43 -11.59 7.05
C ILE F 158 34.76 -10.89 7.21
N ASP F 159 35.46 -10.66 6.11
CA ASP F 159 36.75 -9.99 6.14
C ASP F 159 36.60 -8.64 5.45
N VAL F 160 36.68 -7.58 6.22
CA VAL F 160 36.52 -6.22 5.71
C VAL F 160 37.90 -5.62 5.50
N LEU F 161 38.08 -4.96 4.37
CA LEU F 161 39.36 -4.35 4.00
C LEU F 161 39.18 -2.84 3.96
N ILE F 162 39.59 -2.17 5.04
CA ILE F 162 39.52 -0.71 5.11
C ILE F 162 40.72 -0.13 4.39
N GLU F 163 40.48 0.78 3.45
CA GLU F 163 41.54 1.35 2.63
C GLU F 163 42.54 2.13 3.48
N ARG F 164 43.68 2.44 2.87
CA ARG F 164 44.83 2.90 3.63
C ARG F 164 44.58 4.26 4.27
N ARG F 165 44.05 5.20 3.51
CA ARG F 165 43.91 6.54 4.06
C ARG F 165 42.78 6.69 5.03
N PHE F 166 42.10 5.60 5.41
CA PHE F 166 40.97 5.67 6.32
C PHE F 166 41.17 4.83 7.58
N THR F 167 42.35 4.26 7.79
CA THR F 167 42.55 3.34 8.90
C THR F 167 42.46 4.02 10.26
N ASP F 168 42.45 5.36 10.31
CA ASP F 168 42.23 6.02 11.58
C ASP F 168 40.79 5.95 12.04
N LEU F 169 39.87 5.55 11.16
CA LEU F 169 38.46 5.54 11.52
C LEU F 169 38.13 4.33 12.39
N VAL F 170 38.73 3.18 12.11
CA VAL F 170 38.39 1.95 12.81
C VAL F 170 39.07 1.98 14.16
N LYS F 171 38.35 2.43 15.18
CA LYS F 171 38.85 2.39 16.54
C LYS F 171 38.52 1.04 17.18
N LYS F 172 39.26 0.72 18.23
CA LYS F 172 39.02 -0.55 18.92
C LYS F 172 37.64 -0.61 19.55
N GLY F 173 36.94 0.51 19.66
CA GLY F 173 35.60 0.52 20.20
C GLY F 173 34.55 0.85 19.15
N SER F 174 34.87 0.62 17.88
CA SER F 174 33.91 0.86 16.82
C SER F 174 32.83 -0.20 16.84
N ARG F 175 31.78 0.04 16.06
CA ARG F 175 30.65 -0.87 15.98
C ARG F 175 30.16 -0.91 14.54
N PHE F 176 30.12 -2.10 13.96
CA PHE F 176 29.71 -2.29 12.59
C PHE F 176 28.27 -2.81 12.57
N TRP F 177 27.45 -2.21 11.72
CA TRP F 177 26.07 -2.65 11.58
C TRP F 177 25.73 -2.84 10.11
N ASN F 178 24.89 -3.83 9.84
CA ASN F 178 24.50 -4.15 8.48
C ASN F 178 23.49 -3.15 7.97
N VAL F 179 23.74 -2.59 6.80
CA VAL F 179 22.80 -1.72 6.10
C VAL F 179 22.56 -2.39 4.76
N SER F 180 21.40 -3.03 4.60
CA SER F 180 21.17 -3.86 3.42
C SER F 180 19.68 -3.90 3.12
N GLY F 181 19.37 -4.08 1.84
CA GLY F 181 18.00 -4.19 1.40
C GLY F 181 17.20 -2.94 1.70
N VAL F 182 15.88 -3.09 1.73
CA VAL F 182 14.97 -1.98 1.99
C VAL F 182 14.27 -2.25 3.31
N ASP F 183 13.92 -1.16 4.01
CA ASP F 183 13.30 -1.21 5.32
C ASP F 183 11.94 -0.54 5.31
N ALA F 184 11.13 -0.86 4.30
CA ALA F 184 9.85 -0.17 4.11
C ALA F 184 8.95 -0.37 5.32
N ASN F 185 8.72 0.71 6.06
CA ASN F 185 7.87 0.71 7.23
C ASN F 185 6.52 1.34 6.90
N VAL F 186 5.48 0.88 7.59
CA VAL F 186 4.13 1.38 7.39
C VAL F 186 3.43 1.48 8.74
N SER F 187 2.83 2.65 9.01
CA SER F 187 2.02 2.86 10.19
C SER F 187 0.77 3.64 9.78
N ILE F 188 0.02 4.15 10.75
CA ILE F 188 -1.11 5.02 10.49
C ILE F 188 -0.67 6.45 10.76
N SER F 189 -0.74 7.31 9.74
CA SER F 189 -0.24 8.68 9.83
C SER F 189 1.25 8.69 10.21
N GLY F 190 2.06 8.21 9.26
CA GLY F 190 3.43 7.89 9.57
C GLY F 190 3.98 6.71 8.78
N ALA F 191 3.17 6.17 7.86
CA ALA F 191 3.64 5.12 6.96
C ALA F 191 4.59 5.75 5.95
N LYS F 192 5.79 6.06 6.42
CA LYS F 192 6.79 6.78 5.65
C LYS F 192 7.93 5.83 5.30
N VAL F 193 8.23 5.70 4.02
CA VAL F 193 9.34 4.89 3.55
C VAL F 193 10.32 5.81 2.82
N LYS F 194 11.56 5.83 3.27
CA LYS F 194 12.63 6.60 2.66
C LYS F 194 13.75 5.67 2.25
N LEU F 195 14.23 5.83 1.01
CA LEU F 195 15.36 5.06 0.53
C LEU F 195 16.36 6.00 -0.10
N GLU F 196 17.62 5.88 0.32
CA GLU F 196 18.69 6.72 -0.20
C GLU F 196 19.82 5.92 -0.81
N SER F 197 20.32 4.89 -0.13
CA SER F 197 21.44 4.12 -0.64
C SER F 197 20.95 3.09 -1.64
N LEU F 198 21.45 3.18 -2.87
CA LEU F 198 21.08 2.26 -3.93
C LEU F 198 21.93 1.00 -3.95
N ALA F 199 23.26 1.14 -3.81
CA ALA F 199 24.12 -0.03 -3.80
C ALA F 199 23.82 -0.92 -2.60
N ALA F 200 23.50 -0.32 -1.46
CA ALA F 200 23.09 -1.11 -0.31
C ALA F 200 21.80 -1.87 -0.59
N LEU F 201 20.93 -1.32 -1.43
CA LEU F 201 19.70 -2.01 -1.78
C LEU F 201 19.98 -3.19 -2.72
N VAL F 202 21.03 -3.10 -3.53
CA VAL F 202 21.29 -4.14 -4.52
C VAL F 202 22.14 -5.25 -3.91
N ASN F 203 23.36 -4.92 -3.49
CA ASN F 203 24.29 -5.93 -3.00
C ASN F 203 24.74 -5.67 -1.57
N GLY F 204 23.91 -4.98 -0.78
CA GLY F 204 24.15 -4.84 0.63
C GLY F 204 25.33 -3.97 1.00
N ALA F 205 25.48 -3.64 2.27
CA ALA F 205 26.56 -2.78 2.72
C ALA F 205 26.72 -2.91 4.22
N ILE F 206 27.88 -2.48 4.70
CA ILE F 206 28.15 -2.40 6.13
C ILE F 206 28.42 -0.94 6.45
N ALA F 207 28.13 -0.53 7.66
CA ALA F 207 28.47 0.81 8.10
C ALA F 207 29.12 0.74 9.46
N PHE F 208 29.93 1.74 9.80
CA PHE F 208 30.52 1.74 11.12
C PHE F 208 30.69 3.17 11.61
N ASP F 209 31.02 3.28 12.89
CA ASP F 209 31.19 4.56 13.56
C ASP F 209 32.53 4.57 14.28
N SER F 210 32.84 5.70 14.90
CA SER F 210 34.17 5.85 15.49
C SER F 210 34.12 6.69 16.76
N PRO F 211 34.22 6.08 17.93
CA PRO F 211 34.36 6.87 19.16
C PRO F 211 35.64 7.67 19.14
N GLU F 212 35.69 8.69 20.01
CA GLU F 212 36.78 9.65 20.01
C GLU F 212 37.70 9.49 21.22
N GLU F 213 37.66 8.33 21.88
CA GLU F 213 38.50 8.14 23.06
C GLU F 213 39.12 6.76 23.13
N SER F 214 39.02 5.96 22.07
CA SER F 214 39.55 4.60 22.07
C SER F 214 40.69 4.49 21.07
N LYS F 215 41.56 3.51 21.30
CA LYS F 215 42.75 3.34 20.49
C LYS F 215 42.38 2.85 19.09
N PRO F 216 43.23 3.12 18.10
CA PRO F 216 42.97 2.61 16.76
C PRO F 216 43.12 1.09 16.70
N ALA F 217 42.31 0.47 15.86
CA ALA F 217 42.30 -0.98 15.76
C ALA F 217 43.52 -1.46 14.99
N GLU F 218 44.06 -2.60 15.43
CA GLU F 218 45.18 -3.22 14.74
C GLU F 218 44.67 -4.20 13.70
N ALA F 219 45.59 -4.75 12.92
CA ALA F 219 45.23 -5.68 11.87
C ALA F 219 44.64 -6.96 12.47
N GLU F 220 43.77 -7.60 11.69
CA GLU F 220 43.15 -8.87 12.07
C GLU F 220 42.38 -8.76 13.39
N ASP F 221 41.86 -7.58 13.69
CA ASP F 221 41.05 -7.40 14.88
C ASP F 221 39.60 -7.79 14.59
N THR F 222 38.94 -8.32 15.60
CA THR F 222 37.62 -8.91 15.44
C THR F 222 36.55 -8.03 16.06
N PHE F 223 35.48 -7.78 15.32
CA PHE F 223 34.32 -7.06 15.79
C PHE F 223 33.08 -7.92 15.57
N GLY F 224 31.93 -7.42 15.99
CA GLY F 224 30.69 -8.12 15.78
C GLY F 224 29.74 -7.33 14.92
N LEU F 225 29.20 -7.96 13.89
CA LEU F 225 28.29 -7.28 12.98
C LEU F 225 26.88 -7.27 13.57
N TYR F 226 26.37 -6.09 13.85
CA TYR F 226 25.02 -5.98 14.39
C TYR F 226 23.99 -6.07 13.26
N GLU F 227 22.74 -6.31 13.64
CA GLU F 227 21.71 -6.54 12.64
C GLU F 227 21.35 -5.26 11.91
N ASP F 228 21.29 -4.14 12.61
CA ASP F 228 20.91 -2.88 12.01
C ASP F 228 21.48 -1.75 12.85
N LEU F 229 21.14 -0.52 12.46
CA LEU F 229 21.65 0.63 13.20
C LEU F 229 21.10 0.64 14.62
N ALA F 230 19.86 0.20 14.81
CA ALA F 230 19.25 0.24 16.13
C ALA F 230 19.92 -0.74 17.09
N HIS F 231 20.16 -1.96 16.64
CA HIS F 231 20.77 -2.96 17.50
C HIS F 231 22.17 -2.56 17.93
N SER F 232 22.81 -1.64 17.22
CA SER F 232 24.17 -1.23 17.53
C SER F 232 24.23 -0.12 18.56
N GLN F 233 23.10 0.47 18.92
CA GLN F 233 23.11 1.62 19.81
C GLN F 233 23.71 1.27 21.16
N ARG F 234 24.58 2.16 21.65
CA ARG F 234 25.18 1.95 22.94
C ARG F 234 24.20 2.32 24.05
N GLY F 235 24.49 1.86 25.25
CA GLY F 235 23.63 2.05 26.39
C GLY F 235 23.76 0.88 27.33
N VAL F 236 23.39 1.12 28.57
CA VAL F 236 23.59 0.11 29.61
C VAL F 236 22.50 -0.94 29.51
N ILE F 237 22.87 -2.20 29.67
CA ILE F 237 21.93 -3.31 29.59
C ILE F 237 21.51 -3.67 31.00
N ILE F 238 20.25 -3.44 31.32
CA ILE F 238 19.68 -3.79 32.61
C ILE F 238 18.79 -5.01 32.44
N LYS F 239 18.57 -5.73 33.53
CA LYS F 239 17.80 -6.96 33.51
C LYS F 239 16.52 -6.77 34.29
N LEU F 240 15.42 -7.27 33.73
CA LEU F 240 14.11 -7.16 34.35
C LEU F 240 13.55 -8.55 34.59
N GLU F 241 12.81 -8.70 35.67
CA GLU F 241 12.02 -9.90 35.93
C GLU F 241 10.57 -9.47 35.78
N LEU F 242 10.12 -9.51 34.64
CA LEU F 242 8.79 -8.95 34.42
C LEU F 242 7.73 -10.03 34.60
N PRO F 243 6.49 -9.65 34.93
CA PRO F 243 5.51 -10.67 35.34
C PRO F 243 5.18 -11.67 34.25
N SER F 244 4.74 -11.19 33.10
CA SER F 244 4.42 -12.06 31.98
C SER F 244 4.40 -11.21 30.73
N GLY F 245 5.28 -11.50 29.78
CA GLY F 245 5.35 -10.64 28.62
C GLY F 245 4.18 -10.90 27.71
N ALA F 246 3.19 -10.01 27.73
CA ALA F 246 1.97 -10.17 26.95
C ALA F 246 1.87 -9.18 25.81
N GLY F 247 1.95 -7.89 26.10
CA GLY F 247 2.04 -6.90 25.06
C GLY F 247 3.46 -6.52 24.71
N LEU F 248 4.44 -7.20 25.28
CA LEU F 248 5.84 -6.86 25.09
C LEU F 248 6.40 -7.60 23.89
N THR F 249 7.26 -6.92 23.14
CA THR F 249 7.95 -7.50 22.00
C THR F 249 9.46 -7.35 22.22
N ALA F 250 10.21 -8.29 21.64
CA ALA F 250 11.65 -8.34 21.88
C ALA F 250 12.32 -7.00 21.59
N ASP F 251 11.76 -6.22 20.68
CA ASP F 251 12.16 -4.85 20.47
C ASP F 251 10.90 -4.01 20.36
N SER F 252 11.07 -2.71 20.09
CA SER F 252 9.96 -1.81 19.85
C SER F 252 9.01 -1.71 21.04
N THR F 253 9.50 -2.01 22.24
CA THR F 253 8.76 -1.75 23.47
C THR F 253 9.56 -0.74 24.28
N PRO F 254 9.15 0.52 24.31
CA PRO F 254 10.02 1.56 24.84
C PRO F 254 9.99 1.61 26.36
N LEU F 255 10.96 2.33 26.89
CA LEU F 255 11.02 2.68 28.30
C LEU F 255 10.84 4.19 28.37
N MET F 256 9.60 4.64 28.57
CA MET F 256 9.32 6.06 28.57
C MET F 256 9.73 6.69 29.88
N TYR F 257 10.24 7.92 29.80
CA TYR F 257 10.53 8.72 30.97
C TYR F 257 10.05 10.13 30.69
N GLN F 258 8.89 10.48 31.23
CA GLN F 258 8.23 11.75 30.93
C GLN F 258 7.94 11.88 29.44
N GLY F 259 7.36 10.83 28.87
CA GLY F 259 6.96 10.83 27.48
C GLY F 259 8.09 10.70 26.48
N LEU F 260 9.33 10.79 26.91
CA LEU F 260 10.48 10.62 26.02
C LEU F 260 11.03 9.22 26.17
N GLU F 261 11.21 8.54 25.05
CA GLU F 261 11.74 7.18 25.07
C GLU F 261 13.22 7.21 25.39
N VAL F 262 13.62 6.49 26.43
CA VAL F 262 15.01 6.51 26.87
C VAL F 262 15.54 5.09 26.94
N GLY F 263 14.87 4.16 26.29
CA GLY F 263 15.34 2.79 26.27
C GLY F 263 14.36 1.91 25.54
N GLN F 264 14.73 0.64 25.41
CA GLN F 264 13.89 -0.34 24.74
C GLN F 264 14.13 -1.71 25.34
N LEU F 265 13.12 -2.57 25.22
CA LEU F 265 13.33 -3.98 25.41
C LEU F 265 14.22 -4.52 24.30
N THR F 266 15.19 -5.34 24.67
CA THR F 266 16.03 -6.00 23.69
C THR F 266 16.00 -7.51 23.78
N LYS F 267 15.70 -8.07 24.94
CA LYS F 267 15.62 -9.51 25.10
C LYS F 267 14.36 -9.85 25.88
N LEU F 268 13.67 -10.91 25.48
CA LEU F 268 12.44 -11.35 26.13
C LEU F 268 12.43 -12.87 26.11
N ASP F 269 12.86 -13.48 27.21
CA ASP F 269 13.07 -14.91 27.28
C ASP F 269 11.98 -15.57 28.13
N LEU F 270 12.10 -16.89 28.28
CA LEU F 270 11.21 -17.67 29.13
C LEU F 270 12.08 -18.65 29.90
N ASN F 271 12.29 -18.37 31.18
CA ASN F 271 13.14 -19.23 31.99
C ASN F 271 12.43 -20.54 32.31
N PRO F 272 13.20 -21.58 32.68
CA PRO F 272 12.57 -22.89 32.93
C PRO F 272 11.50 -22.86 34.00
N GLY F 273 11.72 -22.13 35.09
CA GLY F 273 10.76 -22.12 36.17
C GLY F 273 9.47 -21.39 35.87
N GLY F 274 9.24 -21.09 34.59
CA GLY F 274 8.08 -20.33 34.19
C GLY F 274 8.23 -18.84 34.33
N LYS F 275 9.33 -18.34 34.88
CA LYS F 275 9.51 -16.91 35.04
C LYS F 275 9.93 -16.29 33.71
N VAL F 276 9.31 -15.17 33.36
CA VAL F 276 9.62 -14.47 32.13
C VAL F 276 10.58 -13.34 32.46
N THR F 277 11.84 -13.50 32.06
CA THR F 277 12.83 -12.47 32.28
C THR F 277 13.06 -11.70 30.99
N GLY F 278 13.73 -10.55 31.12
CA GLY F 278 14.01 -9.73 29.96
C GLY F 278 15.22 -8.85 30.14
N GLU F 279 15.67 -8.24 29.06
CA GLU F 279 16.82 -7.35 29.12
C GLU F 279 16.51 -6.10 28.31
N MET F 280 16.86 -4.94 28.86
CA MET F 280 16.50 -3.66 28.28
C MET F 280 17.73 -2.78 28.18
N THR F 281 17.94 -2.16 27.03
CA THR F 281 19.06 -1.26 26.81
C THR F 281 18.60 0.17 27.07
N VAL F 282 19.30 0.86 27.95
CA VAL F 282 18.93 2.17 28.43
C VAL F 282 19.93 3.19 27.91
N ASP F 283 19.41 4.31 27.42
CA ASP F 283 20.22 5.43 26.98
C ASP F 283 21.20 5.83 28.09
N PRO F 284 22.49 5.99 27.78
CA PRO F 284 23.46 6.37 28.81
C PRO F 284 23.20 7.72 29.45
N SER F 285 22.18 8.46 29.02
CA SER F 285 21.89 9.75 29.63
C SER F 285 21.09 9.62 30.92
N VAL F 286 20.41 8.50 31.14
CA VAL F 286 19.57 8.33 32.32
C VAL F 286 20.05 7.17 33.19
N VAL F 287 21.32 6.77 33.06
CA VAL F 287 21.84 5.73 33.94
C VAL F 287 21.92 6.24 35.38
N THR F 288 22.13 7.53 35.57
CA THR F 288 22.17 8.08 36.91
C THR F 288 20.82 8.02 37.61
N LEU F 289 19.74 7.75 36.87
CA LEU F 289 18.42 7.61 37.45
C LEU F 289 18.08 6.16 37.76
N LEU F 290 19.00 5.23 37.57
CA LEU F 290 18.78 3.81 37.88
C LEU F 290 19.42 3.54 39.22
N ARG F 291 18.68 3.82 40.29
CA ARG F 291 19.15 3.66 41.66
C ARG F 291 18.30 2.61 42.37
N GLU F 292 18.53 2.47 43.67
CA GLU F 292 17.90 1.39 44.42
C GLU F 292 16.39 1.54 44.46
N ASN F 293 15.90 2.76 44.66
CA ASN F 293 14.47 3.00 44.85
C ASN F 293 13.79 3.52 43.60
N THR F 294 14.21 3.06 42.42
CA THR F 294 13.62 3.47 41.16
C THR F 294 12.81 2.32 40.61
N ARG F 295 11.52 2.53 40.42
CA ARG F 295 10.65 1.49 39.91
C ARG F 295 10.58 1.56 38.39
N ILE F 296 10.23 0.43 37.79
CA ILE F 296 9.97 0.35 36.36
C ILE F 296 8.63 -0.34 36.19
N GLU F 297 7.64 0.40 35.72
CA GLU F 297 6.24 -0.03 35.77
C GLU F 297 5.72 -0.31 34.37
N LEU F 298 5.07 -1.45 34.19
CA LEU F 298 4.28 -1.66 32.99
C LEU F 298 3.08 -0.73 32.99
N ARG F 299 2.77 -0.18 31.82
CA ARG F 299 1.64 0.72 31.70
C ARG F 299 0.92 0.46 30.39
N ASN F 300 -0.36 0.37 30.48
CA ASN F 300 -1.32 0.17 29.41
C ASN F 300 -1.90 1.50 28.97
N PRO F 301 -2.24 1.64 27.69
CA PRO F 301 -2.81 2.89 27.22
C PRO F 301 -4.31 2.91 27.44
N LYS F 302 -4.79 3.94 28.13
CA LYS F 302 -6.21 4.08 28.40
C LYS F 302 -6.91 4.70 27.20
N LEU F 303 -8.24 4.55 27.16
CA LEU F 303 -9.03 5.24 26.14
C LEU F 303 -8.84 6.74 26.26
N SER F 304 -9.24 7.31 27.40
CA SER F 304 -9.13 8.74 27.66
C SER F 304 -9.79 9.54 26.54
N LEU F 305 -11.11 9.37 26.47
CA LEU F 305 -11.90 9.96 25.38
C LEU F 305 -11.64 11.45 25.20
N SER F 306 -11.10 12.12 26.22
CA SER F 306 -10.74 13.53 26.07
C SER F 306 -9.71 13.71 24.95
N ASP F 307 -8.55 13.06 25.08
CA ASP F 307 -7.48 13.13 24.10
C ASP F 307 -7.37 11.89 23.22
N ALA F 308 -7.60 10.71 23.79
CA ALA F 308 -7.77 9.45 23.05
C ALA F 308 -6.47 8.90 22.47
N ASN F 309 -5.39 9.69 22.52
CA ASN F 309 -4.03 9.26 22.18
C ASN F 309 -3.98 8.22 21.07
N LEU F 310 -4.49 8.54 19.89
CA LEU F 310 -4.56 7.54 18.83
C LEU F 310 -3.18 7.00 18.47
N SER F 311 -2.11 7.76 18.76
CA SER F 311 -0.77 7.25 18.52
C SER F 311 -0.33 6.31 19.64
N ALA F 312 -0.60 6.69 20.89
CA ALA F 312 -0.17 5.86 22.01
C ALA F 312 -0.93 4.54 22.06
N LEU F 313 -2.18 4.53 21.61
CA LEU F 313 -2.96 3.30 21.62
C LEU F 313 -2.41 2.27 20.65
N LEU F 314 -1.63 2.69 19.66
CA LEU F 314 -0.98 1.76 18.77
C LEU F 314 0.32 1.21 19.34
N THR F 315 0.95 1.92 20.28
CA THR F 315 2.18 1.42 20.87
C THR F 315 1.93 0.17 21.70
N GLY F 316 0.72 0.02 22.22
CA GLY F 316 0.33 -1.23 22.86
C GLY F 316 0.54 -1.29 24.35
N LYS F 317 1.80 -1.22 24.79
CA LYS F 317 2.13 -1.32 26.20
C LYS F 317 3.55 -0.84 26.40
N THR F 318 3.78 -0.02 27.42
CA THR F 318 5.09 0.60 27.58
C THR F 318 5.60 0.39 28.99
N PHE F 319 6.87 0.71 29.18
CA PHE F 319 7.43 0.81 30.51
C PHE F 319 7.51 2.26 30.92
N GLU F 320 7.57 2.49 32.23
CA GLU F 320 7.68 3.84 32.74
C GLU F 320 8.72 3.82 33.85
N LEU F 321 9.69 4.73 33.75
CA LEU F 321 10.78 4.80 34.71
C LEU F 321 10.43 5.81 35.79
N VAL F 322 10.25 5.34 37.01
CA VAL F 322 10.00 6.23 38.14
C VAL F 322 11.27 6.29 38.96
N PRO F 323 12.07 7.35 38.85
CA PRO F 323 13.38 7.38 39.48
C PRO F 323 13.28 7.52 40.99
N GLY F 324 14.43 7.45 41.64
CA GLY F 324 14.47 7.50 43.08
C GLY F 324 15.90 7.66 43.59
N ASP F 325 16.07 7.38 44.88
CA ASP F 325 17.33 7.57 45.57
C ASP F 325 17.96 6.25 45.95
N GLY F 326 19.27 6.29 46.16
CA GLY F 326 20.00 5.16 46.69
C GLY F 326 21.14 4.77 45.81
N GLU F 327 21.70 3.59 46.10
CA GLU F 327 22.82 3.05 45.36
C GLU F 327 22.39 2.71 43.92
N PRO F 328 23.30 2.84 42.95
CA PRO F 328 22.95 2.48 41.58
C PRO F 328 22.57 1.02 41.46
N ARG F 329 21.63 0.75 40.55
CA ARG F 329 21.06 -0.58 40.36
C ARG F 329 21.20 -0.97 38.90
N LYS F 330 21.16 -2.29 38.65
CA LYS F 330 21.24 -2.81 37.30
C LYS F 330 20.23 -3.89 36.99
N GLU F 331 19.53 -4.43 37.98
CA GLU F 331 18.48 -5.41 37.75
C GLU F 331 17.26 -4.99 38.54
N PHE F 332 16.09 -5.08 37.91
CA PHE F 332 14.85 -4.62 38.51
C PHE F 332 13.81 -5.71 38.44
N VAL F 333 12.70 -5.47 39.11
CA VAL F 333 11.53 -6.35 39.07
C VAL F 333 10.37 -5.50 38.63
N VAL F 334 9.94 -5.68 37.39
CA VAL F 334 8.85 -4.87 36.85
C VAL F 334 7.56 -5.18 37.59
N VAL F 335 6.90 -4.15 38.07
CA VAL F 335 5.66 -4.30 38.84
C VAL F 335 4.53 -4.60 37.87
N PRO F 336 3.53 -5.37 38.26
CA PRO F 336 2.42 -5.70 37.35
C PRO F 336 1.57 -4.50 36.94
N GLY F 337 1.91 -3.30 37.37
CA GLY F 337 1.18 -2.10 36.94
C GLY F 337 0.11 -1.64 37.89
N GLU F 338 -0.84 -2.53 38.21
CA GLU F 338 -1.84 -2.23 39.22
C GLU F 338 -1.37 -2.59 40.62
N LYS F 339 -0.60 -3.66 40.78
CA LYS F 339 0.05 -3.91 42.05
C LYS F 339 1.11 -2.86 42.38
N ALA F 340 1.36 -1.91 41.49
CA ALA F 340 2.15 -0.75 41.84
C ALA F 340 1.43 0.04 42.92
N LEU F 341 2.13 1.05 43.45
CA LEU F 341 1.73 1.82 44.62
C LEU F 341 1.80 0.97 45.89
N LEU F 342 2.07 -0.33 45.75
CA LEU F 342 2.46 -1.16 46.87
C LEU F 342 3.98 -1.22 47.01
N HIS F 343 4.70 -1.04 45.90
CA HIS F 343 6.15 -1.05 45.90
C HIS F 343 6.75 0.33 45.94
N GLU F 344 5.93 1.36 46.16
CA GLU F 344 6.45 2.70 46.36
C GLU F 344 7.34 2.72 47.60
N PRO F 345 8.25 3.70 47.69
CA PRO F 345 9.19 3.72 48.82
C PRO F 345 8.50 3.74 50.17
N ASP F 346 7.65 4.73 50.40
CA ASP F 346 6.86 4.82 51.62
C ASP F 346 5.40 4.62 51.26
N VAL F 347 4.75 3.68 51.92
CA VAL F 347 3.35 3.39 51.68
C VAL F 347 2.82 2.59 52.86
N LEU F 348 1.60 2.90 53.28
CA LEU F 348 0.98 2.16 54.37
C LEU F 348 0.29 0.92 53.82
N THR F 349 0.72 -0.24 54.27
CA THR F 349 0.08 -1.50 53.89
C THR F 349 -0.74 -1.98 55.08
N LEU F 350 -2.05 -1.77 55.01
CA LEU F 350 -2.97 -2.19 56.06
C LEU F 350 -3.72 -3.43 55.63
N THR F 351 -4.22 -4.16 56.63
CA THR F 351 -5.00 -5.37 56.40
C THR F 351 -6.35 -5.19 57.07
N LEU F 352 -7.42 -5.31 56.30
CA LEU F 352 -8.76 -5.15 56.82
C LEU F 352 -9.46 -6.50 56.81
N THR F 353 -10.26 -6.75 57.83
CA THR F 353 -11.05 -7.96 57.93
C THR F 353 -12.53 -7.60 57.89
N ALA F 354 -13.34 -8.48 57.33
CA ALA F 354 -14.78 -8.23 57.25
C ALA F 354 -15.49 -9.56 57.14
N PRO F 355 -16.71 -9.66 57.65
CA PRO F 355 -17.47 -10.90 57.48
C PRO F 355 -17.80 -11.16 56.01
N GLU F 356 -18.39 -10.17 55.36
CA GLU F 356 -18.70 -10.24 53.94
C GLU F 356 -17.69 -9.43 53.15
N SER F 357 -17.94 -9.25 51.86
CA SER F 357 -17.10 -8.43 51.01
C SER F 357 -17.69 -7.06 50.71
N TYR F 358 -19.00 -6.89 50.89
CA TYR F 358 -19.68 -5.62 50.64
C TYR F 358 -19.42 -5.09 49.24
N GLY F 359 -19.06 -5.97 48.30
CA GLY F 359 -18.80 -5.54 46.94
C GLY F 359 -17.49 -4.81 46.74
N ILE F 360 -16.73 -4.54 47.80
CA ILE F 360 -15.44 -3.89 47.64
C ILE F 360 -14.50 -4.82 46.91
N ASP F 361 -13.88 -4.33 45.85
CA ASP F 361 -13.05 -5.16 44.99
C ASP F 361 -11.60 -4.66 45.01
N ALA F 362 -10.78 -5.24 44.13
CA ALA F 362 -9.36 -4.92 44.11
C ALA F 362 -9.11 -3.46 43.79
N GLY F 363 -9.46 -3.03 42.59
CA GLY F 363 -9.11 -1.69 42.16
C GLY F 363 -9.86 -0.57 42.83
N GLN F 364 -10.74 -0.86 43.77
CA GLN F 364 -11.59 0.17 44.35
C GLN F 364 -10.75 1.13 45.19
N PRO F 365 -11.19 2.38 45.32
CA PRO F 365 -10.37 3.40 45.98
C PRO F 365 -10.67 3.54 47.47
N LEU F 366 -9.76 4.24 48.15
CA LEU F 366 -10.02 4.70 49.50
C LEU F 366 -10.38 6.17 49.48
N ILE F 367 -11.15 6.59 50.49
CA ILE F 367 -11.70 7.93 50.53
C ILE F 367 -11.42 8.52 51.92
N LEU F 368 -10.89 9.73 51.93
CA LEU F 368 -10.66 10.47 53.17
C LEU F 368 -11.11 11.90 52.92
N HIS F 369 -12.14 12.33 53.65
CA HIS F 369 -12.75 13.65 53.46
C HIS F 369 -13.19 13.86 52.01
N GLY F 370 -13.58 12.78 51.34
CA GLY F 370 -13.97 12.85 49.95
C GLY F 370 -12.84 12.79 48.97
N VAL F 371 -11.60 12.73 49.44
CA VAL F 371 -10.43 12.75 48.58
C VAL F 371 -9.91 11.33 48.39
N GLN F 372 -9.62 10.97 47.14
CA GLN F 372 -8.87 9.77 46.84
C GLN F 372 -7.56 9.79 47.61
N VAL F 373 -7.30 8.78 48.43
CA VAL F 373 -6.09 8.71 49.24
C VAL F 373 -5.30 7.45 48.94
N GLY F 374 -5.95 6.29 48.99
CA GLY F 374 -5.25 5.05 48.73
C GLY F 374 -5.99 4.15 47.77
N GLN F 375 -5.76 2.85 47.90
CA GLN F 375 -6.41 1.88 47.04
C GLN F 375 -6.50 0.55 47.76
N VAL F 376 -7.63 -0.12 47.61
CA VAL F 376 -7.65 -1.54 47.88
C VAL F 376 -6.73 -2.20 46.88
N ILE F 377 -6.18 -3.35 47.26
CA ILE F 377 -5.26 -4.03 46.35
C ILE F 377 -5.75 -5.43 46.04
N ASP F 378 -6.01 -6.23 47.07
CA ASP F 378 -6.55 -7.55 46.83
C ASP F 378 -7.50 -7.99 47.93
N ARG F 379 -8.44 -8.85 47.55
CA ARG F 379 -9.29 -9.59 48.46
C ARG F 379 -8.73 -10.99 48.66
N LYS F 380 -9.04 -11.58 49.80
CA LYS F 380 -8.73 -12.97 50.06
C LYS F 380 -9.86 -13.56 50.85
N LEU F 381 -10.49 -14.60 50.31
CA LEU F 381 -11.58 -15.27 50.99
C LEU F 381 -11.04 -16.37 51.89
N THR F 382 -11.52 -16.41 53.12
CA THR F 382 -11.06 -17.39 54.08
C THR F 382 -12.23 -17.71 55.01
N SER F 383 -12.11 -18.82 55.73
CA SER F 383 -13.16 -19.23 56.66
C SER F 383 -13.51 -18.12 57.65
N LYS F 384 -12.57 -17.24 57.95
CA LYS F 384 -12.78 -16.14 58.89
C LYS F 384 -13.22 -14.86 58.18
N GLY F 385 -13.88 -14.98 57.03
CA GLY F 385 -14.38 -13.83 56.32
C GLY F 385 -13.37 -13.25 55.34
N VAL F 386 -13.86 -12.26 54.57
CA VAL F 386 -13.03 -11.61 53.58
C VAL F 386 -11.92 -10.82 54.26
N THR F 387 -10.76 -10.76 53.62
CA THR F 387 -9.63 -9.98 54.09
C THR F 387 -9.09 -9.15 52.94
N PHE F 388 -9.15 -7.83 53.08
CA PHE F 388 -8.62 -6.92 52.09
C PHE F 388 -7.22 -6.49 52.49
N THR F 389 -6.41 -6.16 51.48
CA THR F 389 -5.16 -5.44 51.73
C THR F 389 -5.28 -4.07 51.09
N VAL F 390 -4.70 -3.07 51.74
CA VAL F 390 -4.97 -1.67 51.42
C VAL F 390 -3.66 -0.89 51.45
N ALA F 391 -3.48 0.01 50.50
CA ALA F 391 -2.28 0.82 50.41
C ALA F 391 -2.64 2.29 50.50
N ILE F 392 -2.11 2.97 51.51
CA ILE F 392 -2.23 4.42 51.66
C ILE F 392 -0.99 5.07 51.07
N GLU F 393 -1.19 6.06 50.21
CA GLU F 393 -0.10 6.77 49.55
C GLU F 393 0.77 7.51 50.58
N PRO F 394 2.04 7.76 50.23
CA PRO F 394 2.92 8.42 51.20
C PRO F 394 2.54 9.85 51.52
N GLN F 395 2.07 10.63 50.55
CA GLN F 395 1.78 12.03 50.81
C GLN F 395 0.68 12.17 51.85
N HIS F 396 -0.31 11.28 51.83
CA HIS F 396 -1.38 11.28 52.81
C HIS F 396 -1.16 10.27 53.91
N ARG F 397 0.07 9.75 54.05
CA ARG F 397 0.33 8.72 55.04
C ARG F 397 0.11 9.23 56.47
N GLU F 398 0.61 10.43 56.76
CA GLU F 398 0.55 10.95 58.13
C GLU F 398 -0.85 11.33 58.56
N LEU F 399 -1.83 11.32 57.65
CA LEU F 399 -3.19 11.68 58.03
C LEU F 399 -3.85 10.55 58.83
N VAL F 400 -3.92 9.36 58.25
CA VAL F 400 -4.40 8.20 58.99
C VAL F 400 -3.37 7.84 60.06
N LYS F 401 -3.78 7.91 61.32
CA LYS F 401 -2.84 7.82 62.43
C LYS F 401 -3.36 6.89 63.52
N GLY F 402 -3.78 5.68 63.13
CA GLY F 402 -4.11 4.69 64.15
C GLY F 402 -5.58 4.48 64.37
N ASP F 403 -6.12 5.07 65.44
CA ASP F 403 -7.49 4.80 65.87
C ASP F 403 -8.53 5.12 64.81
N SER F 404 -8.09 5.73 63.71
CA SER F 404 -8.98 5.96 62.57
C SER F 404 -9.65 4.66 62.14
N LYS F 405 -10.91 4.75 61.75
CA LYS F 405 -11.71 3.59 61.41
C LYS F 405 -11.98 3.55 59.91
N PHE F 406 -12.52 2.42 59.46
CA PHE F 406 -12.78 2.18 58.04
C PHE F 406 -14.23 1.76 57.86
N VAL F 407 -14.90 2.36 56.88
CA VAL F 407 -16.32 2.15 56.65
C VAL F 407 -16.52 1.80 55.19
N VAL F 408 -17.55 1.01 54.91
CA VAL F 408 -17.91 0.74 53.52
C VAL F 408 -18.50 2.01 52.93
N ASN F 409 -17.80 2.63 52.00
CA ASN F 409 -18.26 3.88 51.41
C ASN F 409 -19.49 3.63 50.54
N SER F 410 -20.50 4.47 50.69
CA SER F 410 -21.71 4.35 49.91
C SER F 410 -22.52 5.64 49.95
N GLY F 434 -17.62 3.38 44.56
CA GLY F 434 -17.64 2.65 45.81
C GLY F 434 -16.40 2.89 46.64
N GLY F 435 -15.81 1.81 47.14
CA GLY F 435 -14.57 1.90 47.88
C GLY F 435 -14.77 1.90 49.37
N ILE F 436 -13.68 2.23 50.08
CA ILE F 436 -13.65 2.27 51.53
C ILE F 436 -13.43 3.70 51.97
N ARG F 437 -14.28 4.19 52.84
CA ARG F 437 -14.18 5.55 53.36
C ARG F 437 -13.51 5.53 54.72
N ILE F 438 -12.53 6.39 54.91
CA ILE F 438 -11.77 6.44 56.15
C ILE F 438 -12.36 7.50 57.06
N LEU F 439 -12.62 7.12 58.31
CA LEU F 439 -12.96 8.08 59.35
C LEU F 439 -11.69 8.37 60.13
N PRO F 440 -11.01 9.49 59.89
CA PRO F 440 -9.72 9.73 60.51
C PRO F 440 -9.86 9.98 62.00
N GLY F 441 -8.84 9.58 62.74
CA GLY F 441 -8.80 9.84 64.17
C GLY F 441 -7.58 10.65 64.52
N ASP F 442 -7.48 11.01 65.79
CA ASP F 442 -6.35 11.75 66.32
C ASP F 442 -5.17 10.82 66.54
N LYS F 443 -4.20 11.27 67.35
CA LYS F 443 -3.00 10.48 67.61
C LYS F 443 -3.34 9.04 67.95
N GLY F 444 -2.46 8.14 67.53
CA GLY F 444 -2.61 6.72 67.76
C GLY F 444 -1.58 5.97 66.97
N GLU F 445 -1.23 4.75 67.38
CA GLU F 445 -0.24 3.98 66.66
C GLU F 445 -0.91 3.06 65.65
N MET F 446 -0.31 2.94 64.47
CA MET F 446 -0.86 2.10 63.42
C MET F 446 -0.87 0.62 63.84
N LYS F 447 -2.06 0.04 63.91
CA LYS F 447 -2.21 -1.34 64.34
C LYS F 447 -1.77 -2.28 63.23
N ALA F 448 -1.96 -3.58 63.45
CA ALA F 448 -1.63 -4.57 62.45
C ALA F 448 -2.76 -4.81 61.46
N SER F 449 -4.00 -4.83 61.95
CA SER F 449 -5.15 -5.05 61.10
C SER F 449 -6.36 -4.34 61.70
N TYR F 450 -7.13 -3.68 60.86
CA TYR F 450 -8.29 -2.94 61.30
C TYR F 450 -9.57 -3.59 60.79
N PRO F 451 -10.62 -3.64 61.59
CA PRO F 451 -11.88 -4.20 61.09
C PRO F 451 -12.60 -3.21 60.19
N LEU F 452 -13.13 -3.73 59.08
CA LEU F 452 -13.90 -2.92 58.15
C LEU F 452 -15.36 -2.97 58.57
N TYR F 453 -15.86 -1.87 59.12
CA TYR F 453 -17.24 -1.84 59.57
C TYR F 453 -18.19 -1.72 58.38
N ALA F 454 -19.46 -1.91 58.65
CA ALA F 454 -20.51 -1.53 57.71
C ALA F 454 -20.68 -0.02 57.82
N ASN F 455 -21.76 0.51 57.28
CA ASN F 455 -21.94 1.96 57.24
C ASN F 455 -21.88 2.56 58.64
N LEU F 456 -21.70 3.88 58.68
CA LEU F 456 -21.24 4.59 59.89
C LEU F 456 -22.04 4.26 61.13
N GLU F 457 -23.30 3.83 60.99
CA GLU F 457 -24.12 3.53 62.15
C GLU F 457 -23.48 2.50 63.06
N LYS F 458 -22.72 1.56 62.48
CA LYS F 458 -22.02 0.56 63.28
C LYS F 458 -20.61 0.96 63.64
N ALA F 459 -19.99 1.86 62.87
CA ALA F 459 -18.63 2.27 63.16
C ALA F 459 -18.58 3.25 64.32
N LEU F 460 -19.44 4.27 64.29
CA LEU F 460 -19.41 5.28 65.34
C LEU F 460 -19.90 4.74 66.67
N GLU F 461 -20.85 3.80 66.65
CA GLU F 461 -21.36 3.24 67.89
C GLU F 461 -20.31 2.40 68.60
N ASN F 462 -19.26 1.97 67.91
CA ASN F 462 -18.21 1.18 68.55
C ASN F 462 -17.48 2.00 69.61
N SER F 463 -17.29 3.29 69.36
CA SER F 463 -16.63 4.16 70.32
C SER F 463 -17.55 4.58 71.46
N LEU F 464 -18.86 4.34 71.34
CA LEU F 464 -19.81 4.71 72.38
C LEU F 464 -20.59 3.48 72.85
#